data_8U3K
#
_entry.id   8U3K
#
_cell.length_a   1.00
_cell.length_b   1.00
_cell.length_c   1.00
_cell.angle_alpha   90.00
_cell.angle_beta   90.00
_cell.angle_gamma   90.00
#
_symmetry.space_group_name_H-M   'P 1'
#
loop_
_entity.id
_entity.type
_entity.pdbx_description
1 polymer 'Helicase/UvrB N-terminal domain-containing protein'
2 polymer 'DNA (29-MER)'
3 polymer "DNA (5'-D(P*GP*GP*AP*AP*AP*TP*GP*TP*TP*GP*AP*AP*TP*AP*C)-3')"
4 polymer DdmE
5 polymer "DNA (5'-D(P*TP*TP*TP*TP*TP*TP*TP*TP*TP*TP*T)-3')"
6 non-polymer 'MAGNESIUM ION'
#
loop_
_entity_poly.entity_id
_entity_poly.type
_entity_poly.pdbx_seq_one_letter_code
_entity_poly.pdbx_strand_id
1 'polypeptide(L)'
;MFMYSVFTCRYWRYIMVRLIKHQQLLGEYCMNVSIEEFTHFDFQLVPEPSPLDLVITESLKNHIEVNGVKSGALLPLPFQ
TGIGKTYTALNFLLQQMLEQVRSELKEENTGKKSKRLLYYVTDSVDNVVSAKADLLKLIEKQTVKGEPRFTLEQQEYLKA
QIVHLPNQSEQLLQCSDAVLNDVLIGFNLNAERDVQAEWSAISGLRRHASNPEVKISLNRQAGYFYRNLIDRLQKKQKGA
DRVLLSGSLLASVETLLPGEKIRNGSAHVAFLTTSKFLKGFHNTRSRYSPLRDLSGAVLIIDEIDKQNQVILSELCKQQA
QDLIWAIRTLRANFRDHQLESSPRYDKIEDLFEPLRERLEEFGTNWNLAFAFNTEGANLNERPVRLFSDRSFTHVSSATH
KLSLKSDFLRRKNLIFSDEKVEGSLIEKHGLLTRFVNEADVIYQWFLGTMRKAVFQYWENVRGLEIEVRENRSLEGTFQE
AVQSLLTHFNLQEFESAVYESFDTRGLRQSAGGKANKLSSSKSYHHTGLKLVEVAHNQGTRDTVNCKASFLNTSPSGVLA
DMVDAGAVILGISATARADTVIHNFDFKYLNERLGNKLLSLSREQKQRVNNYYHSRRNYKDNGVVLTVKYLNSRDAFLDA
LLEEYKPEARSSHFILNHYLGIAESEQAFVRSWLSKLLASIKAFISSPDNRYMLSLLNRTLDTTRQNINDFIQFCCDKWA
KEFNVKTKTFFGVNADWMRLVGYDEISKHLNTELGKVVVFSTYASMGAGKNPDYAVNLALEGESLISVADVTYSTQLRSD
IDSIYLEKPTQLLLSDDYSHTANQLCQFHQILSLQENGELSPKSAENWCRQQLMGMSRERSLQQYHQTSDYQSAVRKYIE
QAVGRAGRTSLKRKQILLFVDSGLKEILAEESRDPSLFSHEYVALVNKAKSAGKSIVEDRAVRRLFNLAQRNNKDGMLSI
KALVHRLHNQPASKSDIQEWQDIRTQLLRYPTVAFQPERFNRLYLQSMTKGYYRYQGNLDGDPNSFEFFDRVPYGDMVSE
EDCSLATLVQNQYVRPWFERKGFACSWQKEANVMTPIMFTNIYKGALGEQAVEAVLTAFDFTFEEVPNSIYERFDNRVIF
AGIEQPIWLDSKYWKHEGNESSEGYSSKIALVEEEFGPSKFIYVNALGDTSKPIRYLNSCFVETSPQLAKVIEIPALIDD
SNADTNRTAVQELIKWLHHS
;
A,F
2 'polydeoxyribonucleotide'
;(DG)(DT)(DA)(DT)(DT)(DC)(DA)(DA)(DC)(DA)(DT)(DT)(DT)(DC)(DC)(DT)(DT)(DT)(DT)(DT)
(DT)(DT)(DT)(DT)(DT)(DT)(DT)(DT)(DT)
;
C
3 'polydeoxyribonucleotide' (DG)(DG)(DA)(DA)(DA)(DT)(DG)(DT)(DT)(DG)(DA)(DA)(DT)(DA)(DC) D
4 'polypeptide(L)'
;MVTPQLEPSSQGPLSTLIEQISIDTDWVDRSFAIYCVSYKGIDFSERPKRLVTLASETYKSGSVYCLVKGANKEACYWVL
LPKDSKLDLKDTSLAIKPSSAAELPTWQLARLLIKAIPKVLSGTMPEIKRFESEGLYYLVKSKKLPKDHSGYELTTVEID
LAPCAALGFKQTLSMGTKTFSPLSWFTLENGEVQKKARFATRYQLDDVGKLVSKSIKGDYIKKPLYSNAKNRIQAIDITK
ESYSGFQLSKVGILEQFMQDLKQAYGDSVSVKLQRIPGEKHRFVSDTIVKNHYVGLFDALKEHRLVICDLTENQDTDAAL
TLLHGIEHLDINAEIAEVPIRGALNILIVGNKDTYKSDEEDPYQVYRKKYQDTVFQSCYPERLWNRQGQPNRHVVEVLLK
ELLIKLEVHTRKHLIEYPSGPERCVYYMPQRPKDESSEVRDEPWPVYASKLVGDEWQYTQATQEELEDIELDLGNDKRHV
FHGFERSPVIYWPETGDYAIFIDTGIQMLPEFEAVAERLRELKEGRSQDVPIALLAQFIEENPESKVINKLRAILSEWDD
VAPLPFDEFSTIAYKSSDEKQFYDWLREQGFFLKTSIRGQSEGFFNASLGFFYNREQGMYFAGGKGSPQSKIETFSHLYL
IKHSFDALPEEVENLFDVYHLRHRLPTVTPYPFKHLREYVEMQRFRS
;
E
5 'polydeoxyribonucleotide' (DT)(DT)(DT)(DT)(DT)(DT)(DT)(DT)(DT)(DT)(DT) G
#
# COMPACT_ATOMS: atom_id res chain seq x y z
N ASN A 32 -9.54 -7.72 -51.99
CA ASN A 32 -9.22 -8.92 -51.22
C ASN A 32 -8.29 -9.85 -52.01
N VAL A 33 -7.27 -10.35 -51.34
CA VAL A 33 -6.26 -11.17 -51.99
C VAL A 33 -6.31 -12.57 -51.41
N SER A 34 -5.83 -13.53 -52.19
CA SER A 34 -5.84 -14.93 -51.77
C SER A 34 -4.47 -15.53 -52.00
N ILE A 35 -4.26 -16.71 -51.41
CA ILE A 35 -2.95 -17.35 -51.46
C ILE A 35 -2.63 -17.86 -52.85
N GLU A 36 -3.62 -17.88 -53.74
CA GLU A 36 -3.37 -18.36 -55.10
C GLU A 36 -2.53 -17.39 -55.92
N GLU A 37 -2.28 -16.19 -55.40
CA GLU A 37 -1.40 -15.25 -56.10
C GLU A 37 0.03 -15.76 -56.17
N PHE A 38 0.44 -16.62 -55.25
CA PHE A 38 1.79 -17.15 -55.24
C PHE A 38 1.90 -18.45 -56.01
N THR A 39 0.91 -18.77 -56.86
CA THR A 39 0.91 -20.04 -57.56
C THR A 39 2.11 -20.16 -58.50
N HIS A 40 2.43 -19.09 -59.22
CA HIS A 40 3.56 -19.08 -60.12
C HIS A 40 4.77 -18.39 -59.53
N PHE A 41 4.74 -18.05 -58.24
CA PHE A 41 5.88 -17.44 -57.59
C PHE A 41 7.03 -18.43 -57.49
N ASP A 42 8.24 -17.94 -57.73
CA ASP A 42 9.43 -18.78 -57.69
C ASP A 42 9.96 -18.77 -56.26
N PHE A 43 9.67 -19.83 -55.51
CA PHE A 43 10.13 -19.92 -54.14
C PHE A 43 11.60 -20.26 -54.03
N GLN A 44 12.24 -20.68 -55.13
CA GLN A 44 13.66 -20.98 -55.10
C GLN A 44 14.52 -19.77 -55.40
N LEU A 45 13.94 -18.66 -55.83
CA LEU A 45 14.69 -17.44 -56.08
C LEU A 45 14.74 -16.60 -54.82
N VAL A 46 15.94 -16.40 -54.30
CA VAL A 46 16.12 -15.60 -53.08
C VAL A 46 17.12 -14.51 -53.38
N PRO A 47 17.09 -13.38 -52.66
CA PRO A 47 18.15 -12.39 -52.83
C PRO A 47 19.48 -12.98 -52.38
N GLU A 48 20.56 -12.45 -52.96
CA GLU A 48 21.90 -12.94 -52.66
C GLU A 48 22.18 -12.80 -51.18
N PRO A 49 22.32 -13.89 -50.43
CA PRO A 49 22.35 -13.80 -48.98
C PRO A 49 23.67 -13.27 -48.45
N SER A 50 23.58 -12.47 -47.40
CA SER A 50 24.73 -12.01 -46.65
C SER A 50 25.29 -13.17 -45.84
N PRO A 51 26.55 -13.07 -45.40
CA PRO A 51 27.07 -14.09 -44.48
C PRO A 51 26.27 -14.26 -43.20
N LEU A 52 25.61 -13.21 -42.73
CA LEU A 52 24.78 -13.34 -41.54
C LEU A 52 23.56 -14.22 -41.81
N ASP A 53 22.92 -14.03 -42.96
CA ASP A 53 21.80 -14.88 -43.35
C ASP A 53 22.24 -16.32 -43.47
N LEU A 54 23.40 -16.54 -44.08
CA LEU A 54 23.91 -17.89 -44.23
C LEU A 54 24.20 -18.53 -42.89
N VAL A 55 24.75 -17.75 -41.96
CA VAL A 55 25.05 -18.28 -40.64
C VAL A 55 23.78 -18.72 -39.93
N ILE A 56 22.72 -17.89 -39.98
CA ILE A 56 21.46 -18.26 -39.36
C ILE A 56 20.89 -19.52 -39.99
N THR A 57 20.89 -19.57 -41.33
CA THR A 57 20.32 -20.71 -42.03
C THR A 57 21.10 -21.99 -41.73
N GLU A 58 22.42 -21.91 -41.71
CA GLU A 58 23.24 -23.08 -41.43
C GLU A 58 23.04 -23.56 -40.00
N SER A 59 22.96 -22.64 -39.05
CA SER A 59 22.76 -23.04 -37.66
C SER A 59 21.40 -23.70 -37.47
N LEU A 60 20.37 -23.20 -38.15
CA LEU A 60 19.07 -23.83 -38.01
C LEU A 60 18.96 -25.13 -38.79
N LYS A 61 19.76 -25.30 -39.84
CA LYS A 61 19.83 -26.59 -40.51
C LYS A 61 20.45 -27.63 -39.59
N ASN A 62 21.60 -27.32 -39.02
CA ASN A 62 22.30 -28.23 -38.12
C ASN A 62 21.43 -28.58 -36.92
N HIS A 63 20.61 -27.62 -36.47
CA HIS A 63 19.72 -27.86 -35.35
C HIS A 63 18.72 -28.96 -35.68
N ILE A 64 18.22 -29.00 -36.91
CA ILE A 64 17.29 -30.05 -37.31
C ILE A 64 18.00 -31.41 -37.33
N GLU A 65 19.24 -31.43 -37.80
CA GLU A 65 20.01 -32.67 -37.81
C GLU A 65 20.25 -33.20 -36.40
N VAL A 66 20.59 -32.32 -35.47
CA VAL A 66 21.01 -32.77 -34.15
C VAL A 66 19.82 -33.01 -33.25
N ASN A 67 18.94 -32.03 -33.10
CA ASN A 67 17.88 -32.07 -32.11
C ASN A 67 16.55 -32.55 -32.66
N GLY A 68 16.40 -32.67 -33.97
CA GLY A 68 15.14 -33.10 -34.54
C GLY A 68 14.25 -31.95 -34.92
N VAL A 69 13.17 -32.29 -35.62
CA VAL A 69 12.32 -31.27 -36.24
C VAL A 69 11.51 -30.52 -35.19
N LYS A 70 10.91 -31.23 -34.25
CA LYS A 70 10.00 -30.61 -33.31
C LYS A 70 10.70 -29.97 -32.12
N SER A 71 12.03 -30.02 -32.07
CA SER A 71 12.76 -29.48 -30.94
C SER A 71 12.77 -27.96 -30.96
N GLY A 72 12.73 -27.36 -29.78
CA GLY A 72 13.00 -25.95 -29.65
C GLY A 72 14.49 -25.68 -29.69
N ALA A 73 14.84 -24.40 -29.74
CA ALA A 73 16.23 -24.02 -29.80
C ALA A 73 16.38 -22.60 -29.28
N LEU A 74 17.60 -22.27 -28.87
CA LEU A 74 17.97 -20.91 -28.55
C LEU A 74 19.25 -20.61 -29.31
N LEU A 75 19.19 -19.63 -30.21
CA LEU A 75 20.33 -19.25 -31.02
C LEU A 75 20.70 -17.82 -30.69
N PRO A 76 21.71 -17.58 -29.84
CA PRO A 76 22.16 -16.21 -29.62
C PRO A 76 23.04 -15.75 -30.77
N LEU A 77 22.74 -14.57 -31.29
CA LEU A 77 23.44 -14.03 -32.46
C LEU A 77 24.13 -12.73 -32.09
N PRO A 78 25.43 -12.74 -31.85
CA PRO A 78 26.10 -11.50 -31.44
C PRO A 78 26.38 -10.58 -32.62
N PHE A 79 25.32 -10.08 -33.25
CA PHE A 79 25.47 -9.24 -34.42
C PHE A 79 25.64 -7.79 -34.02
N GLN A 80 26.61 -7.13 -34.64
CA GLN A 80 26.80 -5.70 -34.42
C GLN A 80 25.64 -4.94 -35.04
N THR A 81 24.99 -4.11 -34.24
CA THR A 81 23.97 -3.23 -34.79
C THR A 81 24.62 -2.19 -35.67
N GLY A 82 23.95 -1.83 -36.75
CA GLY A 82 24.53 -0.90 -37.69
C GLY A 82 25.27 -1.52 -38.85
N ILE A 83 25.43 -2.83 -38.88
CA ILE A 83 25.99 -3.51 -40.04
C ILE A 83 24.98 -4.52 -40.55
N GLY A 84 23.70 -4.17 -40.52
CA GLY A 84 22.70 -4.99 -41.15
C GLY A 84 21.96 -5.92 -40.24
N LYS A 85 21.91 -5.62 -38.94
CA LYS A 85 21.27 -6.51 -37.99
C LYS A 85 19.77 -6.59 -38.22
N THR A 86 19.11 -5.44 -38.33
CA THR A 86 17.66 -5.41 -38.48
C THR A 86 17.26 -5.96 -39.83
N TYR A 87 18.02 -5.66 -40.88
CA TYR A 87 17.73 -6.23 -42.18
C TYR A 87 17.83 -7.75 -42.15
N THR A 88 18.85 -8.28 -41.47
CA THR A 88 19.00 -9.72 -41.40
C THR A 88 17.85 -10.37 -40.66
N ALA A 89 17.44 -9.79 -39.54
CA ALA A 89 16.32 -10.35 -38.79
C ALA A 89 15.03 -10.30 -39.60
N LEU A 90 14.77 -9.18 -40.27
CA LEU A 90 13.52 -9.06 -41.01
C LEU A 90 13.54 -9.89 -42.28
N ASN A 91 14.70 -10.08 -42.90
CA ASN A 91 14.79 -10.95 -44.05
C ASN A 91 14.56 -12.40 -43.64
N PHE A 92 15.07 -12.80 -42.49
CA PHE A 92 14.78 -14.13 -41.98
C PHE A 92 13.29 -14.28 -41.70
N LEU A 93 12.67 -13.25 -41.12
CA LEU A 93 11.24 -13.29 -40.84
C LEU A 93 10.43 -13.40 -42.13
N LEU A 94 10.87 -12.71 -43.17
CA LEU A 94 10.17 -12.79 -44.46
C LEU A 94 10.32 -14.16 -45.09
N GLN A 95 11.50 -14.78 -44.96
CA GLN A 95 11.68 -16.13 -45.49
C GLN A 95 10.77 -17.13 -44.79
N GLN A 96 10.60 -16.99 -43.47
CA GLN A 96 9.69 -17.87 -42.76
C GLN A 96 8.26 -17.62 -43.19
N MET A 97 7.95 -16.40 -43.60
CA MET A 97 6.60 -16.10 -44.08
C MET A 97 6.34 -16.77 -45.42
N LEU A 98 7.35 -16.80 -46.29
CA LEU A 98 7.18 -17.43 -47.59
C LEU A 98 7.21 -18.94 -47.49
N GLU A 99 7.91 -19.48 -46.50
CA GLU A 99 7.89 -20.93 -46.29
C GLU A 99 6.50 -21.39 -45.89
N GLN A 100 5.79 -20.58 -45.11
CA GLN A 100 4.42 -20.92 -44.74
C GLN A 100 3.51 -20.91 -45.96
N VAL A 101 3.69 -19.92 -46.85
CA VAL A 101 2.88 -19.86 -48.06
C VAL A 101 3.14 -21.06 -48.95
N ARG A 102 4.41 -21.42 -49.12
CA ARG A 102 4.75 -22.58 -49.94
C ARG A 102 4.19 -23.86 -49.34
N SER A 103 4.31 -24.02 -48.02
CA SER A 103 3.78 -25.21 -47.36
C SER A 103 2.27 -25.28 -47.49
N GLU A 104 1.59 -24.15 -47.37
CA GLU A 104 0.14 -24.15 -47.49
C GLU A 104 -0.33 -24.40 -48.91
N LEU A 105 0.41 -23.91 -49.92
CA LEU A 105 0.05 -24.23 -51.30
C LEU A 105 0.28 -25.71 -51.60
N LYS A 106 1.42 -26.25 -51.15
CA LYS A 106 1.75 -27.62 -51.49
C LYS A 106 0.88 -28.62 -50.73
N GLU A 107 0.69 -28.39 -49.43
CA GLU A 107 0.01 -29.35 -48.56
C GLU A 107 -1.41 -28.94 -48.22
N GLU A 108 -2.08 -28.19 -49.08
CA GLU A 108 -3.47 -27.84 -48.81
C GLU A 108 -4.37 -29.07 -48.86
N ASN A 109 -4.01 -30.04 -49.70
CA ASN A 109 -4.78 -31.27 -49.81
C ASN A 109 -4.75 -32.10 -48.53
N THR A 110 -3.71 -31.95 -47.71
CA THR A 110 -3.63 -32.68 -46.45
C THR A 110 -4.68 -32.25 -45.44
N GLY A 111 -4.97 -30.95 -45.35
CA GLY A 111 -5.99 -30.47 -44.44
C GLY A 111 -5.49 -30.17 -43.06
N LYS A 112 -4.34 -30.75 -42.68
CA LYS A 112 -3.75 -30.55 -41.36
C LYS A 112 -3.05 -29.19 -41.33
N LYS A 113 -3.88 -28.15 -41.30
CA LYS A 113 -3.36 -26.79 -41.35
C LYS A 113 -2.67 -26.43 -40.04
N SER A 114 -1.45 -25.90 -40.15
CA SER A 114 -0.66 -25.47 -39.00
C SER A 114 -0.14 -24.07 -39.33
N LYS A 115 -0.90 -23.06 -38.91
CA LYS A 115 -0.50 -21.67 -39.12
C LYS A 115 0.62 -21.39 -38.12
N ARG A 116 1.85 -21.60 -38.58
CA ARG A 116 3.02 -21.46 -37.72
C ARG A 116 3.23 -20.01 -37.32
N LEU A 117 3.32 -19.77 -36.02
CA LEU A 117 3.37 -18.41 -35.50
C LEU A 117 4.80 -17.89 -35.53
N LEU A 118 4.95 -16.61 -35.89
CA LEU A 118 6.22 -15.91 -35.84
C LEU A 118 6.04 -14.66 -34.99
N TYR A 119 6.93 -14.44 -34.05
CA TYR A 119 6.88 -13.29 -33.18
C TYR A 119 8.13 -12.46 -33.34
N TYR A 120 7.98 -11.15 -33.24
CA TYR A 120 9.09 -10.23 -33.13
C TYR A 120 8.87 -9.44 -31.85
N VAL A 121 9.64 -9.76 -30.81
CA VAL A 121 9.48 -9.07 -29.54
C VAL A 121 10.76 -8.30 -29.22
N THR A 122 10.57 -7.16 -28.56
CA THR A 122 11.64 -6.37 -27.99
C THR A 122 11.01 -5.50 -26.91
N ASP A 123 11.85 -4.91 -26.07
CA ASP A 123 11.35 -4.33 -24.84
C ASP A 123 10.61 -3.02 -25.03
N SER A 124 10.93 -2.25 -26.06
CA SER A 124 10.42 -0.90 -26.21
C SER A 124 9.39 -0.84 -27.33
N VAL A 125 8.38 0.02 -27.14
CA VAL A 125 7.29 0.13 -28.09
C VAL A 125 7.78 0.67 -29.42
N ASP A 126 8.62 1.69 -29.40
CA ASP A 126 9.08 2.32 -30.63
C ASP A 126 9.88 1.37 -31.49
N ASN A 127 10.61 0.45 -30.88
CA ASN A 127 11.38 -0.51 -31.66
C ASN A 127 10.48 -1.52 -32.33
N VAL A 128 9.39 -1.91 -31.67
CA VAL A 128 8.40 -2.79 -32.28
C VAL A 128 7.78 -2.14 -33.51
N VAL A 129 7.34 -0.89 -33.35
CA VAL A 129 6.71 -0.16 -34.43
C VAL A 129 7.67 0.05 -35.58
N SER A 130 8.90 0.42 -35.26
CA SER A 130 9.91 0.64 -36.29
C SER A 130 10.23 -0.63 -37.04
N ALA A 131 10.30 -1.76 -36.33
CA ALA A 131 10.59 -3.03 -36.98
C ALA A 131 9.45 -3.45 -37.90
N LYS A 132 8.21 -3.25 -37.46
CA LYS A 132 7.08 -3.60 -38.32
C LYS A 132 7.06 -2.73 -39.57
N ALA A 133 7.33 -1.44 -39.40
CA ALA A 133 7.39 -0.53 -40.54
C ALA A 133 8.49 -0.94 -41.50
N ASP A 134 9.65 -1.34 -40.98
CA ASP A 134 10.74 -1.75 -41.84
C ASP A 134 10.44 -3.06 -42.54
N LEU A 135 9.71 -3.97 -41.90
CA LEU A 135 9.32 -5.20 -42.59
C LEU A 135 8.35 -4.92 -43.74
N LEU A 136 7.36 -4.05 -43.51
CA LEU A 136 6.47 -3.67 -44.60
C LEU A 136 7.24 -3.01 -45.73
N LYS A 137 8.18 -2.13 -45.38
CA LYS A 137 9.00 -1.48 -46.38
C LYS A 137 9.84 -2.49 -47.15
N LEU A 138 10.35 -3.52 -46.46
CA LEU A 138 11.14 -4.54 -47.13
C LEU A 138 10.29 -5.34 -48.10
N ILE A 139 9.06 -5.65 -47.71
CA ILE A 139 8.15 -6.33 -48.63
C ILE A 139 7.91 -5.47 -49.86
N GLU A 140 7.67 -4.17 -49.64
CA GLU A 140 7.33 -3.29 -50.75
C GLU A 140 8.50 -3.05 -51.70
N LYS A 141 9.73 -2.98 -51.18
CA LYS A 141 10.84 -2.49 -51.99
C LYS A 141 11.92 -3.53 -52.28
N GLN A 142 11.77 -4.78 -51.86
CA GLN A 142 12.81 -5.75 -52.14
C GLN A 142 12.83 -6.12 -53.61
N THR A 143 14.03 -6.28 -54.15
CA THR A 143 14.21 -6.63 -55.55
C THR A 143 15.19 -7.78 -55.67
N VAL A 144 15.00 -8.60 -56.69
CA VAL A 144 15.88 -9.71 -57.01
C VAL A 144 16.28 -9.62 -58.47
N LYS A 145 17.59 -9.62 -58.73
CA LYS A 145 18.16 -9.48 -60.07
C LYS A 145 17.63 -8.23 -60.76
N GLY A 146 17.52 -7.14 -60.00
CA GLY A 146 17.02 -5.90 -60.53
C GLY A 146 15.53 -5.88 -60.80
N GLU A 147 14.81 -6.91 -60.40
CA GLU A 147 13.38 -7.01 -60.62
C GLU A 147 12.66 -7.12 -59.29
N PRO A 148 11.45 -6.56 -59.18
CA PRO A 148 10.73 -6.61 -57.91
C PRO A 148 10.47 -8.05 -57.45
N ARG A 149 10.67 -8.26 -56.15
CA ARG A 149 10.45 -9.58 -55.57
C ARG A 149 8.99 -9.99 -55.67
N PHE A 150 8.08 -9.07 -55.40
CA PHE A 150 6.66 -9.39 -55.29
C PHE A 150 5.84 -8.47 -56.18
N THR A 151 4.75 -9.00 -56.71
CA THR A 151 3.75 -8.19 -57.35
C THR A 151 2.90 -7.48 -56.30
N LEU A 152 2.05 -6.58 -56.77
CA LEU A 152 1.22 -5.79 -55.85
C LEU A 152 0.27 -6.66 -55.05
N GLU A 153 -0.34 -7.66 -55.68
CA GLU A 153 -1.23 -8.56 -54.96
C GLU A 153 -0.46 -9.41 -53.97
N GLN A 154 0.72 -9.88 -54.36
CA GLN A 154 1.57 -10.63 -53.44
C GLN A 154 1.98 -9.77 -52.25
N GLN A 155 2.30 -8.50 -52.50
CA GLN A 155 2.62 -7.58 -51.41
C GLN A 155 1.43 -7.38 -50.50
N GLU A 156 0.24 -7.25 -51.08
CA GLU A 156 -0.95 -7.03 -50.25
C GLU A 156 -1.27 -8.26 -49.42
N TYR A 157 -0.97 -9.45 -49.94
CA TYR A 157 -1.21 -10.67 -49.16
C TYR A 157 -0.26 -10.75 -47.97
N LEU A 158 1.03 -10.52 -48.21
CA LEU A 158 2.02 -10.68 -47.14
C LEU A 158 1.84 -9.63 -46.05
N LYS A 159 1.57 -8.39 -46.45
CA LYS A 159 1.39 -7.33 -45.46
C LYS A 159 0.15 -7.55 -44.62
N ALA A 160 -0.79 -8.35 -45.09
CA ALA A 160 -1.97 -8.70 -44.30
C ALA A 160 -1.68 -9.78 -43.27
N GLN A 161 -0.63 -10.56 -43.46
CA GLN A 161 -0.27 -11.60 -42.51
C GLN A 161 0.37 -11.03 -41.25
N ILE A 162 0.79 -9.78 -41.27
CA ILE A 162 1.56 -9.15 -40.20
C ILE A 162 0.61 -8.33 -39.35
N VAL A 163 0.73 -8.49 -38.03
CA VAL A 163 -0.15 -7.77 -37.12
C VAL A 163 0.70 -7.16 -36.02
N HIS A 164 0.19 -6.08 -35.43
CA HIS A 164 0.86 -5.39 -34.34
C HIS A 164 -0.11 -5.30 -33.16
N LEU A 165 0.39 -5.63 -31.97
CA LEU A 165 -0.44 -5.78 -30.78
C LEU A 165 0.03 -4.84 -29.70
N PRO A 166 -0.43 -3.60 -29.70
CA PRO A 166 -0.03 -2.67 -28.65
C PRO A 166 -0.83 -2.86 -27.38
N ASN A 167 -0.62 -2.00 -26.39
CA ASN A 167 -1.45 -2.05 -25.19
C ASN A 167 -2.86 -1.61 -25.52
N GLN A 168 -3.79 -1.96 -24.64
CA GLN A 168 -5.21 -1.87 -24.96
C GLN A 168 -5.65 -0.42 -25.13
N SER A 169 -5.08 0.50 -24.35
CA SER A 169 -5.41 1.91 -24.50
C SER A 169 -5.01 2.42 -25.87
N GLU A 170 -3.76 2.17 -26.27
CA GLU A 170 -3.32 2.60 -27.59
C GLU A 170 -4.03 1.83 -28.69
N GLN A 171 -4.44 0.59 -28.41
CA GLN A 171 -5.22 -0.16 -29.39
C GLN A 171 -6.57 0.49 -29.64
N LEU A 172 -7.22 0.98 -28.58
CA LEU A 172 -8.50 1.64 -28.74
C LEU A 172 -8.34 2.98 -29.45
N LEU A 173 -7.35 3.78 -29.02
CA LEU A 173 -7.21 5.11 -29.59
C LEU A 173 -6.77 5.09 -31.04
N GLN A 174 -6.33 3.95 -31.55
CA GLN A 174 -6.01 3.84 -32.98
C GLN A 174 -7.27 3.73 -33.82
N CYS A 175 -8.32 3.13 -33.29
CA CYS A 175 -9.50 2.81 -34.07
C CYS A 175 -10.36 4.06 -34.27
N SER A 176 -10.82 4.26 -35.50
CA SER A 176 -11.68 5.39 -35.82
C SER A 176 -13.07 5.18 -35.24
N ASP A 177 -13.84 6.27 -35.20
CA ASP A 177 -15.21 6.19 -34.70
C ASP A 177 -16.07 5.30 -35.57
N ALA A 178 -15.80 5.25 -36.87
CA ALA A 178 -16.57 4.39 -37.76
C ALA A 178 -16.40 2.92 -37.37
N VAL A 179 -15.16 2.51 -37.10
CA VAL A 179 -14.88 1.10 -36.81
C VAL A 179 -15.56 0.67 -35.52
N LEU A 180 -15.42 1.49 -34.48
CA LEU A 180 -15.92 1.04 -33.19
C LEU A 180 -17.43 1.25 -33.09
N ASN A 181 -17.97 2.23 -33.83
CA ASN A 181 -19.42 2.32 -33.96
C ASN A 181 -19.98 1.10 -34.68
N ASP A 182 -19.29 0.63 -35.72
CA ASP A 182 -19.67 -0.61 -36.38
C ASP A 182 -19.65 -1.76 -35.41
N VAL A 183 -18.62 -1.85 -34.57
CA VAL A 183 -18.52 -2.93 -33.60
C VAL A 183 -19.65 -2.85 -32.58
N LEU A 184 -19.94 -1.65 -32.09
CA LEU A 184 -21.00 -1.48 -31.11
C LEU A 184 -22.37 -1.84 -31.69
N ILE A 185 -22.61 -1.45 -32.94
CA ILE A 185 -23.87 -1.76 -33.59
C ILE A 185 -24.00 -3.27 -33.80
N GLY A 186 -22.95 -3.90 -34.32
CA GLY A 186 -23.02 -5.32 -34.62
C GLY A 186 -23.20 -6.19 -33.39
N PHE A 187 -22.72 -5.73 -32.24
CA PHE A 187 -22.84 -6.47 -30.99
C PHE A 187 -23.88 -5.86 -30.05
N ASN A 188 -24.75 -4.99 -30.56
CA ASN A 188 -25.88 -4.41 -29.86
C ASN A 188 -25.52 -3.76 -28.54
N LEU A 189 -24.27 -3.38 -28.33
CA LEU A 189 -23.90 -2.68 -27.11
C LEU A 189 -24.26 -1.20 -27.19
N ASN A 190 -24.62 -0.71 -28.37
CA ASN A 190 -24.98 0.69 -28.54
C ASN A 190 -26.25 1.06 -27.79
N ALA A 191 -27.07 0.08 -27.42
CA ALA A 191 -28.27 0.35 -26.65
C ALA A 191 -27.97 0.63 -25.18
N GLU A 192 -26.85 0.15 -24.67
CA GLU A 192 -26.55 0.21 -23.24
C GLU A 192 -26.12 1.62 -22.87
N ARG A 193 -26.58 2.09 -21.71
CA ARG A 193 -26.39 3.49 -21.33
C ARG A 193 -24.93 3.78 -20.99
N ASP A 194 -24.34 2.96 -20.12
CA ASP A 194 -23.00 3.25 -19.62
C ASP A 194 -21.94 3.11 -20.71
N VAL A 195 -22.12 2.12 -21.59
CA VAL A 195 -21.17 1.91 -22.68
C VAL A 195 -21.11 3.13 -23.58
N GLN A 196 -22.27 3.63 -24.01
CA GLN A 196 -22.28 4.78 -24.89
C GLN A 196 -21.90 6.05 -24.15
N ALA A 197 -22.18 6.13 -22.85
CA ALA A 197 -21.73 7.29 -22.08
C ALA A 197 -20.21 7.37 -22.04
N GLU A 198 -19.57 6.24 -21.71
CA GLU A 198 -18.10 6.24 -21.67
C GLU A 198 -17.51 6.45 -23.05
N TRP A 199 -18.09 5.85 -24.09
CA TRP A 199 -17.55 6.04 -25.42
C TRP A 199 -17.70 7.48 -25.89
N SER A 200 -18.84 8.11 -25.55
CA SER A 200 -19.01 9.52 -25.89
C SER A 200 -17.99 10.39 -25.16
N ALA A 201 -17.73 10.09 -23.88
CA ALA A 201 -16.73 10.85 -23.14
C ALA A 201 -15.36 10.68 -23.76
N ILE A 202 -15.01 9.45 -24.15
CA ILE A 202 -13.69 9.19 -24.72
C ILE A 202 -13.55 9.88 -26.06
N SER A 203 -14.60 9.84 -26.89
CA SER A 203 -14.57 10.56 -28.16
C SER A 203 -14.38 12.06 -27.94
N GLY A 204 -15.15 12.64 -27.02
CA GLY A 204 -15.04 14.06 -26.78
C GLY A 204 -13.67 14.47 -26.30
N LEU A 205 -13.05 13.64 -25.47
CA LEU A 205 -11.65 13.87 -25.13
C LEU A 205 -10.76 13.75 -26.35
N ARG A 206 -11.06 12.77 -27.22
CA ARG A 206 -10.17 12.47 -28.33
C ARG A 206 -10.14 13.60 -29.35
N ARG A 207 -11.21 14.38 -29.45
CA ARG A 207 -11.20 15.51 -30.39
C ARG A 207 -10.09 16.52 -30.09
N HIS A 208 -9.76 16.77 -28.84
CA HIS A 208 -8.76 17.77 -28.52
C HIS A 208 -7.78 17.24 -27.48
N ALA A 209 -7.21 16.06 -27.75
CA ALA A 209 -6.24 15.44 -26.85
C ALA A 209 -4.83 15.99 -26.98
N SER A 210 -4.67 17.21 -27.50
CA SER A 210 -3.33 17.78 -27.68
C SER A 210 -2.64 18.01 -26.34
N ASN A 211 -3.40 18.39 -25.32
CA ASN A 211 -2.82 18.64 -24.02
C ASN A 211 -2.30 17.33 -23.42
N PRO A 212 -1.16 17.37 -22.72
CA PRO A 212 -0.64 16.15 -22.08
C PRO A 212 -1.56 15.53 -21.03
N GLU A 213 -1.97 16.32 -20.02
CA GLU A 213 -2.81 15.76 -18.96
C GLU A 213 -4.09 15.17 -19.51
N VAL A 214 -4.61 15.79 -20.57
CA VAL A 214 -5.68 15.16 -21.34
C VAL A 214 -5.22 13.81 -21.87
N LYS A 215 -3.94 13.68 -22.25
CA LYS A 215 -3.48 12.42 -22.82
C LYS A 215 -3.41 11.31 -21.78
N ILE A 216 -2.90 11.61 -20.57
CA ILE A 216 -2.90 10.56 -19.55
C ILE A 216 -4.33 10.17 -19.16
N SER A 217 -5.21 11.16 -18.99
CA SER A 217 -6.58 10.83 -18.65
C SER A 217 -7.25 10.00 -19.74
N LEU A 218 -7.04 10.40 -21.00
CA LEU A 218 -7.61 9.67 -22.12
C LEU A 218 -7.05 8.27 -22.21
N ASN A 219 -5.75 8.10 -21.92
CA ASN A 219 -5.15 6.78 -21.95
C ASN A 219 -5.78 5.87 -20.90
N ARG A 220 -5.94 6.38 -19.68
CA ARG A 220 -6.52 5.56 -18.62
C ARG A 220 -7.94 5.15 -18.96
N GLN A 221 -8.78 6.10 -19.37
CA GLN A 221 -10.16 5.75 -19.68
C GLN A 221 -10.26 4.86 -20.92
N ALA A 222 -9.37 5.07 -21.90
CA ALA A 222 -9.39 4.22 -23.08
C ALA A 222 -9.05 2.79 -22.72
N GLY A 223 -8.08 2.61 -21.84
CA GLY A 223 -7.75 1.26 -21.40
C GLY A 223 -8.88 0.58 -20.68
N TYR A 224 -9.49 1.29 -19.73
CA TYR A 224 -10.60 0.69 -18.97
C TYR A 224 -11.78 0.38 -19.88
N PHE A 225 -12.10 1.28 -20.81
CA PHE A 225 -13.22 1.07 -21.71
C PHE A 225 -12.95 -0.10 -22.65
N TYR A 226 -11.71 -0.23 -23.14
CA TYR A 226 -11.36 -1.36 -23.98
C TYR A 226 -11.52 -2.66 -23.20
N ARG A 227 -11.10 -2.68 -21.94
CA ARG A 227 -11.26 -3.86 -21.12
C ARG A 227 -12.74 -4.26 -21.00
N ASN A 228 -13.58 -3.30 -20.62
CA ASN A 228 -15.01 -3.60 -20.43
C ASN A 228 -15.65 -4.05 -21.73
N LEU A 229 -15.38 -3.34 -22.81
CA LEU A 229 -16.00 -3.65 -24.09
C LEU A 229 -15.60 -5.03 -24.57
N ILE A 230 -14.32 -5.37 -24.45
CA ILE A 230 -13.86 -6.69 -24.89
C ILE A 230 -14.46 -7.78 -24.01
N ASP A 231 -14.63 -7.51 -22.71
CA ASP A 231 -15.37 -8.45 -21.88
C ASP A 231 -16.77 -8.69 -22.43
N ARG A 232 -17.42 -7.62 -22.88
CA ARG A 232 -18.77 -7.76 -23.38
C ARG A 232 -18.83 -8.59 -24.67
N LEU A 233 -17.93 -8.34 -25.62
CA LEU A 233 -17.97 -9.23 -26.80
C LEU A 233 -17.58 -10.64 -26.44
N GLN A 234 -16.72 -10.83 -25.43
CA GLN A 234 -16.32 -12.19 -25.10
C GLN A 234 -17.51 -12.97 -24.52
N LYS A 235 -18.27 -12.36 -23.61
CA LYS A 235 -19.44 -13.08 -23.11
C LYS A 235 -20.52 -13.20 -24.18
N LYS A 236 -20.62 -12.24 -25.10
CA LYS A 236 -21.56 -12.39 -26.21
C LYS A 236 -21.16 -13.55 -27.12
N GLN A 237 -19.87 -13.79 -27.28
CA GLN A 237 -19.44 -14.82 -28.20
C GLN A 237 -19.38 -16.20 -27.59
N LYS A 238 -19.26 -16.34 -26.26
CA LYS A 238 -19.04 -17.71 -25.78
C LYS A 238 -20.33 -18.53 -25.88
N GLY A 239 -21.48 -17.85 -25.79
CA GLY A 239 -22.74 -18.53 -25.71
C GLY A 239 -23.34 -18.85 -27.07
N ALA A 240 -24.60 -19.29 -27.04
CA ALA A 240 -25.32 -19.60 -28.27
C ALA A 240 -25.68 -18.36 -29.06
N ASP A 241 -25.68 -17.19 -28.42
CA ASP A 241 -25.97 -15.94 -29.12
C ASP A 241 -24.70 -15.41 -29.79
N ARG A 242 -24.01 -16.27 -30.52
CA ARG A 242 -22.75 -15.89 -31.13
C ARG A 242 -23.00 -15.07 -32.39
N VAL A 243 -22.60 -13.80 -32.35
CA VAL A 243 -22.77 -12.93 -33.50
C VAL A 243 -21.87 -13.43 -34.62
N LEU A 244 -22.47 -13.76 -35.75
CA LEU A 244 -21.73 -14.27 -36.89
C LEU A 244 -20.93 -13.12 -37.49
N LEU A 245 -19.62 -13.26 -37.55
CA LEU A 245 -18.76 -12.19 -38.03
C LEU A 245 -18.37 -12.44 -39.48
N SER A 246 -18.69 -11.48 -40.34
CA SER A 246 -18.27 -11.52 -41.73
C SER A 246 -18.33 -10.11 -42.30
N GLY A 247 -17.59 -9.92 -43.39
CA GLY A 247 -17.64 -8.65 -44.11
C GLY A 247 -17.13 -7.48 -43.29
N SER A 248 -17.91 -6.40 -43.31
CA SER A 248 -17.48 -5.16 -42.68
C SER A 248 -17.38 -5.29 -41.17
N LEU A 249 -18.28 -6.03 -40.55
CA LEU A 249 -18.19 -6.24 -39.11
C LEU A 249 -16.94 -7.04 -38.77
N LEU A 250 -16.62 -8.04 -39.58
CA LEU A 250 -15.39 -8.80 -39.37
C LEU A 250 -14.17 -7.91 -39.49
N ALA A 251 -14.15 -7.04 -40.50
CA ALA A 251 -13.02 -6.15 -40.67
C ALA A 251 -12.88 -5.19 -39.50
N SER A 252 -14.00 -4.64 -39.03
CA SER A 252 -13.93 -3.70 -37.91
C SER A 252 -13.50 -4.41 -36.63
N VAL A 253 -13.94 -5.64 -36.43
CA VAL A 253 -13.54 -6.40 -35.24
C VAL A 253 -12.04 -6.72 -35.31
N GLU A 254 -11.57 -7.16 -36.47
CA GLU A 254 -10.16 -7.46 -36.65
C GLU A 254 -9.30 -6.22 -36.48
N THR A 255 -9.82 -5.05 -36.85
CA THR A 255 -9.13 -3.81 -36.57
C THR A 255 -9.11 -3.50 -35.07
N LEU A 256 -10.22 -3.76 -34.38
CA LEU A 256 -10.27 -3.48 -32.95
C LEU A 256 -9.50 -4.53 -32.16
N LEU A 257 -9.55 -5.79 -32.61
CA LEU A 257 -8.87 -6.90 -31.95
C LEU A 257 -7.96 -7.56 -32.96
N PRO A 258 -6.72 -7.11 -33.10
CA PRO A 258 -5.81 -7.75 -34.04
C PRO A 258 -5.53 -9.20 -33.70
N GLY A 259 -5.67 -9.58 -32.43
CA GLY A 259 -5.49 -10.97 -32.05
C GLY A 259 -6.53 -11.89 -32.65
N GLU A 260 -7.67 -11.35 -33.09
CA GLU A 260 -8.66 -12.15 -33.79
C GLU A 260 -8.12 -12.67 -35.11
N LYS A 261 -7.32 -11.87 -35.83
CA LYS A 261 -6.74 -12.34 -37.08
C LYS A 261 -5.84 -13.55 -36.86
N ILE A 262 -5.20 -13.62 -35.70
CA ILE A 262 -4.38 -14.78 -35.39
C ILE A 262 -5.26 -16.00 -35.13
N ARG A 263 -6.38 -15.79 -34.43
CA ARG A 263 -7.29 -16.90 -34.16
C ARG A 263 -7.94 -17.41 -35.44
N ASN A 264 -8.33 -16.51 -36.34
CA ASN A 264 -8.94 -16.92 -37.60
C ASN A 264 -7.97 -17.66 -38.51
N GLY A 265 -6.67 -17.48 -38.33
CA GLY A 265 -5.74 -17.99 -39.29
C GLY A 265 -5.48 -17.07 -40.45
N SER A 266 -5.98 -15.84 -40.39
CA SER A 266 -5.68 -14.86 -41.43
C SER A 266 -4.34 -14.19 -41.24
N ALA A 267 -3.82 -14.14 -40.03
CA ALA A 267 -2.50 -13.58 -39.75
C ALA A 267 -1.72 -14.52 -38.87
N HIS A 268 -0.41 -14.57 -39.07
CA HIS A 268 0.44 -15.41 -38.24
C HIS A 268 1.76 -14.76 -37.86
N VAL A 269 1.94 -13.47 -38.09
CA VAL A 269 3.14 -12.74 -37.67
C VAL A 269 2.68 -11.63 -36.74
N ALA A 270 3.30 -11.57 -35.56
CA ALA A 270 2.89 -10.62 -34.54
C ALA A 270 4.09 -9.82 -34.07
N PHE A 271 3.95 -8.50 -34.07
CA PHE A 271 4.94 -7.59 -33.52
C PHE A 271 4.39 -7.05 -32.20
N LEU A 272 5.12 -7.27 -31.12
CA LEU A 272 4.63 -6.87 -29.82
C LEU A 272 5.83 -6.76 -28.88
N THR A 273 5.59 -6.18 -27.71
CA THR A 273 6.69 -6.03 -26.77
C THR A 273 6.81 -7.27 -25.88
N THR A 274 7.88 -7.31 -25.11
CA THR A 274 8.09 -8.42 -24.19
C THR A 274 7.01 -8.47 -23.12
N SER A 275 6.64 -7.30 -22.60
CA SER A 275 5.59 -7.25 -21.58
C SER A 275 4.26 -7.72 -22.14
N LYS A 276 3.92 -7.30 -23.35
CA LYS A 276 2.71 -7.77 -24.00
C LYS A 276 2.78 -9.26 -24.30
N PHE A 277 3.95 -9.75 -24.70
CA PHE A 277 4.12 -11.17 -24.95
C PHE A 277 3.88 -11.98 -23.68
N LEU A 278 4.36 -11.48 -22.55
CA LEU A 278 4.14 -12.21 -21.31
C LEU A 278 2.70 -12.11 -20.85
N LYS A 279 2.04 -10.99 -21.11
CA LYS A 279 0.66 -10.82 -20.66
C LYS A 279 -0.37 -11.42 -21.60
N GLY A 280 -0.08 -11.49 -22.90
CA GLY A 280 -1.02 -12.06 -23.84
C GLY A 280 -2.00 -11.02 -24.37
N PHE A 281 -2.72 -11.42 -25.41
CA PHE A 281 -3.61 -10.50 -26.11
C PHE A 281 -4.96 -11.17 -26.34
N HIS A 282 -6.00 -10.34 -26.38
CA HIS A 282 -7.35 -10.82 -26.54
C HIS A 282 -7.69 -11.12 -27.99
N ASN A 283 -8.60 -12.07 -28.19
CA ASN A 283 -9.42 -12.13 -29.38
C ASN A 283 -10.88 -12.10 -28.94
N THR A 284 -11.80 -12.31 -29.88
CA THR A 284 -13.22 -12.29 -29.53
C THR A 284 -13.59 -13.41 -28.57
N ARG A 285 -12.86 -14.52 -28.60
CA ARG A 285 -13.22 -15.67 -27.81
C ARG A 285 -12.66 -15.62 -26.40
N SER A 286 -11.41 -15.21 -26.22
CA SER A 286 -10.76 -15.22 -24.91
C SER A 286 -9.50 -14.38 -24.95
N ARG A 287 -8.71 -14.47 -23.90
CA ARG A 287 -7.35 -13.97 -23.92
C ARG A 287 -6.40 -15.09 -24.29
N TYR A 288 -5.53 -14.83 -25.26
CA TYR A 288 -4.60 -15.83 -25.75
C TYR A 288 -3.22 -15.54 -25.19
N SER A 289 -2.62 -16.54 -24.55
CA SER A 289 -1.29 -16.40 -23.98
C SER A 289 -0.28 -17.12 -24.86
N PRO A 290 0.68 -16.42 -25.45
CA PRO A 290 1.66 -17.12 -26.29
C PRO A 290 2.52 -18.11 -25.54
N LEU A 291 2.68 -17.94 -24.23
CA LEU A 291 3.55 -18.85 -23.47
C LEU A 291 2.97 -20.24 -23.40
N ARG A 292 1.66 -20.38 -23.43
CA ARG A 292 1.05 -21.70 -23.35
C ARG A 292 1.01 -22.42 -24.67
N ASP A 293 1.40 -21.79 -25.77
CA ASP A 293 1.26 -22.37 -27.10
C ASP A 293 2.53 -22.16 -27.90
N LEU A 294 3.68 -22.49 -27.31
CA LEU A 294 4.95 -22.20 -27.95
C LEU A 294 5.44 -23.29 -28.88
N SER A 295 4.68 -24.37 -29.04
CA SER A 295 5.16 -25.47 -29.87
C SER A 295 5.14 -25.08 -31.33
N GLY A 296 6.31 -25.10 -31.97
CA GLY A 296 6.41 -24.74 -33.36
C GLY A 296 6.61 -23.28 -33.65
N ALA A 297 6.54 -22.42 -32.63
CA ALA A 297 6.70 -20.99 -32.83
C ALA A 297 8.16 -20.64 -33.10
N VAL A 298 8.34 -19.58 -33.88
CA VAL A 298 9.65 -18.95 -34.08
C VAL A 298 9.56 -17.56 -33.49
N LEU A 299 10.52 -17.22 -32.65
CA LEU A 299 10.44 -16.03 -31.81
C LEU A 299 11.74 -15.27 -31.91
N ILE A 300 11.75 -14.19 -32.69
CA ILE A 300 12.91 -13.32 -32.81
C ILE A 300 12.87 -12.27 -31.72
N ILE A 301 13.82 -12.33 -30.80
CA ILE A 301 13.90 -11.38 -29.69
C ILE A 301 15.07 -10.47 -29.95
N ASP A 302 14.79 -9.20 -30.18
CA ASP A 302 15.83 -8.20 -30.36
C ASP A 302 16.25 -7.65 -29.00
N GLU A 303 17.56 -7.41 -28.85
CA GLU A 303 18.16 -7.00 -27.59
C GLU A 303 17.87 -8.02 -26.51
N ILE A 304 18.39 -9.24 -26.72
CA ILE A 304 17.97 -10.40 -25.95
C ILE A 304 18.38 -10.26 -24.49
N ASP A 305 19.56 -9.70 -24.24
CA ASP A 305 20.07 -9.65 -22.88
C ASP A 305 19.44 -8.54 -22.06
N LYS A 306 18.76 -7.60 -22.72
CA LYS A 306 17.96 -6.64 -21.97
C LYS A 306 16.70 -7.27 -21.44
N GLN A 307 16.23 -8.34 -22.09
CA GLN A 307 14.96 -8.94 -21.73
C GLN A 307 15.03 -9.69 -20.41
N ASN A 308 16.23 -9.93 -19.88
CA ASN A 308 16.36 -10.59 -18.59
C ASN A 308 15.71 -9.76 -17.50
N GLN A 309 16.07 -8.48 -17.40
CA GLN A 309 15.54 -7.65 -16.34
C GLN A 309 14.13 -7.19 -16.64
N VAL A 310 13.73 -7.19 -17.91
CA VAL A 310 12.33 -6.93 -18.27
C VAL A 310 11.43 -8.04 -17.76
N ILE A 311 11.80 -9.29 -18.03
CA ILE A 311 11.06 -10.43 -17.50
C ILE A 311 11.06 -10.41 -15.99
N LEU A 312 12.19 -10.06 -15.37
CA LEU A 312 12.26 -10.00 -13.92
C LEU A 312 11.30 -8.97 -13.36
N SER A 313 11.20 -7.81 -14.01
CA SER A 313 10.27 -6.80 -13.54
C SER A 313 8.83 -7.25 -13.72
N GLU A 314 8.55 -8.02 -14.77
CA GLU A 314 7.22 -8.59 -14.91
C GLU A 314 6.94 -9.63 -13.83
N LEU A 315 7.95 -10.39 -13.41
CA LEU A 315 7.73 -11.40 -12.38
C LEU A 315 7.63 -10.78 -11.00
N CYS A 316 8.31 -9.65 -10.77
CA CYS A 316 8.28 -9.00 -9.47
C CYS A 316 6.92 -8.41 -9.16
N LYS A 317 6.08 -8.20 -10.17
CA LYS A 317 4.82 -7.50 -10.02
C LYS A 317 3.68 -8.41 -9.59
N GLN A 318 3.96 -9.64 -9.19
CA GLN A 318 2.91 -10.54 -8.74
C GLN A 318 2.27 -10.01 -7.47
N GLN A 319 1.00 -10.37 -7.26
CA GLN A 319 0.25 -9.92 -6.10
C GLN A 319 0.69 -10.70 -4.86
N ALA A 320 1.07 -9.99 -3.81
CA ALA A 320 1.39 -10.66 -2.56
C ALA A 320 0.15 -11.28 -1.97
N GLN A 321 0.33 -12.36 -1.22
CA GLN A 321 -0.83 -13.08 -0.75
C GLN A 321 -0.55 -13.65 0.63
N ASP A 322 -1.62 -13.85 1.40
CA ASP A 322 -1.52 -14.18 2.81
C ASP A 322 -1.56 -15.69 2.99
N LEU A 323 -0.51 -16.25 3.57
CA LEU A 323 -0.41 -17.70 3.66
C LEU A 323 -1.34 -18.28 4.71
N ILE A 324 -1.59 -17.56 5.80
CA ILE A 324 -2.48 -18.08 6.83
C ILE A 324 -3.88 -18.22 6.29
N TRP A 325 -4.39 -17.16 5.65
CA TRP A 325 -5.72 -17.22 5.06
C TRP A 325 -5.79 -18.28 3.98
N ALA A 326 -4.74 -18.37 3.15
CA ALA A 326 -4.75 -19.32 2.05
C ALA A 326 -4.80 -20.75 2.54
N ILE A 327 -3.97 -21.08 3.52
CA ILE A 327 -3.97 -22.45 4.02
C ILE A 327 -5.26 -22.76 4.76
N ARG A 328 -5.80 -21.79 5.50
CA ARG A 328 -7.06 -22.04 6.19
C ARG A 328 -8.22 -22.25 5.21
N THR A 329 -8.26 -21.47 4.14
CA THR A 329 -9.29 -21.67 3.12
C THR A 329 -9.13 -23.00 2.42
N LEU A 330 -7.89 -23.37 2.08
CA LEU A 330 -7.65 -24.65 1.41
C LEU A 330 -8.02 -25.82 2.30
N ARG A 331 -7.69 -25.73 3.58
CA ARG A 331 -8.01 -26.79 4.52
C ARG A 331 -9.50 -26.91 4.73
N ALA A 332 -10.18 -25.77 4.86
CA ALA A 332 -11.61 -25.79 5.13
C ALA A 332 -12.40 -26.32 3.95
N ASN A 333 -12.00 -25.96 2.73
CA ASN A 333 -12.80 -26.30 1.56
C ASN A 333 -12.44 -27.67 1.01
N PHE A 334 -11.22 -28.15 1.24
CA PHE A 334 -10.87 -29.48 0.77
C PHE A 334 -11.29 -30.57 1.75
N ARG A 335 -11.93 -30.21 2.86
CA ARG A 335 -12.29 -31.21 3.85
C ARG A 335 -13.34 -32.17 3.30
N ASP A 336 -14.35 -31.66 2.59
CA ASP A 336 -15.37 -32.57 2.09
C ASP A 336 -15.84 -32.28 0.67
N HIS A 337 -15.54 -31.10 0.14
CA HIS A 337 -15.97 -30.76 -1.22
C HIS A 337 -15.27 -31.65 -2.23
N GLN A 338 -16.02 -32.09 -3.24
CA GLN A 338 -15.47 -33.01 -4.22
C GLN A 338 -16.16 -32.82 -5.57
N LEU A 339 -15.57 -33.41 -6.61
CA LEU A 339 -16.04 -33.22 -7.98
C LEU A 339 -17.11 -34.22 -8.37
N GLU A 340 -17.51 -34.12 -9.64
CA GLU A 340 -18.77 -34.68 -10.09
C GLU A 340 -18.73 -36.20 -10.22
N SER A 341 -17.54 -36.78 -10.41
CA SER A 341 -17.39 -38.18 -10.80
C SER A 341 -18.12 -38.46 -12.11
N SER A 342 -17.67 -37.74 -13.15
CA SER A 342 -18.17 -37.90 -14.50
C SER A 342 -16.97 -38.19 -15.39
N PRO A 343 -17.20 -38.62 -16.63
CA PRO A 343 -16.06 -38.87 -17.53
C PRO A 343 -15.17 -37.67 -17.78
N ARG A 344 -15.70 -36.46 -17.69
CA ARG A 344 -14.86 -35.30 -17.93
C ARG A 344 -13.98 -34.95 -16.74
N TYR A 345 -14.16 -35.58 -15.59
CA TYR A 345 -13.31 -35.38 -14.43
C TYR A 345 -12.49 -36.61 -14.09
N ASP A 346 -12.09 -37.39 -15.07
CA ASP A 346 -11.31 -38.60 -14.82
C ASP A 346 -9.94 -38.26 -14.27
N LYS A 347 -9.52 -39.00 -13.26
CA LYS A 347 -8.18 -38.96 -12.69
C LYS A 347 -7.80 -37.61 -12.10
N ILE A 348 -8.78 -36.72 -11.95
CA ILE A 348 -8.49 -35.40 -11.39
C ILE A 348 -8.55 -35.44 -9.87
N GLU A 349 -9.50 -36.22 -9.33
CA GLU A 349 -9.59 -36.34 -7.88
C GLU A 349 -8.36 -37.00 -7.29
N ASP A 350 -7.77 -37.94 -8.03
CA ASP A 350 -6.53 -38.57 -7.59
C ASP A 350 -5.38 -37.58 -7.55
N LEU A 351 -5.39 -36.56 -8.40
CA LEU A 351 -4.37 -35.52 -8.31
C LEU A 351 -4.45 -34.77 -7.00
N PHE A 352 -5.66 -34.48 -6.54
CA PHE A 352 -5.83 -33.69 -5.33
C PHE A 352 -5.81 -34.54 -4.07
N GLU A 353 -5.86 -35.85 -4.20
CA GLU A 353 -5.88 -36.71 -3.02
C GLU A 353 -4.67 -36.54 -2.09
N PRO A 354 -3.42 -36.51 -2.55
CA PRO A 354 -2.32 -36.27 -1.60
C PRO A 354 -2.37 -34.92 -0.92
N LEU A 355 -2.84 -33.90 -1.64
CA LEU A 355 -2.89 -32.55 -1.09
C LEU A 355 -3.91 -32.45 0.03
N ARG A 356 -5.03 -33.17 -0.08
CA ARG A 356 -6.01 -33.18 0.99
C ARG A 356 -5.44 -33.80 2.26
N GLU A 357 -4.72 -34.91 2.10
CA GLU A 357 -4.10 -35.57 3.25
C GLU A 357 -3.07 -34.66 3.90
N ARG A 358 -2.27 -33.99 3.08
CA ARG A 358 -1.28 -33.06 3.60
C ARG A 358 -1.94 -31.89 4.31
N LEU A 359 -3.03 -31.36 3.77
CA LEU A 359 -3.71 -30.25 4.39
C LEU A 359 -4.30 -30.65 5.74
N GLU A 360 -4.90 -31.83 5.81
CA GLU A 360 -5.42 -32.31 7.08
C GLU A 360 -4.32 -32.48 8.11
N GLU A 361 -3.20 -33.09 7.71
CA GLU A 361 -2.09 -33.28 8.64
C GLU A 361 -1.51 -31.95 9.10
N PHE A 362 -1.38 -31.00 8.18
CA PHE A 362 -0.84 -29.68 8.51
C PHE A 362 -1.74 -28.94 9.48
N GLY A 363 -3.04 -28.94 9.21
CA GLY A 363 -3.96 -28.26 10.09
C GLY A 363 -4.05 -28.90 11.46
N THR A 364 -3.87 -30.22 11.53
CA THR A 364 -3.81 -30.87 12.84
C THR A 364 -2.53 -30.48 13.58
N ASN A 365 -1.38 -30.51 12.89
CA ASN A 365 -0.12 -30.23 13.57
C ASN A 365 -0.03 -28.81 14.07
N TRP A 366 -0.47 -27.85 13.27
CA TRP A 366 -0.30 -26.45 13.61
C TRP A 366 -1.55 -25.82 14.20
N ASN A 367 -2.60 -26.62 14.42
CA ASN A 367 -3.83 -26.18 15.05
C ASN A 367 -4.44 -24.99 14.30
N LEU A 368 -4.85 -25.25 13.07
CA LEU A 368 -5.42 -24.19 12.25
C LEU A 368 -6.84 -23.86 12.63
N ALA A 369 -7.40 -24.50 13.65
CA ALA A 369 -8.69 -24.05 14.18
C ALA A 369 -8.57 -22.70 14.84
N PHE A 370 -7.38 -22.33 15.28
CA PHE A 370 -7.13 -21.07 15.95
C PHE A 370 -6.49 -20.09 14.98
N ALA A 371 -6.68 -18.81 15.24
CA ALA A 371 -5.96 -17.79 14.49
C ALA A 371 -4.60 -17.56 15.14
N PHE A 372 -3.84 -16.64 14.57
CA PHE A 372 -2.46 -16.42 14.95
C PHE A 372 -2.27 -15.00 15.46
N ASN A 373 -1.38 -14.85 16.43
CA ASN A 373 -1.10 -13.54 16.99
C ASN A 373 0.32 -13.50 17.53
N THR A 374 0.83 -12.29 17.71
CA THR A 374 2.15 -12.07 18.28
C THR A 374 2.02 -11.76 19.77
N GLU A 375 2.85 -12.44 20.56
CA GLU A 375 2.84 -12.31 22.00
C GLU A 375 4.17 -11.78 22.49
N GLY A 376 4.14 -10.77 23.35
CA GLY A 376 5.35 -10.34 24.02
C GLY A 376 6.05 -9.15 23.40
N ALA A 377 7.11 -9.42 22.65
CA ALA A 377 7.88 -8.35 22.03
C ALA A 377 7.02 -7.56 21.04
N ASN A 378 7.19 -6.25 21.08
CA ASN A 378 6.29 -5.35 20.35
C ASN A 378 6.51 -5.53 18.86
N LEU A 379 5.48 -6.02 18.18
CA LEU A 379 5.51 -6.08 16.72
C LEU A 379 5.17 -4.74 16.10
N ASN A 380 4.49 -3.85 16.84
CA ASN A 380 4.14 -2.55 16.29
C ASN A 380 5.36 -1.68 16.01
N GLU A 381 6.43 -1.81 16.80
CA GLU A 381 7.62 -1.00 16.53
C GLU A 381 8.33 -1.51 15.28
N ARG A 382 8.22 -2.80 14.98
CA ARG A 382 8.83 -3.37 13.79
C ARG A 382 8.18 -4.71 13.50
N PRO A 383 7.69 -4.93 12.27
CA PRO A 383 7.24 -6.27 11.91
C PRO A 383 8.42 -7.21 11.77
N VAL A 384 8.13 -8.42 11.41
CA VAL A 384 9.16 -9.45 11.34
C VAL A 384 9.30 -9.88 9.89
N ARG A 385 10.54 -9.91 9.41
CA ARG A 385 10.85 -10.23 8.02
C ARG A 385 11.65 -11.51 8.00
N LEU A 386 11.25 -12.45 7.14
CA LEU A 386 11.92 -13.73 7.01
C LEU A 386 12.35 -13.92 5.57
N PHE A 387 13.64 -14.15 5.36
CA PHE A 387 14.15 -14.43 4.03
C PHE A 387 14.66 -15.87 3.95
N SER A 388 14.37 -16.52 2.83
CA SER A 388 14.73 -17.91 2.62
C SER A 388 14.67 -18.21 1.13
N ASP A 389 15.69 -18.91 0.62
CA ASP A 389 15.67 -19.22 -0.81
C ASP A 389 14.98 -20.53 -1.14
N ARG A 390 14.29 -21.13 -0.18
CA ARG A 390 13.65 -22.45 -0.22
C ARG A 390 14.65 -23.60 -0.19
N SER A 391 15.95 -23.34 -0.15
CA SER A 391 16.91 -24.41 0.06
C SER A 391 17.81 -24.20 1.28
N PHE A 392 18.52 -23.08 1.34
CA PHE A 392 19.39 -22.75 2.47
C PHE A 392 19.50 -21.23 2.55
N THR A 393 20.52 -20.73 3.24
CA THR A 393 20.73 -19.29 3.45
C THR A 393 19.52 -18.59 4.03
N HIS A 394 18.88 -19.18 5.03
CA HIS A 394 17.72 -18.55 5.66
C HIS A 394 18.17 -17.38 6.52
N VAL A 395 17.41 -16.29 6.46
CA VAL A 395 17.73 -15.10 7.24
C VAL A 395 16.42 -14.56 7.80
N SER A 396 16.43 -14.20 9.08
CA SER A 396 15.27 -13.60 9.70
C SER A 396 15.63 -12.26 10.29
N SER A 397 14.79 -11.26 10.02
CA SER A 397 14.98 -9.92 10.57
C SER A 397 14.92 -9.89 12.08
N ALA A 398 14.20 -10.82 12.70
CA ALA A 398 14.14 -10.89 14.14
C ALA A 398 15.49 -11.34 14.69
N THR A 399 15.95 -10.63 15.72
CA THR A 399 17.11 -11.11 16.46
C THR A 399 16.80 -12.41 17.18
N HIS A 400 15.53 -12.66 17.45
CA HIS A 400 15.15 -13.71 18.37
C HIS A 400 14.86 -15.01 17.63
N LYS A 401 14.57 -16.05 18.41
CA LYS A 401 14.07 -17.30 17.87
C LYS A 401 12.55 -17.30 18.00
N LEU A 402 11.91 -16.78 16.97
CA LEU A 402 10.46 -16.74 16.97
C LEU A 402 9.90 -18.15 16.86
N SER A 403 9.21 -18.57 17.91
CA SER A 403 8.63 -19.90 17.99
C SER A 403 7.12 -19.76 17.91
N LEU A 404 6.44 -20.89 17.78
CA LEU A 404 5.01 -20.92 17.50
C LEU A 404 4.36 -21.89 18.46
N LYS A 405 3.48 -21.38 19.31
CA LYS A 405 2.89 -22.14 20.41
C LYS A 405 1.38 -22.07 20.31
N SER A 406 0.71 -23.21 20.53
CA SER A 406 -0.75 -23.26 20.54
C SER A 406 -1.24 -23.25 21.98
N ASP A 407 -1.95 -22.21 22.36
CA ASP A 407 -2.51 -22.09 23.70
C ASP A 407 -3.97 -22.53 23.66
N PHE A 408 -4.26 -23.66 24.27
CA PHE A 408 -5.62 -24.19 24.31
C PHE A 408 -6.46 -23.59 25.41
N LEU A 409 -5.85 -22.92 26.38
CA LEU A 409 -6.62 -22.18 27.36
C LEU A 409 -7.32 -20.99 26.70
N ARG A 410 -6.58 -20.19 25.96
CA ARG A 410 -7.18 -19.32 24.96
C ARG A 410 -7.48 -20.16 23.74
N ARG A 411 -7.79 -19.53 22.63
CA ARG A 411 -7.85 -20.26 21.37
C ARG A 411 -7.02 -19.44 20.40
N LYS A 412 -5.72 -19.63 20.46
CA LYS A 412 -4.78 -18.80 19.72
C LYS A 412 -3.49 -19.57 19.50
N ASN A 413 -2.88 -19.31 18.36
CA ASN A 413 -1.51 -19.72 18.10
C ASN A 413 -0.64 -18.49 18.27
N LEU A 414 0.32 -18.56 19.17
CA LEU A 414 1.05 -17.37 19.61
C LEU A 414 2.47 -17.43 19.07
N ILE A 415 2.87 -16.38 18.36
CA ILE A 415 4.24 -16.21 17.89
C ILE A 415 4.98 -15.47 19.00
N PHE A 416 5.57 -16.22 19.92
CA PHE A 416 6.20 -15.64 21.10
C PHE A 416 7.70 -15.61 20.91
N SER A 417 8.34 -14.67 21.60
CA SER A 417 9.75 -14.37 21.35
C SER A 417 10.59 -14.85 22.53
N ASP A 418 11.30 -15.96 22.30
CA ASP A 418 12.43 -16.27 23.16
C ASP A 418 13.46 -15.18 22.96
N GLU A 419 14.34 -14.94 23.93
CA GLU A 419 15.14 -13.72 23.88
C GLU A 419 16.45 -13.94 23.13
N LYS A 420 16.45 -14.82 22.14
CA LYS A 420 17.63 -15.16 21.35
C LYS A 420 18.25 -13.94 20.68
N VAL A 421 19.55 -14.01 20.38
CA VAL A 421 20.32 -12.89 19.86
C VAL A 421 20.51 -13.09 18.37
N GLU A 422 20.60 -11.98 17.63
CA GLU A 422 20.67 -12.05 16.17
C GLU A 422 21.95 -12.72 15.69
N GLY A 423 23.01 -12.66 16.50
CA GLY A 423 24.29 -13.24 16.09
C GLY A 423 24.27 -14.74 15.97
N SER A 424 23.57 -15.44 16.84
CA SER A 424 23.51 -16.90 16.80
C SER A 424 22.37 -17.38 15.89
N LEU A 425 22.47 -17.02 14.61
CA LEU A 425 21.47 -17.44 13.63
C LEU A 425 21.59 -18.92 13.27
N ILE A 426 22.64 -19.59 13.71
CA ILE A 426 22.83 -21.01 13.46
C ILE A 426 22.35 -21.86 14.65
N GLU A 427 21.49 -21.30 15.50
CA GLU A 427 20.95 -22.03 16.63
C GLU A 427 19.84 -22.99 16.17
N LYS A 428 19.10 -23.52 17.14
CA LYS A 428 18.02 -24.45 16.86
C LYS A 428 16.96 -23.79 15.99
N HIS A 429 16.46 -24.56 15.02
CA HIS A 429 15.47 -24.06 14.07
C HIS A 429 14.15 -23.82 14.80
N GLY A 430 13.68 -22.58 14.78
CA GLY A 430 12.44 -22.25 15.45
C GLY A 430 11.24 -22.81 14.72
N LEU A 431 10.06 -22.49 15.24
CA LEU A 431 8.85 -23.08 14.67
C LEU A 431 8.19 -22.17 13.66
N LEU A 432 8.35 -20.85 13.79
CA LEU A 432 7.68 -19.93 12.88
C LEU A 432 8.17 -20.11 11.45
N THR A 433 9.48 -20.25 11.29
CA THR A 433 10.05 -20.48 9.97
C THR A 433 9.58 -21.79 9.38
N ARG A 434 9.50 -22.84 10.21
CA ARG A 434 9.01 -24.13 9.73
C ARG A 434 7.57 -24.03 9.26
N PHE A 435 6.73 -23.33 10.03
CA PHE A 435 5.34 -23.15 9.65
C PHE A 435 5.21 -22.42 8.34
N VAL A 436 5.95 -21.33 8.18
CA VAL A 436 5.88 -20.53 6.97
C VAL A 436 6.38 -21.31 5.76
N ASN A 437 7.46 -22.06 5.92
CA ASN A 437 7.98 -22.85 4.82
C ASN A 437 7.01 -23.93 4.40
N GLU A 438 6.40 -24.62 5.36
CA GLU A 438 5.44 -25.65 5.02
C GLU A 438 4.19 -25.07 4.37
N ALA A 439 3.74 -23.91 4.85
CA ALA A 439 2.57 -23.28 4.25
C ALA A 439 2.85 -22.86 2.82
N ASP A 440 4.05 -22.34 2.56
CA ASP A 440 4.44 -21.99 1.20
C ASP A 440 4.48 -23.23 0.32
N VAL A 441 5.03 -24.33 0.84
CA VAL A 441 5.10 -25.57 0.06
C VAL A 441 3.70 -26.05 -0.31
N ILE A 442 2.78 -26.01 0.66
CA ILE A 442 1.42 -26.48 0.39
C ILE A 442 0.72 -25.57 -0.60
N TYR A 443 0.91 -24.26 -0.49
CA TYR A 443 0.28 -23.33 -1.41
C TYR A 443 0.79 -23.52 -2.85
N GLN A 444 2.09 -23.65 -3.01
CA GLN A 444 2.63 -23.87 -4.35
C GLN A 444 2.25 -25.24 -4.88
N TRP A 445 2.10 -26.22 -3.99
CA TRP A 445 1.60 -27.52 -4.38
C TRP A 445 0.16 -27.43 -4.89
N PHE A 446 -0.66 -26.60 -4.25
CA PHE A 446 -2.01 -26.41 -4.74
C PHE A 446 -2.02 -25.79 -6.13
N LEU A 447 -1.17 -24.79 -6.35
CA LEU A 447 -1.13 -24.17 -7.67
C LEU A 447 -0.63 -25.13 -8.75
N GLY A 448 0.40 -25.92 -8.42
CA GLY A 448 0.88 -26.90 -9.37
C GLY A 448 -0.14 -27.98 -9.67
N THR A 449 -0.87 -28.43 -8.64
CA THR A 449 -1.91 -29.42 -8.86
C THR A 449 -3.04 -28.84 -9.69
N MET A 450 -3.33 -27.55 -9.52
CA MET A 450 -4.30 -26.90 -10.39
C MET A 450 -3.86 -26.94 -11.84
N ARG A 451 -2.57 -26.68 -12.11
CA ARG A 451 -2.07 -26.78 -13.47
C ARG A 451 -2.20 -28.19 -14.03
N LYS A 452 -1.82 -29.19 -13.22
CA LYS A 452 -1.90 -30.57 -13.68
C LYS A 452 -3.35 -30.98 -13.93
N ALA A 453 -4.27 -30.53 -13.10
CA ALA A 453 -5.68 -30.87 -13.27
C ALA A 453 -6.26 -30.17 -14.48
N VAL A 454 -5.81 -28.96 -14.78
CA VAL A 454 -6.27 -28.29 -15.99
C VAL A 454 -5.79 -29.05 -17.22
N PHE A 455 -4.56 -29.53 -17.22
CA PHE A 455 -4.09 -30.31 -18.35
C PHE A 455 -4.83 -31.65 -18.46
N GLN A 456 -5.13 -32.27 -17.32
CA GLN A 456 -5.87 -33.53 -17.34
C GLN A 456 -7.30 -33.34 -17.81
N TYR A 457 -7.90 -32.19 -17.50
CA TYR A 457 -9.26 -31.90 -17.94
C TYR A 457 -9.35 -31.84 -19.45
N TRP A 458 -8.25 -31.47 -20.10
CA TRP A 458 -8.21 -31.33 -21.54
C TRP A 458 -7.54 -32.54 -22.19
N LEU A 474 -6.69 -25.98 -27.68
CA LEU A 474 -6.02 -26.60 -26.53
C LEU A 474 -5.94 -25.61 -25.38
N GLU A 475 -6.37 -24.39 -25.64
CA GLU A 475 -6.34 -23.35 -24.62
C GLU A 475 -7.68 -22.68 -24.37
N GLY A 476 -8.68 -22.86 -25.23
CA GLY A 476 -10.02 -22.41 -24.87
C GLY A 476 -10.60 -23.24 -23.74
N THR A 477 -10.06 -24.44 -23.54
CA THR A 477 -10.49 -25.30 -22.45
C THR A 477 -9.93 -24.83 -21.11
N PHE A 478 -8.90 -23.98 -21.14
CA PHE A 478 -8.19 -23.59 -19.92
C PHE A 478 -9.09 -22.82 -18.96
N GLN A 479 -9.78 -21.80 -19.46
CA GLN A 479 -10.64 -20.98 -18.60
C GLN A 479 -11.78 -21.82 -18.02
N GLU A 480 -12.41 -22.64 -18.85
CA GLU A 480 -13.50 -23.48 -18.39
C GLU A 480 -13.02 -24.49 -17.35
N ALA A 481 -11.83 -25.07 -17.56
CA ALA A 481 -11.29 -26.03 -16.62
C ALA A 481 -11.03 -25.38 -15.27
N VAL A 482 -10.42 -24.20 -15.29
CA VAL A 482 -10.13 -23.50 -14.04
C VAL A 482 -11.42 -23.18 -13.30
N GLN A 483 -12.41 -22.66 -14.04
CA GLN A 483 -13.65 -22.26 -13.39
C GLN A 483 -14.39 -23.45 -12.81
N SER A 484 -14.48 -24.55 -13.56
CA SER A 484 -15.20 -25.73 -13.09
C SER A 484 -14.50 -26.34 -11.88
N LEU A 485 -13.18 -26.45 -11.92
CA LEU A 485 -12.46 -27.03 -10.79
C LEU A 485 -12.59 -26.16 -9.55
N LEU A 486 -12.46 -24.85 -9.70
CA LEU A 486 -12.54 -23.98 -8.54
C LEU A 486 -13.95 -23.88 -8.00
N THR A 487 -14.95 -24.08 -8.85
CA THR A 487 -16.33 -23.96 -8.38
C THR A 487 -16.78 -25.24 -7.70
N HIS A 488 -16.28 -26.38 -8.15
CA HIS A 488 -16.58 -27.64 -7.48
C HIS A 488 -15.98 -27.68 -6.08
N PHE A 489 -14.79 -27.13 -5.92
CA PHE A 489 -14.14 -27.13 -4.62
C PHE A 489 -14.49 -25.93 -3.77
N ASN A 490 -15.33 -25.02 -4.28
CA ASN A 490 -15.70 -23.79 -3.59
C ASN A 490 -14.47 -22.93 -3.30
N LEU A 491 -13.58 -22.86 -4.29
CA LEU A 491 -12.35 -22.11 -4.16
C LEU A 491 -12.26 -21.00 -5.19
N GLN A 492 -13.35 -20.27 -5.40
CA GLN A 492 -13.38 -19.24 -6.42
C GLN A 492 -12.50 -18.06 -6.08
N GLU A 493 -12.10 -17.92 -4.83
CA GLU A 493 -11.23 -16.82 -4.42
C GLU A 493 -9.81 -16.99 -4.93
N PHE A 494 -9.43 -18.19 -5.35
CA PHE A 494 -8.11 -18.44 -5.88
C PHE A 494 -8.05 -18.29 -7.39
N GLU A 495 -9.08 -17.72 -8.00
CA GLU A 495 -9.12 -17.59 -9.45
C GLU A 495 -7.97 -16.74 -9.97
N SER A 496 -7.78 -15.57 -9.37
CA SER A 496 -6.73 -14.65 -9.82
C SER A 496 -5.36 -15.26 -9.62
N ALA A 497 -5.16 -15.97 -8.51
CA ALA A 497 -3.85 -16.58 -8.26
C ALA A 497 -3.52 -17.63 -9.30
N VAL A 498 -4.47 -18.50 -9.63
CA VAL A 498 -4.23 -19.53 -10.63
C VAL A 498 -3.99 -18.92 -12.00
N TYR A 499 -4.80 -17.92 -12.36
CA TYR A 499 -4.62 -17.25 -13.65
C TYR A 499 -3.27 -16.58 -13.74
N GLU A 500 -2.84 -15.93 -12.67
CA GLU A 500 -1.59 -15.17 -12.70
C GLU A 500 -0.38 -16.10 -12.69
N SER A 501 -0.48 -17.23 -11.99
CA SER A 501 0.68 -18.09 -11.83
C SER A 501 0.77 -19.19 -12.88
N PHE A 502 -0.25 -19.37 -13.71
CA PHE A 502 -0.30 -20.54 -14.56
C PHE A 502 0.82 -20.52 -15.60
N ASP A 503 1.10 -19.35 -16.18
CA ASP A 503 2.17 -19.26 -17.17
C ASP A 503 3.56 -19.44 -16.58
N THR A 504 3.75 -19.14 -15.30
CA THR A 504 5.06 -19.26 -14.68
C THR A 504 5.08 -20.40 -13.67
N ASN A 516 11.52 -34.33 -2.15
CA ASN A 516 12.35 -35.12 -3.06
C ASN A 516 13.15 -34.22 -3.98
N LYS A 517 14.13 -33.52 -3.43
CA LYS A 517 14.85 -32.53 -4.23
C LYS A 517 16.31 -32.86 -4.44
N LEU A 518 16.96 -33.58 -3.52
CA LEU A 518 18.36 -33.97 -3.73
C LEU A 518 18.50 -34.91 -4.92
N SER A 519 17.45 -35.62 -5.25
CA SER A 519 17.41 -36.50 -6.41
C SER A 519 16.95 -35.78 -7.65
N SER A 520 16.77 -34.47 -7.58
CA SER A 520 16.36 -33.67 -8.72
C SER A 520 17.49 -32.74 -9.10
N SER A 521 17.45 -32.26 -10.34
CA SER A 521 18.35 -31.19 -10.74
C SER A 521 17.95 -29.93 -10.00
N LYS A 522 18.79 -29.48 -9.09
CA LYS A 522 18.44 -28.39 -8.20
C LYS A 522 19.15 -27.12 -8.66
N SER A 523 18.41 -26.03 -8.72
CA SER A 523 18.96 -24.76 -9.15
C SER A 523 18.03 -23.66 -8.66
N TYR A 524 18.58 -22.46 -8.49
CA TYR A 524 17.77 -21.34 -8.06
C TYR A 524 16.83 -20.89 -9.17
N HIS A 525 17.25 -21.03 -10.42
CA HIS A 525 16.45 -20.54 -11.53
C HIS A 525 15.16 -21.33 -11.69
N HIS A 526 15.15 -22.58 -11.28
CA HIS A 526 13.96 -23.41 -11.29
C HIS A 526 13.21 -23.34 -9.96
N THR A 527 13.76 -22.68 -8.96
CA THR A 527 13.19 -22.67 -7.61
C THR A 527 12.77 -21.28 -7.14
N GLY A 528 13.64 -20.28 -7.25
CA GLY A 528 13.26 -18.96 -6.82
C GLY A 528 13.39 -18.76 -5.32
N LEU A 529 12.70 -17.75 -4.80
CA LEU A 529 12.85 -17.32 -3.43
C LEU A 529 11.51 -16.84 -2.89
N LYS A 530 11.49 -16.58 -1.58
CA LYS A 530 10.27 -16.19 -0.89
C LYS A 530 10.63 -15.28 0.27
N LEU A 531 9.91 -14.18 0.40
CA LEU A 531 10.09 -13.26 1.51
C LEU A 531 8.75 -13.01 2.15
N VAL A 532 8.65 -13.25 3.45
CA VAL A 532 7.39 -13.22 4.18
C VAL A 532 7.53 -12.24 5.33
N GLU A 533 6.60 -11.30 5.43
CA GLU A 533 6.56 -10.34 6.52
C GLU A 533 5.39 -10.69 7.42
N VAL A 534 5.65 -10.75 8.72
CA VAL A 534 4.63 -11.14 9.69
C VAL A 534 4.23 -9.89 10.47
N ALA A 535 3.00 -9.45 10.27
CA ALA A 535 2.54 -8.20 10.84
C ALA A 535 1.08 -8.32 11.23
N HIS A 536 0.64 -7.35 12.05
CA HIS A 536 -0.74 -7.33 12.51
C HIS A 536 -1.70 -7.11 11.35
N ASN A 537 -2.85 -7.76 11.41
CA ASN A 537 -3.85 -7.63 10.37
C ASN A 537 -4.43 -6.22 10.38
N GLN A 538 -4.85 -5.75 9.21
CA GLN A 538 -5.34 -4.38 9.09
C GLN A 538 -6.66 -4.21 9.80
N GLY A 539 -6.70 -3.25 10.72
CA GLY A 539 -7.90 -2.98 11.47
C GLY A 539 -8.04 -3.77 12.75
N THR A 540 -7.21 -4.79 12.96
CA THR A 540 -7.26 -5.58 14.17
C THR A 540 -5.93 -5.43 14.89
N ARG A 541 -5.94 -5.73 16.19
CA ARG A 541 -4.71 -5.74 16.97
C ARG A 541 -4.53 -7.08 17.67
N ASP A 542 -5.25 -8.10 17.25
CA ASP A 542 -5.13 -9.41 17.86
C ASP A 542 -5.07 -10.54 16.85
N THR A 543 -4.86 -10.25 15.58
CA THR A 543 -4.66 -11.30 14.60
C THR A 543 -3.53 -10.85 13.67
N VAL A 544 -2.77 -11.83 13.19
CA VAL A 544 -1.57 -11.61 12.39
C VAL A 544 -1.73 -12.31 11.06
N ASN A 545 -1.21 -11.68 10.00
CA ASN A 545 -1.14 -12.32 8.70
C ASN A 545 0.31 -12.49 8.25
N CYS A 546 0.57 -13.54 7.49
CA CYS A 546 1.85 -13.77 6.86
C CYS A 546 1.74 -13.53 5.37
N LYS A 547 1.87 -12.26 4.95
CA LYS A 547 1.80 -11.99 3.51
C LYS A 547 3.13 -12.38 2.88
N ALA A 548 3.06 -13.12 1.79
CA ALA A 548 4.23 -13.70 1.15
C ALA A 548 4.30 -13.23 -0.29
N SER A 549 5.51 -12.94 -0.74
CA SER A 549 5.77 -12.57 -2.12
C SER A 549 6.81 -13.53 -2.66
N PHE A 550 6.50 -14.14 -3.80
CA PHE A 550 7.29 -15.22 -4.34
C PHE A 550 7.88 -14.85 -5.68
N LEU A 551 9.05 -15.40 -5.96
CA LEU A 551 9.53 -15.64 -7.31
C LEU A 551 9.64 -17.14 -7.46
N ASN A 552 8.88 -17.72 -8.38
CA ASN A 552 8.92 -19.16 -8.56
C ASN A 552 9.90 -19.59 -9.62
N THR A 553 10.47 -18.65 -10.35
CA THR A 553 11.47 -18.92 -11.37
C THR A 553 12.19 -17.62 -11.68
N SER A 554 13.40 -17.75 -12.18
CA SER A 554 14.16 -16.61 -12.68
C SER A 554 13.90 -16.44 -14.17
N PRO A 555 14.24 -15.29 -14.74
CA PRO A 555 14.07 -15.13 -16.19
C PRO A 555 14.80 -16.16 -17.02
N SER A 556 15.93 -16.68 -16.54
CA SER A 556 16.59 -17.77 -17.22
C SER A 556 15.75 -19.03 -17.22
N GLY A 557 15.06 -19.29 -16.11
CA GLY A 557 14.12 -20.38 -16.07
C GLY A 557 12.97 -20.22 -17.05
N VAL A 558 12.49 -18.99 -17.20
CA VAL A 558 11.41 -18.73 -18.14
C VAL A 558 11.90 -18.96 -19.58
N LEU A 559 13.10 -18.48 -19.89
CA LEU A 559 13.63 -18.67 -21.24
C LEU A 559 13.88 -20.15 -21.54
N ALA A 560 14.40 -20.88 -20.57
CA ALA A 560 14.61 -22.30 -20.78
C ALA A 560 13.29 -23.05 -20.89
N ASP A 561 12.26 -22.59 -20.17
CA ASP A 561 10.94 -23.16 -20.34
C ASP A 561 10.39 -22.91 -21.73
N MET A 562 10.62 -21.71 -22.28
CA MET A 562 10.21 -21.44 -23.65
C MET A 562 10.89 -22.37 -24.63
N VAL A 563 12.18 -22.62 -24.43
CA VAL A 563 12.89 -23.51 -25.34
C VAL A 563 12.41 -24.95 -25.18
N ASP A 564 12.15 -25.37 -23.95
CA ASP A 564 11.67 -26.73 -23.73
C ASP A 564 10.27 -26.94 -24.29
N ALA A 565 9.43 -25.89 -24.25
CA ALA A 565 8.09 -25.99 -24.81
C ALA A 565 8.08 -26.14 -26.32
N GLY A 566 9.18 -25.85 -27.00
CA GLY A 566 9.29 -26.06 -28.42
C GLY A 566 9.55 -24.84 -29.26
N ALA A 567 9.81 -23.69 -28.64
CA ALA A 567 10.04 -22.47 -29.40
C ALA A 567 11.45 -22.39 -29.91
N VAL A 568 11.61 -21.96 -31.14
CA VAL A 568 12.92 -21.64 -31.70
C VAL A 568 13.13 -20.15 -31.50
N ILE A 569 14.08 -19.79 -30.64
CA ILE A 569 14.28 -18.43 -30.21
C ILE A 569 15.57 -17.92 -30.81
N LEU A 570 15.51 -16.76 -31.41
CA LEU A 570 16.60 -16.18 -32.18
C LEU A 570 16.96 -14.88 -31.48
N GLY A 571 17.83 -14.97 -30.49
CA GLY A 571 18.16 -13.80 -29.69
C GLY A 571 19.29 -12.98 -30.28
N ILE A 572 19.00 -11.74 -30.68
CA ILE A 572 19.95 -10.91 -31.40
C ILE A 572 20.34 -9.73 -30.52
N SER A 573 21.62 -9.61 -30.25
CA SER A 573 22.19 -8.51 -29.48
C SER A 573 23.71 -8.59 -29.59
N ALA A 574 24.40 -7.45 -29.53
CA ALA A 574 25.84 -7.48 -29.65
C ALA A 574 26.51 -8.08 -28.44
N THR A 575 25.93 -7.89 -27.26
CA THR A 575 26.43 -8.46 -26.02
C THR A 575 25.54 -9.59 -25.52
N ALA A 576 25.05 -10.42 -26.43
CA ALA A 576 24.12 -11.48 -26.09
C ALA A 576 24.73 -12.53 -25.18
N ARG A 577 26.04 -12.58 -25.05
CA ARG A 577 26.71 -13.57 -24.23
C ARG A 577 27.66 -12.93 -23.23
N ALA A 578 27.29 -11.76 -22.69
CA ALA A 578 28.08 -11.13 -21.66
C ALA A 578 28.12 -12.03 -20.43
N ASP A 579 29.27 -12.06 -19.75
CA ASP A 579 29.47 -12.97 -18.64
C ASP A 579 29.06 -12.33 -17.32
N THR A 580 27.79 -11.98 -17.25
CA THR A 580 27.24 -11.42 -16.03
C THR A 580 25.84 -12.00 -15.85
N VAL A 581 25.41 -12.13 -14.60
CA VAL A 581 24.06 -12.61 -14.35
C VAL A 581 23.17 -11.52 -13.81
N ILE A 582 23.73 -10.43 -13.30
CA ILE A 582 22.93 -9.26 -13.00
C ILE A 582 22.35 -8.67 -14.27
N HIS A 583 23.18 -8.50 -15.29
CA HIS A 583 22.78 -7.83 -16.51
C HIS A 583 22.59 -8.77 -17.68
N ASN A 584 22.47 -10.07 -17.45
CA ASN A 584 22.22 -10.99 -18.54
C ASN A 584 21.62 -12.28 -17.99
N PHE A 585 21.05 -13.08 -18.88
CA PHE A 585 20.64 -14.43 -18.54
C PHE A 585 21.85 -15.25 -18.10
N ASP A 586 21.62 -16.22 -17.24
CA ASP A 586 22.68 -17.14 -16.83
C ASP A 586 22.86 -18.18 -17.93
N PHE A 587 23.93 -18.02 -18.71
CA PHE A 587 24.16 -18.97 -19.79
C PHE A 587 24.89 -20.22 -19.31
N LYS A 588 25.41 -20.22 -18.10
CA LYS A 588 25.87 -21.47 -17.50
C LYS A 588 24.70 -22.37 -17.18
N TYR A 589 23.62 -21.79 -16.66
CA TYR A 589 22.42 -22.56 -16.38
C TYR A 589 21.73 -22.99 -17.67
N LEU A 590 21.67 -22.09 -18.65
CA LEU A 590 21.00 -22.43 -19.90
C LEU A 590 21.73 -23.54 -20.65
N ASN A 591 23.05 -23.56 -20.55
CA ASN A 591 23.80 -24.63 -21.19
C ASN A 591 23.61 -25.95 -20.47
N GLU A 592 23.49 -25.91 -19.15
CA GLU A 592 23.19 -27.12 -18.40
C GLU A 592 21.80 -27.65 -18.74
N ARG A 593 20.83 -26.77 -18.85
CA ARG A 593 19.46 -27.22 -18.97
C ARG A 593 19.08 -27.55 -20.40
N LEU A 594 19.52 -26.74 -21.36
CA LEU A 594 19.16 -26.97 -22.75
C LEU A 594 20.12 -27.91 -23.46
N GLY A 595 21.37 -27.98 -23.02
CA GLY A 595 22.28 -28.92 -23.62
C GLY A 595 22.73 -28.44 -24.98
N ASN A 596 22.39 -29.19 -26.01
CA ASN A 596 22.73 -28.73 -27.34
C ASN A 596 21.57 -28.17 -28.07
N LYS A 597 20.46 -27.97 -27.37
CA LYS A 597 19.41 -27.11 -27.89
C LYS A 597 19.77 -25.65 -27.74
N LEU A 598 20.79 -25.34 -26.96
CA LEU A 598 21.40 -24.02 -26.97
C LEU A 598 22.42 -23.98 -28.09
N LEU A 599 22.03 -23.42 -29.22
CA LEU A 599 22.89 -23.41 -30.39
C LEU A 599 24.00 -22.39 -30.22
N SER A 600 25.07 -22.60 -30.96
CA SER A 600 26.20 -21.69 -30.95
C SER A 600 26.83 -21.71 -32.32
N LEU A 601 27.01 -20.54 -32.91
CA LEU A 601 27.74 -20.43 -34.16
C LEU A 601 29.22 -20.75 -33.95
N SER A 602 29.79 -21.51 -34.88
CA SER A 602 31.08 -22.14 -34.70
C SER A 602 32.21 -21.19 -35.04
N ARG A 603 33.44 -21.70 -34.94
CA ARG A 603 34.61 -20.88 -35.19
C ARG A 603 34.71 -20.46 -36.65
N GLU A 604 34.36 -21.35 -37.57
CA GLU A 604 34.36 -21.00 -38.98
C GLU A 604 33.28 -19.96 -39.28
N GLN A 605 32.10 -20.13 -38.69
CA GLN A 605 31.04 -19.15 -38.87
C GLN A 605 31.42 -17.80 -38.27
N LYS A 606 32.05 -17.82 -37.11
CA LYS A 606 32.49 -16.56 -36.51
C LYS A 606 33.56 -15.89 -37.35
N GLN A 607 34.45 -16.68 -37.96
CA GLN A 607 35.44 -16.09 -38.84
C GLN A 607 34.79 -15.49 -40.08
N ARG A 608 33.77 -16.13 -40.63
CA ARG A 608 33.08 -15.59 -41.79
C ARG A 608 32.36 -14.29 -41.42
N VAL A 609 31.73 -14.25 -40.26
CA VAL A 609 31.06 -13.02 -39.82
C VAL A 609 32.08 -11.91 -39.58
N ASN A 610 33.23 -12.27 -39.01
CA ASN A 610 34.29 -11.30 -38.80
C ASN A 610 34.80 -10.73 -40.12
N ASN A 611 34.97 -11.58 -41.12
CA ASN A 611 35.39 -11.12 -42.44
C ASN A 611 34.34 -10.22 -43.07
N TYR A 612 33.06 -10.58 -42.93
CA TYR A 612 32.00 -9.74 -43.48
C TYR A 612 31.97 -8.37 -42.81
N TYR A 613 32.11 -8.35 -41.49
CA TYR A 613 32.12 -7.09 -40.77
C TYR A 613 33.33 -6.25 -41.15
N HIS A 614 34.47 -6.89 -41.40
CA HIS A 614 35.63 -6.16 -41.85
C HIS A 614 35.43 -5.58 -43.23
N SER A 615 34.71 -6.30 -44.09
CA SER A 615 34.50 -5.79 -45.45
C SER A 615 33.60 -4.57 -45.47
N ARG A 616 32.72 -4.43 -44.48
CA ARG A 616 31.87 -3.26 -44.39
C ARG A 616 32.46 -2.15 -43.55
N ARG A 617 33.52 -2.42 -42.79
CA ARG A 617 34.13 -1.45 -41.89
C ARG A 617 35.63 -1.48 -42.05
N ASN A 618 36.09 -1.41 -43.29
CA ASN A 618 37.52 -1.51 -43.59
C ASN A 618 38.21 -0.19 -43.24
N TYR A 619 38.51 -0.04 -41.96
CA TYR A 619 39.19 1.16 -41.49
C TYR A 619 40.62 1.23 -42.00
N LYS A 620 41.30 0.09 -42.03
CA LYS A 620 42.75 0.07 -42.19
C LYS A 620 43.15 0.35 -43.63
N ASP A 621 42.42 -0.23 -44.59
CA ASP A 621 42.78 0.00 -45.98
C ASP A 621 42.33 1.37 -46.47
N ASN A 622 41.54 2.09 -45.68
CA ASN A 622 41.06 3.40 -46.08
C ASN A 622 41.68 4.54 -45.29
N GLY A 623 42.35 4.25 -44.18
CA GLY A 623 43.07 5.28 -43.46
C GLY A 623 42.38 5.85 -42.25
N VAL A 624 41.38 5.17 -41.69
CA VAL A 624 40.73 5.64 -40.48
C VAL A 624 41.55 5.21 -39.27
N VAL A 625 41.79 6.13 -38.36
CA VAL A 625 42.62 5.91 -37.18
C VAL A 625 41.78 6.11 -35.94
N LEU A 626 41.94 5.23 -34.95
CA LEU A 626 41.26 5.34 -33.68
C LEU A 626 42.27 5.70 -32.60
N THR A 627 42.09 6.85 -31.98
CA THR A 627 43.00 7.35 -30.96
C THR A 627 42.33 7.26 -29.60
N VAL A 628 43.04 6.71 -28.63
CA VAL A 628 42.48 6.44 -27.31
C VAL A 628 43.35 7.11 -26.26
N LYS A 629 42.73 7.81 -25.33
CA LYS A 629 43.42 8.42 -24.20
C LYS A 629 42.71 8.02 -22.93
N TYR A 630 43.48 7.84 -21.87
CA TYR A 630 42.92 7.59 -20.55
C TYR A 630 43.23 8.80 -19.68
N LEU A 631 42.18 9.44 -19.20
CA LEU A 631 42.30 10.71 -18.50
C LEU A 631 42.08 10.48 -17.02
N ASN A 632 43.00 10.97 -16.20
CA ASN A 632 42.78 11.06 -14.77
C ASN A 632 42.46 12.49 -14.38
N SER A 633 42.45 12.75 -13.07
CA SER A 633 42.14 14.08 -12.58
C SER A 633 43.20 15.08 -12.99
N ARG A 634 42.79 16.34 -13.11
CA ARG A 634 43.61 17.40 -13.65
C ARG A 634 43.50 18.63 -12.74
N ASP A 635 43.77 18.42 -11.46
CA ASP A 635 43.41 19.39 -10.41
C ASP A 635 43.92 20.80 -10.70
N ALA A 636 45.17 20.92 -11.13
CA ALA A 636 45.69 22.25 -11.46
C ALA A 636 44.96 22.87 -12.64
N PHE A 637 44.65 22.06 -13.65
CA PHE A 637 43.95 22.53 -14.83
C PHE A 637 42.53 23.00 -14.48
N LEU A 638 41.84 22.23 -13.63
CA LEU A 638 40.52 22.65 -13.16
C LEU A 638 40.61 23.90 -12.31
N ASP A 639 41.63 24.01 -11.47
CA ASP A 639 41.77 25.18 -10.61
C ASP A 639 42.02 26.44 -11.42
N ALA A 640 42.86 26.35 -12.44
CA ALA A 640 43.08 27.49 -13.32
C ALA A 640 41.81 27.88 -14.04
N LEU A 641 41.03 26.89 -14.50
CA LEU A 641 39.76 27.22 -15.14
C LEU A 641 38.80 27.89 -14.17
N LEU A 642 38.73 27.40 -12.93
CA LEU A 642 37.81 27.99 -11.96
C LEU A 642 38.21 29.41 -11.61
N GLU A 643 39.51 29.66 -11.43
CA GLU A 643 39.97 31.00 -11.18
C GLU A 643 39.82 31.93 -12.38
N GLU A 644 39.74 31.39 -13.60
CA GLU A 644 39.34 32.22 -14.72
C GLU A 644 37.86 32.50 -14.77
N TYR A 645 37.04 31.54 -14.31
CA TYR A 645 35.60 31.71 -14.33
C TYR A 645 35.16 32.87 -13.44
N LYS A 646 35.74 32.99 -12.26
CA LYS A 646 35.41 34.04 -11.31
C LYS A 646 36.71 34.74 -10.93
N PRO A 647 37.15 35.72 -11.73
CA PRO A 647 38.49 36.26 -11.57
C PRO A 647 38.76 36.91 -10.23
N GLU A 648 37.75 37.52 -9.62
CA GLU A 648 37.96 38.28 -8.38
C GLU A 648 37.62 37.52 -7.12
N ALA A 649 37.22 36.25 -7.23
CA ALA A 649 37.04 35.44 -6.04
C ALA A 649 38.40 35.05 -5.48
N ARG A 650 38.38 34.43 -4.30
CA ARG A 650 39.63 34.21 -3.59
C ARG A 650 40.31 32.90 -3.95
N SER A 651 39.65 31.77 -3.69
CA SER A 651 40.28 30.48 -3.91
C SER A 651 39.35 29.59 -4.71
N SER A 652 39.94 28.66 -5.46
CA SER A 652 39.15 27.82 -6.34
C SER A 652 38.26 26.86 -5.56
N HIS A 653 38.69 26.45 -4.37
CA HIS A 653 37.80 25.67 -3.51
C HIS A 653 36.56 26.47 -3.16
N PHE A 654 36.75 27.75 -2.85
CA PHE A 654 35.62 28.63 -2.57
C PHE A 654 34.74 28.81 -3.79
N ILE A 655 35.34 28.90 -4.97
CA ILE A 655 34.55 29.05 -6.20
C ILE A 655 33.70 27.82 -6.43
N LEU A 656 34.29 26.64 -6.23
CA LEU A 656 33.54 25.40 -6.32
C LEU A 656 32.38 25.36 -5.34
N ASN A 657 32.65 25.74 -4.08
CA ASN A 657 31.63 25.66 -3.04
C ASN A 657 30.51 26.65 -3.30
N HIS A 658 30.87 27.92 -3.51
CA HIS A 658 29.89 28.99 -3.56
C HIS A 658 29.21 29.06 -4.92
N TYR A 659 29.99 29.26 -5.97
CA TYR A 659 29.39 29.58 -7.26
C TYR A 659 28.90 28.33 -7.98
N LEU A 660 29.57 27.20 -7.79
CA LEU A 660 29.09 25.99 -8.41
C LEU A 660 28.12 25.23 -7.51
N GLY A 661 28.13 25.48 -6.22
CA GLY A 661 27.19 24.87 -5.32
C GLY A 661 27.51 23.44 -4.94
N ILE A 662 28.73 23.16 -4.50
CA ILE A 662 29.16 21.80 -4.21
C ILE A 662 29.43 21.71 -2.71
N ALA A 663 28.80 20.76 -2.06
CA ALA A 663 29.00 20.57 -0.63
C ALA A 663 30.42 20.05 -0.37
N GLU A 664 30.85 20.13 0.89
CA GLU A 664 32.20 19.73 1.23
C GLU A 664 32.43 18.23 1.03
N SER A 665 31.36 17.44 1.08
CA SER A 665 31.51 16.01 0.84
C SER A 665 31.75 15.70 -0.63
N GLU A 666 31.08 16.43 -1.53
CA GLU A 666 31.12 16.10 -2.95
C GLU A 666 32.26 16.77 -3.69
N GLN A 667 33.10 17.54 -3.01
CA GLN A 667 34.10 18.33 -3.70
C GLN A 667 35.12 17.45 -4.41
N ALA A 668 35.65 16.45 -3.71
CA ALA A 668 36.66 15.59 -4.32
C ALA A 668 36.10 14.80 -5.49
N PHE A 669 34.89 14.26 -5.34
CA PHE A 669 34.28 13.50 -6.43
C PHE A 669 34.01 14.38 -7.63
N VAL A 670 33.51 15.60 -7.41
CA VAL A 670 33.21 16.48 -8.53
C VAL A 670 34.49 16.91 -9.22
N ARG A 671 35.51 17.27 -8.43
CA ARG A 671 36.80 17.62 -9.01
C ARG A 671 37.37 16.48 -9.82
N SER A 672 37.08 15.24 -9.43
CA SER A 672 37.53 14.11 -10.22
C SER A 672 36.78 14.01 -11.53
N TRP A 673 35.45 13.95 -11.48
CA TRP A 673 34.72 13.69 -12.72
C TRP A 673 34.61 14.92 -13.59
N LEU A 674 34.80 16.12 -13.04
CA LEU A 674 34.70 17.31 -13.88
C LEU A 674 35.98 17.56 -14.64
N SER A 675 37.12 17.31 -14.00
CA SER A 675 38.41 17.53 -14.65
C SER A 675 38.57 16.66 -15.88
N LYS A 676 38.19 15.39 -15.77
CA LYS A 676 38.30 14.48 -16.90
C LYS A 676 37.39 14.90 -18.04
N LEU A 677 36.16 15.28 -17.74
CA LEU A 677 35.22 15.73 -18.75
C LEU A 677 35.74 16.96 -19.47
N LEU A 678 36.27 17.92 -18.71
CA LEU A 678 36.74 19.15 -19.34
C LEU A 678 38.01 18.93 -20.13
N ALA A 679 38.89 18.06 -19.66
CA ALA A 679 40.09 17.74 -20.42
C ALA A 679 39.74 17.07 -21.74
N SER A 680 38.76 16.16 -21.73
CA SER A 680 38.33 15.54 -22.96
C SER A 680 37.68 16.56 -23.90
N ILE A 681 36.90 17.49 -23.35
CA ILE A 681 36.29 18.51 -24.19
C ILE A 681 37.34 19.41 -24.82
N LYS A 682 38.35 19.81 -24.04
CA LYS A 682 39.40 20.64 -24.58
C LYS A 682 40.16 19.93 -25.68
N ALA A 683 40.47 18.65 -25.47
CA ALA A 683 41.16 17.92 -26.52
C ALA A 683 40.28 17.73 -27.75
N PHE A 684 38.96 17.67 -27.56
CA PHE A 684 38.07 17.60 -28.72
C PHE A 684 38.08 18.90 -29.50
N ILE A 685 38.01 20.03 -28.80
CA ILE A 685 37.88 21.32 -29.48
C ILE A 685 39.15 21.66 -30.22
N SER A 686 40.31 21.41 -29.59
CA SER A 686 41.58 21.73 -30.21
C SER A 686 41.91 20.83 -31.39
N SER A 687 41.17 19.74 -31.58
CA SER A 687 41.40 18.89 -32.74
C SER A 687 40.97 19.63 -34.00
N PRO A 688 41.64 19.39 -35.13
CA PRO A 688 41.36 20.21 -36.31
C PRO A 688 39.99 19.97 -36.93
N ASP A 689 39.59 18.71 -37.15
CA ASP A 689 38.40 18.49 -37.96
C ASP A 689 37.39 17.51 -37.39
N ASN A 690 37.49 17.12 -36.12
CA ASN A 690 36.38 16.40 -35.52
C ASN A 690 35.22 17.35 -35.28
N ARG A 691 34.00 16.88 -35.48
CA ARG A 691 32.84 17.74 -35.53
C ARG A 691 31.69 17.35 -34.63
N TYR A 692 31.81 16.30 -33.83
CA TYR A 692 30.66 15.70 -33.18
C TYR A 692 31.15 14.92 -31.98
N MET A 693 31.04 15.50 -30.79
CA MET A 693 31.40 14.81 -29.58
C MET A 693 30.14 14.31 -28.89
N LEU A 694 30.30 13.28 -28.06
CA LEU A 694 29.23 12.80 -27.22
C LEU A 694 29.85 12.37 -25.90
N SER A 695 29.60 13.13 -24.86
CA SER A 695 29.97 12.74 -23.51
C SER A 695 28.95 11.75 -23.01
N LEU A 696 29.41 10.73 -22.31
CA LEU A 696 28.53 9.78 -21.64
C LEU A 696 28.90 9.78 -20.18
N LEU A 697 28.12 10.49 -19.39
CA LEU A 697 28.31 10.53 -17.95
C LEU A 697 27.30 9.61 -17.30
N ASN A 698 27.27 9.65 -15.97
CA ASN A 698 26.25 8.89 -15.26
C ASN A 698 25.08 9.79 -14.88
N ARG A 699 25.38 11.02 -14.49
CA ARG A 699 24.34 11.98 -14.16
C ARG A 699 23.96 12.80 -15.39
N THR A 700 22.73 13.30 -15.42
CA THR A 700 22.31 14.22 -16.45
C THR A 700 22.67 15.63 -16.05
N LEU A 701 23.11 16.42 -17.02
CA LEU A 701 23.44 17.81 -16.78
C LEU A 701 22.29 18.71 -17.18
N ASP A 702 21.14 18.48 -16.55
CA ASP A 702 19.95 19.26 -16.82
C ASP A 702 19.91 20.45 -15.87
N THR A 703 18.74 21.09 -15.77
CA THR A 703 18.63 22.35 -15.03
C THR A 703 18.82 22.18 -13.53
N THR A 704 18.84 20.94 -13.02
CA THR A 704 19.13 20.75 -11.60
C THR A 704 20.60 20.98 -11.28
N ARG A 705 21.47 20.96 -12.28
CA ARG A 705 22.88 21.24 -12.10
C ARG A 705 23.30 22.44 -12.94
N GLN A 706 22.50 23.50 -12.91
CA GLN A 706 22.74 24.63 -13.80
C GLN A 706 24.03 25.36 -13.48
N ASN A 707 24.43 25.34 -12.21
CA ASN A 707 25.64 26.04 -11.82
C ASN A 707 26.88 25.40 -12.42
N ILE A 708 26.85 24.09 -12.66
CA ILE A 708 27.97 23.44 -13.33
C ILE A 708 27.91 23.63 -14.83
N ASN A 709 26.69 23.66 -15.39
CA ASN A 709 26.56 23.83 -16.84
C ASN A 709 27.10 25.18 -17.28
N ASP A 710 26.94 26.21 -16.45
CA ASP A 710 27.45 27.52 -16.80
C ASP A 710 28.97 27.53 -16.82
N PHE A 711 29.59 26.85 -15.86
CA PHE A 711 31.04 26.76 -15.85
C PHE A 711 31.55 25.98 -17.05
N ILE A 712 30.92 24.84 -17.35
CA ILE A 712 31.28 24.05 -18.52
C ILE A 712 31.08 24.87 -19.78
N GLN A 713 29.98 25.62 -19.85
CA GLN A 713 29.76 26.48 -21.00
C GLN A 713 30.82 27.55 -21.11
N PHE A 714 31.24 28.12 -19.98
CA PHE A 714 32.29 29.12 -20.00
C PHE A 714 33.59 28.56 -20.54
N CYS A 715 33.96 27.36 -20.09
CA CYS A 715 35.18 26.73 -20.59
C CYS A 715 35.06 26.40 -22.07
N CYS A 716 33.91 25.92 -22.51
CA CYS A 716 33.72 25.61 -23.91
C CYS A 716 33.83 26.85 -24.78
N ASP A 717 33.27 27.98 -24.32
CA ASP A 717 33.38 29.21 -25.08
C ASP A 717 34.81 29.72 -25.11
N LYS A 718 35.53 29.58 -23.99
CA LYS A 718 36.92 29.98 -23.92
C LYS A 718 37.77 29.20 -24.91
N TRP A 719 37.57 27.89 -24.97
CA TRP A 719 38.35 27.07 -25.90
C TRP A 719 37.88 27.23 -27.34
N ALA A 720 36.61 27.56 -27.55
CA ALA A 720 36.15 27.85 -28.89
C ALA A 720 36.76 29.14 -29.41
N LYS A 721 36.95 30.11 -28.54
CA LYS A 721 37.65 31.33 -28.95
C LYS A 721 39.13 31.05 -29.19
N GLU A 722 39.75 30.27 -28.31
CA GLU A 722 41.20 30.05 -28.39
C GLU A 722 41.59 29.33 -29.67
N PHE A 723 40.83 28.30 -30.04
CA PHE A 723 41.14 27.49 -31.21
C PHE A 723 40.31 27.86 -32.43
N ASN A 724 39.44 28.86 -32.31
CA ASN A 724 38.78 29.49 -33.45
C ASN A 724 37.86 28.54 -34.20
N VAL A 725 37.07 27.76 -33.46
CA VAL A 725 35.98 26.97 -34.02
C VAL A 725 34.78 27.11 -33.13
N LYS A 726 33.63 27.45 -33.71
CA LYS A 726 32.44 27.62 -32.90
C LYS A 726 31.85 26.26 -32.53
N THR A 727 31.63 26.05 -31.24
CA THR A 727 31.11 24.78 -30.74
C THR A 727 29.76 25.02 -30.11
N LYS A 728 28.76 24.27 -30.55
CA LYS A 728 27.42 24.34 -29.98
C LYS A 728 27.23 23.20 -29.00
N THR A 729 27.12 23.52 -27.72
CA THR A 729 26.85 22.49 -26.73
C THR A 729 25.39 22.07 -26.77
N PHE A 730 25.10 20.94 -26.13
CA PHE A 730 23.75 20.42 -25.98
C PHE A 730 23.71 19.80 -24.59
N PHE A 731 23.27 20.55 -23.61
CA PHE A 731 23.20 19.99 -22.27
C PHE A 731 21.93 19.18 -22.10
N GLY A 732 21.94 18.32 -21.09
CA GLY A 732 20.74 17.64 -20.64
C GLY A 732 20.02 16.83 -21.70
N VAL A 733 20.75 16.03 -22.47
CA VAL A 733 20.07 15.17 -23.42
C VAL A 733 19.51 14.00 -22.64
N ASN A 734 18.23 14.10 -22.31
CA ASN A 734 17.56 13.20 -21.40
C ASN A 734 16.73 12.21 -22.18
N ALA A 735 16.03 11.32 -21.48
CA ALA A 735 14.92 10.64 -22.13
C ALA A 735 13.82 11.62 -22.46
N ASP A 736 13.49 12.49 -21.51
CA ASP A 736 12.48 13.51 -21.72
C ASP A 736 12.87 14.46 -22.83
N TRP A 737 14.13 14.91 -22.84
CA TRP A 737 14.56 15.85 -23.86
C TRP A 737 14.40 15.27 -25.24
N MET A 738 14.73 13.99 -25.40
CA MET A 738 14.63 13.36 -26.71
C MET A 738 13.19 13.06 -27.08
N ARG A 739 12.31 12.88 -26.09
CA ARG A 739 10.89 12.79 -26.41
C ARG A 739 10.32 14.14 -26.81
N LEU A 740 10.71 15.21 -26.10
CA LEU A 740 10.18 16.53 -26.42
C LEU A 740 10.86 17.13 -27.63
N VAL A 741 12.16 17.38 -27.53
CA VAL A 741 12.94 17.98 -28.61
C VAL A 741 13.64 16.83 -29.32
N GLY A 742 13.22 16.53 -30.54
CA GLY A 742 13.74 15.37 -31.24
C GLY A 742 15.24 15.40 -31.43
N TYR A 743 15.88 14.22 -31.48
CA TYR A 743 17.32 14.15 -31.62
C TYR A 743 17.78 14.70 -32.97
N ASP A 744 16.87 14.86 -33.92
CA ASP A 744 17.25 15.42 -35.22
C ASP A 744 17.58 16.90 -35.15
N GLU A 745 17.37 17.54 -34.01
CA GLU A 745 17.86 18.91 -33.84
C GLU A 745 19.37 18.96 -33.92
N ILE A 746 20.05 18.01 -33.26
CA ILE A 746 21.50 17.89 -33.41
C ILE A 746 21.84 17.54 -34.85
N SER A 747 21.07 16.63 -35.45
CA SER A 747 21.33 16.21 -36.83
C SER A 747 21.17 17.36 -37.80
N LYS A 748 20.11 18.16 -37.62
CA LYS A 748 19.90 19.33 -38.46
C LYS A 748 21.00 20.36 -38.27
N HIS A 749 21.44 20.54 -37.03
CA HIS A 749 22.51 21.49 -36.74
C HIS A 749 23.80 21.08 -37.43
N LEU A 750 24.12 19.78 -37.39
CA LEU A 750 25.33 19.32 -38.08
C LEU A 750 25.12 19.32 -39.59
N ASN A 751 23.87 19.28 -40.05
CA ASN A 751 23.59 19.32 -41.48
C ASN A 751 23.72 20.72 -42.05
N THR A 752 23.42 21.75 -41.26
CA THR A 752 23.35 23.11 -41.79
C THR A 752 24.43 24.06 -41.28
N GLU A 753 24.85 23.95 -40.02
CA GLU A 753 25.75 24.91 -39.41
C GLU A 753 27.20 24.49 -39.59
N LEU A 754 28.12 25.43 -39.42
CA LEU A 754 29.54 25.12 -39.39
C LEU A 754 30.04 25.08 -37.96
N GLY A 755 30.95 24.17 -37.67
CA GLY A 755 31.62 24.11 -36.38
C GLY A 755 31.35 22.81 -35.67
N LYS A 756 31.80 22.78 -34.42
CA LYS A 756 31.74 21.57 -33.63
C LYS A 756 30.47 21.53 -32.78
N VAL A 757 30.23 20.36 -32.19
CA VAL A 757 29.04 20.09 -31.41
C VAL A 757 29.43 19.18 -30.25
N VAL A 758 29.07 19.58 -29.04
CA VAL A 758 29.24 18.73 -27.87
C VAL A 758 27.85 18.31 -27.41
N VAL A 759 27.69 17.04 -27.08
CA VAL A 759 26.41 16.50 -26.62
C VAL A 759 26.67 15.84 -25.28
N PHE A 760 25.92 16.24 -24.28
CA PHE A 760 26.03 15.68 -22.94
C PHE A 760 24.87 14.74 -22.73
N SER A 761 25.15 13.50 -22.34
CA SER A 761 24.12 12.50 -22.19
C SER A 761 24.58 11.54 -21.10
N THR A 762 23.88 10.42 -20.99
CA THR A 762 24.25 9.36 -20.07
C THR A 762 24.18 8.03 -20.79
N TYR A 763 24.72 7.00 -20.15
CA TYR A 763 24.55 5.65 -20.67
C TYR A 763 23.09 5.25 -20.70
N ALA A 764 22.36 5.60 -19.64
CA ALA A 764 20.95 5.24 -19.54
C ALA A 764 20.13 5.92 -20.62
N SER A 765 20.47 7.16 -20.93
CA SER A 765 19.71 7.90 -21.94
C SER A 765 19.89 7.30 -23.32
N MET A 766 21.13 6.98 -23.69
CA MET A 766 21.38 6.48 -25.03
C MET A 766 21.13 4.98 -25.09
N GLY A 767 19.87 4.56 -25.00
CA GLY A 767 19.53 3.16 -25.06
C GLY A 767 19.48 2.65 -26.49
N ALA A 768 19.01 1.41 -26.61
CA ALA A 768 18.94 0.76 -27.91
C ALA A 768 17.84 1.38 -28.77
N GLY A 769 18.05 1.36 -30.07
CA GLY A 769 17.07 1.87 -31.02
C GLY A 769 17.21 3.33 -31.37
N LYS A 770 17.96 4.10 -30.59
CA LYS A 770 18.17 5.50 -30.94
C LYS A 770 19.32 5.61 -31.92
N ASN A 771 19.09 6.28 -33.04
CA ASN A 771 20.11 6.40 -34.06
C ASN A 771 20.70 7.79 -34.05
N PRO A 772 21.94 7.98 -33.61
CA PRO A 772 22.53 9.32 -33.59
C PRO A 772 23.25 9.73 -34.86
N ASP A 773 23.02 9.07 -35.99
CA ASP A 773 23.68 9.48 -37.22
C ASP A 773 22.96 10.67 -37.83
N TYR A 774 23.65 11.35 -38.74
CA TYR A 774 23.13 12.58 -39.32
C TYR A 774 23.33 12.55 -40.82
N ALA A 775 22.62 13.43 -41.51
CA ALA A 775 22.70 13.51 -42.97
C ALA A 775 23.85 14.41 -43.38
N VAL A 776 24.71 13.91 -44.27
CA VAL A 776 25.94 14.61 -44.61
C VAL A 776 25.67 15.69 -45.64
N ASN A 777 26.20 16.88 -45.38
CA ASN A 777 26.27 17.97 -46.36
C ASN A 777 27.75 18.18 -46.64
N LEU A 778 28.18 17.85 -47.85
CA LEU A 778 29.61 17.82 -48.15
C LEU A 778 30.25 19.20 -48.13
N ALA A 779 29.46 20.26 -48.20
CA ALA A 779 30.02 21.60 -48.15
C ALA A 779 30.60 21.92 -46.77
N LEU A 780 30.10 21.26 -45.73
CA LEU A 780 30.50 21.55 -44.37
C LEU A 780 31.54 20.58 -43.83
N GLU A 781 31.68 19.42 -44.44
CA GLU A 781 32.52 18.37 -43.88
C GLU A 781 34.00 18.53 -44.21
N GLY A 782 34.34 19.42 -45.13
CA GLY A 782 35.72 19.39 -45.52
C GLY A 782 35.98 18.15 -46.36
N GLU A 783 37.20 17.62 -46.23
CA GLU A 783 37.56 16.37 -46.87
C GLU A 783 37.86 15.27 -45.87
N SER A 784 37.26 15.34 -44.68
CA SER A 784 37.61 14.41 -43.62
C SER A 784 36.77 13.15 -43.61
N LEU A 785 35.75 13.07 -44.45
CA LEU A 785 34.91 11.89 -44.52
C LEU A 785 35.40 10.95 -45.62
N ILE A 786 35.53 9.67 -45.29
CA ILE A 786 35.86 8.66 -46.27
C ILE A 786 34.95 7.46 -46.07
N SER A 787 34.78 6.68 -47.13
CA SER A 787 33.88 5.53 -47.13
C SER A 787 34.69 4.27 -46.85
N VAL A 788 34.32 3.56 -45.80
CA VAL A 788 35.06 2.38 -45.36
C VAL A 788 34.44 1.10 -45.86
N ALA A 789 33.33 1.17 -46.59
CA ALA A 789 32.68 -0.01 -47.12
C ALA A 789 33.23 -0.32 -48.51
N ASP A 790 33.56 -1.59 -48.75
CA ASP A 790 34.11 -1.98 -50.04
C ASP A 790 33.12 -1.77 -51.17
N VAL A 791 31.85 -2.10 -50.94
CA VAL A 791 30.79 -1.89 -51.91
C VAL A 791 29.69 -1.10 -51.23
N THR A 792 29.33 0.04 -51.81
CA THR A 792 28.31 0.90 -51.24
C THR A 792 27.10 0.95 -52.15
N TYR A 793 25.92 0.91 -51.55
CA TYR A 793 24.66 0.97 -52.29
C TYR A 793 23.66 1.77 -51.47
N SER A 794 22.66 2.31 -52.16
CA SER A 794 21.65 3.22 -51.59
C SER A 794 22.29 4.42 -50.92
N THR A 795 22.93 5.30 -51.70
CA THR A 795 24.01 6.21 -51.27
C THR A 795 23.60 6.96 -50.01
N GLN A 796 22.64 7.90 -50.07
CA GLN A 796 22.08 8.63 -48.93
C GLN A 796 23.15 8.96 -47.89
N LEU A 797 24.09 9.84 -48.25
CA LEU A 797 25.27 10.04 -47.43
C LEU A 797 24.92 10.43 -46.00
N ARG A 798 25.33 9.58 -45.06
CA ARG A 798 25.15 9.83 -43.64
C ARG A 798 26.46 9.50 -42.93
N SER A 799 26.67 10.13 -41.78
CA SER A 799 27.84 9.87 -40.97
C SER A 799 27.43 9.85 -39.50
N ASP A 800 28.39 9.65 -38.61
CA ASP A 800 28.06 9.47 -37.20
C ASP A 800 29.13 10.11 -36.33
N ILE A 801 29.11 9.72 -35.06
CA ILE A 801 29.88 10.37 -34.01
C ILE A 801 31.36 10.13 -34.24
N ASP A 802 32.20 11.11 -33.86
CA ASP A 802 33.63 10.94 -34.03
C ASP A 802 34.48 11.33 -32.84
N SER A 803 33.87 11.69 -31.72
CA SER A 803 34.59 11.76 -30.46
C SER A 803 33.64 11.30 -29.39
N ILE A 804 34.18 10.74 -28.32
CA ILE A 804 33.34 10.24 -27.26
C ILE A 804 34.14 10.28 -25.97
N TYR A 805 33.48 10.64 -24.89
CA TYR A 805 34.03 10.53 -23.57
C TYR A 805 33.24 9.45 -22.85
N LEU A 806 33.94 8.56 -22.16
CA LEU A 806 33.32 7.45 -21.48
C LEU A 806 33.67 7.54 -20.01
N GLU A 807 32.69 7.86 -19.18
CA GLU A 807 32.89 7.83 -17.75
C GLU A 807 32.70 6.42 -17.24
N LYS A 808 33.24 6.14 -16.06
CA LYS A 808 33.11 4.82 -15.48
C LYS A 808 31.68 4.61 -15.01
N PRO A 809 30.97 3.59 -15.51
CA PRO A 809 29.57 3.42 -15.12
C PRO A 809 29.45 3.09 -13.65
N THR A 810 28.50 3.74 -12.97
CA THR A 810 28.53 3.69 -11.52
C THR A 810 27.53 2.74 -10.89
N GLN A 811 26.24 3.00 -11.06
CA GLN A 811 25.26 2.32 -10.23
C GLN A 811 24.73 1.12 -11.00
N LEU A 812 25.40 0.00 -10.81
CA LEU A 812 25.27 -1.17 -11.66
C LEU A 812 24.37 -2.25 -11.11
N LEU A 813 24.10 -2.25 -9.81
CA LEU A 813 23.07 -3.13 -9.30
C LEU A 813 21.72 -2.66 -9.79
N LEU A 814 20.92 -3.58 -10.31
CA LEU A 814 19.59 -3.24 -10.75
C LEU A 814 18.80 -2.65 -9.60
N SER A 815 18.17 -1.52 -9.84
CA SER A 815 17.33 -0.87 -8.85
C SER A 815 16.43 0.08 -9.59
N ASP A 816 15.16 -0.27 -9.69
CA ASP A 816 14.24 0.55 -10.46
C ASP A 816 13.70 1.74 -9.67
N ASP A 817 13.71 1.66 -8.35
CA ASP A 817 13.19 2.61 -7.35
C ASP A 817 11.70 2.88 -7.55
N TYR A 818 11.00 2.07 -8.33
CA TYR A 818 9.58 2.28 -8.56
C TYR A 818 8.78 1.89 -7.33
N SER A 819 7.47 1.93 -7.46
CA SER A 819 6.60 1.52 -6.36
C SER A 819 6.74 0.02 -6.07
N HIS A 820 6.78 -0.79 -7.12
CA HIS A 820 6.76 -2.24 -6.92
C HIS A 820 8.08 -2.76 -6.39
N THR A 821 9.12 -1.92 -6.37
CA THR A 821 10.41 -2.30 -5.82
C THR A 821 10.53 -1.99 -4.34
N ALA A 822 9.43 -1.75 -3.64
CA ALA A 822 9.49 -1.44 -2.22
C ALA A 822 9.73 -2.68 -1.37
N ASN A 823 9.49 -3.88 -1.91
CA ASN A 823 9.67 -5.10 -1.15
C ASN A 823 11.09 -5.64 -1.21
N GLN A 824 11.93 -5.07 -2.07
CA GLN A 824 13.34 -5.44 -2.26
C GLN A 824 13.51 -6.89 -2.69
N LEU A 825 12.55 -7.44 -3.43
CA LEU A 825 12.64 -8.83 -3.84
C LEU A 825 13.75 -9.02 -4.88
N CYS A 826 13.74 -8.20 -5.91
CA CYS A 826 14.78 -8.23 -6.92
C CYS A 826 16.11 -7.74 -6.40
N GLN A 827 16.21 -7.29 -5.15
CA GLN A 827 17.51 -7.03 -4.55
C GLN A 827 18.04 -8.25 -3.83
N PHE A 828 17.17 -9.22 -3.58
CA PHE A 828 17.64 -10.50 -3.07
C PHE A 828 17.95 -11.44 -4.23
N HIS A 829 17.22 -11.29 -5.34
CA HIS A 829 17.49 -12.05 -6.54
C HIS A 829 18.92 -11.86 -7.01
N GLN A 830 19.49 -10.69 -6.77
CA GLN A 830 20.85 -10.44 -7.22
C GLN A 830 21.85 -11.24 -6.40
N ILE A 831 21.73 -11.20 -5.07
CA ILE A 831 22.64 -11.94 -4.20
C ILE A 831 22.51 -13.43 -4.44
N LEU A 832 21.29 -13.91 -4.63
CA LEU A 832 21.08 -15.33 -4.86
C LEU A 832 21.48 -15.77 -6.25
N SER A 833 21.42 -14.88 -7.24
CA SER A 833 21.94 -15.23 -8.57
C SER A 833 23.45 -15.22 -8.58
N LEU A 834 24.06 -14.37 -7.77
CA LEU A 834 25.51 -14.38 -7.68
C LEU A 834 25.99 -15.64 -7.01
N GLN A 835 25.29 -16.09 -5.98
CA GLN A 835 25.66 -17.32 -5.28
C GLN A 835 25.48 -18.54 -6.16
N GLU A 836 24.45 -18.56 -7.01
CA GLU A 836 24.30 -19.61 -8.01
C GLU A 836 25.51 -19.72 -8.91
N ASN A 837 25.97 -18.60 -9.42
CA ASN A 837 27.13 -18.57 -10.30
C ASN A 837 28.40 -18.98 -9.58
N GLY A 838 28.49 -18.68 -8.29
CA GLY A 838 29.74 -18.81 -7.58
C GLY A 838 30.49 -17.52 -7.41
N GLU A 839 29.93 -16.41 -7.88
CA GLU A 839 30.59 -15.13 -7.72
C GLU A 839 30.73 -14.73 -6.27
N LEU A 840 29.88 -15.27 -5.41
CA LEU A 840 29.95 -15.03 -3.98
C LEU A 840 30.13 -16.35 -3.27
N SER A 841 30.89 -16.34 -2.18
CA SER A 841 30.88 -17.44 -1.26
C SER A 841 29.50 -17.53 -0.61
N PRO A 842 29.11 -18.71 -0.15
CA PRO A 842 27.82 -18.80 0.54
C PRO A 842 27.77 -17.95 1.79
N LYS A 843 28.92 -17.78 2.45
CA LYS A 843 29.01 -16.87 3.59
C LYS A 843 28.69 -15.44 3.20
N SER A 844 29.34 -14.94 2.14
CA SER A 844 29.11 -13.57 1.70
C SER A 844 27.69 -13.36 1.25
N ALA A 845 27.14 -14.33 0.50
CA ALA A 845 25.77 -14.19 0.02
C ALA A 845 24.78 -14.18 1.17
N GLU A 846 24.99 -15.02 2.17
CA GLU A 846 24.07 -15.03 3.30
C GLU A 846 24.19 -13.76 4.12
N ASN A 847 25.41 -13.25 4.32
CA ASN A 847 25.58 -12.01 5.05
C ASN A 847 24.94 -10.83 4.30
N TRP A 848 25.13 -10.77 2.98
CA TRP A 848 24.52 -9.71 2.19
C TRP A 848 23.00 -9.82 2.23
N CYS A 849 22.47 -11.05 2.20
CA CYS A 849 21.04 -11.25 2.35
C CYS A 849 20.55 -10.75 3.70
N ARG A 850 21.32 -10.99 4.75
CA ARG A 850 20.97 -10.49 6.08
C ARG A 850 20.92 -8.98 6.11
N GLN A 851 21.96 -8.34 5.59
CA GLN A 851 22.01 -6.88 5.63
C GLN A 851 20.92 -6.28 4.74
N GLN A 852 20.54 -6.97 3.68
CA GLN A 852 19.42 -6.50 2.87
C GLN A 852 18.10 -6.64 3.61
N LEU A 853 17.98 -7.65 4.46
CA LEU A 853 16.79 -7.74 5.31
C LEU A 853 16.77 -6.62 6.34
N MET A 854 17.91 -6.31 6.92
CA MET A 854 17.99 -5.33 8.00
C MET A 854 17.89 -3.91 7.53
N GLY A 855 17.74 -3.71 6.22
CA GLY A 855 17.74 -2.38 5.66
C GLY A 855 19.16 -2.00 5.33
N MET A 856 19.49 -1.90 4.05
CA MET A 856 20.84 -1.67 3.61
C MET A 856 20.91 -0.38 2.82
N SER A 857 21.97 0.38 3.04
CA SER A 857 22.21 1.55 2.22
C SER A 857 22.46 1.12 0.78
N ARG A 858 22.00 1.93 -0.17
CA ARG A 858 22.29 1.67 -1.57
C ARG A 858 23.79 1.69 -1.83
N GLU A 859 24.52 2.52 -1.08
CA GLU A 859 25.96 2.58 -1.29
C GLU A 859 26.62 1.26 -0.93
N ARG A 860 26.15 0.62 0.14
CA ARG A 860 26.81 -0.58 0.63
C ARG A 860 26.51 -1.78 -0.24
N SER A 861 25.32 -1.84 -0.84
CA SER A 861 25.02 -2.87 -1.82
C SER A 861 25.95 -2.77 -3.02
N LEU A 862 26.24 -1.54 -3.45
CA LEU A 862 27.19 -1.33 -4.52
C LEU A 862 28.57 -1.85 -4.15
N GLN A 863 29.00 -1.59 -2.92
CA GLN A 863 30.32 -2.07 -2.49
C GLN A 863 30.38 -3.59 -2.45
N GLN A 864 29.32 -4.23 -1.98
CA GLN A 864 29.24 -5.69 -2.07
C GLN A 864 29.29 -6.16 -3.51
N TYR A 865 28.69 -5.42 -4.43
CA TYR A 865 28.69 -5.85 -5.83
C TYR A 865 30.06 -5.67 -6.46
N HIS A 866 30.83 -4.69 -5.99
CA HIS A 866 32.07 -4.32 -6.67
C HIS A 866 33.13 -5.39 -6.61
N GLN A 867 33.05 -6.30 -5.66
CA GLN A 867 34.14 -7.24 -5.45
C GLN A 867 33.93 -8.54 -6.20
N THR A 868 32.85 -8.67 -6.94
CA THR A 868 32.68 -9.78 -7.85
C THR A 868 33.30 -9.46 -9.21
N SER A 869 33.64 -10.50 -9.94
CA SER A 869 34.06 -10.30 -11.32
C SER A 869 32.87 -10.16 -12.25
N ASP A 870 31.68 -10.51 -11.77
CA ASP A 870 30.46 -10.18 -12.47
C ASP A 870 30.33 -8.69 -12.63
N TYR A 871 30.80 -7.94 -11.63
CA TYR A 871 30.79 -6.49 -11.69
C TYR A 871 31.60 -5.97 -12.87
N GLN A 872 32.84 -6.44 -12.98
CA GLN A 872 33.70 -5.98 -14.06
C GLN A 872 33.18 -6.43 -15.42
N SER A 873 32.57 -7.61 -15.50
CA SER A 873 31.95 -7.97 -16.77
C SER A 873 30.78 -7.07 -17.11
N ALA A 874 30.05 -6.60 -16.10
CA ALA A 874 28.97 -5.65 -16.36
C ALA A 874 29.51 -4.30 -16.83
N VAL A 875 30.59 -3.83 -16.21
CA VAL A 875 31.22 -2.58 -16.63
C VAL A 875 31.66 -2.67 -18.08
N ARG A 876 32.35 -3.74 -18.44
CA ARG A 876 32.78 -3.92 -19.81
C ARG A 876 31.60 -4.11 -20.75
N LYS A 877 30.49 -4.64 -20.24
CA LYS A 877 29.31 -4.76 -21.08
C LYS A 877 28.71 -3.40 -21.36
N TYR A 878 28.81 -2.49 -20.41
CA TYR A 878 28.35 -1.13 -20.66
C TYR A 878 29.23 -0.43 -21.67
N ILE A 879 30.55 -0.51 -21.47
CA ILE A 879 31.49 0.17 -22.37
C ILE A 879 31.37 -0.40 -23.77
N GLU A 880 31.25 -1.72 -23.89
CA GLU A 880 31.12 -2.34 -25.20
C GLU A 880 29.83 -1.94 -25.89
N GLN A 881 28.78 -1.69 -25.13
CA GLN A 881 27.52 -1.29 -25.75
C GLN A 881 27.52 0.18 -26.10
N ALA A 882 28.25 0.99 -25.33
CA ALA A 882 28.32 2.42 -25.61
C ALA A 882 28.93 2.67 -26.98
N VAL A 883 30.17 2.23 -27.18
CA VAL A 883 30.86 2.49 -28.44
C VAL A 883 30.22 1.71 -29.58
N GLY A 884 29.45 0.68 -29.28
CA GLY A 884 28.81 -0.08 -30.33
C GLY A 884 27.64 0.67 -30.96
N ARG A 885 26.90 1.42 -30.15
CA ARG A 885 25.72 2.11 -30.67
C ARG A 885 26.10 3.37 -31.42
N ALA A 886 27.34 3.81 -31.30
CA ALA A 886 27.78 5.04 -31.94
C ALA A 886 28.37 4.82 -33.32
N GLY A 887 28.30 3.61 -33.87
CA GLY A 887 28.99 3.27 -35.11
C GLY A 887 28.12 2.80 -36.25
N ARG A 888 27.05 3.51 -36.56
CA ARG A 888 25.98 2.96 -37.39
C ARG A 888 26.04 3.32 -38.88
N THR A 889 27.15 3.86 -39.39
CA THR A 889 27.26 4.14 -40.81
C THR A 889 28.62 3.70 -41.33
N SER A 890 28.84 3.91 -42.62
CA SER A 890 30.08 3.56 -43.28
C SER A 890 30.86 4.76 -43.80
N LEU A 891 30.45 5.98 -43.44
CA LEU A 891 31.26 7.17 -43.67
C LEU A 891 31.89 7.58 -42.34
N LYS A 892 33.21 7.71 -42.34
CA LYS A 892 33.96 7.90 -41.10
C LYS A 892 34.92 9.07 -41.25
N ARG A 893 35.33 9.63 -40.11
CA ARG A 893 36.43 10.59 -40.12
C ARG A 893 37.74 9.88 -40.43
N LYS A 894 38.77 10.67 -40.71
CA LYS A 894 40.10 10.10 -40.79
C LYS A 894 40.72 9.88 -39.42
N GLN A 895 40.11 10.42 -38.37
CA GLN A 895 40.57 10.16 -37.01
C GLN A 895 39.37 10.15 -36.09
N ILE A 896 39.34 9.20 -35.17
CA ILE A 896 38.28 9.10 -34.19
C ILE A 896 38.92 9.08 -32.81
N LEU A 897 38.48 9.98 -31.95
CA LEU A 897 39.05 10.13 -30.62
C LEU A 897 38.15 9.44 -29.62
N LEU A 898 38.74 8.71 -28.69
CA LEU A 898 38.00 8.08 -27.62
C LEU A 898 38.68 8.46 -26.31
N PHE A 899 38.02 9.26 -25.50
CA PHE A 899 38.55 9.69 -24.23
C PHE A 899 37.88 8.86 -23.15
N VAL A 900 38.68 8.28 -22.27
CA VAL A 900 38.19 7.27 -21.33
C VAL A 900 38.58 7.69 -19.93
N ASP A 901 37.65 7.55 -19.00
CA ASP A 901 37.96 7.66 -17.59
C ASP A 901 39.07 6.68 -17.23
N SER A 902 40.05 7.13 -16.46
CA SER A 902 41.17 6.25 -16.12
C SER A 902 40.76 5.19 -15.12
N GLY A 903 39.63 5.35 -14.43
CA GLY A 903 39.12 4.29 -13.61
C GLY A 903 38.66 3.09 -14.41
N LEU A 904 38.48 3.26 -15.71
CA LEU A 904 38.12 2.17 -16.60
C LEU A 904 39.32 1.45 -17.18
N LYS A 905 40.54 1.88 -16.85
CA LYS A 905 41.70 1.32 -17.52
C LYS A 905 41.96 -0.11 -17.10
N GLU A 906 42.03 -0.34 -15.79
CA GLU A 906 42.30 -1.68 -15.29
C GLU A 906 41.18 -2.65 -15.64
N ILE A 907 39.94 -2.17 -15.60
CA ILE A 907 38.80 -3.01 -15.92
C ILE A 907 38.82 -3.43 -17.38
N LEU A 908 39.22 -2.53 -18.27
CA LEU A 908 39.26 -2.90 -19.68
C LEU A 908 40.53 -3.67 -20.00
N ALA A 909 41.52 -3.62 -19.12
CA ALA A 909 42.76 -4.34 -19.34
C ALA A 909 42.58 -5.84 -19.25
N GLU A 910 41.46 -6.29 -18.69
CA GLU A 910 41.24 -7.69 -18.40
C GLU A 910 40.21 -8.33 -19.30
N GLU A 911 39.77 -7.63 -20.34
CA GLU A 911 38.90 -8.26 -21.33
C GLU A 911 39.69 -9.32 -22.08
N SER A 912 39.34 -10.57 -21.86
CA SER A 912 40.12 -11.65 -22.45
C SER A 912 39.28 -12.64 -23.24
N ARG A 913 38.08 -12.29 -23.67
CA ARG A 913 37.30 -13.20 -24.47
C ARG A 913 37.80 -13.21 -25.92
N ASP A 914 37.05 -13.90 -26.77
CA ASP A 914 37.44 -14.04 -28.16
C ASP A 914 37.08 -12.80 -28.95
N PRO A 915 38.04 -12.11 -29.56
CA PRO A 915 37.74 -10.83 -30.20
C PRO A 915 37.16 -10.94 -31.59
N SER A 916 36.67 -12.11 -32.00
CA SER A 916 36.27 -12.28 -33.38
C SER A 916 35.04 -11.47 -33.74
N LEU A 917 34.19 -11.16 -32.77
CA LEU A 917 32.97 -10.40 -33.04
C LEU A 917 32.95 -9.04 -32.36
N PHE A 918 34.06 -8.59 -31.80
CA PHE A 918 34.09 -7.26 -31.21
C PHE A 918 33.98 -6.19 -32.28
N SER A 919 33.44 -5.04 -31.90
CA SER A 919 33.51 -3.87 -32.74
C SER A 919 34.92 -3.32 -32.73
N HIS A 920 35.25 -2.55 -33.77
CA HIS A 920 36.61 -2.02 -33.91
C HIS A 920 36.97 -1.08 -32.77
N GLU A 921 36.03 -0.25 -32.35
CA GLU A 921 36.29 0.69 -31.26
C GLU A 921 36.54 -0.03 -29.95
N TYR A 922 35.83 -1.12 -29.70
CA TYR A 922 36.05 -1.86 -28.47
C TYR A 922 37.41 -2.55 -28.49
N VAL A 923 37.82 -3.08 -29.64
CA VAL A 923 39.15 -3.65 -29.75
C VAL A 923 40.20 -2.60 -29.47
N ALA A 924 40.01 -1.39 -30.03
CA ALA A 924 40.97 -0.32 -29.80
C ALA A 924 41.06 0.05 -28.33
N LEU A 925 39.90 0.16 -27.66
CA LEU A 925 39.89 0.46 -26.23
C LEU A 925 40.63 -0.60 -25.44
N VAL A 926 40.35 -1.87 -25.72
CA VAL A 926 40.95 -2.96 -24.97
C VAL A 926 42.46 -2.99 -25.19
N ASN A 927 42.89 -2.86 -26.45
CA ASN A 927 44.31 -2.92 -26.76
C ASN A 927 45.06 -1.77 -26.13
N LYS A 928 44.50 -0.56 -26.17
CA LYS A 928 45.16 0.57 -25.52
C LYS A 928 45.23 0.37 -24.02
N ALA A 929 44.17 -0.20 -23.43
CA ALA A 929 44.19 -0.47 -22.00
C ALA A 929 45.26 -1.48 -21.64
N LYS A 930 45.38 -2.54 -22.44
CA LYS A 930 46.30 -3.63 -22.11
C LYS A 930 47.75 -3.22 -22.27
N SER A 931 48.04 -2.36 -23.25
CA SER A 931 49.42 -2.05 -23.62
C SER A 931 50.22 -1.44 -22.48
N ALA A 932 49.56 -0.90 -21.47
CA ALA A 932 50.23 -0.40 -20.29
C ALA A 932 50.49 -1.48 -19.25
N GLY A 933 50.10 -2.72 -19.54
CA GLY A 933 50.31 -3.81 -18.61
C GLY A 933 51.74 -4.32 -18.60
N GLU A 938 44.54 -13.01 -11.44
CA GLU A 938 43.55 -13.71 -10.63
C GLU A 938 42.48 -14.32 -11.51
N ASP A 939 42.36 -15.65 -11.46
CA ASP A 939 41.41 -16.34 -12.34
C ASP A 939 40.03 -16.29 -11.72
N ARG A 940 39.01 -16.25 -12.59
CA ARG A 940 37.63 -16.25 -12.14
C ARG A 940 37.06 -17.65 -11.99
N ALA A 941 37.44 -18.59 -12.86
CA ALA A 941 36.94 -19.94 -12.74
C ALA A 941 37.46 -20.64 -11.49
N VAL A 942 38.66 -20.29 -11.03
CA VAL A 942 39.21 -20.88 -9.83
C VAL A 942 38.41 -20.45 -8.60
N ARG A 943 38.15 -19.15 -8.49
CA ARG A 943 37.34 -18.64 -7.38
C ARG A 943 35.93 -19.20 -7.45
N ARG A 944 35.41 -19.36 -8.66
CA ARG A 944 34.12 -20.00 -8.84
C ARG A 944 34.14 -21.43 -8.31
N LEU A 945 35.23 -22.16 -8.55
CA LEU A 945 35.34 -23.52 -8.07
C LEU A 945 35.33 -23.57 -6.54
N PHE A 946 36.09 -22.68 -5.90
CA PHE A 946 36.08 -22.64 -4.44
C PHE A 946 34.69 -22.35 -3.89
N ASN A 947 34.05 -21.31 -4.41
CA ASN A 947 32.74 -20.93 -3.90
C ASN A 947 31.72 -22.03 -4.15
N LEU A 948 31.73 -22.64 -5.33
CA LEU A 948 30.75 -23.67 -5.61
C LEU A 948 31.01 -24.92 -4.82
N ALA A 949 32.26 -25.17 -4.43
CA ALA A 949 32.53 -26.25 -3.49
C ALA A 949 31.83 -25.99 -2.17
N GLN A 950 32.01 -24.79 -1.61
CA GLN A 950 31.33 -24.46 -0.37
C GLN A 950 29.81 -24.50 -0.52
N ARG A 951 29.28 -24.05 -1.66
CA ARG A 951 27.85 -23.96 -1.82
C ARG A 951 27.21 -25.33 -1.98
N ASN A 952 27.82 -26.21 -2.79
CA ASN A 952 27.32 -27.57 -2.90
C ASN A 952 27.46 -28.31 -1.58
N ASN A 953 28.48 -28.00 -0.79
CA ASN A 953 28.60 -28.59 0.53
C ASN A 953 27.45 -28.16 1.42
N LYS A 954 27.35 -26.85 1.67
CA LYS A 954 26.34 -26.32 2.59
C LYS A 954 24.92 -26.64 2.12
N ASP A 955 24.72 -26.79 0.82
CA ASP A 955 23.41 -27.20 0.32
C ASP A 955 23.08 -28.62 0.74
N GLY A 956 23.99 -29.56 0.52
CA GLY A 956 23.76 -30.92 0.99
C GLY A 956 23.77 -31.01 2.50
N MET A 957 24.58 -30.18 3.15
CA MET A 957 24.68 -30.22 4.60
C MET A 957 23.35 -29.85 5.26
N LEU A 958 22.67 -28.84 4.72
CA LEU A 958 21.41 -28.41 5.30
C LEU A 958 20.23 -29.22 4.81
N SER A 959 20.38 -29.91 3.69
CA SER A 959 19.27 -30.68 3.15
C SER A 959 19.25 -32.09 3.72
N ILE A 960 20.41 -32.62 4.06
CA ILE A 960 20.47 -33.90 4.76
C ILE A 960 19.88 -33.77 6.15
N LYS A 961 20.18 -32.65 6.82
CA LYS A 961 19.66 -32.42 8.17
C LYS A 961 18.14 -32.37 8.18
N ALA A 962 17.55 -31.70 7.20
CA ALA A 962 16.10 -31.65 7.11
C ALA A 962 15.51 -33.02 6.82
N LEU A 963 16.16 -33.77 5.94
CA LEU A 963 15.66 -35.10 5.58
C LEU A 963 15.69 -36.04 6.77
N VAL A 964 16.79 -35.99 7.54
CA VAL A 964 16.90 -36.84 8.72
C VAL A 964 15.90 -36.41 9.79
N HIS A 965 15.70 -35.10 9.93
CA HIS A 965 14.71 -34.60 10.89
C HIS A 965 13.31 -35.05 10.50
N ARG A 966 13.01 -35.12 9.20
CA ARG A 966 11.71 -35.60 8.77
C ARG A 966 11.58 -37.11 8.96
N LEU A 967 12.67 -37.85 8.74
CA LEU A 967 12.62 -39.29 8.99
C LEU A 967 12.43 -39.60 10.47
N HIS A 968 13.06 -38.81 11.35
CA HIS A 968 12.88 -39.01 12.78
C HIS A 968 11.54 -38.51 13.28
N ASN A 969 10.79 -37.79 12.44
CA ASN A 969 9.41 -37.43 12.75
C ASN A 969 8.51 -38.56 12.28
N GLN A 970 8.03 -39.34 13.24
CA GLN A 970 7.22 -40.50 12.92
C GLN A 970 5.79 -40.07 12.59
N PRO A 971 5.18 -40.68 11.57
CA PRO A 971 5.75 -41.70 10.70
C PRO A 971 6.62 -41.11 9.59
N ALA A 972 7.58 -41.91 9.11
CA ALA A 972 8.42 -41.48 8.00
C ALA A 972 7.66 -41.65 6.70
N SER A 973 7.48 -40.56 5.96
CA SER A 973 6.76 -40.61 4.70
C SER A 973 7.51 -41.45 3.68
N LYS A 974 6.75 -42.07 2.78
CA LYS A 974 7.32 -43.01 1.82
C LYS A 974 8.30 -42.28 0.89
N SER A 975 7.96 -41.05 0.50
CA SER A 975 8.83 -40.29 -0.39
C SER A 975 10.18 -40.00 0.26
N ASP A 976 10.17 -39.72 1.57
CA ASP A 976 11.43 -39.47 2.27
C ASP A 976 12.31 -40.70 2.30
N ILE A 977 11.73 -41.87 2.56
CA ILE A 977 12.49 -43.11 2.56
C ILE A 977 13.04 -43.38 1.17
N GLN A 978 12.22 -43.14 0.14
CA GLN A 978 12.67 -43.36 -1.22
C GLN A 978 13.82 -42.43 -1.58
N GLU A 979 13.75 -41.17 -1.15
CA GLU A 979 14.83 -40.23 -1.45
C GLU A 979 16.10 -40.62 -0.72
N TRP A 980 15.97 -41.06 0.53
CA TRP A 980 17.13 -41.53 1.30
C TRP A 980 17.82 -42.69 0.58
N GLN A 981 17.03 -43.68 0.17
CA GLN A 981 17.59 -44.82 -0.55
C GLN A 981 18.19 -44.40 -1.88
N ASP A 982 17.56 -43.44 -2.57
CA ASP A 982 18.08 -42.98 -3.86
C ASP A 982 19.44 -42.31 -3.68
N ILE A 983 19.57 -41.48 -2.65
CA ILE A 983 20.83 -40.81 -2.39
C ILE A 983 21.93 -41.82 -2.11
N ARG A 984 21.64 -42.79 -1.23
CA ARG A 984 22.66 -43.77 -0.89
C ARG A 984 23.02 -44.64 -2.08
N THR A 985 22.03 -45.02 -2.90
CA THR A 985 22.31 -45.83 -4.08
C THR A 985 23.14 -45.06 -5.09
N GLN A 986 22.83 -43.78 -5.28
CA GLN A 986 23.61 -42.96 -6.20
C GLN A 986 25.05 -42.83 -5.75
N LEU A 987 25.26 -42.60 -4.45
CA LEU A 987 26.62 -42.44 -3.97
C LEU A 987 27.39 -43.75 -4.02
N LEU A 988 26.71 -44.87 -3.78
CA LEU A 988 27.37 -46.17 -3.87
C LEU A 988 27.76 -46.49 -5.30
N ARG A 989 26.86 -46.25 -6.26
CA ARG A 989 27.16 -46.57 -7.65
C ARG A 989 28.16 -45.58 -8.24
N TYR A 990 28.01 -44.29 -7.97
CA TYR A 990 28.81 -43.26 -8.62
C TYR A 990 29.43 -42.34 -7.57
N PRO A 991 30.50 -42.79 -6.93
CA PRO A 991 31.23 -41.89 -6.03
C PRO A 991 31.80 -40.70 -6.75
N THR A 992 32.24 -40.88 -7.98
CA THR A 992 32.66 -39.80 -8.85
C THR A 992 31.98 -39.99 -10.20
N VAL A 993 31.71 -38.89 -10.88
CA VAL A 993 31.07 -38.92 -12.18
C VAL A 993 31.91 -38.10 -13.16
N ALA A 994 31.93 -38.54 -14.41
CA ALA A 994 32.78 -37.90 -15.41
C ALA A 994 32.28 -36.51 -15.78
N PHE A 995 30.99 -36.39 -16.08
CA PHE A 995 30.40 -35.10 -16.43
C PHE A 995 29.54 -34.60 -15.29
N GLN A 996 29.26 -33.31 -15.31
CA GLN A 996 28.42 -32.68 -14.31
C GLN A 996 27.04 -33.32 -14.34
N PRO A 997 26.65 -34.06 -13.30
CA PRO A 997 25.39 -34.81 -13.34
C PRO A 997 24.19 -33.87 -13.37
N GLU A 998 23.12 -34.33 -13.99
CA GLU A 998 21.90 -33.54 -14.00
C GLU A 998 21.08 -33.78 -12.74
N ARG A 999 20.68 -35.02 -12.50
CA ARG A 999 19.66 -35.31 -11.49
C ARG A 999 20.19 -35.26 -10.06
N PHE A 1000 21.47 -35.51 -9.84
CA PHE A 1000 21.99 -35.48 -8.47
C PHE A 1000 23.09 -34.44 -8.34
N ASN A 1001 22.89 -33.25 -8.90
CA ASN A 1001 24.00 -32.36 -9.16
C ASN A 1001 24.65 -31.84 -7.89
N ARG A 1002 23.95 -31.87 -6.76
CA ARG A 1002 24.47 -31.29 -5.53
C ARG A 1002 24.88 -32.33 -4.51
N LEU A 1003 25.00 -33.59 -4.90
CA LEU A 1003 25.78 -34.52 -4.11
C LEU A 1003 27.26 -34.38 -4.39
N TYR A 1004 27.62 -33.65 -5.44
CA TYR A 1004 28.98 -33.62 -5.94
C TYR A 1004 29.51 -32.19 -5.95
N LEU A 1005 30.82 -32.09 -6.06
CA LEU A 1005 31.49 -30.83 -6.32
C LEU A 1005 32.55 -31.08 -7.39
N GLN A 1006 32.87 -30.04 -8.15
CA GLN A 1006 33.94 -30.14 -9.11
C GLN A 1006 35.25 -29.85 -8.40
N SER A 1007 36.13 -30.83 -8.39
CA SER A 1007 37.41 -30.71 -7.71
C SER A 1007 38.48 -30.22 -8.68
N MET A 1008 39.50 -29.56 -8.15
CA MET A 1008 40.59 -29.16 -9.02
C MET A 1008 41.53 -30.31 -9.32
N THR A 1009 41.50 -31.36 -8.50
CA THR A 1009 42.30 -32.56 -8.71
C THR A 1009 41.36 -33.74 -8.85
N LYS A 1010 41.62 -34.60 -9.83
CA LYS A 1010 40.67 -35.65 -10.15
C LYS A 1010 40.67 -36.76 -9.10
N GLY A 1011 39.48 -37.07 -8.59
CA GLY A 1011 39.31 -38.21 -7.71
C GLY A 1011 39.49 -37.94 -6.23
N TYR A 1012 39.98 -36.76 -5.84
CA TYR A 1012 40.25 -36.49 -4.44
C TYR A 1012 40.35 -34.99 -4.22
N TYR A 1013 40.24 -34.59 -2.96
CA TYR A 1013 40.42 -33.20 -2.57
C TYR A 1013 40.53 -33.12 -1.05
N ARG A 1014 41.27 -32.12 -0.59
CA ARG A 1014 41.37 -31.85 0.84
C ARG A 1014 40.40 -30.75 1.22
N TYR A 1015 39.86 -30.86 2.43
CA TYR A 1015 38.91 -29.87 2.91
C TYR A 1015 39.09 -29.72 4.40
N GLN A 1016 38.76 -28.55 4.90
CA GLN A 1016 38.72 -28.30 6.33
C GLN A 1016 37.39 -27.69 6.70
N GLY A 1017 36.75 -28.24 7.71
CA GLY A 1017 35.48 -27.72 8.15
C GLY A 1017 34.79 -28.62 9.15
N ASN A 1018 34.19 -28.03 10.17
CA ASN A 1018 33.50 -28.79 11.21
C ASN A 1018 32.19 -29.32 10.65
N LEU A 1019 32.09 -30.64 10.49
CA LEU A 1019 30.93 -31.22 9.81
C LEU A 1019 29.63 -31.02 10.58
N ASP A 1020 29.70 -30.74 11.87
CA ASP A 1020 28.52 -30.37 12.64
C ASP A 1020 28.64 -28.98 13.23
N GLY A 1021 29.42 -28.10 12.60
CA GLY A 1021 29.47 -26.71 12.98
C GLY A 1021 28.86 -25.83 11.91
N ASP A 1022 29.43 -24.65 11.71
CA ASP A 1022 28.88 -23.69 10.78
C ASP A 1022 29.29 -24.03 9.36
N PRO A 1023 28.34 -24.17 8.42
CA PRO A 1023 28.72 -24.50 7.03
C PRO A 1023 29.34 -23.35 6.26
N ASN A 1024 29.35 -22.14 6.81
CA ASN A 1024 30.01 -21.05 6.11
C ASN A 1024 31.52 -21.14 6.19
N SER A 1025 32.04 -21.84 7.19
CA SER A 1025 33.47 -21.84 7.45
C SER A 1025 34.17 -23.06 6.90
N PHE A 1026 33.61 -23.71 5.90
CA PHE A 1026 34.34 -24.75 5.19
C PHE A 1026 35.31 -24.12 4.19
N GLU A 1027 36.54 -24.59 4.21
CA GLU A 1027 37.44 -24.36 3.08
C GLU A 1027 37.69 -25.69 2.40
N PHE A 1028 38.53 -25.64 1.38
CA PHE A 1028 38.59 -26.67 0.37
C PHE A 1028 40.00 -26.75 -0.16
N PHE A 1029 40.11 -27.01 -1.46
CA PHE A 1029 41.34 -27.27 -2.21
C PHE A 1029 42.38 -26.21 -1.86
N ASP A 1030 43.62 -26.38 -2.32
CA ASP A 1030 44.90 -26.12 -1.67
C ASP A 1030 44.96 -24.88 -0.77
N ARG A 1031 43.94 -24.02 -0.72
CA ARG A 1031 43.80 -23.12 0.43
C ARG A 1031 43.99 -23.84 1.76
N VAL A 1032 43.56 -25.10 1.85
CA VAL A 1032 43.88 -25.96 2.97
C VAL A 1032 44.92 -26.99 2.53
N PRO A 1033 46.19 -26.81 2.86
CA PRO A 1033 47.16 -27.87 2.55
C PRO A 1033 47.05 -29.05 3.49
N TYR A 1034 46.85 -28.80 4.79
CA TYR A 1034 46.77 -29.85 5.80
C TYR A 1034 45.37 -29.84 6.38
N GLY A 1035 44.63 -30.92 6.16
CA GLY A 1035 43.32 -31.04 6.76
C GLY A 1035 42.77 -32.42 6.48
N ASP A 1036 41.46 -32.55 6.58
CA ASP A 1036 40.82 -33.79 6.17
C ASP A 1036 40.91 -33.94 4.66
N MET A 1037 40.56 -35.13 4.17
CA MET A 1037 40.72 -35.42 2.76
C MET A 1037 39.69 -36.46 2.33
N VAL A 1038 39.06 -36.19 1.19
CA VAL A 1038 38.05 -37.07 0.62
C VAL A 1038 38.68 -37.80 -0.54
N SER A 1039 38.83 -39.11 -0.42
CA SER A 1039 39.46 -39.91 -1.44
C SER A 1039 39.00 -41.35 -1.29
N GLU A 1040 39.39 -42.18 -2.26
CA GLU A 1040 39.04 -43.59 -2.20
C GLU A 1040 39.73 -44.28 -1.02
N GLU A 1041 40.94 -43.86 -0.70
CA GLU A 1041 41.68 -44.47 0.39
C GLU A 1041 41.02 -44.21 1.75
N ASP A 1042 40.48 -43.00 1.94
CA ASP A 1042 40.03 -42.60 3.26
C ASP A 1042 38.73 -43.28 3.69
N CYS A 1043 38.01 -43.93 2.78
CA CYS A 1043 36.81 -44.67 3.16
C CYS A 1043 37.08 -46.15 3.31
N SER A 1044 38.33 -46.59 3.12
CA SER A 1044 38.73 -47.99 3.18
C SER A 1044 37.92 -48.86 2.23
N LEU A 1045 37.65 -48.36 1.03
CA LEU A 1045 36.90 -49.14 0.05
C LEU A 1045 37.73 -50.30 -0.48
N ALA A 1046 39.04 -50.08 -0.62
CA ALA A 1046 39.91 -51.15 -1.12
C ALA A 1046 39.95 -52.33 -0.16
N THR A 1047 40.05 -52.07 1.14
CA THR A 1047 40.00 -53.15 2.12
C THR A 1047 38.64 -53.84 2.10
N LEU A 1048 37.57 -53.06 1.99
CA LEU A 1048 36.24 -53.62 1.92
C LEU A 1048 36.06 -54.53 0.70
N VAL A 1049 36.60 -54.12 -0.45
CA VAL A 1049 36.36 -54.86 -1.69
C VAL A 1049 37.24 -56.09 -1.80
N GLN A 1050 38.30 -56.20 -0.99
CA GLN A 1050 39.14 -57.39 -1.02
C GLN A 1050 38.47 -58.58 -0.36
N ASN A 1051 37.45 -58.36 0.46
CA ASN A 1051 36.79 -59.46 1.15
C ASN A 1051 36.03 -60.33 0.16
N GLN A 1052 36.08 -61.65 0.38
CA GLN A 1052 35.51 -62.59 -0.57
C GLN A 1052 33.99 -62.64 -0.52
N TYR A 1053 33.38 -62.06 0.51
CA TYR A 1053 31.92 -62.01 0.55
C TYR A 1053 31.39 -60.69 0.03
N VAL A 1054 32.10 -59.60 0.33
CA VAL A 1054 31.63 -58.26 -0.04
C VAL A 1054 31.72 -58.07 -1.55
N ARG A 1055 32.83 -58.48 -2.15
CA ARG A 1055 33.08 -58.19 -3.57
C ARG A 1055 32.04 -58.76 -4.52
N PRO A 1056 31.59 -60.03 -4.38
CA PRO A 1056 30.48 -60.46 -5.24
C PRO A 1056 29.23 -59.65 -5.05
N TRP A 1057 28.93 -59.23 -3.82
CA TRP A 1057 27.77 -58.39 -3.56
C TRP A 1057 27.89 -57.05 -4.27
N PHE A 1058 29.07 -56.43 -4.21
CA PHE A 1058 29.27 -55.14 -4.85
C PHE A 1058 29.19 -55.25 -6.36
N GLU A 1059 29.79 -56.31 -6.92
CA GLU A 1059 29.75 -56.48 -8.36
C GLU A 1059 28.36 -56.85 -8.86
N ARG A 1060 27.58 -57.53 -8.02
CA ARG A 1060 26.21 -57.86 -8.38
C ARG A 1060 25.31 -56.62 -8.32
N LYS A 1061 25.46 -55.83 -7.26
CA LYS A 1061 24.62 -54.66 -7.07
C LYS A 1061 24.99 -53.52 -8.01
N GLY A 1062 26.15 -53.58 -8.64
CA GLY A 1062 26.60 -52.49 -9.48
C GLY A 1062 27.33 -51.39 -8.76
N PHE A 1063 27.63 -51.58 -7.47
CA PHE A 1063 28.36 -50.58 -6.71
C PHE A 1063 29.79 -50.50 -7.19
N ALA A 1064 30.39 -49.33 -7.04
CA ALA A 1064 31.74 -49.11 -7.52
C ALA A 1064 32.74 -49.79 -6.60
N CYS A 1065 33.61 -50.60 -7.18
CA CYS A 1065 34.70 -51.21 -6.42
C CYS A 1065 35.88 -50.25 -6.25
N SER A 1066 35.92 -49.18 -7.02
CA SER A 1066 36.98 -48.18 -6.90
C SER A 1066 36.44 -46.87 -7.44
N TRP A 1067 37.15 -45.78 -7.14
CA TRP A 1067 36.74 -44.46 -7.59
C TRP A 1067 37.37 -44.13 -8.92
N GLN A 1068 36.55 -43.79 -9.90
CA GLN A 1068 37.07 -43.27 -11.16
C GLN A 1068 37.71 -41.91 -10.92
N LYS A 1069 38.83 -41.66 -11.60
CA LYS A 1069 39.55 -40.41 -11.43
C LYS A 1069 38.85 -39.34 -12.27
N GLU A 1070 37.79 -38.76 -11.70
CA GLU A 1070 36.98 -37.77 -12.38
C GLU A 1070 37.01 -36.45 -11.61
N ALA A 1071 36.52 -35.40 -12.26
CA ALA A 1071 36.54 -34.08 -11.66
C ALA A 1071 35.44 -33.91 -10.61
N ASN A 1072 34.28 -34.54 -10.82
CA ASN A 1072 33.17 -34.39 -9.91
C ASN A 1072 33.22 -35.46 -8.84
N VAL A 1073 33.46 -35.04 -7.60
CA VAL A 1073 33.58 -35.94 -6.45
C VAL A 1073 32.50 -35.53 -5.44
N MET A 1074 32.08 -36.49 -4.61
CA MET A 1074 31.05 -36.22 -3.61
C MET A 1074 31.50 -35.14 -2.63
N THR A 1075 30.55 -34.38 -2.11
CA THR A 1075 30.87 -33.34 -1.15
C THR A 1075 31.28 -33.96 0.19
N PRO A 1076 31.98 -33.21 1.05
CA PRO A 1076 32.41 -33.77 2.34
C PRO A 1076 31.28 -34.27 3.20
N ILE A 1077 30.11 -33.63 3.16
CA ILE A 1077 28.98 -34.09 3.96
C ILE A 1077 28.52 -35.46 3.48
N MET A 1078 28.49 -35.67 2.17
CA MET A 1078 28.08 -36.97 1.63
C MET A 1078 29.07 -38.05 2.03
N PHE A 1079 30.36 -37.77 1.90
CA PHE A 1079 31.41 -38.74 2.20
C PHE A 1079 31.35 -39.19 3.65
N THR A 1080 31.32 -38.23 4.57
CA THR A 1080 31.37 -38.55 5.98
C THR A 1080 30.06 -39.12 6.49
N ASN A 1081 28.92 -38.56 6.07
CA ASN A 1081 27.68 -38.91 6.72
C ASN A 1081 26.86 -39.97 5.99
N ILE A 1082 27.08 -40.20 4.70
CA ILE A 1082 26.22 -41.08 3.93
C ILE A 1082 27.02 -42.20 3.27
N TYR A 1083 28.13 -41.87 2.62
CA TYR A 1083 28.86 -42.88 1.86
C TYR A 1083 29.45 -43.95 2.77
N LYS A 1084 30.07 -43.53 3.88
CA LYS A 1084 30.68 -44.50 4.78
C LYS A 1084 29.64 -45.36 5.46
N GLY A 1085 28.53 -44.76 5.88
CA GLY A 1085 27.46 -45.54 6.49
C GLY A 1085 26.85 -46.54 5.52
N ALA A 1086 26.66 -46.10 4.27
CA ALA A 1086 26.14 -47.02 3.25
C ALA A 1086 27.11 -48.14 2.96
N LEU A 1087 28.41 -47.84 2.91
CA LEU A 1087 29.40 -48.88 2.72
C LEU A 1087 29.36 -49.89 3.84
N GLY A 1088 29.28 -49.41 5.09
CA GLY A 1088 29.22 -50.32 6.21
C GLY A 1088 27.98 -51.19 6.21
N GLU A 1089 26.82 -50.59 5.92
CA GLU A 1089 25.58 -51.36 5.87
C GLU A 1089 25.63 -52.42 4.78
N GLN A 1090 26.13 -52.05 3.60
CA GLN A 1090 26.18 -53.01 2.51
C GLN A 1090 27.17 -54.12 2.78
N ALA A 1091 28.29 -53.80 3.43
CA ALA A 1091 29.26 -54.84 3.76
C ALA A 1091 28.70 -55.82 4.78
N VAL A 1092 28.02 -55.30 5.81
CA VAL A 1092 27.44 -56.16 6.84
C VAL A 1092 26.37 -57.05 6.23
N GLU A 1093 25.50 -56.47 5.42
CA GLU A 1093 24.47 -57.26 4.76
C GLU A 1093 25.08 -58.28 3.81
N ALA A 1094 26.17 -57.93 3.14
CA ALA A 1094 26.82 -58.85 2.22
C ALA A 1094 27.36 -60.07 2.96
N VAL A 1095 28.01 -59.85 4.10
CA VAL A 1095 28.57 -60.99 4.82
C VAL A 1095 27.47 -61.82 5.44
N LEU A 1096 26.54 -61.18 6.15
CA LEU A 1096 25.60 -61.93 6.97
C LEU A 1096 24.55 -62.63 6.14
N THR A 1097 24.26 -62.16 4.92
CA THR A 1097 23.27 -62.84 4.10
C THR A 1097 23.76 -64.20 3.65
N ALA A 1098 25.07 -64.39 3.56
CA ALA A 1098 25.62 -65.69 3.17
C ALA A 1098 25.77 -66.63 4.35
N PHE A 1099 25.54 -66.15 5.57
CA PHE A 1099 25.50 -67.00 6.76
C PHE A 1099 24.06 -67.20 7.22
N ASP A 1100 23.15 -67.34 6.25
CA ASP A 1100 21.76 -67.76 6.45
C ASP A 1100 20.94 -66.73 7.22
N PHE A 1101 21.31 -65.46 7.16
CA PHE A 1101 20.43 -64.41 7.66
C PHE A 1101 19.57 -63.87 6.53
N THR A 1102 18.35 -63.49 6.87
CA THR A 1102 17.43 -62.89 5.91
C THR A 1102 17.14 -61.46 6.34
N PHE A 1103 17.18 -60.55 5.37
CA PHE A 1103 17.15 -59.12 5.61
C PHE A 1103 15.88 -58.53 5.03
N GLU A 1104 15.10 -57.85 5.87
CA GLU A 1104 13.95 -57.10 5.39
C GLU A 1104 13.84 -55.78 6.13
N GLU A 1105 13.05 -54.87 5.56
CA GLU A 1105 13.12 -53.46 5.90
C GLU A 1105 12.52 -53.14 7.27
N VAL A 1106 13.18 -52.24 7.98
CA VAL A 1106 12.71 -51.63 9.23
C VAL A 1106 11.49 -50.76 8.93
N PRO A 1107 10.36 -50.95 9.62
CA PRO A 1107 9.14 -50.25 9.19
C PRO A 1107 9.08 -48.80 9.65
N ASN A 1108 8.08 -48.09 9.13
CA ASN A 1108 8.08 -46.64 9.15
C ASN A 1108 7.94 -46.05 10.55
N SER A 1109 7.53 -46.85 11.53
CA SER A 1109 7.35 -46.33 12.88
C SER A 1109 8.66 -45.85 13.50
N ILE A 1110 9.74 -46.61 13.34
CA ILE A 1110 11.04 -46.24 13.89
C ILE A 1110 12.14 -46.33 12.84
N TYR A 1111 11.80 -45.98 11.60
CA TYR A 1111 12.75 -46.02 10.50
C TYR A 1111 13.97 -45.15 10.77
N GLU A 1112 15.12 -45.60 10.24
CA GLU A 1112 16.42 -44.92 10.29
C GLU A 1112 17.06 -44.96 11.67
N ARG A 1113 16.33 -45.39 12.69
CA ARG A 1113 16.96 -45.66 13.98
C ARG A 1113 17.81 -46.92 13.93
N PHE A 1114 17.37 -47.94 13.20
CA PHE A 1114 18.16 -49.13 12.95
C PHE A 1114 18.13 -49.44 11.45
N ASP A 1115 19.26 -49.92 10.97
CA ASP A 1115 19.45 -50.10 9.52
C ASP A 1115 18.55 -51.18 8.95
N ASN A 1116 18.44 -52.33 9.62
CA ASN A 1116 17.71 -53.44 9.04
C ASN A 1116 17.23 -54.36 10.14
N ARG A 1117 16.02 -54.88 9.96
CA ARG A 1117 15.54 -56.02 10.70
C ARG A 1117 16.18 -57.27 10.12
N VAL A 1118 16.69 -58.14 10.97
CA VAL A 1118 17.33 -59.37 10.52
C VAL A 1118 16.54 -60.54 11.08
N ILE A 1119 16.38 -61.57 10.25
CA ILE A 1119 15.64 -62.77 10.62
C ILE A 1119 16.49 -63.97 10.29
N PHE A 1120 16.83 -64.75 11.31
CA PHE A 1120 17.57 -65.98 11.11
C PHE A 1120 16.62 -67.16 11.04
N ALA A 1121 16.98 -68.15 10.23
CA ALA A 1121 16.13 -69.32 10.06
C ALA A 1121 16.13 -70.15 11.34
N GLY A 1122 14.95 -70.33 11.93
CA GLY A 1122 14.82 -71.13 13.13
C GLY A 1122 14.74 -70.35 14.42
N ILE A 1123 14.95 -69.04 14.41
CA ILE A 1123 14.82 -68.19 15.58
C ILE A 1123 13.68 -67.23 15.33
N GLU A 1124 12.75 -67.15 16.29
CA GLU A 1124 11.54 -66.35 16.12
C GLU A 1124 11.54 -65.09 16.95
N GLN A 1125 12.55 -64.87 17.77
CA GLN A 1125 12.70 -63.60 18.47
C GLN A 1125 13.02 -62.51 17.46
N PRO A 1126 12.32 -61.36 17.48
CA PRO A 1126 12.62 -60.30 16.52
C PRO A 1126 13.97 -59.67 16.78
N ILE A 1127 14.79 -59.56 15.74
CA ILE A 1127 16.15 -59.07 15.85
C ILE A 1127 16.28 -57.78 15.04
N TRP A 1128 17.15 -56.88 15.50
CA TRP A 1128 17.37 -55.59 14.86
C TRP A 1128 18.86 -55.35 14.70
N LEU A 1129 19.23 -54.57 13.69
CA LEU A 1129 20.62 -54.37 13.34
C LEU A 1129 20.93 -52.88 13.25
N ASP A 1130 22.07 -52.50 13.81
CA ASP A 1130 22.64 -51.16 13.67
C ASP A 1130 24.11 -51.31 13.31
N SER A 1131 24.51 -50.70 12.20
CA SER A 1131 25.87 -50.86 11.67
C SER A 1131 26.51 -49.48 11.55
N LYS A 1132 27.80 -49.41 11.80
CA LYS A 1132 28.55 -48.17 11.68
C LYS A 1132 29.73 -48.34 10.71
N SER A 1142 25.10 -43.36 25.62
CA SER A 1142 24.51 -44.65 25.97
C SER A 1142 23.03 -44.49 26.30
N GLU A 1143 22.67 -43.36 26.91
CA GLU A 1143 21.28 -43.13 27.28
C GLU A 1143 20.41 -42.92 26.05
N GLY A 1144 20.96 -42.32 25.00
CA GLY A 1144 20.24 -42.20 23.74
C GLY A 1144 19.96 -43.55 23.11
N TYR A 1145 20.97 -44.42 23.16
CA TYR A 1145 20.78 -45.78 22.67
C TYR A 1145 19.74 -46.53 23.50
N SER A 1146 19.75 -46.33 24.82
CA SER A 1146 18.73 -46.95 25.66
C SER A 1146 17.34 -46.38 25.38
N SER A 1147 17.27 -45.10 25.05
CA SER A 1147 16.01 -44.50 24.65
C SER A 1147 15.49 -45.13 23.36
N LYS A 1148 16.38 -45.35 22.38
CA LYS A 1148 15.99 -46.07 21.18
C LYS A 1148 15.55 -47.49 21.51
N ILE A 1149 16.23 -48.12 22.48
CA ILE A 1149 15.87 -49.46 22.92
C ILE A 1149 14.44 -49.47 23.43
N ALA A 1150 14.12 -48.51 24.30
CA ALA A 1150 12.77 -48.42 24.86
C ALA A 1150 11.75 -48.13 23.77
N LEU A 1151 12.11 -47.27 22.82
CA LEU A 1151 11.18 -46.93 21.75
C LEU A 1151 10.84 -48.13 20.90
N VAL A 1152 11.83 -48.95 20.55
CA VAL A 1152 11.55 -50.12 19.73
C VAL A 1152 10.79 -51.18 20.53
N GLU A 1153 11.23 -51.43 21.77
CA GLU A 1153 10.61 -52.50 22.55
C GLU A 1153 9.22 -52.12 23.02
N GLU A 1154 8.89 -50.82 23.04
CA GLU A 1154 7.53 -50.41 23.36
C GLU A 1154 6.55 -50.87 22.29
N GLU A 1155 6.96 -50.86 21.03
CA GLU A 1155 6.10 -51.27 19.93
C GLU A 1155 6.19 -52.76 19.62
N PHE A 1156 7.38 -53.35 19.75
CA PHE A 1156 7.57 -54.73 19.30
C PHE A 1156 7.94 -55.69 20.42
N GLY A 1157 7.77 -55.30 21.68
CA GLY A 1157 8.04 -56.18 22.79
C GLY A 1157 9.51 -56.46 22.95
N PRO A 1158 9.84 -57.56 23.62
CA PRO A 1158 11.24 -57.96 23.74
C PRO A 1158 11.85 -58.25 22.38
N SER A 1159 13.11 -57.81 22.20
CA SER A 1159 13.79 -57.97 20.93
C SER A 1159 15.29 -57.99 21.16
N LYS A 1160 16.01 -58.50 20.16
CA LYS A 1160 17.46 -58.40 20.12
C LYS A 1160 17.91 -57.27 19.20
N PHE A 1161 18.91 -56.53 19.67
CA PHE A 1161 19.49 -55.41 18.95
C PHE A 1161 20.97 -55.71 18.75
N ILE A 1162 21.48 -55.46 17.55
CA ILE A 1162 22.87 -55.74 17.22
C ILE A 1162 23.55 -54.43 16.84
N TYR A 1163 24.66 -54.14 17.50
CA TYR A 1163 25.54 -53.04 17.14
C TYR A 1163 26.83 -53.65 16.60
N VAL A 1164 27.16 -53.35 15.35
CA VAL A 1164 28.30 -53.98 14.70
C VAL A 1164 29.02 -52.95 13.85
N ASN A 1165 30.34 -53.01 13.87
CA ASN A 1165 31.17 -52.22 12.98
C ASN A 1165 31.74 -53.14 11.91
N ALA A 1166 31.64 -52.73 10.65
CA ALA A 1166 32.11 -53.56 9.56
C ALA A 1166 33.62 -53.73 9.60
N LEU A 1167 34.35 -52.68 9.94
CA LEU A 1167 35.80 -52.69 9.91
C LEU A 1167 36.37 -52.44 11.29
N GLY A 1168 37.56 -52.98 11.53
CA GLY A 1168 38.23 -52.82 12.80
C GLY A 1168 39.12 -54.00 13.10
N ASP A 1169 39.59 -54.06 14.35
CA ASP A 1169 40.42 -55.16 14.81
C ASP A 1169 39.52 -56.31 15.24
N THR A 1170 39.65 -57.45 14.56
CA THR A 1170 38.85 -58.62 14.87
C THR A 1170 39.28 -59.31 16.15
N SER A 1171 40.50 -59.07 16.63
CA SER A 1171 40.98 -59.76 17.82
C SER A 1171 40.34 -59.23 19.09
N LYS A 1172 39.82 -58.02 19.09
CA LYS A 1172 39.24 -57.45 20.29
C LYS A 1172 37.92 -58.17 20.56
N PRO A 1173 37.61 -58.49 21.83
CA PRO A 1173 36.53 -59.43 22.12
C PRO A 1173 35.14 -58.83 21.96
N ILE A 1174 34.17 -59.72 21.78
CA ILE A 1174 32.77 -59.33 21.65
C ILE A 1174 32.23 -58.92 23.02
N ARG A 1175 31.46 -57.84 23.04
CA ARG A 1175 30.98 -57.24 24.28
C ARG A 1175 29.46 -57.39 24.35
N TYR A 1176 28.97 -57.86 25.50
CA TYR A 1176 27.56 -58.16 25.70
C TYR A 1176 27.00 -57.20 26.73
N LEU A 1177 25.95 -56.46 26.35
CA LEU A 1177 25.40 -55.42 27.21
C LEU A 1177 23.91 -55.64 27.42
N ASN A 1178 23.37 -55.02 28.46
CA ASN A 1178 21.95 -55.13 28.76
C ASN A 1178 21.17 -54.01 28.08
N SER A 1179 19.90 -53.88 28.47
CA SER A 1179 19.07 -52.80 27.94
C SER A 1179 19.58 -51.43 28.37
N CYS A 1180 20.23 -51.35 29.53
CA CYS A 1180 20.80 -50.09 30.00
C CYS A 1180 22.21 -49.86 29.50
N PHE A 1181 22.69 -50.69 28.56
CA PHE A 1181 24.07 -50.64 28.06
C PHE A 1181 25.08 -50.78 29.18
N VAL A 1182 24.89 -51.80 30.01
CA VAL A 1182 25.85 -52.21 31.03
C VAL A 1182 26.22 -53.66 30.74
N GLU A 1183 27.50 -53.99 30.92
CA GLU A 1183 27.98 -55.33 30.62
C GLU A 1183 27.30 -56.37 31.52
N THR A 1184 27.03 -57.54 30.95
CA THR A 1184 26.35 -58.60 31.67
C THR A 1184 26.68 -59.93 31.01
N SER A 1185 26.04 -60.99 31.50
CA SER A 1185 26.25 -62.31 30.96
C SER A 1185 25.62 -62.42 29.57
N PRO A 1186 26.12 -63.32 28.72
CA PRO A 1186 25.49 -63.53 27.41
C PRO A 1186 24.03 -63.91 27.48
N GLN A 1187 23.64 -64.72 28.47
CA GLN A 1187 22.24 -65.12 28.57
C GLN A 1187 21.35 -63.95 28.99
N LEU A 1188 21.89 -63.00 29.75
CA LEU A 1188 21.10 -61.87 30.21
C LEU A 1188 21.25 -60.64 29.33
N ALA A 1189 22.09 -60.69 28.29
CA ALA A 1189 22.31 -59.52 27.46
C ALA A 1189 21.14 -59.29 26.53
N LYS A 1190 20.88 -58.01 26.22
CA LYS A 1190 19.87 -57.66 25.22
C LYS A 1190 20.48 -57.15 23.93
N VAL A 1191 21.72 -56.67 23.96
CA VAL A 1191 22.41 -56.18 22.78
C VAL A 1191 23.77 -56.85 22.71
N ILE A 1192 24.19 -57.24 21.51
CA ILE A 1192 25.53 -57.74 21.27
C ILE A 1192 26.30 -56.68 20.48
N GLU A 1193 27.51 -56.38 20.91
CA GLU A 1193 28.33 -55.37 20.25
C GLU A 1193 29.51 -56.06 19.58
N ILE A 1194 29.37 -56.33 18.29
CA ILE A 1194 30.44 -56.96 17.51
C ILE A 1194 31.39 -55.85 17.08
N PRO A 1195 32.63 -55.83 17.55
CA PRO A 1195 33.50 -54.67 17.32
C PRO A 1195 34.03 -54.60 15.90
N ALA A 1196 34.17 -55.73 15.23
CA ALA A 1196 34.80 -55.74 13.91
C ALA A 1196 34.35 -56.99 13.18
N LEU A 1197 33.60 -56.80 12.11
CA LEU A 1197 33.11 -57.91 11.31
C LEU A 1197 34.11 -58.33 10.25
N ILE A 1198 34.88 -57.40 9.71
CA ILE A 1198 35.86 -57.68 8.67
C ILE A 1198 37.22 -57.20 9.17
N ASP A 1199 38.24 -58.03 9.02
CA ASP A 1199 39.58 -57.68 9.47
C ASP A 1199 40.13 -56.54 8.63
N ASP A 1200 40.59 -55.48 9.29
CA ASP A 1200 41.02 -54.28 8.58
C ASP A 1200 42.37 -54.46 7.88
N SER A 1201 43.12 -55.51 8.20
CA SER A 1201 44.43 -55.69 7.59
C SER A 1201 44.35 -56.50 6.30
N ASN A 1202 43.51 -57.52 6.27
CA ASN A 1202 43.50 -58.43 5.13
C ASN A 1202 42.11 -58.86 4.69
N ALA A 1203 41.04 -58.28 5.22
CA ALA A 1203 39.66 -58.43 4.74
C ALA A 1203 39.13 -59.85 4.88
N ASP A 1204 39.66 -60.66 5.79
CA ASP A 1204 39.04 -61.96 6.03
C ASP A 1204 37.81 -61.79 6.90
N THR A 1205 36.84 -62.68 6.74
CA THR A 1205 35.65 -62.63 7.56
C THR A 1205 35.98 -62.99 9.00
N ASN A 1206 35.37 -62.27 9.94
CA ASN A 1206 35.51 -62.59 11.36
C ASN A 1206 34.53 -63.72 11.68
N ARG A 1207 34.93 -64.94 11.28
CA ARG A 1207 34.06 -66.09 11.41
C ARG A 1207 33.77 -66.42 12.87
N THR A 1208 34.77 -66.24 13.74
CA THR A 1208 34.60 -66.54 15.15
C THR A 1208 33.52 -65.66 15.77
N ALA A 1209 33.52 -64.36 15.44
CA ALA A 1209 32.53 -63.45 15.99
C ALA A 1209 31.13 -63.81 15.52
N VAL A 1210 30.97 -64.15 14.24
CA VAL A 1210 29.64 -64.48 13.73
C VAL A 1210 29.15 -65.79 14.34
N GLN A 1211 30.07 -66.75 14.50
CA GLN A 1211 29.70 -68.01 15.12
C GLN A 1211 29.28 -67.80 16.58
N GLU A 1212 29.99 -66.93 17.29
CA GLU A 1212 29.58 -66.62 18.66
C GLU A 1212 28.22 -65.92 18.69
N LEU A 1213 27.96 -65.05 17.72
CA LEU A 1213 26.67 -64.39 17.64
C LEU A 1213 25.54 -65.40 17.43
N ILE A 1214 25.75 -66.35 16.52
CA ILE A 1214 24.69 -67.31 16.25
C ILE A 1214 24.56 -68.29 17.42
N LYS A 1215 25.67 -68.52 18.14
CA LYS A 1215 25.59 -69.29 19.37
C LYS A 1215 24.73 -68.58 20.41
N TRP A 1216 24.85 -67.25 20.50
CA TRP A 1216 23.97 -66.55 21.42
C TRP A 1216 22.54 -66.71 20.95
N LEU A 1217 22.31 -66.50 19.66
CA LEU A 1217 20.96 -66.53 19.10
C LEU A 1217 20.30 -67.88 19.31
N HIS A 1218 21.09 -68.95 19.40
CA HIS A 1218 20.50 -70.24 19.75
C HIS A 1218 20.13 -70.31 21.23
N HIS A 1219 20.80 -69.51 22.07
CA HIS A 1219 20.48 -69.48 23.49
C HIS A 1219 19.30 -68.58 23.82
N SER A 1220 18.62 -68.04 22.81
CA SER A 1220 17.50 -67.13 23.03
C SER A 1220 16.32 -67.85 23.66
N GLN D 11 62.57 32.20 18.44
CA GLN D 11 62.48 32.09 19.89
C GLN D 11 61.83 30.77 20.28
N GLY D 12 60.62 30.53 19.76
CA GLY D 12 59.89 29.34 20.09
C GLY D 12 58.63 29.21 19.25
N PRO D 13 57.69 28.39 19.69
CA PRO D 13 56.44 28.24 18.95
C PRO D 13 55.61 29.50 18.98
N LEU D 14 54.74 29.65 18.00
CA LEU D 14 53.95 30.85 17.84
C LEU D 14 52.57 30.68 18.46
N SER D 15 52.09 31.76 19.07
CA SER D 15 50.82 31.73 19.78
C SER D 15 49.97 32.91 19.33
N THR D 16 48.70 32.89 19.71
CA THR D 16 47.82 34.01 19.43
C THR D 16 47.96 35.14 20.43
N LEU D 17 48.76 34.97 21.46
CA LEU D 17 49.07 36.09 22.34
C LEU D 17 49.82 37.15 21.55
N ILE D 18 49.49 38.40 21.80
CA ILE D 18 50.04 39.51 21.03
C ILE D 18 51.24 40.08 21.76
N GLU D 19 52.36 40.18 21.05
CA GLU D 19 53.57 40.75 21.63
C GLU D 19 53.55 42.26 21.56
N GLN D 20 53.28 42.82 20.39
CA GLN D 20 53.30 44.25 20.19
C GLN D 20 52.27 44.66 19.17
N ILE D 21 51.53 45.72 19.47
CA ILE D 21 50.67 46.40 18.53
C ILE D 21 51.27 47.77 18.29
N SER D 22 51.77 48.00 17.09
CA SER D 22 52.44 49.25 16.76
C SER D 22 51.54 50.04 15.83
N ILE D 23 51.11 51.21 16.27
CA ILE D 23 50.25 52.09 15.49
C ILE D 23 50.89 53.46 15.45
N ASP D 24 50.99 54.05 14.26
CA ASP D 24 51.42 55.43 14.13
C ASP D 24 50.25 56.31 14.53
N THR D 25 50.25 56.77 15.78
CA THR D 25 49.12 57.54 16.29
C THR D 25 48.98 58.88 15.61
N ASP D 26 50.08 59.50 15.20
CA ASP D 26 49.98 60.75 14.46
C ASP D 26 49.42 60.53 13.07
N TRP D 27 49.50 59.32 12.54
CA TRP D 27 48.87 59.03 11.27
C TRP D 27 47.35 59.01 11.40
N VAL D 28 46.83 58.57 12.53
CA VAL D 28 45.42 58.67 12.81
C VAL D 28 45.15 59.87 13.73
N ARG D 30 45.35 62.05 11.40
CA ARG D 30 45.27 62.67 10.09
C ARG D 30 44.16 62.05 9.26
N SER D 31 44.02 60.73 9.36
CA SER D 31 43.07 60.02 8.51
C SER D 31 41.71 59.84 9.15
N PHE D 32 41.61 59.96 10.47
CA PHE D 32 40.35 59.73 11.16
C PHE D 32 40.17 60.77 12.25
N ALA D 33 38.93 60.92 12.69
CA ALA D 33 38.59 61.73 13.85
C ALA D 33 37.97 60.84 14.91
N ILE D 34 38.44 60.96 16.14
CA ILE D 34 38.00 60.11 17.23
C ILE D 34 37.30 60.97 18.27
N TYR D 35 36.10 60.57 18.66
CA TYR D 35 35.33 61.25 19.68
C TYR D 35 35.11 60.32 20.87
N CYS D 36 35.05 60.91 22.06
CA CYS D 36 34.75 60.18 23.27
C CYS D 36 33.32 60.50 23.69
N VAL D 37 32.46 59.50 23.64
CA VAL D 37 31.07 59.64 24.05
C VAL D 37 30.97 59.16 25.50
N SER D 38 30.69 60.09 26.40
CA SER D 38 30.65 59.80 27.83
C SER D 38 29.21 59.81 28.30
N TYR D 39 28.78 58.70 28.91
CA TYR D 39 27.44 58.60 29.48
C TYR D 39 27.44 58.83 30.98
N LYS D 40 28.34 59.68 31.46
CA LYS D 40 28.40 60.00 32.87
C LYS D 40 27.25 60.94 33.23
N GLY D 41 27.05 61.11 34.54
CA GLY D 41 26.01 62.00 35.03
C GLY D 41 24.70 61.29 35.30
N ILE D 42 24.22 60.49 34.35
CA ILE D 42 22.95 59.81 34.53
C ILE D 42 23.11 58.71 35.57
N ASP D 43 22.03 58.45 36.31
CA ASP D 43 22.06 57.53 37.44
C ASP D 43 22.25 56.09 36.98
N PHE D 44 22.78 55.27 37.89
CA PHE D 44 22.93 53.84 37.61
C PHE D 44 21.61 53.16 37.31
N SER D 45 20.51 53.63 37.92
CA SER D 45 19.20 53.13 37.53
C SER D 45 18.84 53.54 36.12
N GLU D 46 19.29 54.72 35.69
CA GLU D 46 19.03 55.17 34.32
C GLU D 46 19.91 54.46 33.31
N ARG D 47 20.94 53.76 33.76
CA ARG D 47 21.87 53.09 32.85
C ARG D 47 21.21 52.03 31.97
N PRO D 48 20.43 51.06 32.48
CA PRO D 48 19.74 50.15 31.56
C PRO D 48 18.70 50.85 30.70
N LYS D 49 18.16 51.97 31.16
CA LYS D 49 17.16 52.70 30.38
C LYS D 49 17.76 53.40 29.18
N ARG D 50 19.02 53.85 29.27
CA ARG D 50 19.58 54.75 28.27
C ARG D 50 21.01 54.37 27.91
N LEU D 51 21.27 53.07 27.73
CA LEU D 51 22.58 52.67 27.24
C LEU D 51 22.46 51.56 26.19
N VAL D 52 21.33 50.85 26.18
CA VAL D 52 21.13 49.81 25.18
C VAL D 52 20.96 50.42 23.80
N THR D 53 20.44 51.63 23.72
CA THR D 53 20.33 52.33 22.44
C THR D 53 21.41 53.37 22.24
N LEU D 54 22.32 53.56 23.20
CA LEU D 54 23.37 54.54 23.04
C LEU D 54 24.28 54.21 21.87
N ALA D 55 24.62 52.93 21.71
CA ALA D 55 25.36 52.51 20.53
C ALA D 55 24.56 52.78 19.27
N SER D 56 23.25 52.51 19.30
CA SER D 56 22.44 52.71 18.11
C SER D 56 22.14 54.18 17.87
N GLU D 57 22.00 54.97 18.94
CA GLU D 57 21.83 56.41 18.75
C GLU D 57 23.09 57.04 18.17
N THR D 58 24.26 56.55 18.58
CA THR D 58 25.50 57.01 17.98
C THR D 58 25.56 56.58 16.52
N TYR D 59 25.09 55.37 16.22
CA TYR D 59 25.11 54.90 14.83
C TYR D 59 24.21 55.75 13.95
N LYS D 60 23.03 56.12 14.44
CA LYS D 60 22.09 56.87 13.62
C LYS D 60 22.51 58.32 13.46
N SER D 61 23.53 58.76 14.19
CA SER D 61 23.90 60.17 14.17
C SER D 61 24.54 60.61 12.87
N GLY D 62 25.35 59.78 12.24
CA GLY D 62 26.01 60.21 11.02
C GLY D 62 26.96 59.15 10.50
N SER D 63 28.09 59.63 9.99
CA SER D 63 29.05 58.79 9.29
C SER D 63 30.05 58.12 10.23
N VAL D 64 29.59 57.18 11.05
CA VAL D 64 30.48 56.51 11.99
C VAL D 64 31.07 55.28 11.32
N TYR D 65 32.37 55.08 11.47
CA TYR D 65 32.98 53.83 11.03
C TYR D 65 32.61 52.71 11.98
N CYS D 66 32.95 52.85 13.26
CA CYS D 66 32.68 51.86 14.28
C CYS D 66 32.87 52.52 15.63
N LEU D 67 32.42 51.85 16.69
CA LEU D 67 32.69 52.31 18.04
C LEU D 67 33.08 51.13 18.91
N VAL D 68 33.86 51.43 19.94
CA VAL D 68 34.34 50.44 20.88
C VAL D 68 34.07 50.93 22.28
N LYS D 69 33.45 50.08 23.09
CA LYS D 69 33.17 50.41 24.48
C LYS D 69 34.46 50.46 25.27
N GLY D 70 34.65 51.55 26.01
CA GLY D 70 35.92 51.76 26.69
C GLY D 70 36.07 50.85 27.90
N ALA D 71 37.16 51.10 28.64
CA ALA D 71 37.36 50.41 29.90
C ALA D 71 36.24 50.78 30.87
N ASN D 72 35.85 49.79 31.69
CA ASN D 72 34.66 49.93 32.52
C ASN D 72 34.74 51.10 33.48
N LYS D 73 35.93 51.34 34.05
CA LYS D 73 36.10 52.50 34.92
C LYS D 73 36.06 53.82 34.16
N GLU D 74 36.50 53.83 32.90
CA GLU D 74 36.41 55.04 32.10
C GLU D 74 34.98 55.39 31.73
N ALA D 75 34.13 54.38 31.50
CA ALA D 75 32.70 54.57 31.27
C ALA D 75 32.42 55.46 30.05
N CYS D 76 32.95 55.07 28.89
CA CYS D 76 32.82 55.88 27.69
C CYS D 76 32.90 54.99 26.45
N TYR D 77 32.43 55.55 25.34
CA TYR D 77 32.55 54.94 24.03
C TYR D 77 33.56 55.74 23.20
N TRP D 78 34.49 55.04 22.56
CA TRP D 78 35.37 55.65 21.57
C TRP D 78 34.78 55.41 20.21
N VAL D 79 34.62 56.48 19.43
CA VAL D 79 33.94 56.44 18.15
C VAL D 79 34.90 56.89 17.07
N LEU D 80 34.96 56.13 15.97
CA LEU D 80 35.88 56.40 14.87
C LEU D 80 35.11 56.95 13.68
N LEU D 81 35.55 58.08 13.17
CA LEU D 81 34.88 58.78 12.09
C LEU D 81 35.90 59.21 11.05
N PRO D 82 35.46 59.55 9.84
CA PRO D 82 36.37 60.18 8.89
C PRO D 82 36.89 61.52 9.41
N LYS D 83 37.94 62.02 8.77
CA LYS D 83 38.69 63.14 9.32
C LYS D 83 37.84 64.40 9.43
N ASP D 84 37.08 64.71 8.38
CA ASP D 84 36.29 65.93 8.39
C ASP D 84 34.94 65.76 9.06
N SER D 85 34.52 64.54 9.34
CA SER D 85 33.20 64.29 9.89
C SER D 85 33.13 64.76 11.34
N LYS D 86 31.94 65.18 11.74
CA LYS D 86 31.68 65.61 13.11
C LYS D 86 30.50 64.83 13.68
N LEU D 87 30.70 64.28 14.87
CA LEU D 87 29.63 63.58 15.56
C LEU D 87 28.64 64.58 16.13
N ASP D 88 27.38 64.19 16.20
CA ASP D 88 26.34 65.08 16.73
C ASP D 88 25.21 64.21 17.27
N LEU D 89 25.00 64.27 18.58
CA LEU D 89 23.87 63.63 19.23
C LEU D 89 22.96 64.71 19.80
N LYS D 90 21.65 64.46 19.77
CA LYS D 90 20.69 65.43 20.26
C LYS D 90 20.59 65.44 21.78
N ASP D 91 21.04 64.38 22.45
CA ASP D 91 20.92 64.27 23.90
C ASP D 91 21.97 65.15 24.55
N THR D 92 21.53 66.11 25.37
CA THR D 92 22.45 67.00 26.07
C THR D 92 23.10 66.35 27.27
N SER D 93 22.48 65.30 27.82
CA SER D 93 23.06 64.63 28.99
C SER D 93 24.38 63.96 28.65
N LEU D 94 24.50 63.41 27.44
CA LEU D 94 25.74 62.81 27.00
C LEU D 94 26.80 63.89 26.78
N ALA D 95 28.04 63.57 27.09
CA ALA D 95 29.15 64.47 26.83
C ALA D 95 29.94 63.95 25.63
N ILE D 96 30.17 64.82 24.66
CA ILE D 96 30.94 64.49 23.48
C ILE D 96 32.11 65.46 23.39
N LYS D 97 33.32 64.94 23.40
CA LYS D 97 34.52 65.75 23.26
C LYS D 97 35.41 65.09 22.22
N PRO D 98 36.12 65.85 21.39
CA PRO D 98 37.09 65.23 20.49
C PRO D 98 38.20 64.57 21.29
N SER D 99 38.65 63.43 20.81
CA SER D 99 39.67 62.65 21.50
C SER D 99 40.83 62.39 20.54
N SER D 100 42.04 62.70 21.00
CA SER D 100 43.23 62.38 20.22
C SER D 100 43.43 60.88 20.19
N ALA D 101 44.10 60.40 19.13
CA ALA D 101 44.32 58.96 18.99
C ALA D 101 45.25 58.43 20.07
N ALA D 102 46.14 59.28 20.58
CA ALA D 102 47.11 58.82 21.58
C ALA D 102 46.47 58.60 22.94
N GLU D 103 45.30 59.15 23.19
CA GLU D 103 44.67 58.97 24.49
C GLU D 103 44.08 57.59 24.67
N LEU D 104 43.76 56.92 23.59
CA LEU D 104 43.17 55.59 23.69
C LEU D 104 44.23 54.56 24.05
N PRO D 105 43.85 53.50 24.75
CA PRO D 105 44.74 52.33 24.85
C PRO D 105 44.99 51.77 23.46
N THR D 106 46.20 51.25 23.26
CA THR D 106 46.62 50.86 21.92
C THR D 106 45.76 49.74 21.36
N TRP D 107 45.40 48.78 22.20
CA TRP D 107 44.59 47.67 21.71
C TRP D 107 43.17 48.11 21.39
N GLN D 108 42.66 49.12 22.09
CA GLN D 108 41.32 49.63 21.77
C GLN D 108 41.34 50.31 20.41
N LEU D 109 42.38 51.10 20.15
CA LEU D 109 42.52 51.74 18.84
C LEU D 109 42.71 50.70 17.74
N ALA D 110 43.42 49.62 18.04
CA ALA D 110 43.58 48.54 17.08
C ALA D 110 42.24 47.87 16.79
N ARG D 111 41.42 47.69 17.82
CA ARG D 111 40.10 47.11 17.61
C ARG D 111 39.24 48.02 16.76
N LEU D 112 39.36 49.33 16.94
CA LEU D 112 38.66 50.25 16.08
C LEU D 112 39.13 50.12 14.64
N LEU D 113 40.44 50.02 14.44
CA LEU D 113 40.97 49.96 13.08
C LEU D 113 40.75 48.60 12.44
N ILE D 114 40.73 47.54 13.24
CA ILE D 114 40.42 46.22 12.68
C ILE D 114 38.97 46.18 12.21
N LYS D 115 38.07 46.81 12.96
CA LYS D 115 36.68 46.86 12.55
C LYS D 115 36.51 47.62 11.25
N ALA D 116 37.23 48.73 11.09
CA ALA D 116 37.01 49.62 9.96
C ALA D 116 37.56 49.08 8.65
N ILE D 117 38.22 47.93 8.66
CA ILE D 117 38.89 47.43 7.45
C ILE D 117 37.97 47.25 6.25
N PRO D 118 36.78 46.64 6.38
CA PRO D 118 35.95 46.45 5.17
C PRO D 118 35.60 47.73 4.43
N LYS D 119 35.33 48.82 5.13
CA LYS D 119 34.98 50.05 4.44
C LYS D 119 36.18 50.93 4.16
N VAL D 120 37.35 50.61 4.71
CA VAL D 120 38.56 51.28 4.27
C VAL D 120 39.08 50.65 2.98
N LEU D 121 38.93 49.34 2.84
CA LEU D 121 39.33 48.70 1.58
C LEU D 121 38.44 49.11 0.42
N SER D 122 37.16 49.35 0.68
CA SER D 122 36.26 49.78 -0.38
C SER D 122 36.31 51.30 -0.54
N GLY D 123 35.36 51.83 -1.31
CA GLY D 123 35.28 53.25 -1.60
C GLY D 123 34.47 54.08 -0.64
N THR D 124 34.04 53.49 0.48
CA THR D 124 33.33 54.12 1.59
C THR D 124 31.89 54.51 1.26
N MET D 125 31.50 54.44 -0.03
CA MET D 125 30.11 54.47 -0.49
C MET D 125 29.27 55.57 0.16
N PRO D 126 29.32 56.81 -0.35
CA PRO D 126 28.94 57.99 0.46
C PRO D 126 27.53 57.99 1.04
N GLU D 127 26.74 56.92 0.86
CA GLU D 127 25.58 56.71 1.71
C GLU D 127 25.99 56.78 3.18
N ILE D 128 25.19 57.49 3.98
CA ILE D 128 25.64 57.95 5.28
C ILE D 128 25.78 56.81 6.28
N LYS D 129 25.06 55.71 6.10
CA LYS D 129 25.10 54.63 7.08
C LYS D 129 26.11 53.54 6.75
N ARG D 130 27.37 53.88 6.52
CA ARG D 130 28.40 52.85 6.42
C ARG D 130 28.63 52.31 7.81
N PHE D 131 28.82 50.99 7.94
CA PHE D 131 29.00 50.44 9.27
C PHE D 131 29.67 49.09 9.23
N GLU D 132 30.64 48.94 10.11
CA GLU D 132 31.42 47.76 10.27
C GLU D 132 31.52 47.61 11.78
N SER D 133 30.38 47.84 12.42
CA SER D 133 30.28 47.87 13.86
C SER D 133 30.72 46.56 14.47
N GLU D 134 30.29 45.46 13.89
CA GLU D 134 30.90 44.18 14.19
C GLU D 134 32.10 44.02 13.28
N GLY D 135 33.08 43.26 13.75
CA GLY D 135 34.39 43.25 13.15
C GLY D 135 34.48 42.55 11.82
N LEU D 136 35.67 42.04 11.52
CA LEU D 136 35.89 41.34 10.28
C LEU D 136 35.23 39.98 10.33
N TYR D 137 34.54 39.60 9.26
CA TYR D 137 34.02 38.26 9.10
C TYR D 137 34.42 37.77 7.72
N TYR D 138 35.45 36.94 7.66
CA TYR D 138 35.91 36.40 6.40
C TYR D 138 35.10 35.18 6.03
N LEU D 139 34.39 35.24 4.91
CA LEU D 139 33.60 34.10 4.47
C LEU D 139 34.51 32.96 4.08
N VAL D 140 34.20 31.76 4.57
CA VAL D 140 34.99 30.57 4.29
C VAL D 140 34.17 29.50 3.58
N LYS D 141 33.01 29.16 4.12
CA LYS D 141 32.16 28.15 3.52
C LYS D 141 30.76 28.71 3.36
N SER D 142 30.01 28.13 2.44
CA SER D 142 28.59 28.41 2.34
C SER D 142 27.87 27.09 2.12
N LYS D 143 26.64 27.02 2.62
CA LYS D 143 25.81 25.83 2.46
C LYS D 143 24.46 26.28 1.91
N LYS D 144 24.01 25.62 0.86
CA LYS D 144 22.71 25.93 0.28
C LYS D 144 21.61 25.61 1.28
N LEU D 145 20.61 26.48 1.35
CA LEU D 145 19.50 26.26 2.24
C LEU D 145 18.69 25.05 1.75
N PRO D 146 17.92 24.42 2.64
CA PRO D 146 17.01 23.35 2.19
C PRO D 146 16.02 23.88 1.15
N LYS D 147 15.41 22.95 0.43
CA LYS D 147 14.62 23.27 -0.74
C LYS D 147 13.46 24.20 -0.38
N ASP D 148 13.04 24.99 -1.37
CA ASP D 148 12.04 26.06 -1.27
C ASP D 148 12.51 27.22 -0.41
N HIS D 149 13.81 27.37 -0.18
CA HIS D 149 14.38 28.53 0.46
C HIS D 149 15.56 29.05 -0.35
N SER D 150 15.71 30.37 -0.37
CA SER D 150 16.82 30.99 -1.07
C SER D 150 17.91 31.39 -0.08
N GLY D 151 19.04 31.80 -0.63
CA GLY D 151 20.15 32.22 0.20
C GLY D 151 20.96 31.04 0.70
N TYR D 152 22.01 31.35 1.46
CA TYR D 152 22.95 30.35 1.93
C TYR D 152 23.09 30.46 3.43
N GLU D 153 23.68 29.44 4.03
CA GLU D 153 24.20 29.56 5.37
C GLU D 153 25.70 29.86 5.32
N LEU D 154 26.07 31.07 5.70
CA LEU D 154 27.45 31.55 5.56
C LEU D 154 28.23 31.21 6.82
N THR D 155 29.35 30.51 6.65
CA THR D 155 30.23 30.18 7.76
C THR D 155 31.49 31.02 7.65
N THR D 156 31.68 31.92 8.60
CA THR D 156 32.75 32.90 8.53
C THR D 156 33.70 32.71 9.69
N VAL D 157 34.86 33.37 9.61
CA VAL D 157 35.84 33.40 10.68
C VAL D 157 36.01 34.85 11.10
N GLU D 158 35.85 35.13 12.39
CA GLU D 158 35.92 36.48 12.88
C GLU D 158 37.28 36.74 13.52
N ILE D 159 37.87 37.88 13.19
CA ILE D 159 39.16 38.28 13.72
C ILE D 159 38.93 39.43 14.70
N ASP D 160 39.39 39.28 15.93
CA ASP D 160 39.21 40.32 16.91
C ASP D 160 40.29 40.23 17.98
N LEU D 161 40.46 41.31 18.72
CA LEU D 161 41.36 41.34 19.87
C LEU D 161 40.55 41.35 21.15
N ALA D 162 40.97 40.53 22.11
CA ALA D 162 40.34 40.51 23.40
C ALA D 162 41.44 40.46 24.44
N PRO D 163 41.31 41.19 25.54
CA PRO D 163 42.29 41.06 26.62
C PRO D 163 42.23 39.67 27.22
N CYS D 164 43.38 39.17 27.63
CA CYS D 164 43.45 37.82 28.17
C CYS D 164 43.01 37.81 29.62
N ALA D 165 42.40 36.69 30.02
CA ALA D 165 41.90 36.56 31.38
C ALA D 165 43.03 36.20 32.36
N ALA D 166 43.73 35.10 32.08
CA ALA D 166 44.75 34.63 33.01
C ALA D 166 45.95 35.59 33.05
N LEU D 167 46.44 35.97 31.89
CA LEU D 167 47.57 36.90 31.83
C LEU D 167 47.09 38.30 32.15
N GLY D 168 48.01 39.12 32.67
CA GLY D 168 47.68 40.49 33.05
C GLY D 168 48.22 41.49 32.05
N PHE D 169 47.35 42.45 31.68
CA PHE D 169 47.69 43.53 30.74
C PHE D 169 48.15 43.00 29.40
N LYS D 170 47.56 41.90 28.93
CA LYS D 170 47.94 41.32 27.65
C LYS D 170 46.68 40.85 26.95
N GLN D 171 46.70 40.96 25.62
CA GLN D 171 45.52 40.69 24.82
C GLN D 171 45.85 39.67 23.75
N THR D 172 44.86 38.83 23.44
CA THR D 172 45.03 37.74 22.50
C THR D 172 44.17 37.97 21.28
N LEU D 173 44.76 37.77 20.11
CA LEU D 173 44.01 37.80 18.88
C LEU D 173 43.21 36.51 18.72
N SER D 174 41.93 36.65 18.38
CA SER D 174 41.03 35.52 18.35
C SER D 174 40.54 35.26 16.93
N MET D 175 40.20 34.01 16.67
CA MET D 175 39.81 33.55 15.34
C MET D 175 38.55 32.70 15.42
N GLY D 176 37.51 33.21 16.08
CA GLY D 176 36.32 32.42 16.27
C GLY D 176 35.51 32.29 14.99
N THR D 177 34.81 31.16 14.88
CA THR D 177 33.87 30.96 13.78
C THR D 177 32.54 31.63 14.09
N LYS D 178 31.92 32.21 13.06
CA LYS D 178 30.60 32.79 13.19
C LYS D 178 29.76 32.35 12.01
N THR D 179 28.50 32.06 12.25
CA THR D 179 27.58 31.59 11.22
C THR D 179 26.51 32.63 10.98
N PHE D 180 26.14 32.80 9.72
CA PHE D 180 25.07 33.70 9.30
C PHE D 180 24.02 32.92 8.53
N SER D 181 22.77 33.27 8.72
CA SER D 181 21.65 32.63 8.05
C SER D 181 20.77 33.72 7.48
N PRO D 182 20.04 33.42 6.40
CA PRO D 182 19.19 34.46 5.80
C PRO D 182 18.06 34.84 6.73
N LEU D 183 17.65 36.10 6.64
CA LEU D 183 16.58 36.59 7.50
C LEU D 183 15.26 35.92 7.18
N SER D 184 15.06 35.50 5.92
CA SER D 184 13.82 34.87 5.52
C SER D 184 13.62 33.51 6.19
N TRP D 185 14.71 32.86 6.59
CA TRP D 185 14.61 31.56 7.24
C TRP D 185 13.93 31.66 8.59
N PHE D 186 14.03 32.80 9.26
CA PHE D 186 13.43 33.01 10.57
C PHE D 186 12.11 33.74 10.50
N THR D 187 11.54 33.87 9.32
CA THR D 187 10.24 34.50 9.13
C THR D 187 9.16 33.43 9.13
N LEU D 188 8.10 33.65 9.90
CA LEU D 188 6.99 32.72 9.94
C LEU D 188 6.21 32.77 8.63
N GLU D 189 5.34 31.78 8.43
CA GLU D 189 4.60 31.67 7.18
C GLU D 189 3.67 32.85 6.94
N ASN D 190 3.14 33.45 8.01
CA ASN D 190 2.25 34.58 7.87
C ASN D 190 2.98 35.86 7.44
N GLY D 191 4.30 35.86 7.48
CA GLY D 191 5.07 37.03 7.09
C GLY D 191 5.77 37.75 8.21
N GLU D 192 5.59 37.31 9.45
CA GLU D 192 6.27 37.94 10.58
C GLU D 192 7.49 37.13 10.97
N VAL D 193 8.51 37.81 11.47
CA VAL D 193 9.74 37.15 11.88
C VAL D 193 9.61 36.74 13.34
N GLN D 194 10.47 35.81 13.76
CA GLN D 194 10.36 35.23 15.08
C GLN D 194 10.72 36.25 16.16
N LYS D 195 10.65 35.81 17.42
CA LYS D 195 10.92 36.70 18.54
C LYS D 195 12.39 37.12 18.57
N LYS D 196 13.30 36.18 18.40
CA LYS D 196 14.72 36.47 18.50
C LYS D 196 15.36 36.85 17.17
N ALA D 197 14.59 36.97 16.10
CA ALA D 197 15.10 37.46 14.83
C ALA D 197 14.81 38.93 14.60
N ARG D 198 13.77 39.47 15.23
CA ARG D 198 13.47 40.88 15.09
C ARG D 198 14.44 41.70 15.92
N PHE D 199 14.69 42.93 15.46
CA PHE D 199 15.62 43.88 16.07
C PHE D 199 17.05 43.37 16.09
N ALA D 200 17.37 42.36 15.29
CA ALA D 200 18.74 41.87 15.21
C ALA D 200 19.51 42.65 14.16
N THR D 201 20.83 42.74 14.36
CA THR D 201 21.68 43.37 13.37
C THR D 201 21.67 42.56 12.10
N ARG D 202 21.68 43.25 10.97
CA ARG D 202 21.54 42.61 9.68
C ARG D 202 22.81 42.78 8.86
N TYR D 203 23.18 41.75 8.12
CA TYR D 203 24.47 41.70 7.46
C TYR D 203 24.31 41.45 5.97
N GLN D 204 25.26 41.98 5.21
CA GLN D 204 25.34 41.79 3.78
C GLN D 204 26.57 40.98 3.44
N LEU D 205 26.42 40.05 2.50
CA LEU D 205 27.56 39.38 1.92
C LEU D 205 28.14 40.24 0.81
N ASP D 206 29.45 40.39 0.80
CA ASP D 206 30.13 41.21 -0.19
C ASP D 206 29.94 40.63 -1.58
N ASP D 207 29.96 41.51 -2.59
CA ASP D 207 29.66 41.09 -3.95
C ASP D 207 30.72 40.16 -4.52
N VAL D 208 31.99 40.32 -4.13
CA VAL D 208 33.02 39.37 -4.51
C VAL D 208 33.08 38.19 -3.56
N GLY D 209 32.33 38.22 -2.46
CA GLY D 209 32.26 37.08 -1.57
C GLY D 209 33.41 36.93 -0.61
N LYS D 210 34.08 38.01 -0.22
CA LYS D 210 35.14 37.89 0.77
C LYS D 210 34.61 38.11 2.17
N LEU D 211 34.00 39.27 2.41
CA LEU D 211 33.63 39.70 3.74
C LEU D 211 32.12 39.68 3.93
N VAL D 212 31.71 39.50 5.16
CA VAL D 212 30.33 39.73 5.58
C VAL D 212 30.33 40.94 6.49
N SER D 213 29.53 41.95 6.15
CA SER D 213 29.60 43.22 6.84
C SER D 213 28.20 43.65 7.24
N LYS D 214 28.13 44.54 8.22
CA LYS D 214 26.85 45.03 8.66
C LYS D 214 26.24 45.95 7.62
N SER D 215 24.93 45.81 7.42
CA SER D 215 24.18 46.70 6.54
C SER D 215 22.74 46.68 6.98
N ILE D 216 22.15 47.87 7.16
CA ILE D 216 20.77 47.94 7.61
C ILE D 216 19.80 47.41 6.58
N LYS D 217 20.23 47.27 5.33
CA LYS D 217 19.44 46.63 4.29
C LYS D 217 19.83 45.18 4.09
N GLY D 218 20.62 44.61 4.98
CA GLY D 218 21.19 43.30 4.73
C GLY D 218 20.15 42.21 4.81
N ASP D 219 20.51 41.04 4.29
CA ASP D 219 19.61 39.91 4.25
C ASP D 219 19.99 38.81 5.23
N TYR D 220 21.10 38.94 5.92
CA TYR D 220 21.56 37.90 6.83
C TYR D 220 21.57 38.43 8.26
N ILE D 221 21.31 37.53 9.19
CA ILE D 221 21.48 37.81 10.61
C ILE D 221 22.42 36.75 11.17
N LYS D 222 23.06 37.07 12.29
CA LYS D 222 24.12 36.23 12.82
C LYS D 222 23.55 35.15 13.73
N LYS D 223 22.88 34.19 13.11
CA LYS D 223 22.34 33.05 13.82
C LYS D 223 22.49 31.82 12.94
N PRO D 224 22.63 30.64 13.53
CA PRO D 224 22.67 29.42 12.73
C PRO D 224 21.29 29.04 12.26
N LEU D 225 21.25 28.04 11.39
CA LEU D 225 19.96 27.52 10.94
C LEU D 225 19.19 26.88 12.07
N TYR D 226 19.86 26.09 12.89
CA TYR D 226 19.22 25.37 13.99
C TYR D 226 19.80 25.88 15.29
N SER D 227 18.94 26.01 16.30
CA SER D 227 19.33 26.62 17.56
C SER D 227 20.47 25.84 18.21
N ASN D 228 21.46 26.59 18.70
CA ASN D 228 22.62 26.08 19.42
C ASN D 228 23.48 25.14 18.59
N ALA D 229 23.30 25.11 17.27
CA ALA D 229 24.14 24.28 16.43
C ALA D 229 25.48 24.95 16.19
N LYS D 230 26.54 24.14 16.20
CA LYS D 230 27.90 24.64 16.10
C LYS D 230 28.50 24.22 14.77
N ASN D 231 28.98 25.20 14.01
CA ASN D 231 29.82 24.95 12.83
C ASN D 231 31.25 25.26 13.19
N ARG D 232 32.19 24.63 12.49
CA ARG D 232 33.60 24.83 12.79
C ARG D 232 34.43 24.87 11.53
N ILE D 233 35.36 25.80 11.49
CA ILE D 233 36.37 25.88 10.45
C ILE D 233 37.62 25.20 10.99
N GLN D 234 38.23 24.34 10.18
CA GLN D 234 39.41 23.63 10.63
C GLN D 234 40.58 24.59 10.79
N ALA D 235 41.54 24.20 11.63
CA ALA D 235 42.64 25.09 11.96
C ALA D 235 43.64 25.20 10.82
N ILE D 236 44.22 24.07 10.40
CA ILE D 236 45.15 24.04 9.29
C ILE D 236 44.69 22.97 8.32
N ASP D 237 44.82 23.23 7.03
CA ASP D 237 44.55 22.26 5.98
C ASP D 237 45.66 22.33 4.95
N ILE D 238 46.39 21.23 4.80
CA ILE D 238 47.45 21.12 3.80
C ILE D 238 47.30 19.85 3.00
N THR D 239 46.06 19.41 2.76
CA THR D 239 45.75 18.04 2.38
C THR D 239 46.54 17.56 1.17
N LYS D 240 46.78 18.41 0.18
CA LYS D 240 47.62 18.05 -0.94
C LYS D 240 48.63 19.14 -1.22
N GLU D 241 49.07 19.82 -0.16
CA GLU D 241 49.87 21.05 -0.26
C GLU D 241 49.16 22.07 -1.13
N SER D 242 47.84 22.07 -1.07
CA SER D 242 47.04 22.98 -1.88
C SER D 242 46.92 24.31 -1.17
N TYR D 243 47.43 25.37 -1.79
CA TYR D 243 47.25 26.70 -1.24
C TYR D 243 45.78 27.10 -1.26
N SER D 244 45.01 26.53 -2.18
CA SER D 244 43.60 26.88 -2.28
C SER D 244 42.78 26.31 -1.12
N GLY D 245 43.28 25.28 -0.46
CA GLY D 245 42.59 24.70 0.67
C GLY D 245 43.14 25.23 1.97
N PHE D 246 44.40 25.65 1.93
CA PHE D 246 45.01 26.32 3.08
C PHE D 246 44.32 27.64 3.36
N GLN D 247 43.84 28.31 2.31
CA GLN D 247 43.22 29.61 2.45
C GLN D 247 41.87 29.52 3.14
N LEU D 248 41.25 28.36 3.18
CA LEU D 248 39.92 28.21 3.78
C LEU D 248 40.01 27.57 5.15
N SER D 249 41.06 27.90 5.88
CA SER D 249 41.24 27.44 7.25
C SER D 249 41.53 28.63 8.12
N LYS D 250 41.45 28.43 9.44
CA LYS D 250 41.58 29.55 10.36
C LYS D 250 42.95 30.19 10.24
N VAL D 251 44.00 29.39 10.08
CA VAL D 251 45.33 29.95 9.94
C VAL D 251 45.48 30.63 8.59
N GLY D 252 44.80 30.13 7.55
CA GLY D 252 44.81 30.82 6.27
C GLY D 252 44.07 32.14 6.33
N ILE D 253 42.96 32.18 7.05
CA ILE D 253 42.25 33.44 7.26
C ILE D 253 43.10 34.41 8.05
N LEU D 254 43.89 33.90 8.99
CA LEU D 254 44.79 34.76 9.75
C LEU D 254 45.87 35.37 8.86
N GLU D 255 46.43 34.57 7.95
CA GLU D 255 47.38 35.12 6.99
C GLU D 255 46.72 36.16 6.09
N GLN D 256 45.50 35.88 5.65
CA GLN D 256 44.76 36.84 4.83
C GLN D 256 44.53 38.15 5.59
N PHE D 257 44.19 38.05 6.87
CA PHE D 257 44.00 39.24 7.69
C PHE D 257 45.28 40.04 7.82
N MET D 258 46.40 39.34 8.01
CA MET D 258 47.68 40.05 8.11
C MET D 258 48.02 40.74 6.81
N GLN D 259 47.59 40.18 5.67
CA GLN D 259 47.74 40.87 4.40
C GLN D 259 46.82 42.09 4.33
N ASP D 260 45.56 41.93 4.73
CA ASP D 260 44.58 42.99 4.61
C ASP D 260 44.92 44.17 5.50
N LEU D 261 45.56 43.91 6.63
CA LEU D 261 45.88 44.98 7.57
C LEU D 261 46.90 45.93 6.97
N LYS D 262 47.87 45.42 6.22
CA LYS D 262 48.84 46.30 5.61
C LYS D 262 48.37 46.82 4.26
N GLN D 263 47.33 46.24 3.69
CA GLN D 263 46.75 46.83 2.49
C GLN D 263 45.95 48.07 2.84
N ALA D 264 45.17 48.01 3.91
CA ALA D 264 44.32 49.13 4.28
C ALA D 264 45.11 50.27 4.89
N TYR D 265 46.05 49.95 5.78
CA TYR D 265 46.73 50.97 6.55
C TYR D 265 48.22 51.06 6.25
N GLY D 266 48.73 50.28 5.32
CA GLY D 266 50.16 50.35 5.07
C GLY D 266 50.95 49.77 6.23
N ASP D 267 52.15 50.29 6.43
CA ASP D 267 52.96 49.86 7.55
C ASP D 267 52.60 50.59 8.84
N SER D 268 51.64 51.50 8.79
CA SER D 268 51.30 52.31 9.95
C SER D 268 50.62 51.52 11.06
N VAL D 269 50.00 50.39 10.75
CA VAL D 269 49.36 49.55 11.75
C VAL D 269 49.90 48.13 11.59
N SER D 270 50.43 47.57 12.67
CA SER D 270 51.01 46.24 12.60
C SER D 270 50.75 45.52 13.91
N VAL D 271 50.49 44.22 13.81
CA VAL D 271 50.23 43.36 14.96
C VAL D 271 51.24 42.22 14.92
N LYS D 272 52.01 42.08 15.99
CA LYS D 272 53.05 41.06 16.07
C LYS D 272 52.67 40.05 17.14
N LEU D 273 52.75 38.77 16.79
CA LEU D 273 52.34 37.73 17.70
C LEU D 273 53.51 37.29 18.59
N GLN D 274 53.18 36.68 19.72
CA GLN D 274 54.17 36.34 20.72
C GLN D 274 54.63 34.89 20.57
N ARG D 275 55.93 34.68 20.72
CA ARG D 275 56.52 33.35 20.67
C ARG D 275 56.88 32.90 22.09
N ILE D 276 56.42 31.71 22.45
CA ILE D 276 56.61 31.17 23.80
C ILE D 276 58.04 30.66 23.89
N PRO D 277 58.82 31.04 24.90
CA PRO D 277 60.22 30.58 24.99
C PRO D 277 60.31 29.08 25.13
N GLY D 278 61.10 28.48 24.23
CA GLY D 278 61.16 27.03 24.07
C GLY D 278 62.19 26.31 24.90
N GLU D 279 61.93 26.13 26.20
CA GLU D 279 62.86 25.40 27.04
C GLU D 279 62.97 23.94 26.63
N LYS D 280 61.87 23.20 26.75
CA LYS D 280 61.88 21.76 26.53
C LYS D 280 60.62 21.35 25.79
N HIS D 281 60.78 20.62 24.70
CA HIS D 281 59.65 20.18 23.89
C HIS D 281 59.92 18.75 23.44
N ARG D 282 59.24 17.81 24.07
CA ARG D 282 59.42 16.41 23.76
C ARG D 282 58.27 15.93 22.88
N PHE D 283 58.57 14.98 22.00
CA PHE D 283 57.62 14.51 21.01
C PHE D 283 57.30 13.05 21.29
N VAL D 284 56.13 12.62 20.85
CA VAL D 284 55.60 11.30 21.14
C VAL D 284 55.41 10.57 19.82
N SER D 285 55.97 9.36 19.73
CA SER D 285 55.82 8.52 18.56
C SER D 285 54.65 7.57 18.76
N ASP D 286 54.12 7.07 17.65
CA ASP D 286 53.04 6.09 17.73
C ASP D 286 53.52 4.79 18.32
N THR D 287 54.80 4.45 18.14
CA THR D 287 55.34 3.22 18.67
C THR D 287 55.31 3.22 20.19
N ILE D 288 55.69 4.33 20.81
CA ILE D 288 55.69 4.42 22.26
C ILE D 288 54.27 4.30 22.80
N VAL D 289 53.32 4.94 22.11
CA VAL D 289 51.92 4.88 22.52
C VAL D 289 51.41 3.45 22.45
N LYS D 290 51.73 2.75 21.36
CA LYS D 290 51.26 1.37 21.21
C LYS D 290 51.90 0.46 22.26
N ASN D 291 53.19 0.69 22.55
CA ASN D 291 53.86 -0.08 23.60
C ASN D 291 53.19 0.15 24.96
N HIS D 292 52.83 1.40 25.24
CA HIS D 292 52.12 1.69 26.47
C HIS D 292 50.77 0.98 26.51
N TYR D 293 50.04 1.02 25.40
CA TYR D 293 48.66 0.55 25.41
C TYR D 293 48.55 -0.97 25.46
N VAL D 294 49.43 -1.70 24.77
CA VAL D 294 49.32 -3.16 24.80
C VAL D 294 49.69 -3.69 26.18
N GLY D 295 50.58 -3.01 26.89
CA GLY D 295 50.87 -3.39 28.26
C GLY D 295 49.81 -2.90 29.21
N LEU D 296 49.06 -1.88 28.82
CA LEU D 296 48.05 -1.29 29.69
C LEU D 296 46.89 -2.23 29.93
N PHE D 297 46.34 -2.81 28.87
CA PHE D 297 45.13 -3.61 28.97
C PHE D 297 45.34 -4.92 29.70
N ASP D 298 46.59 -5.37 29.86
CA ASP D 298 46.86 -6.68 30.42
C ASP D 298 46.47 -6.78 31.89
N ALA D 299 46.33 -5.65 32.58
CA ALA D 299 45.94 -5.68 33.98
C ALA D 299 44.46 -5.98 34.17
N LEU D 300 43.68 -6.00 33.08
CA LEU D 300 42.26 -6.28 33.19
C LEU D 300 41.96 -7.77 33.13
N LYS D 301 42.96 -8.62 32.88
CA LYS D 301 42.70 -10.04 32.72
C LYS D 301 42.22 -10.68 34.01
N GLU D 302 42.86 -10.36 35.13
CA GLU D 302 42.57 -11.02 36.39
C GLU D 302 41.40 -10.40 37.14
N HIS D 303 40.51 -9.73 36.44
CA HIS D 303 39.25 -9.25 37.02
C HIS D 303 38.11 -9.63 36.09
N ARG D 304 36.98 -10.02 36.68
CA ARG D 304 35.84 -10.47 35.90
C ARG D 304 35.13 -9.26 35.31
N LEU D 305 34.84 -9.31 34.01
CA LEU D 305 34.24 -8.18 33.31
C LEU D 305 32.89 -8.64 32.80
N VAL D 306 31.86 -7.82 33.03
CA VAL D 306 30.48 -8.17 32.71
C VAL D 306 29.92 -7.12 31.76
N ILE D 307 29.29 -7.57 30.69
CA ILE D 307 28.58 -6.71 29.75
C ILE D 307 27.09 -6.93 29.95
N CYS D 308 26.35 -5.84 30.09
CA CYS D 308 24.91 -5.89 30.30
C CYS D 308 24.22 -4.91 29.36
N ASP D 309 22.99 -5.24 28.99
CA ASP D 309 22.18 -4.41 28.10
C ASP D 309 20.82 -4.18 28.74
N LEU D 310 20.66 -3.02 29.37
CA LEU D 310 19.43 -2.68 30.06
C LEU D 310 18.67 -1.56 29.37
N THR D 311 18.90 -1.35 28.07
CA THR D 311 18.05 -0.47 27.30
C THR D 311 16.64 -1.06 27.22
N GLU D 312 15.64 -0.20 27.40
CA GLU D 312 14.27 -0.65 27.19
C GLU D 312 14.04 -0.97 25.73
N ASN D 313 13.35 -2.08 25.47
CA ASN D 313 13.16 -2.62 24.13
C ASN D 313 14.51 -2.88 23.46
N GLN D 314 15.24 -3.82 24.04
CA GLN D 314 16.53 -4.24 23.50
C GLN D 314 16.40 -4.66 22.05
N ASP D 315 17.05 -3.89 21.17
CA ASP D 315 16.79 -4.02 19.75
C ASP D 315 18.06 -4.26 18.92
N THR D 316 19.17 -3.62 19.30
CA THR D 316 20.33 -3.58 18.43
C THR D 316 21.33 -4.71 18.69
N ASP D 317 21.23 -5.39 19.84
CA ASP D 317 22.21 -6.41 20.24
C ASP D 317 23.62 -5.84 20.22
N ALA D 318 23.76 -4.59 20.67
CA ALA D 318 25.06 -3.95 20.72
C ALA D 318 25.96 -4.62 21.76
N ALA D 319 25.38 -5.35 22.71
CA ALA D 319 26.17 -6.05 23.71
C ALA D 319 27.06 -7.09 23.05
N LEU D 320 26.54 -7.78 22.03
CA LEU D 320 27.36 -8.71 21.27
C LEU D 320 28.52 -8.01 20.59
N THR D 321 28.27 -6.81 20.06
CA THR D 321 29.35 -6.03 19.44
C THR D 321 30.40 -5.65 20.46
N LEU D 322 29.99 -5.23 21.66
CA LEU D 322 30.93 -4.92 22.71
C LEU D 322 31.77 -6.13 23.07
N LEU D 323 31.12 -7.29 23.18
CA LEU D 323 31.85 -8.52 23.52
C LEU D 323 32.86 -8.87 22.43
N HIS D 324 32.47 -8.74 21.17
CA HIS D 324 33.37 -9.05 20.06
C HIS D 324 34.55 -8.10 20.05
N GLY D 325 34.30 -6.81 20.27
CA GLY D 325 35.40 -5.85 20.32
C GLY D 325 36.33 -6.09 21.50
N ILE D 326 35.77 -6.47 22.65
CA ILE D 326 36.60 -6.71 23.82
C ILE D 326 37.48 -7.94 23.61
N GLU D 327 36.94 -9.01 23.02
CA GLU D 327 37.76 -10.18 22.79
C GLU D 327 38.76 -9.94 21.65
N HIS D 328 38.48 -8.96 20.78
CA HIS D 328 39.46 -8.59 19.78
C HIS D 328 40.75 -8.07 20.40
N LEU D 329 40.68 -7.48 21.58
CA LEU D 329 41.86 -7.11 22.35
C LEU D 329 42.26 -8.20 23.34
N ASP D 330 41.88 -9.44 23.06
CA ASP D 330 42.22 -10.64 23.84
C ASP D 330 41.83 -10.52 25.31
N ILE D 331 40.75 -9.83 25.61
CA ILE D 331 40.23 -9.75 26.97
C ILE D 331 38.93 -10.56 27.00
N ASN D 332 38.87 -11.54 27.89
CA ASN D 332 37.69 -12.39 27.98
C ASN D 332 36.63 -11.73 28.84
N ALA D 333 35.39 -11.78 28.39
CA ALA D 333 34.28 -11.16 29.09
C ALA D 333 33.01 -11.94 28.80
N GLU D 334 32.00 -11.73 29.64
CA GLU D 334 30.74 -12.46 29.52
C GLU D 334 29.57 -11.51 29.50
N ILE D 335 28.58 -11.83 28.67
CA ILE D 335 27.33 -11.09 28.66
C ILE D 335 26.43 -11.61 29.77
N ALA D 336 25.67 -10.72 30.39
CA ALA D 336 24.75 -11.13 31.43
C ALA D 336 23.47 -10.32 31.32
N GLU D 337 22.40 -10.86 31.88
CA GLU D 337 21.13 -10.15 31.89
C GLU D 337 21.10 -9.04 32.92
N VAL D 338 21.76 -9.23 34.06
CA VAL D 338 21.80 -8.23 35.12
C VAL D 338 23.24 -8.03 35.56
N PRO D 339 23.56 -6.85 36.09
CA PRO D 339 24.88 -6.63 36.65
C PRO D 339 25.16 -7.54 37.83
N ILE D 340 26.40 -7.99 37.93
CA ILE D 340 26.86 -8.86 39.01
C ILE D 340 27.54 -7.98 40.04
N ARG D 341 27.10 -8.09 41.30
CA ARG D 341 27.78 -7.42 42.39
C ARG D 341 29.19 -7.94 42.53
N GLY D 342 30.16 -7.01 42.60
CA GLY D 342 31.54 -7.37 42.80
C GLY D 342 32.38 -7.49 41.55
N ALA D 343 31.79 -7.38 40.36
CA ALA D 343 32.56 -7.48 39.13
C ALA D 343 32.50 -6.16 38.36
N LEU D 344 33.33 -6.08 37.32
CA LEU D 344 33.34 -4.92 36.44
C LEU D 344 32.14 -5.00 35.52
N ASN D 345 31.35 -3.93 35.46
CA ASN D 345 30.08 -3.96 34.76
C ASN D 345 30.00 -2.81 33.76
N ILE D 346 29.64 -3.13 32.53
CA ILE D 346 29.27 -2.13 31.54
C ILE D 346 27.77 -2.24 31.31
N LEU D 347 27.04 -1.15 31.54
CA LEU D 347 25.59 -1.14 31.42
C LEU D 347 25.21 -0.31 30.21
N ILE D 348 24.87 -0.96 29.10
CA ILE D 348 24.37 -0.24 27.94
C ILE D 348 22.96 0.24 28.24
N VAL D 349 22.84 1.52 28.57
CA VAL D 349 21.58 2.09 29.03
C VAL D 349 21.08 3.07 27.98
N GLY D 350 19.81 3.42 28.09
CA GLY D 350 19.26 4.43 27.21
C GLY D 350 19.68 5.82 27.59
N ASN D 351 19.28 6.78 26.77
CA ASN D 351 19.66 8.17 27.02
C ASN D 351 19.05 8.65 28.32
N LYS D 352 19.78 9.47 29.06
CA LYS D 352 19.43 9.75 30.45
C LYS D 352 18.17 10.59 30.56
N ASP D 353 17.93 11.49 29.60
CA ASP D 353 16.77 12.35 29.69
C ASP D 353 15.48 11.64 29.33
N THR D 354 15.55 10.61 28.47
CA THR D 354 14.35 9.91 28.03
C THR D 354 13.72 9.07 29.12
N TYR D 355 14.38 8.92 30.26
CA TYR D 355 13.82 8.20 31.40
C TYR D 355 13.26 9.22 32.37
N LYS D 356 11.95 9.15 32.61
CA LYS D 356 11.25 10.24 33.29
C LYS D 356 11.57 10.30 34.78
N SER D 357 11.93 9.18 35.38
CA SER D 357 12.19 9.14 36.81
C SER D 357 13.52 8.45 37.06
N ASP D 358 14.11 8.76 38.22
CA ASP D 358 15.41 8.19 38.58
C ASP D 358 15.33 6.68 38.70
N GLU D 359 14.29 6.18 39.35
CA GLU D 359 14.15 4.76 39.61
C GLU D 359 13.82 3.97 38.35
N GLU D 360 13.29 4.62 37.33
CA GLU D 360 13.12 3.97 36.03
C GLU D 360 14.45 3.74 35.33
N ASP D 361 15.38 4.67 35.50
CA ASP D 361 16.68 4.58 34.85
C ASP D 361 17.49 3.44 35.47
N PRO D 362 18.03 2.52 34.66
CA PRO D 362 18.98 1.56 35.23
C PRO D 362 20.19 2.22 35.86
N TYR D 363 20.80 3.16 35.15
CA TYR D 363 21.70 4.12 35.76
C TYR D 363 20.98 4.80 36.93
N GLN D 364 21.75 5.15 37.95
CA GLN D 364 21.29 5.71 39.23
C GLN D 364 20.47 4.72 40.04
N VAL D 365 20.29 3.48 39.56
CA VAL D 365 19.59 2.49 40.38
C VAL D 365 20.58 1.44 40.88
N TYR D 366 21.24 0.75 39.94
CA TYR D 366 22.28 -0.18 40.33
C TYR D 366 23.50 0.56 40.84
N ARG D 367 23.64 1.83 40.47
CA ARG D 367 24.68 2.66 41.07
C ARG D 367 24.45 2.83 42.56
N LYS D 368 23.21 3.09 42.98
CA LYS D 368 22.96 3.16 44.41
C LYS D 368 22.77 1.78 45.02
N LYS D 369 22.40 0.78 44.22
CA LYS D 369 22.20 -0.55 44.78
C LYS D 369 23.55 -1.20 45.07
N TYR D 370 24.38 -1.31 44.05
CA TYR D 370 25.74 -1.85 44.21
C TYR D 370 26.70 -0.72 44.52
N GLN D 371 26.74 -0.32 45.79
CA GLN D 371 27.55 0.81 46.20
C GLN D 371 29.04 0.51 46.14
N ASP D 372 29.43 -0.75 46.13
CA ASP D 372 30.85 -1.10 46.13
C ASP D 372 31.22 -1.86 44.88
N THR D 373 30.76 -1.40 43.73
CA THR D 373 30.97 -2.10 42.47
C THR D 373 31.37 -1.11 41.39
N VAL D 374 32.42 -1.45 40.65
CA VAL D 374 32.89 -0.61 39.55
C VAL D 374 31.87 -0.63 38.43
N PHE D 375 31.49 0.55 37.96
CA PHE D 375 30.49 0.66 36.91
C PHE D 375 30.99 1.52 35.76
N GLN D 376 30.43 1.26 34.59
CA GLN D 376 30.70 2.03 33.39
C GLN D 376 29.46 1.89 32.51
N SER D 377 29.14 2.94 31.78
CA SER D 377 27.91 2.95 31.01
C SER D 377 28.19 3.43 29.60
N CYS D 378 27.23 3.18 28.71
CA CYS D 378 27.36 3.59 27.33
C CYS D 378 25.98 3.68 26.71
N TYR D 379 25.89 4.40 25.61
CA TYR D 379 24.65 4.36 24.85
C TYR D 379 24.83 3.42 23.67
N PRO D 380 23.81 2.70 23.20
CA PRO D 380 24.05 1.73 22.14
C PRO D 380 24.24 2.31 20.74
N GLU D 381 24.01 3.60 20.52
CA GLU D 381 24.40 4.19 19.25
C GLU D 381 25.89 4.46 19.21
N ARG D 382 26.51 4.63 20.37
CA ARG D 382 27.93 4.96 20.45
C ARG D 382 28.83 3.74 20.36
N LEU D 383 28.59 2.87 19.38
CA LEU D 383 29.61 1.89 19.01
C LEU D 383 29.58 1.59 17.52
N TRP D 384 28.91 2.42 16.73
CA TRP D 384 28.84 2.29 15.28
C TRP D 384 29.53 3.47 14.63
N ASN D 385 30.26 3.20 13.56
CA ASN D 385 30.72 4.27 12.71
C ASN D 385 29.57 4.76 11.84
N ARG D 386 29.86 5.73 10.98
CA ARG D 386 28.82 6.24 10.08
C ARG D 386 28.45 5.21 9.02
N GLN D 387 29.31 4.21 8.77
CA GLN D 387 28.93 3.10 7.91
C GLN D 387 28.45 1.89 8.69
N GLY D 388 28.42 1.98 10.02
CA GLY D 388 27.82 0.94 10.84
C GLY D 388 28.78 -0.09 11.40
N GLN D 389 30.05 -0.06 11.01
CA GLN D 389 31.01 -1.02 11.54
C GLN D 389 31.25 -0.75 13.03
N PRO D 390 31.68 -1.74 13.78
CA PRO D 390 31.98 -1.52 15.21
C PRO D 390 33.08 -0.47 15.38
N ASN D 391 32.89 0.40 16.38
CA ASN D 391 33.84 1.46 16.67
C ASN D 391 34.80 0.95 17.73
N ARG D 392 36.04 0.67 17.35
CA ARG D 392 36.98 0.09 18.29
C ARG D 392 37.47 1.11 19.31
N HIS D 393 37.56 2.38 18.91
CA HIS D 393 38.08 3.40 19.81
C HIS D 393 37.17 3.54 21.02
N VAL D 394 35.87 3.39 20.83
CA VAL D 394 34.94 3.45 21.94
C VAL D 394 35.21 2.33 22.93
N VAL D 395 35.52 1.13 22.45
CA VAL D 395 35.70 0.03 23.38
C VAL D 395 37.05 0.11 24.10
N GLU D 396 38.09 0.63 23.42
CA GLU D 396 39.31 0.98 24.15
C GLU D 396 39.06 2.03 25.22
N VAL D 397 38.27 3.06 24.91
CA VAL D 397 38.01 4.10 25.89
C VAL D 397 37.24 3.54 27.08
N LEU D 398 36.26 2.67 26.81
CA LEU D 398 35.49 2.05 27.88
C LEU D 398 36.37 1.19 28.76
N LEU D 399 37.26 0.39 28.14
CA LEU D 399 38.12 -0.48 28.93
C LEU D 399 39.09 0.33 29.78
N LYS D 400 39.67 1.40 29.23
CA LYS D 400 40.62 2.17 30.01
C LYS D 400 39.93 2.95 31.11
N GLU D 401 38.69 3.40 30.88
CA GLU D 401 37.95 4.06 31.94
C GLU D 401 37.60 3.07 33.05
N LEU D 402 37.28 1.83 32.67
CA LEU D 402 37.08 0.78 33.67
C LEU D 402 38.35 0.55 34.47
N LEU D 403 39.49 0.54 33.79
CA LEU D 403 40.76 0.35 34.50
C LEU D 403 41.02 1.48 35.48
N ILE D 404 40.74 2.71 35.07
CA ILE D 404 40.95 3.86 35.96
C ILE D 404 40.05 3.76 37.18
N LYS D 405 38.78 3.42 36.97
CA LYS D 405 37.85 3.33 38.08
C LYS D 405 38.22 2.17 39.01
N LEU D 406 38.73 1.08 38.44
CA LEU D 406 39.19 -0.03 39.28
C LEU D 406 40.40 0.38 40.11
N GLU D 407 41.31 1.17 39.52
CA GLU D 407 42.41 1.72 40.29
C GLU D 407 41.91 2.60 41.43
N VAL D 408 40.82 3.33 41.18
CA VAL D 408 40.25 4.17 42.22
C VAL D 408 39.71 3.33 43.37
N HIS D 409 38.96 2.26 43.05
CA HIS D 409 38.36 1.45 44.10
C HIS D 409 39.41 0.67 44.89
N THR D 410 40.36 0.06 44.19
CA THR D 410 41.36 -0.77 44.86
C THR D 410 42.37 0.03 45.67
N ARG D 411 42.34 1.36 45.58
CA ARG D 411 43.23 2.25 46.31
C ARG D 411 44.69 2.05 45.95
N LYS D 412 44.98 1.50 44.78
CA LYS D 412 46.35 1.23 44.38
C LYS D 412 46.47 1.37 42.87
N HIS D 413 47.72 1.50 42.40
CA HIS D 413 47.98 1.52 40.97
C HIS D 413 48.07 0.11 40.43
N LEU D 414 47.34 -0.15 39.35
CA LEU D 414 47.42 -1.42 38.66
C LEU D 414 48.44 -1.43 37.54
N ILE D 415 48.70 -0.29 36.93
CA ILE D 415 49.79 -0.12 36.00
C ILE D 415 50.77 0.88 36.58
N GLU D 416 51.91 1.04 35.91
CA GLU D 416 52.95 1.90 36.43
C GLU D 416 52.67 3.36 36.10
N TYR D 417 52.83 4.22 37.10
CA TYR D 417 52.64 5.65 36.92
C TYR D 417 53.91 6.39 37.34
N PRO D 418 54.22 7.50 36.69
CA PRO D 418 55.40 8.28 37.08
C PRO D 418 55.25 8.82 38.49
N SER D 419 56.37 8.92 39.18
CA SER D 419 56.36 9.36 40.57
C SER D 419 56.07 10.85 40.63
N GLY D 420 55.03 11.22 41.36
CA GLY D 420 54.74 12.62 41.58
C GLY D 420 55.56 13.19 42.72
N PRO D 421 55.28 14.44 43.05
CA PRO D 421 55.98 15.07 44.18
C PRO D 421 55.61 14.39 45.48
N GLU D 422 56.53 14.40 46.43
CA GLU D 422 56.28 13.76 47.70
C GLU D 422 55.70 14.74 48.70
N ARG D 423 54.87 14.21 49.61
CA ARG D 423 54.25 14.98 50.69
C ARG D 423 53.35 16.09 50.13
N CYS D 424 52.47 15.72 49.20
CA CYS D 424 51.54 16.65 48.59
C CYS D 424 50.15 16.06 48.62
N VAL D 425 49.16 16.94 48.65
CA VAL D 425 47.74 16.56 48.72
C VAL D 425 47.03 17.21 47.55
N TYR D 426 46.22 16.43 46.84
CA TYR D 426 45.49 16.93 45.68
C TYR D 426 44.06 17.24 46.10
N TYR D 427 43.69 18.52 46.00
CA TYR D 427 42.36 18.99 46.36
C TYR D 427 41.57 19.34 45.11
N MET D 428 40.31 18.93 45.06
CA MET D 428 39.44 19.29 43.96
C MET D 428 38.05 19.65 44.46
N PRO D 429 37.63 20.90 44.30
CA PRO D 429 36.26 21.28 44.66
C PRO D 429 35.26 20.65 43.72
N GLN D 430 34.08 20.34 44.25
CA GLN D 430 33.01 19.71 43.49
C GLN D 430 31.80 20.64 43.42
N ARG D 431 31.28 20.84 42.22
CA ARG D 431 30.09 21.64 42.00
C ARG D 431 28.89 20.98 42.65
N PRO D 432 28.16 21.67 43.55
CA PRO D 432 27.04 21.08 44.26
C PRO D 432 25.87 20.75 43.34
N ARG D 440 28.62 32.19 42.04
CA ARG D 440 28.74 31.24 43.13
C ARG D 440 29.88 31.59 44.06
N ASP D 441 29.57 32.24 45.17
CA ASP D 441 30.58 32.58 46.16
C ASP D 441 30.42 31.82 47.46
N GLU D 442 29.58 30.80 47.48
CA GLU D 442 29.41 29.96 48.65
C GLU D 442 30.40 28.81 48.67
N PRO D 443 30.69 28.25 49.85
CA PRO D 443 31.61 27.11 49.92
C PRO D 443 31.08 25.89 49.19
N TRP D 444 31.99 25.08 48.71
CA TRP D 444 31.77 23.83 48.00
C TRP D 444 32.35 22.65 48.75
N PRO D 445 31.87 21.45 48.47
CA PRO D 445 32.58 20.26 48.93
C PRO D 445 33.90 20.13 48.19
N VAL D 446 34.98 19.95 48.95
CA VAL D 446 36.32 19.82 48.41
C VAL D 446 36.84 18.45 48.78
N TYR D 447 37.18 17.65 47.78
CA TYR D 447 37.67 16.31 48.03
C TYR D 447 39.18 16.26 47.89
N ALA D 448 39.78 15.25 48.52
CA ALA D 448 41.22 15.16 48.63
C ALA D 448 41.69 13.78 48.22
N SER D 449 42.91 13.73 47.71
CA SER D 449 43.60 12.48 47.45
C SER D 449 45.04 12.64 47.92
N LYS D 450 45.65 11.52 48.29
CA LYS D 450 46.94 11.54 48.93
C LYS D 450 47.56 10.17 48.79
N LEU D 451 48.88 10.14 48.63
CA LEU D 451 49.62 8.90 48.49
C LEU D 451 50.47 8.70 49.73
N VAL D 452 50.23 7.61 50.44
CA VAL D 452 51.06 7.20 51.57
C VAL D 452 51.54 5.78 51.30
N GLY D 453 52.85 5.60 51.27
CA GLY D 453 53.41 4.31 50.91
C GLY D 453 53.11 3.96 49.47
N ASP D 454 52.21 3.00 49.26
CA ASP D 454 51.76 2.64 47.93
C ASP D 454 50.24 2.59 47.83
N GLU D 455 49.54 3.07 48.84
CA GLU D 455 48.09 3.10 48.84
C GLU D 455 47.59 4.53 48.69
N TRP D 456 46.61 4.71 47.82
CA TRP D 456 46.01 6.02 47.60
C TRP D 456 44.85 6.20 48.58
N GLN D 457 44.92 7.24 49.39
CA GLN D 457 43.80 7.60 50.24
C GLN D 457 42.93 8.64 49.55
N TYR D 458 41.63 8.59 49.82
CA TYR D 458 40.70 9.58 49.33
C TYR D 458 39.73 9.93 50.43
N THR D 459 39.69 11.20 50.80
CA THR D 459 38.80 11.67 51.84
C THR D 459 38.02 12.85 51.30
N GLN D 460 37.33 13.54 52.21
CA GLN D 460 36.75 14.85 51.94
C GLN D 460 37.37 15.86 52.90
N ALA D 461 37.81 16.99 52.36
CA ALA D 461 38.50 17.96 53.19
C ALA D 461 37.57 18.57 54.22
N THR D 462 38.10 18.77 55.42
CA THR D 462 37.34 19.43 56.46
C THR D 462 37.36 20.94 56.25
N GLN D 463 36.40 21.61 56.89
CA GLN D 463 36.34 23.07 56.75
C GLN D 463 37.47 23.75 57.49
N GLU D 464 38.06 23.08 58.48
CA GLU D 464 39.21 23.64 59.15
C GLU D 464 40.42 23.69 58.22
N GLU D 465 40.58 22.67 57.38
CA GLU D 465 41.66 22.67 56.41
C GLU D 465 41.46 23.74 55.35
N LEU D 466 40.24 23.82 54.80
CA LEU D 466 40.00 24.68 53.65
C LEU D 466 40.18 26.15 53.98
N GLU D 467 40.16 26.51 55.26
CA GLU D 467 40.53 27.88 55.64
C GLU D 467 42.02 28.09 55.51
N ASP D 468 42.84 27.08 55.81
CA ASP D 468 44.28 27.23 55.66
C ASP D 468 44.68 27.23 54.19
N ILE D 469 44.01 26.42 53.38
CA ILE D 469 44.28 26.41 51.94
C ILE D 469 43.98 27.77 51.34
N GLU D 470 42.81 28.32 51.69
CA GLU D 470 42.41 29.62 51.16
C GLU D 470 43.29 30.74 51.69
N LEU D 471 43.84 30.56 52.89
CA LEU D 471 44.76 31.56 53.42
C LEU D 471 46.09 31.51 52.68
N ASP D 472 46.62 30.32 52.45
CA ASP D 472 47.92 30.20 51.81
C ASP D 472 47.86 30.49 50.32
N LEU D 473 46.71 30.32 49.68
CA LEU D 473 46.63 30.53 48.24
C LEU D 473 46.77 32.00 47.85
N GLY D 474 46.70 32.92 48.81
CA GLY D 474 46.99 34.31 48.54
C GLY D 474 46.05 34.91 47.52
N ASN D 475 46.63 35.62 46.54
CA ASN D 475 45.83 36.27 45.51
C ASN D 475 45.18 35.26 44.58
N ASP D 476 45.67 34.04 44.54
CA ASP D 476 45.14 33.02 43.65
C ASP D 476 43.98 32.25 44.24
N LYS D 477 43.49 32.65 45.42
CA LYS D 477 42.39 31.93 46.05
C LYS D 477 41.10 32.01 45.25
N ARG D 478 41.01 32.99 44.35
CA ARG D 478 39.78 33.16 43.59
C ARG D 478 39.58 32.04 42.58
N HIS D 479 40.66 31.41 42.12
CA HIS D 479 40.52 30.33 41.15
C HIS D 479 39.91 29.09 41.77
N VAL D 480 40.00 28.95 43.09
CA VAL D 480 39.58 27.74 43.75
C VAL D 480 38.34 27.94 44.62
N PHE D 481 38.19 29.08 45.27
CA PHE D 481 37.09 29.31 46.19
C PHE D 481 36.16 30.42 45.75
N HIS D 482 36.02 30.66 44.45
CA HIS D 482 35.06 31.64 43.97
C HIS D 482 34.69 31.32 42.53
N GLY D 483 33.44 31.59 42.19
CA GLY D 483 32.96 31.52 40.83
C GLY D 483 32.51 30.13 40.43
N PHE D 484 31.87 30.07 39.28
CA PHE D 484 31.49 28.81 38.68
C PHE D 484 32.74 28.11 38.16
N GLU D 485 32.72 26.78 38.23
CA GLU D 485 33.78 25.93 37.68
C GLU D 485 35.16 26.31 38.22
N ARG D 486 35.35 26.05 39.51
CA ARG D 486 36.66 26.26 40.10
C ARG D 486 37.59 25.09 39.80
N SER D 487 38.87 25.36 39.92
CA SER D 487 39.97 24.51 39.49
C SER D 487 40.63 23.80 40.67
N PRO D 488 41.08 22.57 40.46
CA PRO D 488 41.72 21.81 41.54
C PRO D 488 43.10 22.32 41.85
N VAL D 489 43.63 21.89 42.98
CA VAL D 489 44.91 22.37 43.50
C VAL D 489 45.81 21.19 43.81
N ILE D 490 47.12 21.43 43.81
CA ILE D 490 48.09 20.59 44.49
C ILE D 490 48.65 21.41 45.65
N TYR D 491 48.57 20.87 46.85
CA TYR D 491 48.92 21.63 48.04
C TYR D 491 50.02 20.91 48.81
N TRP D 492 51.01 21.66 49.28
CA TRP D 492 52.10 21.12 50.07
C TRP D 492 51.93 21.58 51.52
N PRO D 493 51.45 20.70 52.40
CA PRO D 493 51.10 21.15 53.76
C PRO D 493 52.27 21.56 54.62
N GLU D 494 53.46 21.01 54.40
CA GLU D 494 54.58 21.33 55.28
C GLU D 494 55.18 22.69 54.97
N THR D 495 54.91 23.24 53.79
CA THR D 495 55.45 24.54 53.41
C THR D 495 54.39 25.56 53.04
N GLY D 496 53.16 25.15 52.77
CA GLY D 496 52.14 26.09 52.36
C GLY D 496 52.20 26.47 50.89
N ASP D 497 52.89 25.68 50.07
CA ASP D 497 53.03 25.97 48.66
C ASP D 497 51.96 25.25 47.85
N TYR D 498 51.61 25.84 46.71
CA TYR D 498 50.47 25.36 45.94
C TYR D 498 50.82 25.38 44.45
N ALA D 499 49.95 24.77 43.67
CA ALA D 499 50.11 24.71 42.22
C ALA D 499 48.76 24.57 41.56
N ILE D 500 48.36 25.58 40.80
CA ILE D 500 47.08 25.61 40.10
C ILE D 500 47.36 25.60 38.60
N PHE D 501 46.59 24.82 37.86
CA PHE D 501 46.85 24.57 36.44
C PHE D 501 45.72 25.19 35.63
N ILE D 502 45.99 26.33 35.00
CA ILE D 502 44.97 27.20 34.45
C ILE D 502 45.09 27.23 32.94
N ASP D 503 43.96 27.06 32.26
CA ASP D 503 43.88 27.23 30.81
C ASP D 503 43.79 28.70 30.47
N THR D 504 44.81 29.23 29.79
CA THR D 504 44.84 30.64 29.47
C THR D 504 43.98 31.00 28.29
N GLY D 505 43.56 30.03 27.49
CA GLY D 505 42.81 30.33 26.29
C GLY D 505 43.65 30.78 25.12
N ILE D 506 44.98 30.83 25.28
CA ILE D 506 45.87 31.22 24.20
C ILE D 506 46.10 30.02 23.30
N GLN D 507 45.69 30.14 22.05
CA GLN D 507 45.90 29.06 21.09
C GLN D 507 47.32 29.13 20.55
N MET D 508 47.91 27.97 20.31
CA MET D 508 49.28 27.87 19.84
C MET D 508 49.27 27.60 18.35
N LEU D 509 49.93 28.44 17.58
CA LEU D 509 49.80 28.42 16.14
C LEU D 509 51.00 27.76 15.48
N PRO D 510 50.80 27.06 14.38
CA PRO D 510 51.93 26.62 13.56
C PRO D 510 52.50 27.80 12.78
N GLU D 511 53.65 27.56 12.17
CA GLU D 511 54.32 28.60 11.40
C GLU D 511 53.56 28.85 10.11
N PHE D 512 52.49 29.63 10.18
CA PHE D 512 51.57 29.71 9.05
C PHE D 512 52.14 30.53 7.90
N GLU D 513 53.02 31.48 8.18
CA GLU D 513 53.52 32.34 7.12
C GLU D 513 54.50 31.60 6.22
N ALA D 514 55.43 30.84 6.81
CA ALA D 514 56.36 30.04 6.02
C ALA D 514 55.61 28.95 5.25
N VAL D 515 54.63 28.33 5.88
CA VAL D 515 53.81 27.33 5.20
C VAL D 515 53.10 27.96 4.01
N ALA D 516 52.58 29.17 4.18
CA ALA D 516 51.90 29.85 3.09
C ALA D 516 52.84 30.13 1.93
N GLU D 517 54.06 30.60 2.22
CA GLU D 517 55.02 30.85 1.15
C GLU D 517 55.35 29.56 0.40
N ARG D 518 55.57 28.47 1.14
CA ARG D 518 55.91 27.20 0.50
C ARG D 518 54.77 26.71 -0.37
N LEU D 519 53.53 26.84 0.10
CA LEU D 519 52.39 26.36 -0.68
C LEU D 519 52.16 27.22 -1.91
N ARG D 520 52.40 28.53 -1.81
CA ARG D 520 52.29 29.37 -2.99
C ARG D 520 53.35 29.00 -4.03
N GLU D 521 54.57 28.73 -3.58
CA GLU D 521 55.61 28.30 -4.50
C GLU D 521 55.25 26.98 -5.17
N LEU D 522 54.69 26.05 -4.41
CA LEU D 522 54.28 24.79 -4.99
C LEU D 522 53.16 24.97 -6.01
N LYS D 523 52.21 25.85 -5.73
CA LYS D 523 51.14 26.11 -6.69
C LYS D 523 51.71 26.68 -7.98
N GLU D 524 52.61 27.65 -7.86
CA GLU D 524 53.22 28.25 -9.04
C GLU D 524 54.00 27.22 -9.85
N GLY D 525 54.73 26.34 -9.15
CA GLY D 525 55.45 25.29 -9.84
C GLY D 525 54.55 24.28 -10.52
N ARG D 526 53.47 23.87 -9.85
CA ARG D 526 52.60 22.85 -10.41
C ARG D 526 51.69 23.41 -11.49
N SER D 527 51.61 24.73 -11.66
CA SER D 527 50.78 25.29 -12.71
C SER D 527 51.26 24.91 -14.11
N GLN D 528 52.52 24.52 -14.26
CA GLN D 528 53.09 24.19 -15.56
C GLN D 528 53.12 22.68 -15.76
N ASP D 529 53.05 22.25 -17.02
CA ASP D 529 53.25 20.85 -17.35
C ASP D 529 54.71 20.63 -17.76
N VAL D 530 55.27 19.51 -17.33
CA VAL D 530 56.70 19.26 -17.52
C VAL D 530 56.94 18.86 -18.98
N PRO D 531 57.83 19.54 -19.69
CA PRO D 531 58.14 19.15 -21.06
C PRO D 531 58.82 17.79 -21.09
N ILE D 532 58.66 17.10 -22.22
CA ILE D 532 59.19 15.75 -22.36
C ILE D 532 60.71 15.77 -22.40
N ALA D 533 61.29 16.86 -22.91
CA ALA D 533 62.74 16.96 -23.06
C ALA D 533 63.45 16.88 -21.71
N LEU D 534 62.94 17.56 -20.70
CA LEU D 534 63.57 17.53 -19.37
C LEU D 534 63.53 16.13 -18.78
N LEU D 535 62.39 15.45 -18.91
CA LEU D 535 62.27 14.12 -18.32
C LEU D 535 63.15 13.13 -19.04
N ALA D 536 63.24 13.24 -20.36
CA ALA D 536 64.15 12.39 -21.13
C ALA D 536 65.60 12.69 -20.77
N GLN D 537 65.92 13.94 -20.50
CA GLN D 537 67.27 14.30 -20.07
C GLN D 537 67.60 13.67 -18.74
N PHE D 538 66.66 13.69 -17.79
CA PHE D 538 66.91 13.05 -16.50
C PHE D 538 67.05 11.54 -16.68
N ILE D 539 66.30 10.98 -17.62
CA ILE D 539 66.47 9.56 -17.92
C ILE D 539 67.87 9.29 -18.43
N GLU D 540 68.36 10.14 -19.32
CA GLU D 540 69.69 9.95 -19.90
C GLU D 540 70.79 10.08 -18.85
N GLU D 541 70.67 11.06 -17.95
CA GLU D 541 71.78 11.43 -17.10
C GLU D 541 71.92 10.59 -15.84
N ASN D 542 70.84 10.00 -15.35
CA ASN D 542 70.94 9.34 -14.05
C ASN D 542 70.45 7.91 -14.11
N PRO D 543 71.22 7.01 -14.75
CA PRO D 543 70.76 5.61 -14.88
C PRO D 543 70.71 4.86 -13.57
N GLU D 544 71.41 5.31 -12.54
CA GLU D 544 71.43 4.58 -11.28
C GLU D 544 70.19 4.85 -10.43
N SER D 545 69.44 5.91 -10.75
CA SER D 545 68.25 6.22 -9.98
C SER D 545 67.15 5.19 -10.26
N LYS D 546 66.45 4.78 -9.20
CA LYS D 546 65.39 3.79 -9.37
C LYS D 546 64.09 4.44 -9.85
N VAL D 547 64.07 5.76 -9.95
CA VAL D 547 62.87 6.46 -10.42
C VAL D 547 62.70 6.29 -11.92
N ILE D 548 63.77 5.86 -12.60
CA ILE D 548 63.82 5.92 -14.06
C ILE D 548 62.77 5.00 -14.69
N ASN D 549 62.50 3.84 -14.07
CA ASN D 549 61.61 2.88 -14.68
C ASN D 549 60.17 3.38 -14.68
N LYS D 550 59.74 3.96 -13.55
CA LYS D 550 58.41 4.55 -13.48
C LYS D 550 58.27 5.70 -14.47
N LEU D 551 59.33 6.49 -14.61
CA LEU D 551 59.30 7.60 -15.55
C LEU D 551 59.16 7.11 -16.99
N ARG D 552 59.91 6.06 -17.34
CA ARG D 552 59.80 5.50 -18.68
C ARG D 552 58.42 4.93 -18.94
N ALA D 553 57.84 4.26 -17.93
CA ALA D 553 56.49 3.74 -18.07
C ALA D 553 55.49 4.86 -18.29
N ILE D 554 55.63 5.94 -17.54
CA ILE D 554 54.70 7.07 -17.67
C ILE D 554 54.84 7.71 -19.04
N LEU D 555 56.06 7.89 -19.51
CA LEU D 555 56.27 8.48 -20.84
C LEU D 555 55.75 7.57 -21.94
N SER D 556 55.87 6.25 -21.77
CA SER D 556 55.29 5.32 -22.73
C SER D 556 53.77 5.41 -22.76
N GLU D 557 53.13 5.49 -21.60
CA GLU D 557 51.68 5.68 -21.56
C GLU D 557 51.28 7.02 -22.16
N TRP D 558 52.04 8.07 -21.84
CA TRP D 558 51.69 9.42 -22.27
C TRP D 558 51.87 9.59 -23.77
N ASP D 559 51.26 10.64 -24.30
CA ASP D 559 51.49 11.06 -25.68
C ASP D 559 52.95 11.45 -25.88
N ASP D 560 53.30 11.65 -27.14
CA ASP D 560 54.70 11.86 -27.47
C ASP D 560 55.09 13.33 -27.53
N VAL D 561 54.12 14.24 -27.56
CA VAL D 561 54.38 15.66 -27.78
C VAL D 561 53.92 16.50 -26.60
N ALA D 562 52.72 16.22 -26.09
CA ALA D 562 52.13 17.05 -25.05
C ALA D 562 52.94 16.94 -23.76
N PRO D 563 53.23 18.06 -23.10
CA PRO D 563 53.98 18.02 -21.84
C PRO D 563 53.19 17.28 -20.77
N LEU D 564 53.91 16.65 -19.87
CA LEU D 564 53.30 15.80 -18.86
C LEU D 564 52.72 16.66 -17.75
N PRO D 565 51.43 16.52 -17.43
CA PRO D 565 50.88 17.25 -16.28
C PRO D 565 51.39 16.67 -14.98
N PHE D 566 51.36 17.49 -13.93
CA PHE D 566 51.87 17.04 -12.63
C PHE D 566 51.05 15.90 -12.07
N ASP D 567 49.79 15.77 -12.49
CA ASP D 567 48.92 14.75 -11.93
C ASP D 567 49.40 13.35 -12.28
N GLU D 568 50.19 13.20 -13.33
CA GLU D 568 50.78 11.91 -13.64
C GLU D 568 51.91 11.54 -12.69
N PHE D 569 52.57 12.53 -12.09
CA PHE D 569 53.68 12.28 -11.18
C PHE D 569 53.26 11.72 -9.84
N SER D 570 51.95 11.64 -9.57
CA SER D 570 51.47 11.33 -8.23
C SER D 570 51.92 9.95 -7.77
N THR D 571 52.29 9.07 -8.70
CA THR D 571 52.81 7.77 -8.30
C THR D 571 54.21 7.89 -7.69
N ILE D 572 54.97 8.90 -8.08
CA ILE D 572 56.33 9.07 -7.59
C ILE D 572 56.27 9.95 -6.34
N ALA D 573 56.54 9.35 -5.19
CA ALA D 573 56.44 10.06 -3.93
C ALA D 573 57.67 10.93 -3.70
N TYR D 574 57.76 11.50 -2.51
CA TYR D 574 58.89 12.33 -2.10
C TYR D 574 59.60 11.69 -0.90
N LYS D 575 59.73 10.37 -0.92
CA LYS D 575 60.27 9.65 0.23
C LYS D 575 61.71 9.19 0.02
N SER D 576 61.97 8.48 -1.07
CA SER D 576 63.30 7.94 -1.30
C SER D 576 64.27 9.05 -1.66
N SER D 577 65.56 8.79 -1.41
CA SER D 577 66.60 9.74 -1.77
C SER D 577 66.67 9.94 -3.28
N ASP D 578 66.42 8.88 -4.05
CA ASP D 578 66.37 9.02 -5.50
C ASP D 578 65.19 9.88 -5.92
N GLU D 579 64.03 9.69 -5.28
CA GLU D 579 62.86 10.51 -5.57
C GLU D 579 63.13 11.97 -5.22
N LYS D 580 63.76 12.20 -4.07
CA LYS D 580 64.09 13.56 -3.65
C LYS D 580 65.07 14.19 -4.62
N GLN D 581 66.05 13.41 -5.08
CA GLN D 581 67.02 13.93 -6.05
C GLN D 581 66.34 14.29 -7.36
N PHE D 582 65.41 13.45 -7.79
CA PHE D 582 64.66 13.70 -9.02
C PHE D 582 63.85 15.00 -8.92
N TYR D 583 63.13 15.16 -7.81
CA TYR D 583 62.30 16.35 -7.66
C TYR D 583 63.13 17.60 -7.47
N ASP D 584 64.28 17.48 -6.79
CA ASP D 584 65.16 18.64 -6.65
C ASP D 584 65.77 19.02 -7.99
N TRP D 585 66.07 18.02 -8.82
CA TRP D 585 66.56 18.34 -10.16
C TRP D 585 65.49 19.05 -10.98
N LEU D 586 64.24 18.58 -10.86
CA LEU D 586 63.14 19.25 -11.56
C LEU D 586 62.98 20.69 -11.08
N ARG D 587 63.11 20.91 -9.77
CA ARG D 587 63.04 22.26 -9.24
C ARG D 587 64.17 23.12 -9.78
N GLU D 588 65.37 22.57 -9.87
CA GLU D 588 66.48 23.29 -10.48
C GLU D 588 66.22 23.62 -11.94
N GLN D 589 65.48 22.77 -12.64
CA GLN D 589 65.07 23.10 -14.00
C GLN D 589 63.90 24.08 -14.04
N GLY D 590 63.31 24.40 -12.89
CA GLY D 590 62.23 25.37 -12.84
C GLY D 590 60.85 24.82 -12.59
N PHE D 591 60.73 23.62 -12.02
CA PHE D 591 59.45 22.98 -11.78
C PHE D 591 59.42 22.51 -10.33
N PHE D 592 58.98 23.39 -9.44
CA PHE D 592 58.87 23.06 -8.02
C PHE D 592 57.57 22.33 -7.81
N LEU D 593 57.64 21.00 -7.80
CA LEU D 593 56.42 20.19 -7.79
C LEU D 593 56.13 19.58 -6.42
N LYS D 594 57.14 19.09 -5.72
CA LYS D 594 56.92 18.46 -4.44
C LYS D 594 57.96 18.92 -3.45
N THR D 595 57.58 18.91 -2.18
CA THR D 595 58.48 19.23 -1.09
C THR D 595 57.92 18.62 0.19
N SER D 596 58.68 18.76 1.26
CA SER D 596 58.27 18.26 2.57
C SER D 596 58.04 19.43 3.52
N ILE D 597 56.85 19.47 4.12
CA ILE D 597 56.54 20.47 5.12
C ILE D 597 56.23 19.87 6.48
N ARG D 598 55.89 18.59 6.55
CA ARG D 598 55.58 17.95 7.82
C ARG D 598 56.81 17.40 8.52
N GLY D 599 58.00 17.58 7.94
CA GLY D 599 59.19 17.06 8.57
C GLY D 599 59.54 17.86 9.82
N GLN D 600 60.13 17.17 10.79
CA GLN D 600 60.53 17.82 12.03
C GLN D 600 61.76 18.70 11.83
N SER D 601 62.50 18.53 10.74
CA SER D 601 63.62 19.41 10.45
C SER D 601 63.15 20.84 10.23
N GLU D 602 62.08 21.01 9.46
CA GLU D 602 61.50 22.34 9.29
C GLU D 602 60.80 22.81 10.54
N GLY D 603 60.02 21.92 11.18
CA GLY D 603 59.36 22.27 12.41
C GLY D 603 58.20 23.23 12.27
N PHE D 604 57.51 23.20 11.13
CA PHE D 604 56.36 24.08 10.97
C PHE D 604 55.22 23.69 11.89
N PHE D 605 55.03 22.39 12.12
CA PHE D 605 53.90 21.91 12.89
C PHE D 605 54.27 21.50 14.30
N ASN D 606 55.37 22.02 14.82
CA ASN D 606 55.46 22.18 16.25
C ASN D 606 54.40 23.18 16.68
N ALA D 607 54.12 23.23 17.97
CA ALA D 607 52.97 23.87 18.58
C ALA D 607 51.67 23.21 18.18
N SER D 608 51.74 22.01 17.61
CA SER D 608 50.57 21.15 17.49
C SER D 608 50.94 19.70 17.77
N LEU D 609 52.08 19.45 18.39
CA LEU D 609 52.59 18.10 18.57
C LEU D 609 53.30 17.97 19.91
N GLY D 610 53.24 16.77 20.47
CA GLY D 610 54.06 16.43 21.62
C GLY D 610 53.63 17.16 22.88
N PHE D 611 54.58 17.30 23.79
CA PHE D 611 54.32 17.96 25.05
C PHE D 611 55.42 18.98 25.30
N PHE D 612 55.03 20.25 25.32
CA PHE D 612 55.94 21.36 25.58
C PHE D 612 55.79 21.75 27.03
N TYR D 613 56.89 22.06 27.69
CA TYR D 613 56.85 22.35 29.13
C TYR D 613 57.98 23.29 29.47
N ASN D 614 57.66 24.56 29.68
CA ASN D 614 58.63 25.54 30.15
C ASN D 614 58.49 25.62 31.67
N ARG D 615 59.44 25.03 32.38
CA ARG D 615 59.37 25.02 33.83
C ARG D 615 59.63 26.40 34.41
N GLU D 616 60.54 27.16 33.80
CA GLU D 616 60.91 28.45 34.35
C GLU D 616 59.75 29.43 34.34
N GLN D 617 58.91 29.39 33.32
CA GLN D 617 57.74 30.27 33.25
C GLN D 617 56.47 29.60 33.71
N GLY D 618 56.44 28.27 33.81
CA GLY D 618 55.25 27.58 34.20
C GLY D 618 54.23 27.42 33.10
N MET D 619 54.67 27.44 31.85
CA MET D 619 53.79 27.30 30.70
C MET D 619 53.98 25.92 30.09
N TYR D 620 52.89 25.35 29.61
CA TYR D 620 52.96 24.05 28.97
C TYR D 620 51.78 23.89 28.04
N PHE D 621 51.93 23.00 27.07
CA PHE D 621 50.82 22.61 26.22
C PHE D 621 51.12 21.23 25.66
N ALA D 622 50.08 20.61 25.13
CA ALA D 622 50.16 19.28 24.55
C ALA D 622 49.44 19.25 23.22
N GLY D 623 49.91 18.36 22.34
CA GLY D 623 49.31 18.26 21.04
C GLY D 623 49.15 16.82 20.58
N GLY D 624 49.13 16.61 19.28
CA GLY D 624 49.05 15.27 18.74
C GLY D 624 50.38 14.54 18.84
N LYS D 625 50.38 13.32 18.31
CA LYS D 625 51.59 12.52 18.31
C LYS D 625 51.80 11.92 16.94
N GLY D 626 53.06 11.64 16.63
CA GLY D 626 53.38 11.11 15.32
C GLY D 626 53.59 12.23 14.31
N SER D 627 53.44 11.88 13.04
CA SER D 627 53.55 12.87 11.99
C SER D 627 52.34 13.80 12.03
N PRO D 628 52.53 15.07 11.68
CA PRO D 628 51.39 16.00 11.66
C PRO D 628 50.36 15.56 10.63
N GLN D 629 49.11 15.51 11.05
CA GLN D 629 48.04 15.16 10.14
C GLN D 629 47.87 16.24 9.08
N SER D 630 47.39 15.83 7.91
CA SER D 630 47.20 16.78 6.82
C SER D 630 46.11 17.80 7.13
N LYS D 631 45.18 17.45 8.01
CA LYS D 631 44.10 18.35 8.37
C LYS D 631 43.99 18.37 9.88
N ILE D 632 44.22 19.53 10.49
CA ILE D 632 44.20 19.69 11.94
C ILE D 632 43.01 20.54 12.30
N GLU D 633 42.18 20.07 13.22
CA GLU D 633 40.91 20.70 13.50
C GLU D 633 40.93 21.65 14.68
N THR D 634 41.92 21.55 15.57
CA THR D 634 41.92 22.35 16.77
C THR D 634 43.31 22.87 17.04
N PHE D 635 43.37 23.98 17.76
CA PHE D 635 44.62 24.50 18.27
C PHE D 635 44.81 24.03 19.70
N SER D 636 46.04 23.72 20.07
CA SER D 636 46.35 23.44 21.46
C SER D 636 46.39 24.74 22.24
N HIS D 637 45.79 24.72 23.42
CA HIS D 637 45.80 25.90 24.26
C HIS D 637 47.06 25.93 25.13
N LEU D 638 47.46 27.12 25.50
CA LEU D 638 48.57 27.28 26.43
C LEU D 638 48.04 27.25 27.85
N TYR D 639 48.62 26.40 28.68
CA TYR D 639 48.25 26.28 30.08
C TYR D 639 49.34 26.89 30.95
N LEU D 640 48.91 27.54 32.02
CA LEU D 640 49.83 28.27 32.89
C LEU D 640 49.72 27.69 34.30
N ILE D 641 50.85 27.56 34.97
CA ILE D 641 50.91 26.99 36.30
C ILE D 641 51.13 28.14 37.27
N LYS D 642 50.08 28.49 38.01
CA LYS D 642 50.21 29.46 39.09
C LYS D 642 50.73 28.73 40.32
N HIS D 643 51.77 29.28 40.94
CA HIS D 643 52.39 28.59 42.06
C HIS D 643 53.17 29.59 42.89
N SER D 644 53.50 29.17 44.11
CA SER D 644 54.20 30.02 45.06
C SER D 644 55.66 29.63 45.26
N PHE D 645 56.18 28.68 44.49
CA PHE D 645 57.57 28.30 44.64
C PHE D 645 58.48 29.38 44.09
N ASP D 646 59.72 29.39 44.58
CA ASP D 646 60.77 30.11 43.87
C ASP D 646 61.10 29.42 42.55
N ALA D 647 61.19 28.09 42.57
CA ALA D 647 61.31 27.29 41.38
C ALA D 647 60.40 26.09 41.53
N LEU D 648 59.62 25.81 40.50
CA LEU D 648 58.65 24.73 40.57
C LEU D 648 59.37 23.40 40.73
N PRO D 649 58.88 22.51 41.58
CA PRO D 649 59.56 21.22 41.78
C PRO D 649 59.60 20.41 40.49
N GLU D 650 60.69 19.67 40.32
CA GLU D 650 60.90 18.94 39.08
C GLU D 650 59.88 17.82 38.92
N GLU D 651 59.40 17.26 40.03
CA GLU D 651 58.51 16.11 39.93
C GLU D 651 57.14 16.48 39.39
N VAL D 652 56.78 17.77 39.37
CA VAL D 652 55.46 18.17 38.93
C VAL D 652 55.26 17.80 37.46
N GLU D 653 56.31 17.96 36.65
CA GLU D 653 56.16 17.66 35.23
C GLU D 653 56.09 16.17 34.97
N ASN D 654 56.40 15.33 35.95
CA ASN D 654 56.19 13.90 35.78
C ASN D 654 54.71 13.55 35.73
N LEU D 655 53.86 14.41 36.30
CA LEU D 655 52.43 14.14 36.37
C LEU D 655 51.76 14.14 35.01
N PHE D 656 52.43 14.62 33.96
CA PHE D 656 51.87 14.64 32.63
C PHE D 656 52.38 13.52 31.75
N ASP D 657 53.18 12.60 32.27
CA ASP D 657 53.75 11.55 31.46
C ASP D 657 52.85 10.33 31.38
N VAL D 658 51.60 10.52 31.01
CA VAL D 658 50.65 9.42 30.87
C VAL D 658 49.95 9.57 29.53
N TYR D 659 49.75 8.45 28.85
CA TYR D 659 49.16 8.47 27.52
C TYR D 659 47.80 7.78 27.47
N HIS D 660 47.14 7.60 28.61
CA HIS D 660 45.83 7.00 28.61
C HIS D 660 44.74 7.83 29.29
N LEU D 661 45.09 8.90 30.00
CA LEU D 661 44.06 9.83 30.43
C LEU D 661 43.34 10.40 29.23
N ARG D 662 44.10 10.94 28.29
CA ARG D 662 43.58 11.24 26.98
C ARG D 662 43.82 10.02 26.10
N HIS D 663 42.94 9.80 25.14
CA HIS D 663 43.02 8.58 24.36
C HIS D 663 44.24 8.59 23.44
N ARG D 664 45.28 7.87 23.86
CA ARG D 664 46.52 7.71 23.10
C ARG D 664 47.23 9.03 22.83
N LEU D 665 47.13 9.98 23.75
CA LEU D 665 47.66 11.32 23.54
C LEU D 665 48.19 11.86 24.85
N PRO D 666 49.11 12.82 24.81
CA PRO D 666 49.55 13.45 26.05
C PRO D 666 48.43 14.29 26.66
N THR D 667 48.49 14.46 27.97
CA THR D 667 47.43 15.16 28.68
C THR D 667 47.90 16.51 29.17
N VAL D 668 46.95 17.37 29.54
CA VAL D 668 47.25 18.69 30.05
C VAL D 668 46.85 18.84 31.50
N THR D 669 46.36 17.78 32.13
CA THR D 669 46.04 17.79 33.55
C THR D 669 46.80 16.67 34.25
N PRO D 670 47.27 16.90 35.46
CA PRO D 670 47.98 15.84 36.19
C PRO D 670 47.09 14.63 36.43
N TYR D 671 47.69 13.45 36.36
CA TYR D 671 46.94 12.22 36.53
C TYR D 671 46.28 12.02 37.89
N PRO D 672 46.76 12.59 39.00
CA PRO D 672 45.97 12.44 40.24
C PRO D 672 44.61 13.11 40.20
N PHE D 673 44.40 14.06 39.29
CA PHE D 673 43.11 14.73 39.23
C PHE D 673 42.07 13.91 38.49
N LYS D 674 42.51 13.01 37.60
CA LYS D 674 41.58 12.12 36.94
C LYS D 674 41.02 11.10 37.92
N HIS D 675 41.90 10.49 38.72
CA HIS D 675 41.45 9.52 39.71
C HIS D 675 40.59 10.18 40.77
N LEU D 676 40.95 11.40 41.18
CA LEU D 676 40.16 12.11 42.16
C LEU D 676 38.79 12.49 41.61
N ARG D 677 38.73 12.84 40.33
CA ARG D 677 37.43 13.09 39.69
C ARG D 677 36.58 11.83 39.70
N GLU D 678 37.18 10.68 39.39
CA GLU D 678 36.43 9.44 39.42
C GLU D 678 35.97 9.09 40.83
N TYR D 679 36.79 9.38 41.84
CA TYR D 679 36.38 9.15 43.22
C TYR D 679 35.20 10.02 43.58
N VAL D 680 35.22 11.29 43.17
CA VAL D 680 34.09 12.17 43.44
C VAL D 680 32.85 11.68 42.73
N GLU D 681 33.00 11.19 41.50
CA GLU D 681 31.86 10.64 40.78
C GLU D 681 31.32 9.39 41.46
N MET D 682 32.18 8.65 42.16
CA MET D 682 31.69 7.49 42.91
C MET D 682 30.91 7.92 44.14
N GLN D 683 31.28 9.05 44.74
CA GLN D 683 30.63 9.48 45.97
C GLN D 683 29.27 10.11 45.70
N ARG D 684 28.88 10.24 44.43
CA ARG D 684 27.59 10.82 44.12
C ARG D 684 26.45 9.96 44.63
N PHE D 685 26.61 8.64 44.54
CA PHE D 685 25.52 7.73 44.89
C PHE D 685 25.69 7.06 46.25
N ARG D 686 26.93 6.81 46.69
CA ARG D 686 27.14 6.24 48.02
C ARG D 686 26.62 7.18 49.10
N SER D 687 26.88 8.48 48.97
CA SER D 687 26.46 9.43 49.97
C SER D 687 24.94 9.63 49.92
N ASN E 32 -9.98 34.58 14.45
CA ASN E 32 -10.50 33.31 14.92
C ASN E 32 -11.48 33.50 16.08
N VAL E 33 -12.76 33.38 15.79
CA VAL E 33 -13.82 33.61 16.77
C VAL E 33 -13.87 32.45 17.75
N SER E 34 -14.63 32.63 18.83
CA SER E 34 -14.74 31.62 19.87
C SER E 34 -16.11 31.69 20.50
N ILE E 35 -16.42 30.69 21.33
CA ILE E 35 -17.76 30.54 21.88
C ILE E 35 -18.08 31.67 22.86
N GLU E 36 -17.06 32.36 23.37
CA GLU E 36 -17.30 33.41 24.35
C GLU E 36 -17.95 34.64 23.75
N GLU E 37 -18.06 34.71 22.42
CA GLU E 37 -18.71 35.84 21.77
C GLU E 37 -20.18 35.96 22.16
N PHE E 38 -20.81 34.86 22.55
CA PHE E 38 -22.22 34.87 22.92
C PHE E 38 -22.42 35.03 24.42
N THR E 39 -21.41 35.48 25.15
CA THR E 39 -21.53 35.58 26.60
C THR E 39 -22.61 36.56 27.02
N HIS E 40 -22.68 37.71 26.36
CA HIS E 40 -23.70 38.70 26.64
C HIS E 40 -24.87 38.63 25.67
N PHE E 41 -24.89 37.62 24.79
CA PHE E 41 -25.98 37.48 23.84
C PHE E 41 -27.27 37.12 24.56
N ASP E 42 -28.36 37.81 24.21
CA ASP E 42 -29.66 37.55 24.80
C ASP E 42 -30.29 36.40 24.04
N PHE E 43 -30.28 35.21 24.66
CA PHE E 43 -30.91 34.06 24.05
C PHE E 43 -32.43 34.10 24.12
N GLN E 44 -33.00 35.05 24.87
CA GLN E 44 -34.45 35.17 24.97
C GLN E 44 -35.03 36.09 23.93
N LEU E 45 -34.20 36.81 23.17
CA LEU E 45 -34.70 37.72 22.15
C LEU E 45 -34.78 36.99 20.81
N VAL E 46 -36.01 36.75 20.35
CA VAL E 46 -36.25 36.02 19.10
C VAL E 46 -37.17 36.86 18.24
N PRO E 47 -37.12 36.73 16.91
CA PRO E 47 -38.03 37.50 16.06
C PRO E 47 -39.46 37.05 16.26
N GLU E 48 -40.38 37.91 15.85
CA GLU E 48 -41.81 37.62 15.99
C GLU E 48 -42.14 36.36 15.21
N PRO E 49 -42.46 35.25 15.88
CA PRO E 49 -42.57 33.98 15.19
C PRO E 49 -43.84 33.88 14.36
N SER E 50 -43.70 33.32 13.16
CA SER E 50 -44.83 33.04 12.32
C SER E 50 -45.65 31.91 12.93
N PRO E 51 -46.92 31.78 12.56
CA PRO E 51 -47.70 30.64 13.03
C PRO E 51 -47.09 29.28 12.68
N LEU E 52 -46.32 29.20 11.60
CA LEU E 52 -45.64 27.96 11.26
C LEU E 52 -44.57 27.61 12.30
N ASP E 53 -43.77 28.59 12.70
CA ASP E 53 -42.77 28.37 13.73
C ASP E 53 -43.42 27.99 15.05
N LEU E 54 -44.52 28.66 15.38
CA LEU E 54 -45.25 28.33 16.60
C LEU E 54 -45.77 26.91 16.56
N VAL E 55 -46.30 26.48 15.41
CA VAL E 55 -46.81 25.13 15.28
C VAL E 55 -45.69 24.12 15.48
N ILE E 56 -44.53 24.37 14.88
CA ILE E 56 -43.41 23.45 15.05
C ILE E 56 -42.98 23.38 16.51
N THR E 57 -42.88 24.54 17.17
CA THR E 57 -42.44 24.57 18.56
C THR E 57 -43.43 23.87 19.47
N GLU E 58 -44.72 24.13 19.27
CA GLU E 58 -45.74 23.49 20.09
C GLU E 58 -45.73 21.97 19.90
N SER E 59 -45.62 21.52 18.65
CA SER E 59 -45.65 20.09 18.40
C SER E 59 -44.42 19.40 18.99
N LEU E 60 -43.26 20.05 18.91
CA LEU E 60 -42.08 19.44 19.52
C LEU E 60 -42.07 19.59 21.03
N LYS E 61 -42.91 20.46 21.57
CA LYS E 61 -43.06 20.54 23.02
C LYS E 61 -43.89 19.38 23.54
N ASN E 62 -45.04 19.13 22.93
CA ASN E 62 -45.89 18.03 23.36
C ASN E 62 -45.21 16.69 23.13
N HIS E 63 -44.26 16.64 22.21
CA HIS E 63 -43.46 15.44 22.03
C HIS E 63 -42.68 15.12 23.29
N ILE E 64 -42.13 16.14 23.93
CA ILE E 64 -41.37 15.94 25.16
C ILE E 64 -42.28 15.45 26.28
N GLU E 65 -43.47 16.04 26.39
CA GLU E 65 -44.41 15.61 27.42
C GLU E 65 -44.87 14.16 27.19
N VAL E 66 -45.34 13.86 25.99
CA VAL E 66 -45.96 12.56 25.74
C VAL E 66 -44.93 11.45 25.66
N ASN E 67 -43.81 11.68 24.95
CA ASN E 67 -42.90 10.59 24.63
C ASN E 67 -41.60 10.62 25.41
N GLY E 68 -41.26 11.74 26.03
CA GLY E 68 -40.02 11.82 26.78
C GLY E 68 -38.92 12.55 26.03
N VAL E 69 -37.85 12.84 26.77
CA VAL E 69 -36.78 13.67 26.22
C VAL E 69 -35.97 12.90 25.18
N LYS E 70 -35.66 11.63 25.47
CA LYS E 70 -34.78 10.87 24.60
C LYS E 70 -35.52 10.23 23.42
N SER E 71 -36.82 10.42 23.31
CA SER E 71 -37.59 9.79 22.25
C SER E 71 -37.38 10.49 20.92
N GLY E 72 -37.28 9.71 19.86
CA GLY E 72 -37.32 10.26 18.53
C GLY E 72 -38.74 10.56 18.11
N ALA E 73 -38.88 11.26 16.99
CA ALA E 73 -40.20 11.62 16.50
C ALA E 73 -40.15 11.86 15.01
N LEU E 74 -41.31 11.77 14.38
CA LEU E 74 -41.50 12.16 13.00
C LEU E 74 -42.65 13.16 12.95
N LEU E 75 -42.37 14.36 12.45
CA LEU E 75 -43.35 15.43 12.38
C LEU E 75 -43.54 15.81 10.92
N PRO E 76 -44.56 15.28 10.25
CA PRO E 76 -44.86 15.74 8.90
C PRO E 76 -45.49 17.12 8.94
N LEU E 77 -44.99 18.01 8.08
CA LEU E 77 -45.41 19.40 8.05
C LEU E 77 -45.90 19.76 6.66
N PRO E 78 -47.19 19.66 6.40
CA PRO E 78 -47.70 19.97 5.06
C PRO E 78 -47.70 21.45 4.74
N PHE E 79 -46.51 22.04 4.62
CA PHE E 79 -46.41 23.46 4.34
C PHE E 79 -46.36 23.71 2.84
N GLN E 80 -47.13 24.70 2.40
CA GLN E 80 -47.05 25.15 1.03
C GLN E 80 -45.75 25.88 0.80
N THR E 81 -45.02 25.48 -0.24
CA THR E 81 -43.80 26.17 -0.58
C THR E 81 -44.14 27.52 -1.21
N GLY E 82 -43.25 28.48 -1.01
CA GLY E 82 -43.53 29.82 -1.46
C GLY E 82 -44.30 30.68 -0.49
N ILE E 83 -44.68 30.14 0.67
CA ILE E 83 -45.30 30.95 1.71
C ILE E 83 -44.43 30.82 2.94
N GLY E 84 -43.12 30.80 2.74
CA GLY E 84 -42.19 30.83 3.85
C GLY E 84 -41.78 29.47 4.37
N LYS E 85 -41.83 28.44 3.53
CA LYS E 85 -41.44 27.10 3.97
C LYS E 85 -39.96 27.04 4.28
N THR E 86 -39.12 27.49 3.35
CA THR E 86 -37.67 27.42 3.54
C THR E 86 -37.23 28.32 4.67
N TYR E 87 -37.83 29.50 4.79
CA TYR E 87 -37.49 30.38 5.89
C TYR E 87 -37.85 29.74 7.22
N THR E 88 -38.99 29.09 7.30
CA THR E 88 -39.40 28.43 8.54
C THR E 88 -38.43 27.32 8.92
N ALA E 89 -38.07 26.48 7.95
CA ALA E 89 -37.14 25.39 8.24
C ALA E 89 -35.79 25.92 8.68
N LEU E 90 -35.28 26.94 7.99
CA LEU E 90 -33.95 27.45 8.32
C LEU E 90 -33.95 28.23 9.61
N ASN E 91 -35.04 28.93 9.92
CA ASN E 91 -35.15 29.61 11.21
C ASN E 91 -35.20 28.61 12.35
N PHE E 92 -35.91 27.49 12.15
CA PHE E 92 -35.88 26.42 13.14
C PHE E 92 -34.47 25.88 13.30
N LEU E 93 -33.76 25.72 12.19
CA LEU E 93 -32.38 25.23 12.26
C LEU E 93 -31.49 26.21 13.02
N LEU E 94 -31.71 27.50 12.82
CA LEU E 94 -30.93 28.51 13.53
C LEU E 94 -31.22 28.49 15.02
N GLN E 95 -32.48 28.28 15.40
CA GLN E 95 -32.81 28.20 16.82
C GLN E 95 -32.10 27.05 17.50
N GLN E 96 -32.05 25.88 16.85
CA GLN E 96 -31.37 24.74 17.45
C GLN E 96 -29.88 24.97 17.54
N MET E 97 -29.32 25.79 16.66
CA MET E 97 -27.92 26.16 16.79
C MET E 97 -27.69 27.02 18.02
N LEU E 98 -28.63 27.93 18.30
CA LEU E 98 -28.49 28.80 19.47
C LEU E 98 -28.59 28.01 20.76
N GLU E 99 -29.52 27.06 20.83
CA GLU E 99 -29.69 26.29 22.06
C GLU E 99 -28.45 25.46 22.35
N GLN E 100 -27.72 25.06 21.32
CA GLN E 100 -26.47 24.36 21.54
C GLN E 100 -25.42 25.29 22.13
N VAL E 101 -25.35 26.52 21.63
CA VAL E 101 -24.44 27.51 22.19
C VAL E 101 -24.84 27.84 23.62
N ARG E 102 -26.14 27.99 23.86
CA ARG E 102 -26.63 28.28 25.20
C ARG E 102 -26.27 27.16 26.17
N SER E 103 -26.44 25.92 25.73
CA SER E 103 -26.11 24.77 26.58
C SER E 103 -24.60 24.71 26.84
N GLU E 104 -23.78 24.94 25.82
CA GLU E 104 -22.34 24.87 26.02
C GLU E 104 -21.82 26.05 26.83
N LEU E 105 -22.57 27.15 26.91
CA LEU E 105 -22.18 28.21 27.83
C LEU E 105 -22.58 27.87 29.26
N LYS E 106 -23.84 27.47 29.46
CA LYS E 106 -24.33 27.26 30.82
C LYS E 106 -23.79 25.96 31.41
N GLU E 107 -23.52 24.96 30.58
CA GLU E 107 -23.09 23.65 31.05
C GLU E 107 -21.67 23.31 30.61
N GLU E 108 -20.79 24.31 30.46
CA GLU E 108 -19.41 24.03 30.08
C GLU E 108 -18.68 23.28 31.18
N ASN E 109 -18.97 23.60 32.45
CA ASN E 109 -18.30 22.98 33.58
C ASN E 109 -18.70 21.53 33.78
N THR E 110 -19.80 21.09 33.17
CA THR E 110 -20.26 19.72 33.33
C THR E 110 -19.32 18.69 32.70
N GLY E 111 -18.70 19.01 31.57
CA GLY E 111 -17.75 18.10 30.95
C GLY E 111 -18.38 17.06 30.05
N LYS E 112 -19.63 16.67 30.34
CA LYS E 112 -20.36 15.70 29.52
C LYS E 112 -20.90 16.38 28.26
N LYS E 113 -19.97 16.73 27.39
CA LYS E 113 -20.34 17.44 26.16
C LYS E 113 -21.00 16.48 25.18
N SER E 114 -22.15 16.91 24.65
CA SER E 114 -22.90 16.14 23.66
C SER E 114 -23.20 17.09 22.50
N LYS E 115 -22.33 17.08 21.50
CA LYS E 115 -22.48 17.97 20.34
C LYS E 115 -23.64 17.43 19.50
N ARG E 116 -24.81 18.03 19.71
CA ARG E 116 -26.01 17.60 19.03
C ARG E 116 -25.94 17.88 17.55
N LEU E 117 -26.12 16.84 16.75
CA LEU E 117 -25.99 16.97 15.30
C LEU E 117 -27.31 17.38 14.69
N LEU E 118 -27.25 18.32 13.76
CA LEU E 118 -28.40 18.75 12.98
C LEU E 118 -28.12 18.50 11.51
N TYR E 119 -29.07 17.93 10.81
CA TYR E 119 -28.93 17.64 9.39
C TYR E 119 -30.03 18.33 8.61
N TYR E 120 -29.69 18.79 7.42
CA TYR E 120 -30.66 19.22 6.43
C TYR E 120 -30.42 18.37 5.20
N VAL E 121 -31.37 17.49 4.90
CA VAL E 121 -31.23 16.61 3.74
C VAL E 121 -32.37 16.86 2.78
N THR E 122 -32.08 16.67 1.50
CA THR E 122 -33.07 16.65 0.43
C THR E 122 -32.43 15.92 -0.73
N ASP E 123 -33.22 15.61 -1.74
CA ASP E 123 -32.76 14.68 -2.76
C ASP E 123 -31.75 15.30 -3.71
N SER E 124 -31.93 16.57 -4.08
CA SER E 124 -31.11 17.14 -5.13
C SER E 124 -29.95 17.95 -4.55
N VAL E 125 -28.85 18.01 -5.30
CA VAL E 125 -27.67 18.74 -4.84
C VAL E 125 -27.93 20.23 -4.85
N ASP E 126 -28.67 20.72 -5.85
CA ASP E 126 -28.89 22.16 -5.97
C ASP E 126 -29.69 22.70 -4.80
N ASN E 127 -30.66 21.93 -4.31
CA ASN E 127 -31.44 22.38 -3.16
C ASN E 127 -30.62 22.41 -1.90
N VAL E 128 -29.70 21.45 -1.73
CA VAL E 128 -28.82 21.44 -0.57
C VAL E 128 -27.97 22.69 -0.53
N VAL E 129 -27.34 23.01 -1.67
CA VAL E 129 -26.47 24.18 -1.76
C VAL E 129 -27.27 25.45 -1.56
N SER E 130 -28.46 25.52 -2.18
CA SER E 130 -29.31 26.69 -2.03
C SER E 130 -29.74 26.90 -0.58
N ALA E 131 -30.07 25.82 0.12
CA ALA E 131 -30.49 25.95 1.50
C ALA E 131 -29.34 26.37 2.41
N LYS E 132 -28.14 25.83 2.17
CA LYS E 132 -26.99 26.24 2.97
C LYS E 132 -26.68 27.72 2.75
N ALA E 133 -26.75 28.16 1.49
CA ALA E 133 -26.53 29.58 1.20
C ALA E 133 -27.60 30.45 1.86
N ASP E 134 -28.84 30.00 1.84
CA ASP E 134 -29.90 30.77 2.47
C ASP E 134 -29.77 30.81 3.98
N LEU E 135 -29.25 29.74 4.59
CA LEU E 135 -29.02 29.78 6.03
C LEU E 135 -27.91 30.77 6.39
N LEU E 136 -26.82 30.77 5.63
CA LEU E 136 -25.77 31.76 5.88
C LEU E 136 -26.28 33.18 5.68
N LYS E 137 -27.08 33.39 4.64
CA LYS E 137 -27.66 34.71 4.40
C LYS E 137 -28.61 35.11 5.52
N LEU E 138 -29.37 34.15 6.05
CA LEU E 138 -30.25 34.44 7.18
C LEU E 138 -29.45 34.81 8.42
N ILE E 139 -28.34 34.12 8.66
CA ILE E 139 -27.47 34.47 9.77
C ILE E 139 -26.97 35.90 9.62
N GLU E 140 -26.53 36.25 8.41
CA GLU E 140 -25.94 37.57 8.19
C GLU E 140 -26.98 38.68 8.31
N LYS E 141 -28.17 38.49 7.75
CA LYS E 141 -29.11 39.59 7.59
C LYS E 141 -30.34 39.53 8.50
N GLN E 142 -30.39 38.63 9.47
CA GLN E 142 -31.55 38.62 10.36
C GLN E 142 -31.50 39.79 11.33
N THR E 143 -32.66 40.35 11.62
CA THR E 143 -32.77 41.48 12.55
C THR E 143 -33.88 41.22 13.55
N VAL E 144 -33.69 41.74 14.75
CA VAL E 144 -34.72 41.78 15.78
C VAL E 144 -34.92 43.22 16.22
N LYS E 145 -36.17 43.69 16.20
CA LYS E 145 -36.53 45.05 16.58
C LYS E 145 -35.76 46.10 15.79
N GLY E 146 -35.50 45.80 14.52
CA GLY E 146 -34.78 46.71 13.65
C GLY E 146 -33.28 46.71 13.85
N GLU E 147 -32.76 45.95 14.81
CA GLU E 147 -31.34 45.88 15.07
C GLU E 147 -30.78 44.54 14.61
N PRO E 148 -29.53 44.50 14.15
CA PRO E 148 -28.94 43.24 13.70
C PRO E 148 -28.96 42.18 14.79
N ARG E 149 -29.33 40.97 14.40
CA ARG E 149 -29.50 39.89 15.37
C ARG E 149 -28.16 39.48 15.96
N PHE E 150 -27.12 39.43 15.14
CA PHE E 150 -25.82 38.95 15.59
C PHE E 150 -24.75 40.00 15.30
N THR E 151 -23.76 40.09 16.18
CA THR E 151 -22.54 40.80 15.88
C THR E 151 -21.73 40.01 14.85
N LEU E 152 -20.77 40.69 14.23
CA LEU E 152 -20.04 40.08 13.12
C LEU E 152 -19.21 38.90 13.60
N GLU E 153 -18.64 38.97 14.80
CA GLU E 153 -17.93 37.81 15.33
C GLU E 153 -18.89 36.67 15.63
N GLN E 154 -20.09 37.00 16.14
CA GLN E 154 -21.11 35.98 16.34
C GLN E 154 -21.51 35.35 15.02
N GLN E 155 -21.65 36.15 13.97
CA GLN E 155 -21.94 35.62 12.64
C GLN E 155 -20.85 34.69 12.16
N GLU E 156 -19.58 35.08 12.37
CA GLU E 156 -18.48 34.24 11.94
C GLU E 156 -18.42 32.94 12.73
N TYR E 157 -18.89 32.96 13.97
CA TYR E 157 -18.87 31.73 14.76
C TYR E 157 -19.92 30.75 14.26
N LEU E 158 -21.14 31.23 14.01
CA LEU E 158 -22.22 30.35 13.57
C LEU E 158 -21.92 29.77 12.20
N LYS E 159 -21.42 30.58 11.29
CA LYS E 159 -21.19 30.12 9.93
C LYS E 159 -20.06 29.10 9.85
N ALA E 160 -19.26 28.96 10.91
CA ALA E 160 -18.25 27.91 10.95
C ALA E 160 -18.80 26.60 11.48
N GLN E 161 -19.92 26.63 12.19
CA GLN E 161 -20.58 25.43 12.67
C GLN E 161 -21.29 24.67 11.56
N ILE E 162 -21.45 25.28 10.41
CA ILE E 162 -22.24 24.73 9.31
C ILE E 162 -21.29 24.15 8.26
N VAL E 163 -21.57 22.93 7.85
CA VAL E 163 -20.71 22.23 6.91
C VAL E 163 -21.57 21.69 5.78
N HIS E 164 -20.95 21.49 4.63
CA HIS E 164 -21.62 20.93 3.46
C HIS E 164 -20.82 19.76 2.94
N LEU E 165 -21.49 18.67 2.63
CA LEU E 165 -20.86 17.38 2.35
C LEU E 165 -21.29 16.88 0.99
N PRO E 166 -20.62 17.30 -0.07
CA PRO E 166 -20.95 16.83 -1.41
C PRO E 166 -20.29 15.48 -1.68
N ASN E 167 -20.43 15.02 -2.91
CA ASN E 167 -19.74 13.80 -3.30
C ASN E 167 -18.24 14.05 -3.35
N GLN E 168 -17.48 12.96 -3.34
CA GLN E 168 -16.04 13.03 -3.14
C GLN E 168 -15.36 13.73 -4.31
N SER E 169 -15.84 13.49 -5.53
CA SER E 169 -15.29 14.16 -6.70
C SER E 169 -15.42 15.67 -6.60
N GLU E 170 -16.63 16.15 -6.32
CA GLU E 170 -16.85 17.58 -6.22
C GLU E 170 -16.18 18.15 -4.98
N GLN E 171 -16.04 17.34 -3.94
CA GLN E 171 -15.30 17.78 -2.76
C GLN E 171 -13.84 18.02 -3.09
N LEU E 172 -13.24 17.15 -3.91
CA LEU E 172 -11.86 17.36 -4.31
C LEU E 172 -11.72 18.57 -5.23
N LEU E 173 -12.60 18.69 -6.22
CA LEU E 173 -12.46 19.78 -7.18
C LEU E 173 -12.76 21.15 -6.56
N GLN E 174 -13.37 21.19 -5.38
CA GLN E 174 -13.55 22.47 -4.71
C GLN E 174 -12.26 22.98 -4.10
N CYS E 175 -11.36 22.07 -3.70
CA CYS E 175 -10.20 22.45 -2.92
C CYS E 175 -9.13 23.09 -3.79
N SER E 176 -8.44 24.08 -3.22
CA SER E 176 -7.34 24.75 -3.89
C SER E 176 -6.11 23.84 -3.94
N ASP E 177 -5.22 24.14 -4.87
CA ASP E 177 -3.96 23.40 -4.96
C ASP E 177 -3.10 23.66 -3.73
N ALA E 178 -3.23 24.84 -3.13
CA ALA E 178 -2.45 25.15 -1.93
C ALA E 178 -2.86 24.26 -0.77
N VAL E 179 -4.16 24.10 -0.54
CA VAL E 179 -4.66 23.29 0.56
C VAL E 179 -4.25 21.83 0.36
N LEU E 180 -4.40 21.34 -0.87
CA LEU E 180 -4.07 19.95 -1.15
C LEU E 180 -2.57 19.71 -1.02
N ASN E 181 -1.75 20.65 -1.46
CA ASN E 181 -0.31 20.53 -1.27
C ASN E 181 0.05 20.55 0.21
N ASP E 182 -0.67 21.35 0.99
CA ASP E 182 -0.43 21.39 2.42
C ASP E 182 -0.71 20.04 3.08
N VAL E 183 -1.84 19.42 2.74
CA VAL E 183 -2.16 18.14 3.38
C VAL E 183 -1.24 17.03 2.86
N LEU E 184 -0.81 17.14 1.60
CA LEU E 184 0.18 16.18 1.09
C LEU E 184 1.50 16.30 1.84
N ILE E 185 1.96 17.53 2.08
CA ILE E 185 3.25 17.73 2.74
C ILE E 185 3.16 17.33 4.21
N GLY E 186 2.10 17.74 4.90
CA GLY E 186 1.98 17.46 6.32
C GLY E 186 1.86 15.98 6.61
N PHE E 187 1.17 15.25 5.74
CA PHE E 187 1.10 13.80 5.85
C PHE E 187 2.18 13.10 5.05
N ASN E 188 3.09 13.85 4.45
CA ASN E 188 4.28 13.36 3.76
C ASN E 188 3.95 12.44 2.58
N LEU E 189 2.78 12.61 1.96
CA LEU E 189 2.52 11.93 0.71
C LEU E 189 3.20 12.61 -0.46
N ASN E 190 3.81 13.78 -0.23
CA ASN E 190 4.46 14.52 -1.30
C ASN E 190 5.73 13.86 -1.80
N ALA E 191 6.06 12.66 -1.30
CA ALA E 191 7.16 11.89 -1.84
C ALA E 191 6.70 10.64 -2.59
N GLU E 192 5.41 10.36 -2.61
CA GLU E 192 4.88 9.15 -3.23
C GLU E 192 4.59 9.40 -4.70
N ARG E 193 5.28 8.67 -5.56
CA ARG E 193 5.32 8.98 -6.99
C ARG E 193 3.94 8.91 -7.63
N ASP E 194 3.17 7.88 -7.29
CA ASP E 194 1.84 7.73 -7.86
C ASP E 194 0.92 8.87 -7.43
N VAL E 195 1.02 9.29 -6.17
CA VAL E 195 0.19 10.38 -5.66
C VAL E 195 0.50 11.67 -6.41
N GLN E 196 1.79 11.99 -6.55
CA GLN E 196 2.17 13.20 -7.27
C GLN E 196 1.75 13.13 -8.72
N ALA E 197 1.92 11.98 -9.36
CA ALA E 197 1.55 11.85 -10.76
C ALA E 197 0.06 12.05 -10.97
N GLU E 198 -0.76 11.38 -10.14
CA GLU E 198 -2.20 11.51 -10.28
C GLU E 198 -2.67 12.92 -9.96
N TRP E 199 -2.15 13.52 -8.90
CA TRP E 199 -2.57 14.86 -8.53
C TRP E 199 -2.16 15.88 -9.59
N SER E 200 -0.96 15.74 -10.14
CA SER E 200 -0.53 16.67 -11.18
C SER E 200 -1.36 16.49 -12.45
N ALA E 201 -1.70 15.24 -12.80
CA ALA E 201 -2.57 15.02 -13.95
C ALA E 201 -3.94 15.65 -13.73
N ILE E 202 -4.48 15.51 -12.52
CA ILE E 202 -5.78 16.10 -12.21
C ILE E 202 -5.71 17.62 -12.27
N SER E 203 -4.64 18.20 -11.73
CA SER E 203 -4.50 19.66 -11.76
C SER E 203 -4.40 20.16 -13.19
N GLY E 204 -3.61 19.48 -14.02
CA GLY E 204 -3.50 19.89 -15.41
C GLY E 204 -4.81 19.74 -16.17
N LEU E 205 -5.56 18.68 -15.89
CA LEU E 205 -6.89 18.55 -16.48
C LEU E 205 -7.81 19.68 -16.01
N ARG E 206 -7.68 20.04 -14.74
CA ARG E 206 -8.51 21.10 -14.16
C ARG E 206 -8.16 22.46 -14.71
N ARG E 207 -6.96 22.61 -15.29
CA ARG E 207 -6.49 23.93 -15.72
C ARG E 207 -7.41 24.60 -16.73
N HIS E 208 -8.01 23.85 -17.65
CA HIS E 208 -9.00 24.48 -18.51
C HIS E 208 -10.40 23.93 -18.25
N ALA E 209 -10.58 22.62 -18.38
CA ALA E 209 -11.81 21.92 -18.00
C ALA E 209 -13.08 22.52 -18.61
N SER E 210 -12.96 23.18 -19.77
CA SER E 210 -14.11 23.83 -20.37
C SER E 210 -15.03 22.82 -21.05
N ASN E 211 -14.46 21.82 -21.69
CA ASN E 211 -15.23 20.85 -22.46
C ASN E 211 -15.99 19.92 -21.53
N PRO E 212 -17.24 19.58 -21.86
CA PRO E 212 -18.02 18.68 -21.00
C PRO E 212 -17.41 17.30 -20.79
N GLU E 213 -16.83 16.70 -21.83
CA GLU E 213 -16.22 15.38 -21.66
C GLU E 213 -14.97 15.48 -20.81
N VAL E 214 -14.24 16.58 -20.93
CA VAL E 214 -13.15 16.86 -20.01
C VAL E 214 -13.67 16.91 -18.58
N LYS E 215 -14.84 17.53 -18.38
CA LYS E 215 -15.43 17.60 -17.05
C LYS E 215 -15.78 16.21 -16.53
N ILE E 216 -16.31 15.36 -17.40
CA ILE E 216 -16.68 13.99 -16.99
C ILE E 216 -15.43 13.22 -16.56
N SER E 217 -14.38 13.30 -17.38
CA SER E 217 -13.14 12.60 -17.07
C SER E 217 -12.52 13.13 -15.78
N LEU E 218 -12.55 14.45 -15.60
CA LEU E 218 -12.03 15.06 -14.40
C LEU E 218 -12.82 14.61 -13.18
N ASN E 219 -14.14 14.49 -13.31
CA ASN E 219 -14.98 14.04 -12.21
C ASN E 219 -14.59 12.62 -11.78
N ARG E 220 -14.49 11.71 -12.76
CA ARG E 220 -14.15 10.33 -12.41
C ARG E 220 -12.76 10.23 -11.79
N GLN E 221 -11.79 10.92 -12.39
CA GLN E 221 -10.42 10.89 -11.85
C GLN E 221 -10.36 11.47 -10.46
N ALA E 222 -11.09 12.59 -10.23
CA ALA E 222 -11.08 13.22 -8.93
C ALA E 222 -11.70 12.32 -7.88
N GLY E 223 -12.78 11.63 -8.24
CA GLY E 223 -13.40 10.71 -7.30
C GLY E 223 -12.46 9.60 -6.88
N TYR E 224 -11.83 8.96 -7.86
CA TYR E 224 -10.93 7.87 -7.55
C TYR E 224 -9.72 8.34 -6.74
N PHE E 225 -9.16 9.50 -7.11
CA PHE E 225 -8.00 10.00 -6.40
C PHE E 225 -8.35 10.40 -4.97
N TYR E 226 -9.54 10.99 -4.78
CA TYR E 226 -9.98 11.33 -3.44
C TYR E 226 -10.12 10.08 -2.60
N ARG E 227 -10.67 9.02 -3.18
CA ARG E 227 -10.78 7.77 -2.45
C ARG E 227 -9.41 7.26 -2.02
N ASN E 228 -8.45 7.26 -2.95
CA ASN E 228 -7.10 6.76 -2.63
C ASN E 228 -6.43 7.61 -1.56
N LEU E 229 -6.55 8.94 -1.67
CA LEU E 229 -5.88 9.82 -0.73
C LEU E 229 -6.45 9.67 0.67
N ILE E 230 -7.79 9.58 0.78
CA ILE E 230 -8.37 9.38 2.11
C ILE E 230 -8.00 8.02 2.65
N ASP E 231 -7.93 7.00 1.79
CA ASP E 231 -7.52 5.68 2.23
C ASP E 231 -6.13 5.76 2.86
N ARG E 232 -5.21 6.44 2.19
CA ARG E 232 -3.85 6.55 2.70
C ARG E 232 -3.79 7.33 4.02
N LEU E 233 -4.40 8.52 4.07
CA LEU E 233 -4.22 9.33 5.27
C LEU E 233 -4.93 8.68 6.45
N GLN E 234 -6.01 7.94 6.19
CA GLN E 234 -6.62 7.14 7.23
C GLN E 234 -5.68 6.04 7.70
N LYS E 235 -4.86 5.48 6.79
CA LYS E 235 -3.84 4.54 7.24
C LYS E 235 -2.85 5.19 8.19
N LYS E 236 -2.26 6.32 7.80
CA LYS E 236 -1.26 6.94 8.69
C LYS E 236 -1.88 7.45 9.98
N GLN E 237 -3.14 7.87 9.96
CA GLN E 237 -3.79 8.25 11.20
C GLN E 237 -4.19 7.05 12.04
N LYS E 238 -4.33 5.87 11.44
CA LYS E 238 -4.70 4.69 12.21
C LYS E 238 -3.54 4.20 13.06
N GLY E 239 -2.33 4.18 12.50
CA GLY E 239 -1.17 3.67 13.20
C GLY E 239 -0.62 4.63 14.23
N ALA E 240 0.50 4.26 14.86
CA ALA E 240 1.10 5.10 15.89
C ALA E 240 1.67 6.39 15.32
N ASP E 241 1.94 6.44 14.01
CA ASP E 241 2.48 7.64 13.39
C ASP E 241 1.40 8.69 13.20
N ARG E 242 0.79 9.11 14.30
CA ARG E 242 -0.30 10.07 14.25
C ARG E 242 0.23 11.45 13.91
N VAL E 243 -0.18 12.00 12.78
CA VAL E 243 0.21 13.35 12.41
C VAL E 243 -0.65 14.33 13.23
N LEU E 244 0.01 15.23 13.93
CA LEU E 244 -0.71 16.18 14.78
C LEU E 244 -1.24 17.33 13.93
N LEU E 245 -2.56 17.44 13.82
CA LEU E 245 -3.17 18.50 13.03
C LEU E 245 -3.35 19.74 13.88
N SER E 246 -2.83 20.87 13.39
CA SER E 246 -2.98 22.14 14.09
C SER E 246 -2.83 23.27 13.10
N GLY E 247 -3.56 24.34 13.36
CA GLY E 247 -3.39 25.58 12.60
C GLY E 247 -3.71 25.42 11.13
N SER E 248 -2.74 25.82 10.28
CA SER E 248 -2.95 25.85 8.84
C SER E 248 -3.20 24.45 8.29
N LEU E 249 -2.42 23.47 8.75
CA LEU E 249 -2.64 22.10 8.29
C LEU E 249 -4.01 21.60 8.71
N LEU E 250 -4.42 21.91 9.95
CA LEU E 250 -5.72 21.48 10.42
C LEU E 250 -6.84 22.09 9.57
N ALA E 251 -6.71 23.37 9.23
CA ALA E 251 -7.69 24.00 8.36
C ALA E 251 -7.68 23.37 6.98
N SER E 252 -6.49 22.99 6.49
CA SER E 252 -6.40 22.33 5.19
C SER E 252 -7.14 21.01 5.18
N VAL E 253 -6.94 20.20 6.23
CA VAL E 253 -7.66 18.92 6.31
C VAL E 253 -9.16 19.15 6.44
N GLU E 254 -9.55 20.09 7.29
CA GLU E 254 -10.97 20.41 7.47
C GLU E 254 -11.61 20.91 6.19
N THR E 255 -10.86 21.56 5.30
CA THR E 255 -11.36 21.91 3.99
C THR E 255 -11.42 20.71 3.06
N LEU E 256 -10.42 19.83 3.13
CA LEU E 256 -10.42 18.66 2.25
C LEU E 256 -11.41 17.61 2.75
N LEU E 257 -11.58 17.51 4.06
CA LEU E 257 -12.49 16.54 4.67
C LEU E 257 -13.44 17.31 5.57
N PRO E 258 -14.55 17.80 5.01
CA PRO E 258 -15.50 18.57 5.83
C PRO E 258 -16.09 17.78 6.97
N GLY E 259 -16.11 16.45 6.87
CA GLY E 259 -16.59 15.63 7.96
C GLY E 259 -15.65 15.63 9.15
N GLU E 260 -14.40 16.03 8.96
CA GLU E 260 -13.46 16.09 10.06
C GLU E 260 -13.86 17.16 11.08
N LYS E 261 -14.51 18.24 10.62
CA LYS E 261 -15.00 19.25 11.56
C LYS E 261 -16.05 18.66 12.48
N ILE E 262 -16.88 17.75 11.97
CA ILE E 262 -17.91 17.15 12.80
C ILE E 262 -17.30 16.22 13.82
N ARG E 263 -16.27 15.45 13.42
CA ARG E 263 -15.57 14.59 14.36
C ARG E 263 -14.87 15.39 15.43
N ASN E 264 -14.26 16.51 15.06
CA ASN E 264 -13.53 17.36 16.00
C ASN E 264 -14.44 18.14 16.93
N GLY E 265 -15.75 18.13 16.69
CA GLY E 265 -16.62 18.94 17.51
C GLY E 265 -16.65 20.40 17.15
N SER E 266 -15.97 20.80 16.08
CA SER E 266 -15.95 22.19 15.66
C SER E 266 -17.17 22.58 14.84
N ALA E 267 -17.81 21.64 14.16
CA ALA E 267 -19.04 21.89 13.43
C ALA E 267 -20.04 20.81 13.79
N HIS E 268 -21.31 21.19 13.78
CA HIS E 268 -22.36 20.23 14.12
C HIS E 268 -23.61 20.36 13.26
N VAL E 269 -23.61 21.15 12.20
CA VAL E 269 -24.73 21.25 11.28
C VAL E 269 -24.23 20.83 9.91
N ALA E 270 -24.94 19.90 9.28
CA ALA E 270 -24.51 19.34 8.00
C ALA E 270 -25.60 19.49 6.96
N PHE E 271 -25.22 19.88 5.75
CA PHE E 271 -26.11 19.97 4.61
C PHE E 271 -25.63 18.97 3.58
N LEU E 272 -26.47 17.97 3.29
CA LEU E 272 -26.05 16.89 2.41
C LEU E 272 -27.29 16.27 1.79
N THR E 273 -27.09 15.49 0.73
CA THR E 273 -28.22 14.87 0.07
C THR E 273 -28.64 13.60 0.81
N THR E 274 -29.80 13.09 0.43
CA THR E 274 -30.29 11.84 0.99
C THR E 274 -29.35 10.69 0.66
N SER E 275 -28.85 10.66 -0.58
CA SER E 275 -27.93 9.60 -0.97
C SER E 275 -26.65 9.66 -0.16
N LYS E 276 -26.09 10.86 0.02
CA LYS E 276 -24.90 11.01 0.83
C LYS E 276 -25.18 10.68 2.28
N PHE E 277 -26.36 11.03 2.77
CA PHE E 277 -26.73 10.70 4.15
C PHE E 277 -26.78 9.19 4.35
N LEU E 278 -27.31 8.46 3.37
CA LEU E 278 -27.36 7.01 3.50
C LEU E 278 -25.98 6.39 3.34
N LYS E 279 -25.10 7.02 2.57
CA LYS E 279 -23.78 6.45 2.37
C LYS E 279 -22.77 6.89 3.41
N GLY E 280 -22.94 8.04 4.02
CA GLY E 280 -21.99 8.49 5.01
C GLY E 280 -20.82 9.23 4.40
N PHE E 281 -20.05 9.86 5.29
CA PHE E 281 -18.97 10.73 4.86
C PHE E 281 -17.72 10.44 5.67
N HIS E 282 -16.57 10.76 5.09
CA HIS E 282 -15.29 10.43 5.68
C HIS E 282 -14.80 11.51 6.64
N ASN E 283 -14.05 11.09 7.65
CA ASN E 283 -13.15 11.95 8.38
C ASN E 283 -11.75 11.33 8.32
N THR E 284 -10.82 11.89 9.10
CA THR E 284 -9.45 11.39 9.07
C THR E 284 -9.33 9.98 9.62
N ARG E 285 -10.28 9.53 10.43
CA ARG E 285 -10.22 8.19 10.97
C ARG E 285 -10.83 7.16 10.01
N SER E 286 -12.10 7.32 9.67
CA SER E 286 -12.82 6.30 8.93
C SER E 286 -14.00 6.95 8.21
N ARG E 287 -14.92 6.10 7.75
CA ARG E 287 -16.19 6.59 7.24
C ARG E 287 -17.21 6.63 8.38
N TYR E 288 -17.90 7.76 8.51
CA TYR E 288 -18.90 7.93 9.54
C TYR E 288 -20.28 7.79 8.93
N SER E 289 -21.07 6.87 9.47
CA SER E 289 -22.42 6.63 8.96
C SER E 289 -23.41 7.29 9.90
N PRO E 290 -24.15 8.29 9.45
CA PRO E 290 -25.13 8.95 10.33
C PRO E 290 -26.21 8.02 10.85
N LEU E 291 -26.53 6.95 10.11
CA LEU E 291 -27.59 6.05 10.52
C LEU E 291 -27.24 5.29 11.80
N ARG E 292 -25.96 5.00 12.00
CA ARG E 292 -25.55 4.27 13.18
C ARG E 292 -25.48 5.13 14.44
N ASP E 293 -25.60 6.44 14.31
CA ASP E 293 -25.46 7.35 15.44
C ASP E 293 -26.58 8.38 15.44
N LEU E 294 -27.82 7.91 15.34
CA LEU E 294 -28.95 8.81 15.21
C LEU E 294 -29.52 9.26 16.54
N SER E 295 -28.92 8.86 17.66
CA SER E 295 -29.48 9.21 18.95
C SER E 295 -29.27 10.69 19.23
N GLY E 296 -30.38 11.40 19.46
CA GLY E 296 -30.32 12.81 19.76
C GLY E 296 -30.25 13.72 18.55
N ALA E 297 -30.15 13.16 17.35
CA ALA E 297 -30.04 13.98 16.14
C ALA E 297 -31.38 14.59 15.78
N VAL E 298 -31.34 15.82 15.27
CA VAL E 298 -32.49 16.48 14.66
C VAL E 298 -32.23 16.52 13.17
N LEU E 299 -33.23 16.14 12.39
CA LEU E 299 -33.05 15.90 10.96
C LEU E 299 -34.20 16.57 10.23
N ILE E 300 -33.89 17.55 9.39
CA ILE E 300 -34.88 18.23 8.58
C ILE E 300 -34.80 17.69 7.17
N ILE E 301 -35.92 17.17 6.67
CA ILE E 301 -35.97 16.52 5.37
C ILE E 301 -36.94 17.31 4.51
N ASP E 302 -36.43 17.96 3.47
CA ASP E 302 -37.24 18.73 2.56
C ASP E 302 -37.75 17.83 1.45
N GLU E 303 -39.03 17.98 1.12
CA GLU E 303 -39.73 17.09 0.20
C GLU E 303 -39.65 15.65 0.70
N ILE E 304 -40.31 15.40 1.83
CA ILE E 304 -40.13 14.16 2.57
C ILE E 304 -40.66 12.98 1.76
N ASP E 305 -41.78 13.16 1.07
CA ASP E 305 -42.41 12.06 0.36
C ASP E 305 -41.62 11.65 -0.85
N LYS E 306 -40.86 12.58 -1.42
CA LYS E 306 -39.96 12.25 -2.52
C LYS E 306 -38.85 11.31 -2.06
N GLN E 307 -38.49 11.38 -0.79
CA GLN E 307 -37.38 10.59 -0.28
C GLN E 307 -37.70 9.12 -0.17
N ASN E 308 -38.97 8.74 -0.26
CA ASN E 308 -39.32 7.33 -0.30
C ASN E 308 -38.69 6.67 -1.53
N GLN E 309 -38.78 7.33 -2.67
CA GLN E 309 -38.25 6.77 -3.90
C GLN E 309 -36.73 6.84 -3.94
N VAL E 310 -36.14 7.85 -3.32
CA VAL E 310 -34.69 7.96 -3.29
C VAL E 310 -34.09 6.87 -2.41
N ILE E 311 -34.66 6.67 -1.23
CA ILE E 311 -34.19 5.61 -0.35
C ILE E 311 -34.36 4.26 -1.01
N LEU E 312 -35.48 4.06 -1.71
CA LEU E 312 -35.71 2.82 -2.42
C LEU E 312 -34.66 2.59 -3.50
N SER E 313 -34.31 3.63 -4.25
CA SER E 313 -33.28 3.49 -5.26
C SER E 313 -31.94 3.15 -4.64
N GLU E 314 -31.65 3.68 -3.46
CA GLU E 314 -30.42 3.29 -2.79
C GLU E 314 -30.43 1.85 -2.32
N LEU E 315 -31.60 1.35 -1.90
CA LEU E 315 -31.69 -0.03 -1.44
C LEU E 315 -31.65 -1.01 -2.60
N CYS E 316 -32.06 -0.58 -3.79
CA CYS E 316 -32.05 -1.47 -4.94
C CYS E 316 -30.64 -1.76 -5.42
N LYS E 317 -29.72 -0.85 -5.15
CA LYS E 317 -28.36 -0.95 -5.69
C LYS E 317 -27.48 -1.85 -4.94
N GLN E 318 -27.90 -2.72 -4.03
CA GLN E 318 -26.96 -3.60 -3.37
C GLN E 318 -26.47 -4.67 -4.32
N GLN E 319 -25.35 -5.29 -3.98
CA GLN E 319 -24.76 -6.30 -4.84
C GLN E 319 -25.40 -7.66 -4.57
N ALA E 320 -25.73 -8.38 -5.64
CA ALA E 320 -26.31 -9.70 -5.50
C ALA E 320 -25.26 -10.69 -4.99
N GLN E 321 -25.72 -11.78 -4.41
CA GLN E 321 -24.79 -12.74 -3.86
C GLN E 321 -25.24 -14.15 -4.19
N ASP E 322 -24.27 -15.01 -4.49
CA ASP E 322 -24.53 -16.41 -4.79
C ASP E 322 -24.77 -17.15 -3.49
N LEU E 323 -25.96 -17.71 -3.33
CA LEU E 323 -26.31 -18.33 -2.06
C LEU E 323 -25.59 -19.66 -1.88
N ILE E 324 -25.36 -20.40 -2.96
CA ILE E 324 -24.66 -21.68 -2.85
C ILE E 324 -23.24 -21.45 -2.34
N TRP E 325 -22.52 -20.52 -2.95
CA TRP E 325 -21.17 -20.21 -2.52
C TRP E 325 -21.17 -19.67 -1.09
N ALA E 326 -22.13 -18.82 -0.75
CA ALA E 326 -22.16 -18.22 0.58
C ALA E 326 -22.38 -19.27 1.65
N ILE E 327 -23.36 -20.16 1.45
CA ILE E 327 -23.64 -21.17 2.45
C ILE E 327 -22.50 -22.18 2.53
N ARG E 328 -21.89 -22.52 1.40
CA ARG E 328 -20.77 -23.45 1.45
C ARG E 328 -19.57 -22.85 2.16
N THR E 329 -19.29 -21.57 1.94
CA THR E 329 -18.22 -20.91 2.68
C THR E 329 -18.52 -20.82 4.16
N LEU E 330 -19.77 -20.49 4.52
CA LEU E 330 -20.12 -20.38 5.92
C LEU E 330 -20.02 -21.73 6.61
N ARG E 331 -20.51 -22.77 5.97
CA ARG E 331 -20.47 -24.10 6.55
C ARG E 331 -19.04 -24.60 6.68
N ALA E 332 -18.21 -24.34 5.67
CA ALA E 332 -16.83 -24.81 5.70
C ALA E 332 -16.02 -24.13 6.78
N ASN E 333 -16.18 -22.83 6.94
CA ASN E 333 -15.33 -22.09 7.85
C ASN E 333 -15.81 -22.18 9.29
N PHE E 334 -17.12 -22.27 9.51
CA PHE E 334 -17.63 -22.38 10.86
C PHE E 334 -17.49 -23.77 11.44
N ARG E 335 -17.00 -24.74 10.67
CA ARG E 335 -16.92 -26.10 11.19
C ARG E 335 -15.98 -26.22 12.37
N ASP E 336 -14.82 -25.55 12.31
CA ASP E 336 -13.90 -25.69 13.43
C ASP E 336 -13.23 -24.39 13.85
N HIS E 337 -13.28 -23.36 13.01
CA HIS E 337 -12.64 -22.10 13.37
C HIS E 337 -13.35 -21.47 14.55
N GLN E 338 -12.58 -20.95 15.50
CA GLN E 338 -13.16 -20.35 16.69
C GLN E 338 -12.31 -19.16 17.12
N LEU E 339 -12.90 -18.32 17.96
CA LEU E 339 -12.26 -17.08 18.35
C LEU E 339 -11.50 -17.22 19.66
N GLU E 340 -10.89 -16.10 20.07
CA GLU E 340 -9.72 -16.13 20.94
C GLU E 340 -10.00 -16.68 22.34
N SER E 341 -11.23 -16.50 22.84
CA SER E 341 -11.57 -16.78 24.25
C SER E 341 -10.74 -15.90 25.19
N SER E 342 -10.94 -14.60 25.04
CA SER E 342 -10.33 -13.56 25.83
C SER E 342 -11.45 -12.64 26.30
N PRO E 343 -11.21 -11.78 27.30
CA PRO E 343 -12.28 -10.91 27.79
C PRO E 343 -12.88 -9.99 26.75
N ARG E 344 -12.16 -9.65 25.69
CA ARG E 344 -12.75 -8.79 24.67
C ARG E 344 -13.71 -9.56 23.77
N TYR E 345 -13.73 -10.89 23.84
CA TYR E 345 -14.64 -11.70 23.08
C TYR E 345 -15.67 -12.40 23.94
N ASP E 346 -16.08 -11.80 25.05
CA ASP E 346 -17.05 -12.42 25.94
C ASP E 346 -18.41 -12.53 25.27
N LYS E 347 -19.02 -13.70 25.44
CA LYS E 347 -20.40 -13.97 25.05
C LYS E 347 -20.63 -13.85 23.54
N ILE E 348 -19.55 -13.86 22.75
CA ILE E 348 -19.72 -13.72 21.31
C ILE E 348 -19.86 -15.07 20.64
N GLU E 349 -19.11 -16.07 21.11
CA GLU E 349 -19.23 -17.40 20.53
C GLU E 349 -20.60 -18.01 20.81
N ASP E 350 -21.21 -17.61 21.93
CA ASP E 350 -22.58 -18.03 22.20
C ASP E 350 -23.57 -17.46 21.20
N LEU E 351 -23.28 -16.30 20.63
CA LEU E 351 -24.13 -15.76 19.58
C LEU E 351 -24.08 -16.62 18.33
N PHE E 352 -22.94 -17.25 18.06
CA PHE E 352 -22.76 -18.00 16.84
C PHE E 352 -23.07 -19.47 17.00
N GLU E 353 -23.15 -19.98 18.23
CA GLU E 353 -23.42 -21.40 18.43
C GLU E 353 -24.70 -21.92 17.77
N PRO E 354 -25.85 -21.24 17.82
CA PRO E 354 -27.01 -21.76 17.08
C PRO E 354 -26.79 -21.79 15.58
N LEU E 355 -26.08 -20.79 15.06
CA LEU E 355 -25.87 -20.70 13.61
C LEU E 355 -24.96 -21.81 13.11
N ARG E 356 -23.97 -22.20 13.91
CA ARG E 356 -23.10 -23.31 13.53
C ARG E 356 -23.88 -24.62 13.47
N GLU E 357 -24.76 -24.84 14.45
CA GLU E 357 -25.58 -26.04 14.45
C GLU E 357 -26.51 -26.08 13.25
N ARG E 358 -27.13 -24.94 12.95
CA ARG E 358 -27.99 -24.87 11.78
C ARG E 358 -27.21 -25.11 10.50
N LEU E 359 -25.99 -24.58 10.42
CA LEU E 359 -25.17 -24.77 9.23
C LEU E 359 -24.80 -26.23 9.03
N GLU E 360 -24.40 -26.91 10.09
CA GLU E 360 -24.07 -28.32 9.95
C GLU E 360 -25.28 -29.16 9.59
N GLU E 361 -26.43 -28.89 10.20
CA GLU E 361 -27.62 -29.66 9.87
C GLU E 361 -28.09 -29.39 8.44
N PHE E 362 -27.99 -28.14 8.00
CA PHE E 362 -28.34 -27.78 6.63
C PHE E 362 -27.43 -28.47 5.63
N GLY E 363 -26.13 -28.44 5.88
CA GLY E 363 -25.20 -29.07 4.97
C GLY E 363 -25.34 -30.58 4.93
N THR E 364 -25.76 -31.18 6.04
CA THR E 364 -26.04 -32.60 6.04
C THR E 364 -27.30 -32.91 5.24
N ASN E 365 -28.37 -32.13 5.46
CA ASN E 365 -29.64 -32.43 4.81
C ASN E 365 -29.56 -32.23 3.30
N TRP E 366 -28.89 -31.17 2.86
CA TRP E 366 -28.85 -30.87 1.45
C TRP E 366 -27.58 -31.34 0.76
N ASN E 367 -26.68 -32.00 1.48
CA ASN E 367 -25.45 -32.58 0.93
C ASN E 367 -24.60 -31.52 0.24
N LEU E 368 -24.10 -30.59 1.04
CA LEU E 368 -23.30 -29.51 0.48
C LEU E 368 -21.88 -29.94 0.16
N ALA E 369 -21.54 -31.22 0.33
CA ALA E 369 -20.27 -31.70 -0.19
C ALA E 369 -20.25 -31.67 -1.71
N PHE E 370 -21.42 -31.75 -2.34
CA PHE E 370 -21.54 -31.78 -3.78
C PHE E 370 -21.95 -30.41 -4.31
N ALA E 371 -21.57 -30.13 -5.54
CA ALA E 371 -22.01 -28.91 -6.19
C ALA E 371 -23.34 -29.15 -6.90
N PHE E 372 -23.93 -28.08 -7.41
CA PHE E 372 -25.28 -28.09 -7.92
C PHE E 372 -25.28 -27.91 -9.44
N ASN E 373 -26.19 -28.61 -10.11
CA ASN E 373 -26.33 -28.50 -11.54
C ASN E 373 -27.76 -28.83 -11.93
N THR E 374 -28.16 -28.35 -13.10
CA THR E 374 -29.47 -28.65 -13.65
C THR E 374 -29.41 -29.88 -14.54
N GLU E 375 -30.55 -30.56 -14.67
CA GLU E 375 -30.63 -31.78 -15.45
C GLU E 375 -31.86 -31.72 -16.34
N GLY E 376 -31.70 -32.13 -17.59
CA GLY E 376 -32.85 -32.29 -18.47
C GLY E 376 -33.18 -31.08 -19.33
N ALA E 377 -34.16 -30.29 -18.89
CA ALA E 377 -34.60 -29.13 -19.65
C ALA E 377 -33.46 -28.12 -19.79
N ASN E 378 -33.40 -27.48 -20.95
CA ASN E 378 -32.29 -26.60 -21.30
C ASN E 378 -32.31 -25.38 -20.40
N LEU E 379 -31.39 -25.36 -19.43
CA LEU E 379 -31.21 -24.17 -18.60
C LEU E 379 -30.72 -22.98 -19.40
N ASN E 380 -29.81 -23.19 -20.36
CA ASN E 380 -29.32 -22.11 -21.20
C ASN E 380 -30.42 -21.50 -22.06
N GLU E 381 -31.47 -22.27 -22.37
CA GLU E 381 -32.60 -21.72 -23.10
C GLU E 381 -33.31 -20.63 -22.32
N ARG E 382 -33.51 -20.84 -21.02
CA ARG E 382 -34.08 -19.82 -20.14
C ARG E 382 -33.70 -20.16 -18.71
N PRO E 383 -33.12 -19.22 -17.97
CA PRO E 383 -32.76 -19.50 -16.58
C PRO E 383 -33.98 -19.44 -15.67
N VAL E 384 -33.85 -20.05 -14.51
CA VAL E 384 -34.96 -20.15 -13.56
C VAL E 384 -34.89 -18.95 -12.63
N ARG E 385 -36.03 -18.29 -12.44
CA ARG E 385 -36.12 -17.14 -11.54
C ARG E 385 -37.15 -17.44 -10.47
N LEU E 386 -36.79 -17.23 -9.22
CA LEU E 386 -37.66 -17.45 -8.08
C LEU E 386 -37.88 -16.14 -7.35
N PHE E 387 -39.11 -15.87 -6.99
CA PHE E 387 -39.44 -14.68 -6.23
C PHE E 387 -40.16 -15.07 -4.96
N SER E 388 -39.80 -14.43 -3.85
CA SER E 388 -40.45 -14.70 -2.59
C SER E 388 -40.52 -13.40 -1.79
N ASP E 389 -41.61 -13.23 -1.05
CA ASP E 389 -41.67 -12.16 -0.07
C ASP E 389 -41.32 -12.65 1.31
N ARG E 390 -40.80 -13.86 1.41
CA ARG E 390 -40.37 -14.52 2.65
C ARG E 390 -41.52 -14.87 3.57
N SER E 391 -42.76 -14.51 3.23
CA SER E 391 -43.86 -14.95 4.06
C SER E 391 -44.89 -15.83 3.36
N PHE E 392 -45.59 -15.30 2.36
CA PHE E 392 -46.65 -16.10 1.75
C PHE E 392 -46.78 -15.93 0.25
N THR E 393 -46.11 -14.95 -0.34
CA THR E 393 -46.18 -14.74 -1.79
C THR E 393 -44.95 -15.37 -2.42
N HIS E 394 -45.14 -16.50 -3.09
CA HIS E 394 -44.06 -17.23 -3.73
C HIS E 394 -44.42 -17.45 -5.19
N VAL E 395 -43.51 -17.08 -6.08
CA VAL E 395 -43.75 -17.18 -7.51
C VAL E 395 -42.50 -17.69 -8.17
N SER E 396 -42.66 -18.66 -9.07
CA SER E 396 -41.54 -19.22 -9.80
C SER E 396 -41.78 -19.08 -11.29
N SER E 397 -40.72 -18.83 -12.04
CA SER E 397 -40.86 -18.71 -13.49
C SER E 397 -40.97 -20.06 -14.17
N ALA E 398 -40.53 -21.13 -13.52
CA ALA E 398 -40.64 -22.45 -14.11
C ALA E 398 -42.07 -22.95 -14.03
N THR E 399 -42.58 -23.44 -15.15
CA THR E 399 -43.94 -23.98 -15.17
C THR E 399 -44.07 -25.26 -14.37
N HIS E 400 -42.98 -26.02 -14.22
CA HIS E 400 -43.01 -27.20 -13.39
C HIS E 400 -42.43 -26.88 -12.02
N LYS E 401 -42.69 -27.77 -11.07
CA LYS E 401 -42.17 -27.62 -9.72
C LYS E 401 -40.79 -28.26 -9.68
N LEU E 402 -39.76 -27.42 -9.69
CA LEU E 402 -38.39 -27.91 -9.69
C LEU E 402 -38.04 -28.54 -8.36
N SER E 403 -37.41 -29.71 -8.42
CA SER E 403 -37.01 -30.44 -7.24
C SER E 403 -35.50 -30.61 -7.24
N LEU E 404 -34.98 -31.08 -6.11
CA LEU E 404 -33.54 -31.07 -5.87
C LEU E 404 -33.16 -32.44 -5.30
N LYS E 405 -32.36 -33.18 -6.07
CA LYS E 405 -31.99 -34.56 -5.76
C LYS E 405 -30.49 -34.66 -5.62
N SER E 406 -30.03 -35.34 -4.57
CA SER E 406 -28.60 -35.57 -4.38
C SER E 406 -28.25 -36.94 -4.94
N ASP E 407 -27.58 -36.96 -6.08
CA ASP E 407 -27.07 -38.20 -6.64
C ASP E 407 -25.74 -38.53 -5.99
N PHE E 408 -25.57 -39.78 -5.58
CA PHE E 408 -24.36 -40.18 -4.89
C PHE E 408 -23.38 -40.95 -5.77
N LEU E 409 -23.81 -41.45 -6.92
CA LEU E 409 -22.88 -42.02 -7.88
C LEU E 409 -22.21 -40.90 -8.67
N ARG E 410 -23.00 -40.18 -9.46
CA ARG E 410 -22.60 -38.87 -9.95
C ARG E 410 -22.75 -37.92 -8.78
N ARG E 411 -21.69 -37.76 -8.01
CA ARG E 411 -21.84 -37.07 -6.73
C ARG E 411 -22.08 -35.58 -6.99
N LYS E 412 -23.34 -35.26 -7.22
CA LYS E 412 -23.80 -33.91 -7.46
C LYS E 412 -25.23 -33.76 -6.99
N ASN E 413 -25.62 -32.52 -6.73
CA ASN E 413 -27.00 -32.18 -6.43
C ASN E 413 -27.66 -31.69 -7.70
N LEU E 414 -28.71 -32.38 -8.14
CA LEU E 414 -29.29 -32.16 -9.45
C LEU E 414 -30.62 -31.45 -9.32
N ILE E 415 -30.77 -30.35 -10.04
CA ILE E 415 -32.03 -29.63 -10.10
C ILE E 415 -32.78 -30.11 -11.32
N PHE E 416 -33.81 -30.92 -11.10
CA PHE E 416 -34.53 -31.56 -12.18
C PHE E 416 -36.02 -31.25 -12.07
N SER E 417 -36.68 -31.16 -13.22
CA SER E 417 -38.08 -30.75 -13.29
C SER E 417 -39.01 -31.96 -13.23
N ASP E 418 -39.68 -32.10 -12.10
CA ASP E 418 -40.76 -33.07 -11.95
C ASP E 418 -42.10 -32.46 -12.33
N GLY E 430 -42.27 -28.94 -3.94
CA GLY E 430 -40.98 -28.71 -4.56
C GLY E 430 -39.89 -28.55 -3.53
N LEU E 431 -38.65 -28.79 -3.94
CA LEU E 431 -37.52 -28.75 -3.04
C LEU E 431 -36.53 -27.63 -3.34
N LEU E 432 -36.48 -27.15 -4.58
CA LEU E 432 -35.54 -26.08 -4.90
C LEU E 432 -35.89 -24.81 -4.16
N THR E 433 -37.18 -24.48 -4.10
CA THR E 433 -37.59 -23.30 -3.36
C THR E 433 -37.32 -23.47 -1.88
N ARG E 434 -37.51 -24.67 -1.34
CA ARG E 434 -37.18 -24.91 0.07
C ARG E 434 -35.71 -24.68 0.34
N PHE E 435 -34.85 -25.22 -0.53
CA PHE E 435 -33.42 -25.04 -0.37
C PHE E 435 -33.03 -23.57 -0.44
N VAL E 436 -33.60 -22.85 -1.41
CA VAL E 436 -33.27 -21.44 -1.59
C VAL E 436 -33.76 -20.61 -0.40
N ASN E 437 -34.97 -20.88 0.07
CA ASN E 437 -35.51 -20.14 1.20
C ASN E 437 -34.68 -20.38 2.46
N GLU E 438 -34.30 -21.63 2.70
CA GLU E 438 -33.49 -21.94 3.88
C GLU E 438 -32.12 -21.31 3.79
N ALA E 439 -31.51 -21.33 2.60
CA ALA E 439 -30.21 -20.70 2.42
C ALA E 439 -30.29 -19.21 2.64
N ASP E 440 -31.35 -18.56 2.16
CA ASP E 440 -31.52 -17.14 2.40
C ASP E 440 -31.68 -16.84 3.88
N VAL E 441 -32.45 -17.68 4.58
CA VAL E 441 -32.64 -17.47 6.01
C VAL E 441 -31.32 -17.59 6.75
N ILE E 442 -30.51 -18.57 6.38
CA ILE E 442 -29.23 -18.78 7.07
C ILE E 442 -28.28 -17.62 6.78
N TYR E 443 -28.27 -17.12 5.55
CA TYR E 443 -27.41 -16.00 5.21
C TYR E 443 -27.81 -14.74 5.96
N GLN E 444 -29.10 -14.43 6.00
CA GLN E 444 -29.56 -13.27 6.74
C GLN E 444 -29.31 -13.44 8.24
N TRP E 445 -29.42 -14.66 8.74
CA TRP E 445 -29.10 -14.97 10.12
C TRP E 445 -27.64 -14.68 10.41
N PHE E 446 -26.74 -15.05 9.50
CA PHE E 446 -25.33 -14.77 9.69
C PHE E 446 -25.07 -13.27 9.76
N LEU E 447 -25.71 -12.51 8.87
CA LEU E 447 -25.49 -11.06 8.88
C LEU E 447 -26.04 -10.41 10.15
N GLY E 448 -27.21 -10.84 10.60
CA GLY E 448 -27.74 -10.32 11.84
C GLY E 448 -26.90 -10.68 13.05
N THR E 449 -26.39 -11.91 13.06
CA THR E 449 -25.52 -12.33 14.15
C THR E 449 -24.22 -11.54 14.14
N MET E 450 -23.72 -11.18 12.96
CA MET E 450 -22.54 -10.33 12.90
C MET E 450 -22.83 -8.95 13.48
N ARG E 451 -24.02 -8.40 13.22
CA ARG E 451 -24.39 -7.13 13.85
C ARG E 451 -24.42 -7.26 15.37
N LYS E 452 -25.04 -8.32 15.86
CA LYS E 452 -25.11 -8.52 17.30
C LYS E 452 -23.73 -8.72 17.92
N ALA E 453 -22.85 -9.42 17.22
CA ALA E 453 -21.50 -9.62 17.72
C ALA E 453 -20.70 -8.34 17.71
N VAL E 454 -20.93 -7.47 16.73
CA VAL E 454 -20.26 -6.18 16.71
C VAL E 454 -20.70 -5.36 17.91
N PHE E 455 -22.00 -5.37 18.22
CA PHE E 455 -22.46 -4.62 19.38
C PHE E 455 -21.96 -5.22 20.68
N GLN E 456 -21.87 -6.54 20.76
CA GLN E 456 -21.34 -7.18 21.96
C GLN E 456 -19.86 -6.88 22.14
N TYR E 457 -19.13 -6.76 21.04
CA TYR E 457 -17.70 -6.44 21.09
C TYR E 457 -17.46 -5.07 21.71
N TRP E 458 -18.45 -4.20 21.62
CA TRP E 458 -18.31 -2.83 22.10
C TRP E 458 -19.06 -2.63 23.42
N LEU E 474 -18.63 3.85 19.62
CA LEU E 474 -19.69 2.96 19.16
C LEU E 474 -19.50 2.67 17.67
N GLU E 475 -18.86 3.60 16.99
CA GLU E 475 -18.63 3.45 15.55
C GLU E 475 -17.16 3.41 15.17
N GLY E 476 -16.25 3.98 15.96
CA GLY E 476 -14.84 3.73 15.71
C GLY E 476 -14.44 2.31 16.03
N THR E 477 -15.19 1.66 16.92
CA THR E 477 -14.94 0.27 17.26
C THR E 477 -15.52 -0.67 16.21
N PHE E 478 -16.38 -0.14 15.34
CA PHE E 478 -17.15 -0.97 14.42
C PHE E 478 -16.25 -1.69 13.41
N GLN E 479 -15.35 -0.95 12.76
CA GLN E 479 -14.47 -1.57 11.78
C GLN E 479 -13.55 -2.60 12.41
N GLU E 480 -13.00 -2.28 13.58
CA GLU E 480 -12.15 -3.23 14.28
C GLU E 480 -12.90 -4.48 14.66
N ALA E 481 -14.15 -4.32 15.11
CA ALA E 481 -14.95 -5.48 15.50
C ALA E 481 -15.23 -6.37 14.29
N VAL E 482 -15.60 -5.77 13.17
CA VAL E 482 -15.92 -6.55 11.98
C VAL E 482 -14.69 -7.30 11.51
N GLN E 483 -13.55 -6.60 11.44
CA GLN E 483 -12.35 -7.24 10.93
C GLN E 483 -11.84 -8.33 11.87
N SER E 484 -11.90 -8.10 13.18
CA SER E 484 -11.46 -9.12 14.12
C SER E 484 -12.33 -10.36 14.04
N LEU E 485 -13.65 -10.18 14.00
CA LEU E 485 -14.56 -11.31 13.94
C LEU E 485 -14.40 -12.07 12.63
N LEU E 486 -14.31 -11.36 11.52
CA LEU E 486 -14.20 -12.04 10.23
C LEU E 486 -12.86 -12.73 10.08
N THR E 487 -11.80 -12.15 10.62
CA THR E 487 -10.48 -12.76 10.47
C THR E 487 -10.33 -13.96 11.38
N HIS E 488 -10.94 -13.92 12.56
CA HIS E 488 -10.90 -15.07 13.44
C HIS E 488 -11.62 -16.27 12.86
N PHE E 489 -12.68 -16.05 12.09
CA PHE E 489 -13.44 -17.13 11.49
C PHE E 489 -13.00 -17.47 10.08
N ASN E 490 -12.02 -16.75 9.54
CA ASN E 490 -11.56 -16.91 8.16
C ASN E 490 -12.69 -16.63 7.18
N LEU E 491 -13.38 -15.53 7.40
CA LEU E 491 -14.52 -15.14 6.59
C LEU E 491 -14.34 -13.74 6.02
N GLN E 492 -13.11 -13.40 5.62
CA GLN E 492 -12.84 -12.05 5.13
C GLN E 492 -13.55 -11.77 3.82
N GLU E 493 -14.01 -12.81 3.13
CA GLU E 493 -14.72 -12.63 1.87
C GLU E 493 -16.06 -11.95 2.05
N PHE E 494 -16.61 -11.95 3.26
CA PHE E 494 -17.90 -11.36 3.53
C PHE E 494 -17.82 -9.94 4.04
N GLU E 495 -16.65 -9.30 3.92
CA GLU E 495 -16.45 -7.99 4.52
C GLU E 495 -17.38 -6.96 3.91
N SER E 496 -17.42 -6.89 2.59
CA SER E 496 -18.25 -5.90 1.91
C SER E 496 -19.73 -6.17 2.18
N ALA E 497 -20.12 -7.43 2.26
CA ALA E 497 -21.51 -7.76 2.56
C ALA E 497 -21.91 -7.27 3.94
N VAL E 498 -21.03 -7.46 4.93
CA VAL E 498 -21.33 -7.02 6.28
C VAL E 498 -21.37 -5.50 6.35
N TYR E 499 -20.50 -4.83 5.61
CA TYR E 499 -20.50 -3.37 5.65
C TYR E 499 -21.76 -2.78 5.04
N GLU E 500 -22.24 -3.35 3.93
CA GLU E 500 -23.48 -2.85 3.34
C GLU E 500 -24.69 -3.21 4.18
N SER E 501 -24.71 -4.39 4.80
CA SER E 501 -25.92 -4.86 5.45
C SER E 501 -26.17 -4.21 6.81
N PHE E 502 -25.23 -3.39 7.29
CA PHE E 502 -25.36 -2.87 8.65
C PHE E 502 -26.55 -1.92 8.81
N ASP E 503 -26.84 -1.14 7.78
CA ASP E 503 -27.89 -0.14 7.88
C ASP E 503 -29.24 -0.64 7.38
N LYS E 517 -42.81 -16.84 13.44
CA LYS E 517 -42.88 -15.41 13.25
C LYS E 517 -44.31 -14.91 13.44
N LEU E 518 -45.27 -15.83 13.52
CA LEU E 518 -46.64 -15.43 13.82
C LEU E 518 -46.77 -14.85 15.22
N SER E 519 -45.78 -15.08 16.08
CA SER E 519 -45.80 -14.56 17.44
C SER E 519 -45.16 -13.18 17.47
N SER E 520 -44.96 -12.58 16.31
CA SER E 520 -44.31 -11.28 16.21
C SER E 520 -45.16 -10.38 15.32
N SER E 521 -44.72 -9.13 15.20
CA SER E 521 -45.37 -8.20 14.29
C SER E 521 -44.87 -8.45 12.88
N LYS E 522 -45.76 -8.87 12.00
CA LYS E 522 -45.41 -9.20 10.62
C LYS E 522 -45.82 -8.07 9.71
N SER E 523 -44.92 -7.68 8.83
CA SER E 523 -45.20 -6.64 7.85
C SER E 523 -44.19 -6.75 6.74
N TYR E 524 -44.61 -6.39 5.53
CA TYR E 524 -43.67 -6.39 4.41
C TYR E 524 -42.55 -5.38 4.66
N HIS E 525 -42.86 -4.30 5.36
CA HIS E 525 -41.95 -3.18 5.44
C HIS E 525 -40.72 -3.47 6.26
N HIS E 526 -40.70 -4.56 7.02
CA HIS E 526 -39.46 -4.98 7.67
C HIS E 526 -39.17 -6.46 7.44
N THR E 527 -39.67 -7.04 6.34
CA THR E 527 -39.22 -8.35 5.91
C THR E 527 -38.70 -8.25 4.49
N GLY E 528 -39.31 -7.38 3.68
CA GLY E 528 -38.80 -7.15 2.35
C GLY E 528 -39.07 -8.33 1.42
N LEU E 529 -38.18 -8.51 0.45
CA LEU E 529 -38.39 -9.49 -0.59
C LEU E 529 -37.05 -10.06 -1.04
N LYS E 530 -37.11 -11.10 -1.83
CA LYS E 530 -35.94 -11.81 -2.32
C LYS E 530 -36.19 -12.26 -3.74
N LEU E 531 -35.22 -12.04 -4.62
CA LEU E 531 -35.32 -12.47 -6.01
C LEU E 531 -34.09 -13.29 -6.35
N VAL E 532 -34.29 -14.56 -6.66
CA VAL E 532 -33.20 -15.51 -6.88
C VAL E 532 -33.20 -15.94 -8.33
N GLU E 533 -32.02 -15.93 -8.94
CA GLU E 533 -31.85 -16.25 -10.34
C GLU E 533 -30.87 -17.42 -10.46
N VAL E 534 -31.36 -18.56 -10.93
CA VAL E 534 -30.59 -19.80 -10.96
C VAL E 534 -30.08 -20.01 -12.38
N ALA E 535 -28.76 -19.98 -12.54
CA ALA E 535 -28.17 -20.06 -13.87
C ALA E 535 -26.84 -20.77 -13.79
N HIS E 536 -26.32 -21.16 -14.95
CA HIS E 536 -25.03 -21.79 -15.01
C HIS E 536 -23.94 -20.79 -14.65
N ASN E 537 -22.90 -21.30 -14.01
CA ASN E 537 -21.83 -20.44 -13.53
C ASN E 537 -21.01 -19.93 -14.71
N GLN E 538 -20.33 -18.82 -14.52
CA GLN E 538 -19.62 -18.19 -15.63
C GLN E 538 -18.44 -19.06 -16.04
N GLY E 539 -18.45 -19.49 -17.30
CA GLY E 539 -17.37 -20.29 -17.82
C GLY E 539 -17.55 -21.79 -17.68
N THR E 540 -18.44 -22.25 -16.84
CA THR E 540 -18.72 -23.66 -16.67
C THR E 540 -20.07 -23.98 -17.29
N ARG E 541 -20.20 -25.19 -17.81
CA ARG E 541 -21.47 -25.69 -18.31
C ARG E 541 -22.00 -26.83 -17.47
N ASP E 542 -21.42 -27.05 -16.30
CA ASP E 542 -21.86 -28.12 -15.43
C ASP E 542 -21.99 -27.70 -13.98
N THR E 543 -22.04 -26.41 -13.68
CA THR E 543 -22.25 -25.94 -12.33
C THR E 543 -23.18 -24.73 -12.36
N VAL E 544 -24.08 -24.68 -11.38
CA VAL E 544 -25.14 -23.69 -11.28
C VAL E 544 -24.92 -22.86 -10.03
N ASN E 545 -25.18 -21.55 -10.13
CA ASN E 545 -25.18 -20.68 -8.96
C ASN E 545 -26.59 -20.20 -8.66
N CYS E 546 -26.79 -19.73 -7.44
CA CYS E 546 -28.05 -19.11 -7.04
C CYS E 546 -27.80 -17.65 -6.69
N LYS E 547 -27.82 -16.81 -7.71
CA LYS E 547 -27.60 -15.37 -7.54
C LYS E 547 -28.85 -14.73 -6.97
N ALA E 548 -28.79 -14.31 -5.71
CA ALA E 548 -29.92 -13.72 -5.03
C ALA E 548 -29.68 -12.24 -4.77
N SER E 549 -30.70 -11.44 -5.00
CA SER E 549 -30.70 -10.04 -4.63
C SER E 549 -31.87 -9.79 -3.70
N PHE E 550 -31.66 -8.99 -2.67
CA PHE E 550 -32.60 -8.87 -1.58
C PHE E 550 -33.02 -7.43 -1.39
N LEU E 551 -34.21 -7.26 -0.85
CA LEU E 551 -34.62 -6.07 -0.13
C LEU E 551 -34.91 -6.51 1.29
N ASN E 552 -34.13 -6.03 2.25
CA ASN E 552 -34.34 -6.46 3.62
C ASN E 552 -35.33 -5.57 4.35
N THR E 553 -35.71 -4.44 3.76
CA THR E 553 -36.66 -3.52 4.35
C THR E 553 -37.10 -2.57 3.25
N SER E 554 -38.23 -1.94 3.49
CA SER E 554 -38.73 -0.90 2.61
C SER E 554 -38.29 0.46 3.13
N PRO E 555 -38.44 1.53 2.33
CA PRO E 555 -38.10 2.86 2.86
C PRO E 555 -38.86 3.25 4.10
N SER E 556 -40.10 2.79 4.25
CA SER E 556 -40.85 3.08 5.46
C SER E 556 -40.21 2.41 6.67
N GLY E 557 -39.70 1.19 6.48
CA GLY E 557 -38.97 0.53 7.55
C GLY E 557 -37.73 1.29 7.96
N VAL E 558 -37.01 1.84 6.98
CA VAL E 558 -35.82 2.63 7.27
C VAL E 558 -36.18 3.89 8.05
N LEU E 559 -37.24 4.57 7.62
CA LEU E 559 -37.66 5.78 8.33
C LEU E 559 -38.09 5.48 9.75
N ALA E 560 -38.85 4.41 9.95
CA ALA E 560 -39.26 4.03 11.29
C ALA E 560 -38.07 3.60 12.13
N ASP E 561 -37.06 2.99 11.51
CA ASP E 561 -35.84 2.67 12.23
C ASP E 561 -35.12 3.92 12.69
N MET E 562 -35.07 4.95 11.86
CA MET E 562 -34.48 6.21 12.29
C MET E 562 -35.23 6.81 13.45
N VAL E 563 -36.56 6.77 13.41
CA VAL E 563 -37.33 7.34 14.53
C VAL E 563 -37.11 6.52 15.79
N ASP E 564 -37.03 5.20 15.67
CA ASP E 564 -36.80 4.36 16.85
C ASP E 564 -35.39 4.51 17.39
N ALA E 565 -34.44 4.86 16.53
CA ALA E 565 -33.07 5.07 16.98
C ALA E 565 -32.90 6.38 17.72
N GLY E 566 -33.91 7.22 17.78
CA GLY E 566 -33.87 8.45 18.55
C GLY E 566 -33.76 9.72 17.76
N ALA E 567 -33.89 9.67 16.44
CA ALA E 567 -33.82 10.88 15.64
C ALA E 567 -35.15 11.61 15.63
N VAL E 568 -35.10 12.92 15.71
CA VAL E 568 -36.27 13.76 15.55
C VAL E 568 -36.28 14.23 14.11
N ILE E 569 -37.28 13.81 13.35
CA ILE E 569 -37.33 14.02 11.92
C ILE E 569 -38.44 15.02 11.63
N LEU E 570 -38.10 16.05 10.87
CA LEU E 570 -39.01 17.14 10.55
C LEU E 570 -39.23 17.10 9.05
N GLY E 571 -40.24 16.35 8.62
CA GLY E 571 -40.46 16.15 7.20
C GLY E 571 -41.38 17.17 6.59
N ILE E 572 -40.85 18.00 5.71
CA ILE E 572 -41.57 19.15 5.17
C ILE E 572 -41.85 18.92 3.71
N SER E 573 -43.13 18.97 3.34
CA SER E 573 -43.57 18.84 1.96
C SER E 573 -45.05 19.20 1.93
N ALA E 574 -45.48 19.84 0.84
CA ALA E 574 -46.89 20.19 0.72
C ALA E 574 -47.76 18.95 0.63
N THR E 575 -47.19 17.85 0.18
CA THR E 575 -47.89 16.57 0.04
C THR E 575 -47.28 15.51 0.95
N ALA E 576 -46.98 15.89 2.18
CA ALA E 576 -46.24 15.01 3.07
C ALA E 576 -47.08 13.82 3.52
N ARG E 577 -48.40 13.95 3.49
CA ARG E 577 -49.31 12.91 3.95
C ARG E 577 -50.25 12.48 2.83
N ALA E 578 -49.73 12.37 1.62
CA ALA E 578 -50.50 11.83 0.52
C ALA E 578 -50.72 10.34 0.75
N ASP E 579 -51.93 9.87 0.46
CA ASP E 579 -52.29 8.48 0.75
C ASP E 579 -51.91 7.56 -0.40
N THR E 580 -50.61 7.53 -0.68
CA THR E 580 -50.07 6.60 -1.66
C THR E 580 -48.84 5.95 -1.05
N VAL E 581 -48.69 4.64 -1.25
CA VAL E 581 -47.50 3.94 -0.82
C VAL E 581 -46.48 3.81 -1.93
N ILE E 582 -46.81 4.27 -3.13
CA ILE E 582 -45.88 4.25 -4.24
C ILE E 582 -45.07 5.53 -4.29
N HIS E 583 -45.72 6.67 -4.12
CA HIS E 583 -45.07 7.95 -4.17
C HIS E 583 -44.93 8.60 -2.80
N ASN E 584 -45.04 7.81 -1.74
CA ASN E 584 -44.88 8.32 -0.39
C ASN E 584 -44.65 7.12 0.52
N PHE E 585 -44.18 7.38 1.73
CA PHE E 585 -44.07 6.33 2.73
C PHE E 585 -45.45 5.81 3.11
N ASP E 586 -45.48 4.60 3.68
CA ASP E 586 -46.73 4.03 4.16
C ASP E 586 -47.01 4.60 5.54
N PHE E 587 -47.95 5.53 5.62
CA PHE E 587 -48.23 6.16 6.89
C PHE E 587 -49.18 5.36 7.74
N LYS E 588 -49.82 4.34 7.17
CA LYS E 588 -50.53 3.38 8.00
C LYS E 588 -49.54 2.51 8.77
N TYR E 589 -48.49 2.07 8.10
CA TYR E 589 -47.45 1.29 8.77
C TYR E 589 -46.70 2.14 9.78
N LEU E 590 -46.38 3.38 9.44
CA LEU E 590 -45.64 4.24 10.34
C LEU E 590 -46.46 4.58 11.57
N ASN E 591 -47.76 4.74 11.41
CA ASN E 591 -48.62 4.97 12.56
C ASN E 591 -48.67 3.74 13.46
N GLU E 592 -48.72 2.55 12.87
CA GLU E 592 -48.73 1.33 13.66
C GLU E 592 -47.42 1.14 14.40
N ARG E 593 -46.30 1.41 13.74
CA ARG E 593 -45.02 1.10 14.35
C ARG E 593 -44.54 2.19 15.30
N LEU E 594 -44.80 3.45 14.98
CA LEU E 594 -44.35 4.54 15.83
C LEU E 594 -45.37 4.94 16.87
N GLY E 595 -46.65 4.68 16.62
CA GLY E 595 -47.65 4.99 17.62
C GLY E 595 -47.87 6.48 17.73
N ASN E 596 -47.57 7.02 18.90
CA ASN E 596 -47.68 8.47 19.08
C ASN E 596 -46.33 9.16 19.02
N LYS E 597 -45.26 8.45 18.66
CA LYS E 597 -44.04 9.11 18.26
C LYS E 597 -44.14 9.64 16.84
N LEU E 598 -45.19 9.27 16.11
CA LEU E 598 -45.54 9.92 14.86
C LEU E 598 -46.43 11.10 15.19
N LEU E 599 -45.85 12.29 15.21
CA LEU E 599 -46.59 13.46 15.61
C LEU E 599 -47.54 13.89 14.50
N SER E 600 -48.54 14.68 14.88
CA SER E 600 -49.49 15.23 13.95
C SER E 600 -49.99 16.55 14.50
N LEU E 601 -49.90 17.59 13.68
CA LEU E 601 -50.39 18.89 14.11
C LEU E 601 -51.91 18.85 14.19
N SER E 602 -52.46 19.50 15.20
CA SER E 602 -53.84 19.27 15.59
C SER E 602 -54.82 20.12 14.78
N ARG E 603 -56.09 19.99 15.16
CA ARG E 603 -57.17 20.73 14.49
C ARG E 603 -56.98 22.23 14.63
N GLU E 604 -56.71 22.69 15.84
CA GLU E 604 -56.52 24.12 16.08
C GLU E 604 -55.26 24.63 15.37
N GLN E 605 -54.19 23.83 15.41
CA GLN E 605 -52.97 24.22 14.72
C GLN E 605 -53.18 24.30 13.22
N LYS E 606 -53.90 23.35 12.65
CA LYS E 606 -54.18 23.38 11.22
C LYS E 606 -55.05 24.58 10.86
N GLN E 607 -56.00 24.92 11.73
CA GLN E 607 -56.79 26.13 11.48
C GLN E 607 -55.95 27.39 11.54
N ARG E 608 -55.00 27.45 12.47
CA ARG E 608 -54.13 28.62 12.55
C ARG E 608 -53.25 28.73 11.31
N VAL E 609 -52.73 27.60 10.83
CA VAL E 609 -51.92 27.61 9.62
C VAL E 609 -52.76 28.01 8.42
N ASN E 610 -54.00 27.54 8.36
CA ASN E 610 -54.89 27.93 7.27
C ASN E 610 -55.18 29.42 7.29
N ASN E 611 -55.40 29.99 8.49
CA ASN E 611 -55.60 31.42 8.59
C ASN E 611 -54.36 32.20 8.16
N TYR E 612 -53.18 31.72 8.55
CA TYR E 612 -51.95 32.40 8.16
C TYR E 612 -51.76 32.36 6.65
N TYR E 613 -52.06 31.22 6.03
CA TYR E 613 -51.95 31.11 4.59
C TYR E 613 -52.96 31.99 3.89
N HIS E 614 -54.15 32.13 4.47
CA HIS E 614 -55.14 33.04 3.90
C HIS E 614 -54.68 34.48 3.99
N SER E 615 -54.02 34.84 5.08
CA SER E 615 -53.56 36.22 5.25
C SER E 615 -52.52 36.59 4.20
N ARG E 616 -51.63 35.66 3.88
CA ARG E 616 -50.60 35.91 2.89
C ARG E 616 -51.06 35.71 1.45
N ARG E 617 -52.25 35.15 1.25
CA ARG E 617 -52.76 34.89 -0.09
C ARG E 617 -54.23 35.28 -0.18
N ASN E 618 -54.56 36.49 0.27
CA ASN E 618 -55.95 36.93 0.33
C ASN E 618 -56.45 37.24 -1.08
N TYR E 619 -56.89 36.18 -1.76
CA TYR E 619 -57.36 36.31 -3.14
C TYR E 619 -58.71 37.02 -3.18
N LYS E 620 -59.60 36.66 -2.27
CA LYS E 620 -61.01 37.04 -2.38
C LYS E 620 -61.22 38.50 -2.04
N ASP E 621 -60.56 38.98 -0.99
CA ASP E 621 -60.70 40.39 -0.63
C ASP E 621 -60.08 41.30 -1.68
N ASN E 622 -59.00 40.87 -2.30
CA ASN E 622 -58.31 41.68 -3.29
C ASN E 622 -58.86 41.47 -4.69
N GLY E 623 -59.89 40.66 -4.87
CA GLY E 623 -60.51 40.52 -6.16
C GLY E 623 -59.73 39.70 -7.16
N VAL E 624 -58.87 38.79 -6.71
CA VAL E 624 -58.23 37.85 -7.61
C VAL E 624 -59.16 36.67 -7.84
N VAL E 625 -59.37 36.33 -9.11
CA VAL E 625 -60.33 35.30 -9.49
C VAL E 625 -59.59 34.12 -10.08
N LEU E 626 -59.81 32.93 -9.54
CA LEU E 626 -59.28 31.70 -10.08
C LEU E 626 -60.31 31.09 -11.01
N THR E 627 -59.96 30.97 -12.29
CA THR E 627 -60.88 30.44 -13.30
C THR E 627 -60.38 29.07 -13.74
N VAL E 628 -61.21 28.05 -13.57
CA VAL E 628 -60.86 26.67 -13.89
C VAL E 628 -61.71 26.21 -15.05
N LYS E 629 -61.06 25.65 -16.07
CA LYS E 629 -61.76 25.08 -17.22
C LYS E 629 -61.21 23.69 -17.48
N TYR E 630 -62.11 22.74 -17.69
CA TYR E 630 -61.75 21.39 -18.06
C TYR E 630 -61.96 21.20 -19.55
N LEU E 631 -60.92 20.78 -20.25
CA LEU E 631 -60.90 20.76 -21.70
C LEU E 631 -60.98 19.32 -22.19
N ASN E 632 -62.06 18.99 -22.90
CA ASN E 632 -62.13 17.72 -23.59
C ASN E 632 -61.39 17.81 -24.91
N SER E 633 -61.33 16.69 -25.63
CA SER E 633 -60.70 16.68 -26.93
C SER E 633 -61.56 17.46 -27.92
N ARG E 634 -60.90 18.05 -28.92
CA ARG E 634 -61.51 19.03 -29.80
C ARG E 634 -61.17 18.68 -31.26
N ASP E 635 -61.48 17.45 -31.64
CA ASP E 635 -61.04 16.89 -32.92
C ASP E 635 -61.47 17.76 -34.10
N ALA E 636 -62.65 18.39 -34.03
CA ALA E 636 -63.08 19.26 -35.12
C ALA E 636 -62.22 20.51 -35.22
N PHE E 637 -61.98 21.16 -34.09
CA PHE E 637 -61.15 22.37 -34.07
C PHE E 637 -59.70 22.05 -34.42
N LEU E 638 -59.21 20.90 -33.97
CA LEU E 638 -57.88 20.45 -34.37
C LEU E 638 -57.81 20.19 -35.86
N ASP E 639 -58.86 19.59 -36.44
CA ASP E 639 -58.89 19.36 -37.87
C ASP E 639 -58.88 20.66 -38.65
N ALA E 640 -59.63 21.66 -38.17
CA ALA E 640 -59.64 22.97 -38.81
C ALA E 640 -58.25 23.59 -38.80
N LEU E 641 -57.57 23.52 -37.65
CA LEU E 641 -56.21 24.06 -37.58
C LEU E 641 -55.25 23.28 -38.47
N LEU E 642 -55.40 21.96 -38.54
CA LEU E 642 -54.53 21.16 -39.38
C LEU E 642 -54.72 21.50 -40.84
N GLU E 643 -55.97 21.71 -41.25
CA GLU E 643 -56.23 22.10 -42.63
C GLU E 643 -55.67 23.48 -42.94
N GLU E 644 -55.79 24.42 -42.00
CA GLU E 644 -55.20 25.74 -42.21
C GLU E 644 -53.68 25.69 -42.26
N TYR E 645 -53.08 24.75 -41.53
CA TYR E 645 -51.63 24.63 -41.54
C TYR E 645 -51.11 24.11 -42.87
N LYS E 646 -51.81 23.16 -43.47
CA LYS E 646 -51.44 22.60 -44.77
C LYS E 646 -52.66 22.61 -45.68
N PRO E 647 -52.95 23.74 -46.31
CA PRO E 647 -54.15 23.84 -47.15
C PRO E 647 -54.14 22.91 -48.35
N GLU E 648 -52.98 22.62 -48.92
CA GLU E 648 -52.88 21.82 -50.14
C GLU E 648 -52.97 20.32 -49.89
N ALA E 649 -52.97 19.87 -48.65
CA ALA E 649 -53.09 18.45 -48.36
C ALA E 649 -54.54 18.01 -48.37
N ARG E 650 -54.75 16.73 -48.70
CA ARG E 650 -56.10 16.24 -48.92
C ARG E 650 -56.90 16.16 -47.63
N SER E 651 -56.34 15.54 -46.59
CA SER E 651 -57.11 15.24 -45.40
C SER E 651 -56.26 15.46 -44.16
N SER E 652 -56.95 15.68 -43.03
CA SER E 652 -56.27 15.96 -41.77
C SER E 652 -55.41 14.78 -41.32
N HIS E 653 -55.95 13.56 -41.42
CA HIS E 653 -55.17 12.39 -41.03
C HIS E 653 -53.94 12.23 -41.91
N PHE E 654 -54.05 12.59 -43.19
CA PHE E 654 -52.87 12.61 -44.04
C PHE E 654 -51.86 13.64 -43.55
N ILE E 655 -52.34 14.81 -43.11
CA ILE E 655 -51.45 15.85 -42.60
C ILE E 655 -50.68 15.33 -41.39
N LEU E 656 -51.40 14.72 -40.45
CA LEU E 656 -50.78 14.15 -39.26
C LEU E 656 -49.77 13.08 -39.61
N ASN E 657 -50.12 12.20 -40.55
CA ASN E 657 -49.27 11.07 -40.88
C ASN E 657 -48.00 11.54 -41.60
N HIS E 658 -48.11 12.60 -42.41
CA HIS E 658 -46.96 12.96 -43.22
C HIS E 658 -46.13 14.08 -42.63
N TYR E 659 -46.72 15.25 -42.39
CA TYR E 659 -45.91 16.37 -41.93
C TYR E 659 -45.56 16.29 -40.46
N LEU E 660 -46.49 15.85 -39.62
CA LEU E 660 -46.21 15.76 -38.19
C LEU E 660 -45.49 14.47 -37.83
N GLY E 661 -45.65 13.41 -38.61
CA GLY E 661 -44.97 12.16 -38.35
C GLY E 661 -45.69 11.21 -37.42
N ILE E 662 -46.99 11.41 -37.21
CA ILE E 662 -47.77 10.57 -36.29
C ILE E 662 -48.29 9.38 -37.10
N ALA E 663 -47.82 8.19 -36.73
CA ALA E 663 -48.34 6.98 -37.36
C ALA E 663 -49.80 6.77 -37.00
N GLU E 664 -50.51 6.01 -37.84
CA GLU E 664 -51.95 5.85 -37.68
C GLU E 664 -52.31 5.17 -36.37
N SER E 665 -51.39 4.37 -35.81
CA SER E 665 -51.65 3.76 -34.51
C SER E 665 -51.70 4.80 -33.40
N GLU E 666 -50.84 5.81 -33.45
CA GLU E 666 -50.76 6.82 -32.41
C GLU E 666 -51.61 8.06 -32.68
N GLN E 667 -52.31 8.09 -33.82
CA GLN E 667 -53.05 9.29 -34.19
C GLN E 667 -54.18 9.57 -33.22
N ALA E 668 -54.87 8.54 -32.75
CA ALA E 668 -55.99 8.77 -31.83
C ALA E 668 -55.54 9.40 -30.54
N PHE E 669 -54.36 9.01 -30.03
CA PHE E 669 -53.84 9.59 -28.81
C PHE E 669 -53.30 10.99 -29.04
N VAL E 670 -52.56 11.18 -30.14
CA VAL E 670 -51.94 12.48 -30.39
C VAL E 670 -52.99 13.53 -30.68
N ARG E 671 -54.05 13.14 -31.40
CA ARG E 671 -55.18 14.05 -31.57
C ARG E 671 -55.85 14.35 -30.23
N SER E 672 -55.83 13.38 -29.32
CA SER E 672 -56.50 13.57 -28.05
C SER E 672 -55.76 14.59 -27.18
N TRP E 673 -54.44 14.52 -27.14
CA TRP E 673 -53.74 15.42 -26.23
C TRP E 673 -53.37 16.74 -26.88
N LEU E 674 -53.16 16.76 -28.20
CA LEU E 674 -52.80 18.02 -28.85
C LEU E 674 -54.00 18.93 -29.00
N SER E 675 -55.22 18.38 -28.95
CA SER E 675 -56.41 19.21 -29.05
C SER E 675 -56.59 20.06 -27.81
N LYS E 676 -56.47 19.45 -26.63
CA LYS E 676 -56.67 20.17 -25.38
C LYS E 676 -55.58 21.20 -25.16
N LEU E 677 -54.33 20.86 -25.49
CA LEU E 677 -53.24 21.80 -25.34
C LEU E 677 -53.46 23.04 -26.19
N LEU E 678 -53.87 22.85 -27.44
CA LEU E 678 -54.08 23.99 -28.32
C LEU E 678 -55.30 24.78 -27.92
N ALA E 679 -56.33 24.11 -27.39
CA ALA E 679 -57.48 24.84 -26.87
C ALA E 679 -57.08 25.73 -25.70
N SER E 680 -56.25 25.21 -24.81
CA SER E 680 -55.75 26.00 -23.68
C SER E 680 -54.92 27.17 -24.16
N ILE E 681 -54.05 26.94 -25.14
CA ILE E 681 -53.20 28.02 -25.65
C ILE E 681 -54.05 29.10 -26.31
N LYS E 682 -55.07 28.71 -27.07
CA LYS E 682 -55.96 29.69 -27.68
C LYS E 682 -56.70 30.49 -26.62
N ALA E 683 -57.18 29.82 -25.57
CA ALA E 683 -57.88 30.55 -24.52
C ALA E 683 -56.95 31.47 -23.75
N PHE E 684 -55.67 31.11 -23.68
CA PHE E 684 -54.69 31.96 -23.01
C PHE E 684 -54.37 33.19 -23.85
N ILE E 685 -54.15 33.01 -25.14
CA ILE E 685 -53.81 34.14 -26.00
C ILE E 685 -55.00 35.08 -26.14
N SER E 686 -56.21 34.53 -26.21
CA SER E 686 -57.40 35.37 -26.27
C SER E 686 -57.62 36.16 -24.98
N SER E 687 -56.98 35.76 -23.88
CA SER E 687 -57.09 36.52 -22.65
C SER E 687 -56.41 37.87 -22.80
N PRO E 688 -56.97 38.93 -22.21
CA PRO E 688 -56.44 40.28 -22.50
C PRO E 688 -55.11 40.57 -21.84
N ASP E 689 -54.93 40.24 -20.57
CA ASP E 689 -53.80 40.76 -19.81
C ASP E 689 -52.90 39.71 -19.17
N ASN E 690 -53.23 38.43 -19.24
CA ASN E 690 -52.33 37.40 -18.75
C ASN E 690 -51.08 37.36 -19.63
N ARG E 691 -49.94 37.04 -19.03
CA ARG E 691 -48.67 37.17 -19.72
C ARG E 691 -47.77 35.95 -19.60
N TYR E 692 -48.10 34.97 -18.76
CA TYR E 692 -47.16 33.91 -18.42
C TYR E 692 -47.92 32.60 -18.33
N MET E 693 -47.77 31.74 -19.34
CA MET E 693 -48.44 30.45 -19.36
C MET E 693 -47.42 29.34 -19.29
N LEU E 694 -47.66 28.39 -18.40
CA LEU E 694 -46.86 27.18 -18.28
C LEU E 694 -47.70 25.99 -18.69
N SER E 695 -47.22 25.21 -19.65
CA SER E 695 -47.91 24.01 -20.09
C SER E 695 -47.15 22.81 -19.55
N LEU E 696 -47.81 22.03 -18.71
CA LEU E 696 -47.21 20.87 -18.07
C LEU E 696 -47.73 19.61 -18.75
N LEU E 697 -46.86 18.96 -19.50
CA LEU E 697 -47.21 17.76 -20.24
C LEU E 697 -46.46 16.59 -19.66
N ASN E 698 -46.60 15.43 -20.30
CA ASN E 698 -45.86 14.26 -19.85
C ASN E 698 -44.62 14.03 -20.69
N ARG E 699 -44.52 14.70 -21.84
CA ARG E 699 -43.43 14.51 -22.77
C ARG E 699 -42.78 15.85 -23.07
N THR E 700 -41.48 15.83 -23.34
CA THR E 700 -40.77 17.05 -23.69
C THR E 700 -40.96 17.34 -25.17
N LEU E 701 -41.33 18.58 -25.48
CA LEU E 701 -41.49 19.02 -26.87
C LEU E 701 -40.17 19.61 -27.33
N ASP E 702 -39.27 18.71 -27.72
CA ASP E 702 -37.93 19.09 -28.16
C ASP E 702 -37.71 18.67 -29.60
N THR E 703 -36.44 18.68 -30.04
CA THR E 703 -36.10 18.39 -31.43
C THR E 703 -36.64 17.03 -31.90
N THR E 704 -36.73 16.05 -31.00
CA THR E 704 -37.30 14.76 -31.38
C THR E 704 -38.77 14.86 -31.73
N ARG E 705 -39.44 15.94 -31.33
CA ARG E 705 -40.81 16.22 -31.74
C ARG E 705 -40.90 17.54 -32.49
N GLN E 706 -39.89 17.87 -33.31
CA GLN E 706 -39.81 19.17 -33.95
C GLN E 706 -40.97 19.41 -34.89
N ASN E 707 -41.49 18.36 -35.52
CA ASN E 707 -42.64 18.53 -36.41
C ASN E 707 -43.86 19.00 -35.65
N ILE E 708 -44.05 18.50 -34.42
CA ILE E 708 -45.20 18.91 -33.65
C ILE E 708 -45.04 20.35 -33.16
N ASN E 709 -43.81 20.76 -32.87
CA ASN E 709 -43.56 22.12 -32.42
C ASN E 709 -43.95 23.14 -33.49
N ASP E 710 -43.62 22.82 -34.75
CA ASP E 710 -43.89 23.75 -35.84
C ASP E 710 -45.38 24.00 -36.02
N PHE E 711 -46.19 22.95 -35.87
CA PHE E 711 -47.64 23.12 -35.90
C PHE E 711 -48.11 23.96 -34.72
N ILE E 712 -47.56 23.70 -33.53
CA ILE E 712 -47.90 24.51 -32.36
C ILE E 712 -47.42 25.94 -32.55
N GLN E 713 -46.21 26.10 -33.10
CA GLN E 713 -45.70 27.43 -33.38
C GLN E 713 -46.58 28.16 -34.38
N PHE E 714 -47.05 27.45 -35.40
CA PHE E 714 -47.95 28.06 -36.38
C PHE E 714 -49.25 28.51 -35.73
N CYS E 715 -49.82 27.67 -34.85
CA CYS E 715 -51.06 28.06 -34.18
C CYS E 715 -50.84 29.25 -33.28
N CYS E 716 -49.71 29.29 -32.58
CA CYS E 716 -49.38 30.43 -31.74
C CYS E 716 -49.26 31.70 -32.56
N ASP E 717 -48.60 31.62 -33.71
CA ASP E 717 -48.47 32.78 -34.59
C ASP E 717 -49.83 33.24 -35.10
N LYS E 718 -50.69 32.28 -35.47
CA LYS E 718 -52.01 32.62 -35.97
C LYS E 718 -52.83 33.35 -34.91
N TRP E 719 -52.81 32.84 -33.68
CA TRP E 719 -53.59 33.49 -32.64
C TRP E 719 -52.94 34.78 -32.15
N ALA E 720 -51.61 34.89 -32.31
CA ALA E 720 -50.95 36.16 -32.02
C ALA E 720 -51.38 37.23 -33.00
N LYS E 721 -51.45 36.89 -34.29
CA LYS E 721 -51.93 37.83 -35.28
C LYS E 721 -53.41 38.16 -35.06
N GLU E 722 -54.21 37.15 -34.72
CA GLU E 722 -55.64 37.35 -34.57
C GLU E 722 -55.97 38.27 -33.40
N PHE E 723 -55.29 38.08 -32.27
CA PHE E 723 -55.58 38.83 -31.06
C PHE E 723 -54.59 39.96 -30.79
N ASN E 724 -53.60 40.14 -31.67
CA ASN E 724 -52.69 41.28 -31.65
C ASN E 724 -51.89 41.34 -30.35
N VAL E 725 -51.40 40.18 -29.91
CA VAL E 725 -50.45 40.09 -28.81
C VAL E 725 -49.34 39.14 -29.22
N LYS E 726 -48.10 39.62 -29.19
CA LYS E 726 -47.00 38.76 -29.55
C LYS E 726 -46.73 37.74 -28.43
N THR E 727 -46.49 36.49 -28.84
CA THR E 727 -46.33 35.39 -27.89
C THR E 727 -45.01 34.70 -28.19
N LYS E 728 -44.07 34.80 -27.25
CA LYS E 728 -42.82 34.05 -27.35
C LYS E 728 -43.03 32.66 -26.77
N THR E 729 -42.61 31.64 -27.49
CA THR E 729 -42.76 30.27 -27.02
C THR E 729 -41.41 29.67 -26.68
N PHE E 730 -41.38 28.88 -25.61
CA PHE E 730 -40.15 28.23 -25.14
C PHE E 730 -40.39 26.72 -25.18
N PHE E 731 -40.12 26.13 -26.32
CA PHE E 731 -40.31 24.69 -26.46
C PHE E 731 -39.17 23.94 -25.79
N GLY E 732 -39.51 22.83 -25.17
CA GLY E 732 -38.52 21.92 -24.63
C GLY E 732 -37.68 22.47 -23.50
N VAL E 733 -38.29 23.03 -22.46
CA VAL E 733 -37.50 23.44 -21.31
C VAL E 733 -37.25 22.21 -20.45
N ASN E 734 -36.24 21.46 -20.84
CA ASN E 734 -35.83 20.23 -20.21
C ASN E 734 -34.99 20.53 -18.98
N ALA E 735 -34.65 19.49 -18.23
CA ALA E 735 -33.73 19.68 -17.11
C ALA E 735 -32.36 20.11 -17.60
N ASP E 736 -31.83 19.43 -18.62
CA ASP E 736 -30.54 19.82 -19.17
C ASP E 736 -30.62 21.16 -19.88
N TRP E 737 -31.78 21.48 -20.46
CA TRP E 737 -31.98 22.82 -21.00
C TRP E 737 -31.83 23.86 -19.89
N MET E 738 -32.50 23.64 -18.77
CA MET E 738 -32.38 24.56 -17.64
C MET E 738 -30.98 24.60 -17.06
N ARG E 739 -30.19 23.55 -17.29
CA ARG E 739 -28.78 23.62 -16.92
C ARG E 739 -28.01 24.54 -17.85
N LEU E 740 -27.99 24.23 -19.15
CA LEU E 740 -27.24 25.05 -20.10
C LEU E 740 -27.88 26.42 -20.32
N VAL E 741 -29.19 26.46 -20.58
CA VAL E 741 -29.87 27.73 -20.82
C VAL E 741 -30.80 27.99 -19.65
N GLY E 742 -30.39 28.89 -18.76
CA GLY E 742 -31.08 29.05 -17.50
C GLY E 742 -32.52 29.50 -17.68
N TYR E 743 -33.35 29.17 -16.68
CA TYR E 743 -34.75 29.54 -16.73
C TYR E 743 -34.95 31.05 -16.70
N ASP E 744 -33.93 31.80 -16.25
CA ASP E 744 -34.03 33.25 -16.20
C ASP E 744 -34.18 33.89 -17.58
N GLU E 745 -33.89 33.14 -18.66
CA GLU E 745 -34.18 33.63 -20.00
C GLU E 745 -35.66 33.95 -20.15
N ILE E 746 -36.52 33.08 -19.62
CA ILE E 746 -37.95 33.37 -19.60
C ILE E 746 -38.24 34.56 -18.71
N SER E 747 -37.57 34.65 -17.56
CA SER E 747 -37.77 35.78 -16.66
C SER E 747 -37.29 37.07 -17.30
N LYS E 748 -36.15 37.02 -18.00
CA LYS E 748 -35.64 38.21 -18.66
C LYS E 748 -36.56 38.67 -19.78
N HIS E 749 -37.10 37.71 -20.55
CA HIS E 749 -38.03 38.07 -21.61
C HIS E 749 -39.30 38.68 -21.04
N LEU E 750 -39.80 38.13 -19.93
CA LEU E 750 -40.99 38.70 -19.31
C LEU E 750 -40.69 40.07 -18.72
N ASN E 751 -39.43 40.29 -18.31
CA ASN E 751 -39.04 41.55 -17.70
C ASN E 751 -38.87 42.65 -18.74
N THR E 752 -38.39 42.32 -19.93
CA THR E 752 -38.02 43.34 -20.92
C THR E 752 -38.95 43.41 -22.12
N GLU E 753 -39.45 42.28 -22.62
CA GLU E 753 -40.24 42.26 -23.85
C GLU E 753 -41.72 42.37 -23.51
N LEU E 754 -42.44 43.16 -24.29
CA LEU E 754 -43.89 43.24 -24.14
C LEU E 754 -44.53 42.01 -24.78
N GLY E 755 -45.58 41.50 -24.13
CA GLY E 755 -46.36 40.41 -24.69
C GLY E 755 -46.40 39.19 -23.79
N LYS E 756 -47.03 38.14 -24.33
CA LYS E 756 -47.26 36.89 -23.63
C LYS E 756 -46.10 35.92 -23.84
N VAL E 757 -46.03 34.94 -22.95
CA VAL E 757 -45.03 33.88 -23.01
C VAL E 757 -45.71 32.55 -22.75
N VAL E 758 -45.41 31.56 -23.57
CA VAL E 758 -45.90 30.20 -23.38
C VAL E 758 -44.70 29.28 -23.19
N VAL E 759 -44.69 28.54 -22.09
CA VAL E 759 -43.59 27.66 -21.74
C VAL E 759 -44.11 26.22 -21.77
N PHE E 760 -43.36 25.33 -22.39
CA PHE E 760 -43.75 23.93 -22.53
C PHE E 760 -42.80 23.08 -21.72
N SER E 761 -43.25 22.59 -20.58
CA SER E 761 -42.45 21.75 -19.71
C SER E 761 -43.24 20.51 -19.33
N THR E 762 -42.60 19.67 -18.51
CA THR E 762 -43.22 18.46 -18.00
C THR E 762 -43.25 18.51 -16.48
N TYR E 763 -44.02 17.61 -15.88
CA TYR E 763 -44.05 17.49 -14.43
C TYR E 763 -42.68 17.11 -13.89
N ALA E 764 -41.99 16.22 -14.58
CA ALA E 764 -40.67 15.79 -14.11
C ALA E 764 -39.64 16.89 -14.27
N SER E 765 -39.83 17.77 -15.26
CA SER E 765 -38.88 18.84 -15.48
C SER E 765 -38.99 19.92 -14.42
N MET E 766 -40.21 20.32 -14.08
CA MET E 766 -40.44 21.36 -13.09
C MET E 766 -40.49 20.77 -11.68
N GLY E 767 -39.36 20.25 -11.23
CA GLY E 767 -39.28 19.65 -9.92
C GLY E 767 -39.20 20.68 -8.81
N ALA E 768 -38.92 20.18 -7.61
CA ALA E 768 -38.78 21.06 -6.46
C ALA E 768 -37.49 21.86 -6.56
N GLY E 769 -37.56 23.14 -6.21
CA GLY E 769 -36.43 24.01 -6.26
C GLY E 769 -36.34 24.85 -7.52
N LYS E 770 -36.99 24.42 -8.60
CA LYS E 770 -37.07 25.24 -9.80
C LYS E 770 -38.03 26.38 -9.52
N ASN E 771 -37.51 27.60 -9.48
CA ASN E 771 -38.31 28.76 -9.11
C ASN E 771 -38.74 29.47 -10.38
N PRO E 772 -40.03 29.47 -10.71
CA PRO E 772 -40.45 30.04 -12.00
C PRO E 772 -40.90 31.49 -11.99
N ASP E 773 -40.72 32.23 -10.90
CA ASP E 773 -41.20 33.60 -10.91
C ASP E 773 -40.24 34.49 -11.70
N TYR E 774 -40.72 35.68 -12.02
CA TYR E 774 -39.95 36.64 -12.81
C TYR E 774 -40.01 38.00 -12.14
N ALA E 775 -39.09 38.88 -12.52
CA ALA E 775 -39.02 40.22 -11.95
C ALA E 775 -40.03 41.12 -12.66
N VAL E 776 -40.87 41.80 -11.88
CA VAL E 776 -41.94 42.60 -12.46
C VAL E 776 -41.38 43.90 -13.00
N ASN E 777 -41.78 44.25 -14.21
CA ASN E 777 -41.53 45.56 -14.79
C ASN E 777 -42.89 46.22 -14.98
N LEU E 778 -43.21 47.21 -14.14
CA LEU E 778 -44.55 47.77 -14.08
C LEU E 778 -44.98 48.41 -15.39
N ALA E 779 -44.05 48.80 -16.24
CA ALA E 779 -44.41 49.36 -17.54
C ALA E 779 -45.12 48.33 -18.41
N LEU E 780 -44.64 47.09 -18.41
CA LEU E 780 -45.18 46.06 -19.29
C LEU E 780 -46.39 45.36 -18.73
N GLU E 781 -46.55 45.32 -17.41
CA GLU E 781 -47.62 44.53 -16.80
C GLU E 781 -48.99 45.16 -16.96
N GLY E 782 -49.07 46.44 -17.30
CA GLY E 782 -50.39 47.00 -17.29
C GLY E 782 -50.89 47.18 -15.86
N GLU E 783 -52.20 47.10 -15.71
CA GLU E 783 -52.81 47.21 -14.40
C GLU E 783 -53.32 45.86 -13.89
N SER E 784 -52.84 44.75 -14.45
CA SER E 784 -53.37 43.44 -14.11
C SER E 784 -52.86 42.93 -12.76
N LEU E 785 -51.63 43.22 -12.40
CA LEU E 785 -51.06 42.71 -11.16
C LEU E 785 -51.69 43.39 -9.96
N ILE E 786 -51.79 42.64 -8.86
CA ILE E 786 -52.23 43.19 -7.59
C ILE E 786 -51.65 42.33 -6.46
N SER E 787 -51.16 42.99 -5.42
CA SER E 787 -50.64 42.29 -4.26
C SER E 787 -51.79 41.76 -3.42
N VAL E 788 -51.65 40.51 -2.96
CA VAL E 788 -52.67 39.85 -2.17
C VAL E 788 -52.28 39.70 -0.72
N ALA E 789 -51.01 39.91 -0.39
CA ALA E 789 -50.58 39.80 1.00
C ALA E 789 -51.11 40.98 1.82
N ASP E 790 -51.50 40.71 3.05
CA ASP E 790 -51.97 41.77 3.93
C ASP E 790 -50.86 42.74 4.30
N VAL E 791 -49.66 42.21 4.57
CA VAL E 791 -48.50 43.01 4.92
C VAL E 791 -47.38 42.65 3.96
N THR E 792 -47.04 43.56 3.06
CA THR E 792 -46.01 43.30 2.07
C THR E 792 -44.62 43.30 2.71
N LEU E 797 -39.98 43.42 -6.44
CA LEU E 797 -41.30 43.03 -6.95
C LEU E 797 -41.17 41.90 -7.96
N ARG E 798 -41.82 40.77 -7.66
CA ARG E 798 -41.81 39.61 -8.53
C ARG E 798 -43.22 39.06 -8.65
N SER E 799 -43.50 38.41 -9.78
CA SER E 799 -44.77 37.74 -9.99
C SER E 799 -44.48 36.39 -10.65
N ASP E 800 -45.53 35.60 -10.86
CA ASP E 800 -45.37 34.21 -11.25
C ASP E 800 -46.36 33.87 -12.37
N ILE E 801 -46.47 32.57 -12.64
CA ILE E 801 -47.38 31.98 -13.62
C ILE E 801 -48.78 32.55 -13.46
N ASP E 802 -49.43 32.90 -14.57
CA ASP E 802 -50.80 33.36 -14.51
C ASP E 802 -51.76 32.44 -15.22
N SER E 803 -51.27 31.53 -16.05
CA SER E 803 -52.09 30.52 -16.70
C SER E 803 -51.32 29.22 -16.75
N ILE E 804 -52.00 28.12 -16.51
CA ILE E 804 -51.34 26.81 -16.52
C ILE E 804 -52.23 25.80 -17.21
N TYR E 805 -51.63 24.89 -17.97
CA TYR E 805 -52.32 23.74 -18.52
C TYR E 805 -51.76 22.48 -17.88
N LEU E 806 -52.64 21.70 -17.28
CA LEU E 806 -52.25 20.50 -16.54
C LEU E 806 -52.75 19.28 -17.30
N GLU E 807 -51.84 18.60 -17.99
CA GLU E 807 -52.18 17.31 -18.57
C GLU E 807 -52.24 16.25 -17.48
N LYS E 808 -53.00 15.19 -17.76
CA LYS E 808 -53.11 14.10 -16.81
C LYS E 808 -51.77 13.37 -16.68
N PRO E 809 -51.24 13.20 -15.48
CA PRO E 809 -49.96 12.49 -15.32
C PRO E 809 -50.09 11.04 -15.77
N THR E 810 -49.03 10.51 -16.38
CA THR E 810 -49.19 9.19 -16.97
C THR E 810 -48.35 8.10 -16.34
N GLN E 811 -47.03 8.20 -16.39
CA GLN E 811 -46.21 7.05 -16.06
C GLN E 811 -46.00 6.93 -14.56
N LEU E 812 -47.05 6.59 -13.82
CA LEU E 812 -47.04 6.80 -12.38
C LEU E 812 -46.48 5.64 -11.58
N LEU E 813 -46.12 4.53 -12.20
CA LEU E 813 -45.33 3.52 -11.50
C LEU E 813 -43.87 3.93 -11.56
N LEU E 814 -43.17 3.79 -10.45
CA LEU E 814 -41.74 4.09 -10.44
C LEU E 814 -41.00 3.14 -11.36
N SER E 815 -40.22 3.71 -12.28
CA SER E 815 -39.39 2.89 -13.15
C SER E 815 -38.21 3.75 -13.57
N ASP E 816 -37.06 3.52 -12.94
CA ASP E 816 -35.82 4.10 -13.41
C ASP E 816 -35.23 3.23 -14.52
N ASP E 817 -34.83 3.87 -15.61
CA ASP E 817 -34.44 3.10 -16.79
C ASP E 817 -33.02 2.58 -16.71
N TYR E 818 -32.20 3.10 -15.80
CA TYR E 818 -30.78 2.85 -15.86
C TYR E 818 -30.41 1.55 -15.14
N SER E 819 -29.11 1.35 -14.96
CA SER E 819 -28.52 0.02 -14.89
C SER E 819 -29.03 -0.79 -13.71
N HIS E 820 -29.11 -0.20 -12.53
CA HIS E 820 -29.37 -0.99 -11.33
C HIS E 820 -30.79 -1.54 -11.32
N THR E 821 -31.68 -1.01 -12.15
CA THR E 821 -33.04 -1.50 -12.22
C THR E 821 -33.20 -2.65 -13.19
N ALA E 822 -32.12 -3.35 -13.53
CA ALA E 822 -32.23 -4.49 -14.43
C ALA E 822 -32.89 -5.69 -13.77
N ASN E 823 -32.88 -5.76 -12.44
CA ASN E 823 -33.44 -6.91 -11.75
C ASN E 823 -34.93 -6.78 -11.51
N GLN E 824 -35.51 -5.61 -11.75
CA GLN E 824 -36.92 -5.30 -11.51
C GLN E 824 -37.31 -5.45 -10.05
N LEU E 825 -36.36 -5.28 -9.13
CA LEU E 825 -36.64 -5.39 -7.71
C LEU E 825 -37.59 -4.29 -7.24
N CYS E 826 -37.42 -3.09 -7.77
CA CYS E 826 -38.28 -1.97 -7.43
C CYS E 826 -39.70 -2.18 -7.93
N GLN E 827 -39.90 -3.11 -8.86
CA GLN E 827 -41.24 -3.40 -9.35
C GLN E 827 -41.97 -4.35 -8.43
N PHE E 828 -41.27 -5.34 -7.90
CA PHE E 828 -41.86 -6.22 -6.91
C PHE E 828 -42.12 -5.49 -5.60
N HIS E 829 -41.26 -4.53 -5.26
CA HIS E 829 -41.49 -3.73 -4.06
C HIS E 829 -42.84 -3.03 -4.12
N GLN E 830 -43.21 -2.51 -5.28
CA GLN E 830 -44.45 -1.77 -5.40
C GLN E 830 -45.66 -2.67 -5.27
N ILE E 831 -45.62 -3.85 -5.89
CA ILE E 831 -46.72 -4.81 -5.76
C ILE E 831 -46.87 -5.25 -4.32
N LEU E 832 -45.75 -5.53 -3.65
CA LEU E 832 -45.83 -5.99 -2.28
C LEU E 832 -46.24 -4.87 -1.33
N SER E 833 -45.93 -3.63 -1.67
CA SER E 833 -46.42 -2.50 -0.88
C SER E 833 -47.92 -2.34 -1.04
N LEU E 834 -48.41 -2.49 -2.26
CA LEU E 834 -49.84 -2.36 -2.49
C LEU E 834 -50.61 -3.48 -1.83
N GLN E 835 -50.06 -4.69 -1.81
CA GLN E 835 -50.71 -5.78 -1.09
C GLN E 835 -50.67 -5.55 0.42
N GLU E 836 -49.54 -5.03 0.92
CA GLU E 836 -49.44 -4.72 2.34
C GLU E 836 -50.44 -3.67 2.77
N ASN E 837 -50.62 -2.63 1.97
CA ASN E 837 -51.54 -1.56 2.28
C ASN E 837 -52.99 -2.01 2.24
N GLY E 838 -53.31 -3.08 1.54
CA GLY E 838 -54.69 -3.44 1.33
C GLY E 838 -55.25 -2.94 0.02
N GLU E 839 -54.41 -2.39 -0.84
CA GLU E 839 -54.90 -1.89 -2.12
C GLU E 839 -55.16 -3.01 -3.11
N LEU E 840 -54.45 -4.12 -3.00
CA LEU E 840 -54.62 -5.27 -3.86
C LEU E 840 -55.04 -6.47 -3.04
N SER E 841 -55.94 -7.27 -3.59
CA SER E 841 -56.19 -8.57 -3.01
C SER E 841 -54.97 -9.46 -3.23
N PRO E 842 -54.76 -10.45 -2.36
CA PRO E 842 -53.65 -11.38 -2.57
C PRO E 842 -53.71 -12.11 -3.90
N LYS E 843 -54.90 -12.34 -4.43
CA LYS E 843 -55.05 -12.93 -5.75
C LYS E 843 -54.45 -12.04 -6.82
N SER E 844 -54.86 -10.77 -6.83
CA SER E 844 -54.34 -9.82 -7.82
C SER E 844 -52.85 -9.58 -7.64
N ALA E 845 -52.41 -9.48 -6.39
CA ALA E 845 -51.00 -9.27 -6.11
C ALA E 845 -50.15 -10.43 -6.60
N GLU E 846 -50.62 -11.66 -6.39
CA GLU E 846 -49.85 -12.81 -6.83
C GLU E 846 -49.86 -12.95 -8.34
N ASN E 847 -50.99 -12.64 -8.99
CA ASN E 847 -51.03 -12.65 -10.44
C ASN E 847 -50.06 -11.62 -11.02
N TRP E 848 -50.05 -10.43 -10.44
CA TRP E 848 -49.18 -9.37 -10.91
C TRP E 848 -47.71 -9.74 -10.69
N CYS E 849 -47.40 -10.34 -9.54
CA CYS E 849 -46.03 -10.79 -9.31
C CYS E 849 -45.62 -11.86 -10.32
N ARG E 850 -46.53 -12.78 -10.63
CA ARG E 850 -46.23 -13.82 -11.60
C ARG E 850 -45.98 -13.23 -12.99
N GLN E 851 -46.83 -12.29 -13.40
CA GLN E 851 -46.64 -11.68 -14.71
C GLN E 851 -45.37 -10.85 -14.74
N GLN E 852 -45.01 -10.22 -13.63
CA GLN E 852 -43.77 -9.48 -13.55
C GLN E 852 -42.56 -10.39 -13.69
N LEU E 853 -42.61 -11.57 -13.07
CA LEU E 853 -41.48 -12.48 -13.18
C LEU E 853 -41.28 -12.98 -14.60
N MET E 854 -42.36 -13.28 -15.32
CA MET E 854 -42.26 -13.79 -16.67
C MET E 854 -42.10 -12.70 -17.71
N GLY E 855 -41.69 -11.51 -17.34
CA GLY E 855 -41.62 -10.43 -18.29
C GLY E 855 -42.98 -9.80 -18.49
N MET E 856 -43.03 -8.49 -18.52
CA MET E 856 -44.30 -7.78 -18.54
C MET E 856 -44.10 -6.44 -19.23
N SER E 857 -45.07 -6.07 -20.06
CA SER E 857 -45.04 -4.76 -20.68
C SER E 857 -45.31 -3.69 -19.64
N ARG E 858 -44.64 -2.54 -19.77
CA ARG E 858 -44.93 -1.43 -18.87
C ARG E 858 -46.38 -0.98 -19.00
N GLU E 859 -46.95 -1.12 -20.18
CA GLU E 859 -48.34 -0.70 -20.37
C GLU E 859 -49.29 -1.64 -19.65
N ARG E 860 -48.87 -2.88 -19.43
CA ARG E 860 -49.72 -3.83 -18.73
C ARG E 860 -49.58 -3.71 -17.22
N SER E 861 -48.35 -3.48 -16.75
CA SER E 861 -48.13 -3.16 -15.35
C SER E 861 -48.85 -1.88 -14.96
N LEU E 862 -48.80 -0.90 -15.84
CA LEU E 862 -49.49 0.36 -15.60
C LEU E 862 -50.99 0.17 -15.58
N GLN E 863 -51.52 -0.71 -16.42
CA GLN E 863 -52.93 -1.06 -16.37
C GLN E 863 -53.30 -1.71 -15.06
N GLN E 864 -52.41 -2.58 -14.55
CA GLN E 864 -52.65 -3.17 -13.24
C GLN E 864 -52.68 -2.10 -12.16
N TYR E 865 -51.78 -1.13 -12.24
CA TYR E 865 -51.71 -0.09 -11.24
C TYR E 865 -52.94 0.81 -11.29
N HIS E 866 -53.49 1.05 -12.48
CA HIS E 866 -54.60 1.99 -12.60
C HIS E 866 -55.86 1.54 -11.88
N GLN E 867 -55.95 0.28 -11.50
CA GLN E 867 -57.15 -0.22 -10.86
C GLN E 867 -57.20 0.06 -9.37
N THR E 868 -56.10 0.54 -8.79
CA THR E 868 -56.03 0.86 -7.39
C THR E 868 -56.51 2.29 -7.13
N SER E 869 -56.87 2.56 -5.88
CA SER E 869 -57.14 3.93 -5.48
C SER E 869 -55.85 4.67 -5.13
N ASP E 870 -54.79 3.90 -4.87
CA ASP E 870 -53.46 4.48 -4.70
C ASP E 870 -53.05 5.26 -5.94
N TYR E 871 -53.44 4.78 -7.11
CA TYR E 871 -53.16 5.48 -8.36
C TYR E 871 -53.78 6.87 -8.36
N GLN E 872 -55.04 6.95 -7.94
CA GLN E 872 -55.73 8.24 -7.93
C GLN E 872 -55.14 9.18 -6.90
N SER E 873 -54.74 8.65 -5.74
CA SER E 873 -54.06 9.49 -4.77
C SER E 873 -52.75 10.02 -5.32
N ALA E 874 -52.02 9.20 -6.08
CA ALA E 874 -50.78 9.66 -6.70
C ALA E 874 -51.04 10.73 -7.76
N VAL E 875 -52.12 10.57 -8.53
CA VAL E 875 -52.48 11.58 -9.52
C VAL E 875 -52.76 12.91 -8.85
N ARG E 876 -53.53 12.89 -7.77
CA ARG E 876 -53.84 14.11 -7.06
C ARG E 876 -52.60 14.70 -6.40
N LYS E 877 -51.68 13.85 -5.98
CA LYS E 877 -50.42 14.33 -5.43
C LYS E 877 -49.60 15.05 -6.49
N TYR E 878 -49.57 14.53 -7.71
CA TYR E 878 -48.87 15.19 -8.80
C TYR E 878 -49.50 16.53 -9.15
N ILE E 879 -50.82 16.58 -9.17
CA ILE E 879 -51.50 17.83 -9.52
C ILE E 879 -51.33 18.86 -8.43
N GLU E 880 -51.39 18.44 -7.17
CA GLU E 880 -51.35 19.37 -6.05
C GLU E 880 -49.99 20.04 -5.96
N GLN E 881 -48.93 19.36 -6.39
CA GLN E 881 -47.61 19.97 -6.36
C GLN E 881 -47.40 20.91 -7.55
N ALA E 882 -48.03 20.60 -8.69
CA ALA E 882 -47.84 21.41 -9.88
C ALA E 882 -48.35 22.83 -9.67
N VAL E 883 -49.51 22.98 -9.05
CA VAL E 883 -50.04 24.30 -8.77
C VAL E 883 -49.40 24.90 -7.54
N GLY E 884 -48.81 24.09 -6.68
CA GLY E 884 -48.12 24.63 -5.52
C GLY E 884 -46.80 25.26 -5.88
N ARG E 885 -46.10 24.66 -6.85
CA ARG E 885 -44.80 25.19 -7.24
C ARG E 885 -44.93 26.43 -8.10
N ALA E 886 -46.10 26.67 -8.68
CA ALA E 886 -46.30 27.84 -9.53
C ALA E 886 -46.96 29.00 -8.80
N GLY E 887 -47.16 28.90 -7.48
CA GLY E 887 -47.81 29.95 -6.73
C GLY E 887 -46.90 30.63 -5.74
N ARG E 888 -45.68 30.97 -6.16
CA ARG E 888 -44.61 31.28 -5.23
C ARG E 888 -44.46 32.75 -4.88
N THR E 889 -45.33 33.64 -5.35
CA THR E 889 -45.24 35.05 -4.99
C THR E 889 -46.59 35.56 -4.51
N SER E 890 -46.60 36.81 -4.06
CA SER E 890 -47.81 37.46 -3.58
C SER E 890 -48.34 38.53 -4.53
N LEU E 891 -47.76 38.68 -5.71
CA LEU E 891 -48.31 39.52 -6.76
C LEU E 891 -49.05 38.65 -7.76
N LYS E 892 -50.35 38.85 -7.88
CA LYS E 892 -51.20 38.02 -8.71
C LYS E 892 -51.97 38.88 -9.70
N ARG E 893 -52.37 38.26 -10.81
CA ARG E 893 -53.25 38.94 -11.75
C ARG E 893 -54.64 39.07 -11.16
N LYS E 894 -55.48 39.91 -11.79
CA LYS E 894 -56.90 39.89 -11.45
C LYS E 894 -57.56 38.58 -11.84
N GLN E 895 -56.95 37.81 -12.73
CA GLN E 895 -57.54 36.54 -13.15
C GLN E 895 -56.44 35.54 -13.45
N ILE E 896 -56.52 34.38 -12.81
CA ILE E 896 -55.58 33.30 -13.02
C ILE E 896 -56.33 32.15 -13.68
N LEU E 897 -55.82 31.69 -14.82
CA LEU E 897 -56.49 30.69 -15.63
C LEU E 897 -55.89 29.33 -15.37
N LEU E 898 -56.72 28.38 -14.95
CA LEU E 898 -56.30 27.00 -14.77
C LEU E 898 -57.03 26.17 -15.80
N PHE E 899 -56.29 25.62 -16.76
CA PHE E 899 -56.83 24.74 -17.77
C PHE E 899 -56.40 23.32 -17.47
N VAL E 900 -57.36 22.45 -17.28
CA VAL E 900 -57.10 21.09 -16.82
C VAL E 900 -57.57 20.12 -17.88
N ASP E 901 -56.80 19.06 -18.10
CA ASP E 901 -57.24 17.95 -18.90
C ASP E 901 -58.53 17.39 -18.31
N SER E 902 -59.47 17.03 -19.19
CA SER E 902 -60.77 16.54 -18.71
C SER E 902 -60.65 15.18 -18.05
N GLY E 903 -59.59 14.42 -18.35
CA GLY E 903 -59.39 13.15 -17.69
C GLY E 903 -59.12 13.29 -16.21
N LEU E 904 -58.74 14.47 -15.75
CA LEU E 904 -58.51 14.70 -14.34
C LEU E 904 -59.77 15.09 -13.59
N LYS E 905 -60.88 15.29 -14.30
CA LYS E 905 -62.09 15.77 -13.63
C LYS E 905 -62.67 14.72 -12.70
N GLU E 906 -62.71 13.47 -13.16
CA GLU E 906 -63.23 12.40 -12.32
C GLU E 906 -62.33 12.15 -11.13
N ILE E 907 -61.01 12.21 -11.33
CA ILE E 907 -60.07 11.96 -10.25
C ILE E 907 -60.13 13.08 -9.21
N LEU E 908 -60.14 14.33 -9.66
CA LEU E 908 -60.13 15.43 -8.72
C LEU E 908 -61.48 15.59 -8.02
N ALA E 909 -62.54 15.07 -8.62
CA ALA E 909 -63.84 15.13 -7.97
C ALA E 909 -63.90 14.26 -6.73
N GLU E 910 -63.04 13.25 -6.65
CA GLU E 910 -63.05 12.29 -5.56
C GLU E 910 -62.17 12.70 -4.40
N GLU E 911 -61.54 13.87 -4.47
CA GLU E 911 -60.74 14.34 -3.35
C GLU E 911 -61.64 14.67 -2.16
N SER E 912 -61.39 13.99 -1.05
CA SER E 912 -62.26 14.16 0.10
C SER E 912 -61.53 14.41 1.40
N ARG E 913 -60.24 14.72 1.39
CA ARG E 913 -59.53 14.98 2.62
C ARG E 913 -59.89 16.35 3.16
N ASP E 914 -59.33 16.68 4.31
CA ASP E 914 -59.60 17.95 4.95
C ASP E 914 -58.94 19.08 4.17
N PRO E 915 -59.70 20.05 3.67
CA PRO E 915 -59.11 21.06 2.78
C PRO E 915 -58.35 22.16 3.50
N SER E 916 -58.04 21.99 4.79
CA SER E 916 -57.50 23.11 5.56
C SER E 916 -56.12 23.52 5.11
N LEU E 917 -55.32 22.60 4.62
CA LEU E 917 -53.96 22.93 4.19
C LEU E 917 -53.79 22.93 2.68
N PHE E 918 -54.87 22.77 1.92
CA PHE E 918 -54.77 22.83 0.48
C PHE E 918 -54.45 24.24 0.02
N SER E 919 -53.77 24.34 -1.11
CA SER E 919 -53.55 25.64 -1.72
C SER E 919 -54.83 26.14 -2.35
N HIS E 920 -54.87 27.44 -2.63
CA HIS E 920 -56.07 28.04 -3.19
C HIS E 920 -56.35 27.50 -4.59
N GLU E 921 -55.30 27.29 -5.37
CA GLU E 921 -55.47 26.72 -6.71
C GLU E 921 -56.05 25.32 -6.65
N TYR E 922 -55.56 24.50 -5.72
CA TYR E 922 -56.04 23.14 -5.61
C TYR E 922 -57.48 23.10 -5.13
N VAL E 923 -57.84 23.99 -4.20
CA VAL E 923 -59.23 24.10 -3.78
C VAL E 923 -60.11 24.51 -4.94
N ALA E 924 -59.63 25.42 -5.78
CA ALA E 924 -60.41 25.82 -6.95
C ALA E 924 -60.60 24.65 -7.91
N LEU E 925 -59.55 23.87 -8.15
CA LEU E 925 -59.64 22.71 -9.03
C LEU E 925 -60.65 21.70 -8.50
N VAL E 926 -60.57 21.40 -7.21
CA VAL E 926 -61.46 20.41 -6.61
C VAL E 926 -62.90 20.91 -6.64
N ASN E 927 -63.12 22.18 -6.31
CA ASN E 927 -64.46 22.73 -6.30
C ASN E 927 -65.07 22.75 -7.69
N LYS E 928 -64.27 23.06 -8.71
CA LYS E 928 -64.77 23.02 -10.07
C LYS E 928 -65.11 21.60 -10.49
N ALA E 929 -64.27 20.63 -10.09
CA ALA E 929 -64.53 19.24 -10.44
C ALA E 929 -65.78 18.72 -9.75
N LYS E 930 -65.99 19.10 -8.49
CA LYS E 930 -67.14 18.59 -7.75
C LYS E 930 -68.44 19.25 -8.19
N SER E 931 -68.35 20.41 -8.86
CA SER E 931 -69.55 21.13 -9.26
C SER E 931 -70.38 20.37 -10.27
N ALA E 932 -69.78 19.44 -11.01
CA ALA E 932 -70.49 18.65 -12.00
C ALA E 932 -70.91 17.29 -11.47
N GLY E 933 -70.76 17.05 -10.18
CA GLY E 933 -71.12 15.76 -9.59
C GLY E 933 -72.50 15.75 -8.97
N GLU E 938 -67.38 5.03 -4.12
CA GLU E 938 -66.80 3.79 -3.61
C GLU E 938 -65.89 4.07 -2.41
N ASP E 939 -66.15 3.37 -1.31
CA ASP E 939 -65.35 3.57 -0.10
C ASP E 939 -64.04 2.83 -0.25
N ARG E 940 -62.95 3.49 0.12
CA ARG E 940 -61.63 2.86 0.03
C ARG E 940 -61.33 2.01 1.24
N ALA E 941 -61.80 2.41 2.42
CA ALA E 941 -61.53 1.63 3.63
C ALA E 941 -62.23 0.29 3.60
N VAL E 942 -63.42 0.23 3.00
CA VAL E 942 -64.16 -1.03 2.89
C VAL E 942 -63.41 -2.01 1.99
N ARG E 943 -62.93 -1.52 0.86
CA ARG E 943 -62.14 -2.34 -0.06
C ARG E 943 -60.87 -2.82 0.61
N ARG E 944 -60.24 -1.93 1.38
CA ARG E 944 -59.06 -2.33 2.15
C ARG E 944 -59.40 -3.42 3.15
N LEU E 945 -60.56 -3.31 3.80
CA LEU E 945 -60.95 -4.32 4.78
C LEU E 945 -61.11 -5.69 4.13
N PHE E 946 -61.76 -5.74 2.98
CA PHE E 946 -61.90 -7.01 2.28
C PHE E 946 -60.53 -7.59 1.91
N ASN E 947 -59.67 -6.77 1.30
CA ASN E 947 -58.38 -7.25 0.86
C ASN E 947 -57.51 -7.69 2.04
N LEU E 948 -57.57 -6.95 3.14
CA LEU E 948 -56.74 -7.29 4.29
C LEU E 948 -57.27 -8.51 5.03
N ALA E 949 -58.58 -8.73 5.01
CA ALA E 949 -59.11 -9.98 5.54
C ALA E 949 -58.57 -11.16 4.75
N GLN E 950 -58.59 -11.06 3.41
CA GLN E 950 -58.05 -12.14 2.61
C GLN E 950 -56.55 -12.33 2.86
N ARG E 951 -55.81 -11.23 3.01
CA ARG E 951 -54.37 -11.35 3.20
C ARG E 951 -54.04 -11.95 4.56
N ASN E 952 -54.72 -11.50 5.62
CA ASN E 952 -54.45 -12.04 6.94
C ASN E 952 -54.82 -13.50 7.03
N ASN E 953 -55.88 -13.91 6.31
CA ASN E 953 -56.18 -15.32 6.26
C ASN E 953 -55.10 -16.09 5.52
N LYS E 954 -54.64 -15.57 4.38
CA LYS E 954 -53.66 -16.28 3.57
C LYS E 954 -52.33 -16.43 4.30
N ASP E 955 -51.91 -15.39 5.02
CA ASP E 955 -50.66 -15.47 5.76
C ASP E 955 -50.75 -16.53 6.85
N GLY E 956 -51.85 -16.55 7.60
CA GLY E 956 -52.03 -17.59 8.60
C GLY E 956 -52.15 -18.97 7.99
N MET E 957 -52.80 -19.07 6.83
CA MET E 957 -52.94 -20.36 6.15
C MET E 957 -51.59 -20.93 5.78
N LEU E 958 -50.71 -20.12 5.20
CA LEU E 958 -49.42 -20.64 4.76
C LEU E 958 -48.46 -20.80 5.92
N SER E 959 -48.56 -19.95 6.94
CA SER E 959 -47.63 -20.03 8.06
C SER E 959 -47.89 -21.26 8.91
N ILE E 960 -49.16 -21.62 9.08
CA ILE E 960 -49.49 -22.81 9.88
C ILE E 960 -49.00 -24.06 9.18
N LYS E 961 -49.21 -24.16 7.87
CA LYS E 961 -48.78 -25.34 7.13
C LYS E 961 -47.27 -25.51 7.19
N ALA E 962 -46.53 -24.41 7.10
CA ALA E 962 -45.08 -24.49 7.24
C ALA E 962 -44.69 -24.88 8.66
N LEU E 963 -45.39 -24.33 9.65
CA LEU E 963 -45.07 -24.66 11.04
C LEU E 963 -45.41 -26.10 11.36
N VAL E 964 -46.56 -26.58 10.85
CA VAL E 964 -46.94 -27.98 11.05
C VAL E 964 -45.97 -28.90 10.33
N HIS E 965 -45.53 -28.51 9.13
CA HIS E 965 -44.56 -29.30 8.40
C HIS E 965 -43.24 -29.38 9.14
N ARG E 966 -42.81 -28.27 9.76
CA ARG E 966 -41.57 -28.30 10.52
C ARG E 966 -41.71 -29.10 11.81
N LEU E 967 -42.89 -29.06 12.43
CA LEU E 967 -43.13 -29.88 13.60
C LEU E 967 -43.12 -31.37 13.27
N HIS E 968 -43.69 -31.73 12.12
CA HIS E 968 -43.73 -33.13 11.72
C HIS E 968 -42.39 -33.64 11.19
N ASN E 969 -41.45 -32.75 10.91
CA ASN E 969 -40.10 -33.15 10.55
C ASN E 969 -39.27 -33.28 11.83
N GLN E 970 -39.35 -34.48 12.40
CA GLN E 970 -38.71 -34.76 13.68
C GLN E 970 -37.18 -34.68 13.54
N PRO E 971 -36.49 -34.14 14.56
CA PRO E 971 -37.05 -33.60 15.80
C PRO E 971 -37.61 -32.21 15.65
N ALA E 972 -38.53 -31.83 16.54
CA ALA E 972 -39.08 -30.49 16.51
C ALA E 972 -38.27 -29.56 17.40
N SER E 973 -37.81 -28.44 16.82
CA SER E 973 -36.99 -27.50 17.57
C SER E 973 -37.80 -26.83 18.67
N LYS E 974 -37.09 -26.28 19.65
CA LYS E 974 -37.75 -25.65 20.79
C LYS E 974 -38.57 -24.46 20.34
N SER E 975 -38.03 -23.66 19.41
CA SER E 975 -38.72 -22.45 18.98
C SER E 975 -40.04 -22.76 18.31
N ASP E 976 -40.11 -23.87 17.56
CA ASP E 976 -41.37 -24.24 16.93
C ASP E 976 -42.44 -24.60 17.96
N ILE E 977 -42.05 -25.35 18.99
CA ILE E 977 -42.99 -25.68 20.07
C ILE E 977 -43.44 -24.42 20.78
N GLN E 978 -42.50 -23.52 21.04
CA GLN E 978 -42.86 -22.28 21.73
C GLN E 978 -43.82 -21.45 20.90
N GLU E 979 -43.58 -21.39 19.59
CA GLU E 979 -44.48 -20.66 18.69
C GLU E 979 -45.87 -21.28 18.69
N TRP E 980 -45.94 -22.61 18.64
CA TRP E 980 -47.23 -23.30 18.65
C TRP E 980 -48.02 -23.00 19.92
N GLN E 981 -47.36 -23.13 21.07
CA GLN E 981 -48.04 -22.84 22.33
C GLN E 981 -48.39 -21.36 22.46
N ASP E 982 -47.54 -20.47 21.96
CA ASP E 982 -47.84 -19.04 22.05
C ASP E 982 -49.05 -18.68 21.21
N ILE E 983 -49.15 -19.25 20.00
CA ILE E 983 -50.31 -19.00 19.15
C ILE E 983 -51.58 -19.49 19.83
N ARG E 984 -51.53 -20.72 20.35
CA ARG E 984 -52.72 -21.30 20.99
C ARG E 984 -53.11 -20.51 22.22
N THR E 985 -52.12 -20.10 23.03
CA THR E 985 -52.40 -19.35 24.24
C THR E 985 -52.99 -17.99 23.92
N GLN E 986 -52.46 -17.32 22.89
CA GLN E 986 -53.00 -16.02 22.49
C GLN E 986 -54.44 -16.15 22.02
N LEU E 987 -54.73 -17.18 21.22
CA LEU E 987 -56.09 -17.35 20.75
C LEU E 987 -57.04 -17.70 21.88
N LEU E 988 -56.59 -18.51 22.84
CA LEU E 988 -57.44 -18.87 23.96
C LEU E 988 -57.72 -17.66 24.85
N ARG E 989 -56.68 -16.92 25.22
CA ARG E 989 -56.88 -15.76 26.08
C ARG E 989 -57.57 -14.62 25.36
N TYR E 990 -57.23 -14.39 24.09
CA TYR E 990 -57.77 -13.25 23.34
C TYR E 990 -58.35 -13.74 22.02
N PRO E 991 -59.56 -14.30 22.06
CA PRO E 991 -60.24 -14.63 20.80
C PRO E 991 -60.55 -13.40 19.96
N THR E 992 -60.86 -12.28 20.60
CA THR E 992 -61.00 -11.00 19.93
C THR E 992 -60.23 -9.97 20.74
N VAL E 993 -59.77 -8.92 20.06
CA VAL E 993 -59.06 -7.84 20.73
C VAL E 993 -59.69 -6.52 20.32
N ALA E 994 -59.63 -5.55 21.23
CA ALA E 994 -60.26 -4.26 20.97
C ALA E 994 -59.49 -3.43 19.96
N PHE E 995 -58.17 -3.45 20.04
CA PHE E 995 -57.32 -2.67 19.15
C PHE E 995 -56.54 -3.61 18.26
N GLN E 996 -55.93 -3.05 17.22
CA GLN E 996 -55.10 -3.84 16.34
C GLN E 996 -53.89 -4.30 17.13
N PRO E 997 -53.69 -5.59 17.28
CA PRO E 997 -52.56 -6.10 18.08
C PRO E 997 -51.24 -5.84 17.37
N GLU E 998 -50.18 -5.71 18.16
CA GLU E 998 -48.86 -5.55 17.57
C GLU E 998 -48.22 -6.90 17.27
N ARG E 999 -48.03 -7.71 18.30
CA ARG E 999 -47.20 -8.91 18.19
C ARG E 999 -47.95 -10.14 17.71
N PHE E 1000 -49.25 -10.04 17.50
CA PHE E 1000 -49.98 -11.17 16.94
C PHE E 1000 -50.94 -10.71 15.86
N ASN E 1001 -50.50 -9.78 15.03
CA ASN E 1001 -51.44 -8.99 14.23
C ASN E 1001 -52.11 -9.83 13.15
N ARG E 1002 -51.49 -10.92 12.72
CA ARG E 1002 -52.03 -11.69 11.62
C ARG E 1002 -52.71 -12.97 12.05
N LEU E 1003 -52.98 -13.12 13.34
CA LEU E 1003 -53.97 -14.11 13.75
C LEU E 1003 -55.38 -13.57 13.58
N TYR E 1004 -55.52 -12.27 13.45
CA TYR E 1004 -56.82 -11.62 13.46
C TYR E 1004 -57.12 -10.96 12.12
N LEU E 1005 -58.36 -10.52 11.99
CA LEU E 1005 -58.78 -9.66 10.91
C LEU E 1005 -59.79 -8.66 11.44
N GLN E 1006 -59.79 -7.46 10.88
CA GLN E 1006 -60.75 -6.44 11.29
C GLN E 1006 -62.05 -6.69 10.57
N SER E 1007 -63.09 -7.04 11.30
CA SER E 1007 -64.38 -7.37 10.72
C SER E 1007 -65.27 -6.13 10.67
N MET E 1008 -66.21 -6.15 9.72
CA MET E 1008 -67.18 -5.08 9.63
C MET E 1008 -68.25 -5.16 10.71
N THR E 1009 -68.45 -6.34 11.30
CA THR E 1009 -69.41 -6.53 12.38
C THR E 1009 -68.66 -7.04 13.59
N LYS E 1010 -68.95 -6.48 14.75
CA LYS E 1010 -68.16 -6.77 15.94
C LYS E 1010 -68.46 -8.16 16.48
N GLY E 1011 -67.41 -8.91 16.76
CA GLY E 1011 -67.51 -10.20 17.40
C GLY E 1011 -67.78 -11.38 16.49
N TYR E 1012 -68.14 -11.15 15.23
CA TYR E 1012 -68.47 -12.23 14.33
C TYR E 1012 -68.33 -11.77 12.89
N TYR E 1013 -68.20 -12.74 11.99
CA TYR E 1013 -68.21 -12.46 10.56
C TYR E 1013 -68.50 -13.75 9.81
N ARG E 1014 -68.79 -13.59 8.52
CA ARG E 1014 -69.03 -14.71 7.64
C ARG E 1014 -67.91 -14.82 6.62
N TYR E 1015 -67.75 -16.02 6.08
CA TYR E 1015 -66.72 -16.24 5.07
C TYR E 1015 -67.11 -17.43 4.20
N GLN E 1016 -66.32 -17.64 3.16
CA GLN E 1016 -66.52 -18.76 2.25
C GLN E 1016 -65.20 -19.11 1.58
N GLY E 1017 -64.69 -20.31 1.88
CA GLY E 1017 -63.47 -20.75 1.26
C GLY E 1017 -62.98 -22.09 1.75
N ASN E 1018 -62.19 -22.78 0.94
CA ASN E 1018 -61.69 -24.11 1.27
C ASN E 1018 -60.46 -23.97 2.14
N LEU E 1019 -60.59 -24.32 3.42
CA LEU E 1019 -59.48 -24.20 4.34
C LEU E 1019 -58.35 -25.17 4.02
N ASP E 1020 -58.61 -26.19 3.22
CA ASP E 1020 -57.57 -27.07 2.72
C ASP E 1020 -57.20 -26.78 1.28
N GLY E 1021 -57.75 -25.72 0.69
CA GLY E 1021 -57.54 -25.46 -0.72
C GLY E 1021 -56.75 -24.20 -1.00
N ASP E 1022 -57.28 -23.35 -1.88
CA ASP E 1022 -56.55 -22.18 -2.34
C ASP E 1022 -56.85 -20.99 -1.44
N PRO E 1023 -55.85 -20.39 -0.79
CA PRO E 1023 -56.12 -19.24 0.07
C PRO E 1023 -56.55 -17.99 -0.67
N ASN E 1024 -56.28 -17.90 -1.97
CA ASN E 1024 -56.72 -16.74 -2.74
C ASN E 1024 -58.22 -16.76 -2.96
N SER E 1025 -58.83 -17.94 -2.98
CA SER E 1025 -60.25 -18.07 -3.27
C SER E 1025 -61.10 -18.03 -2.02
N PHE E 1026 -60.85 -17.04 -1.17
CA PHE E 1026 -61.62 -16.83 0.04
C PHE E 1026 -62.40 -15.54 -0.08
N GLU E 1027 -63.64 -15.56 0.34
CA GLU E 1027 -64.42 -14.35 0.49
C GLU E 1027 -64.93 -14.27 1.91
N PHE E 1028 -65.59 -13.15 2.21
CA PHE E 1028 -65.70 -12.66 3.57
C PHE E 1028 -67.03 -11.95 3.71
N PHE E 1029 -67.04 -10.89 4.50
CA PHE E 1029 -68.23 -10.13 4.96
C PHE E 1029 -69.07 -9.77 3.73
N ASP E 1030 -70.24 -9.16 3.91
CA ASP E 1030 -71.52 -9.40 3.23
C ASP E 1030 -71.43 -9.72 1.74
N ARG E 1031 -70.27 -9.64 1.08
CA ARG E 1031 -70.12 -10.32 -0.20
C ARG E 1031 -70.53 -11.78 -0.15
N VAL E 1032 -70.42 -12.43 1.01
CA VAL E 1032 -71.00 -13.76 1.21
C VAL E 1032 -72.02 -13.68 2.34
N PRO E 1033 -73.30 -13.45 2.02
CA PRO E 1033 -74.29 -13.36 3.09
C PRO E 1033 -74.70 -14.72 3.64
N TYR E 1034 -74.56 -15.79 2.85
CA TYR E 1034 -74.79 -17.15 3.31
C TYR E 1034 -73.47 -17.89 3.30
N GLY E 1035 -72.81 -17.94 4.45
CA GLY E 1035 -71.52 -18.58 4.54
C GLY E 1035 -71.21 -18.94 5.97
N ASP E 1036 -70.09 -19.62 6.14
CA ASP E 1036 -69.71 -20.11 7.45
C ASP E 1036 -69.45 -18.94 8.39
N MET E 1037 -70.01 -19.02 9.58
CA MET E 1037 -69.90 -17.97 10.58
C MET E 1037 -68.74 -18.27 11.51
N VAL E 1038 -67.95 -17.25 11.81
CA VAL E 1038 -66.96 -17.32 12.86
C VAL E 1038 -67.48 -16.50 14.02
N SER E 1039 -68.00 -17.16 15.04
CA SER E 1039 -68.62 -16.48 16.16
C SER E 1039 -68.45 -17.34 17.41
N GLU E 1040 -68.84 -16.77 18.55
CA GLU E 1040 -68.74 -17.48 19.81
C GLU E 1040 -69.68 -18.68 19.83
N GLU E 1041 -70.83 -18.57 19.15
CA GLU E 1041 -71.79 -19.67 19.12
C GLU E 1041 -71.24 -20.86 18.35
N ASP E 1042 -70.57 -20.61 17.22
CA ASP E 1042 -70.18 -21.70 16.33
C ASP E 1042 -69.04 -22.56 16.87
N CYS E 1043 -68.39 -22.15 17.95
CA CYS E 1043 -67.44 -23.00 18.64
C CYS E 1043 -68.01 -23.61 19.90
N SER E 1044 -69.25 -23.24 20.26
CA SER E 1044 -69.92 -23.72 21.47
C SER E 1044 -69.10 -23.46 22.72
N LEU E 1045 -68.47 -22.29 22.80
CA LEU E 1045 -67.69 -21.95 23.98
C LEU E 1045 -68.60 -21.79 25.20
N ALA E 1046 -69.80 -21.26 25.00
CA ALA E 1046 -70.73 -21.08 26.11
C ALA E 1046 -71.12 -22.42 26.72
N THR E 1047 -71.33 -23.44 25.89
CA THR E 1047 -71.54 -24.80 26.41
C THR E 1047 -70.29 -25.32 27.10
N LEU E 1048 -69.12 -24.96 26.57
CA LEU E 1048 -67.87 -25.47 27.10
C LEU E 1048 -67.62 -25.01 28.52
N VAL E 1049 -67.95 -23.75 28.82
CA VAL E 1049 -67.64 -23.17 30.13
C VAL E 1049 -68.68 -23.55 31.18
N GLN E 1050 -69.88 -23.95 30.77
CA GLN E 1050 -70.92 -24.32 31.71
C GLN E 1050 -70.59 -25.60 32.48
N ASN E 1051 -69.61 -26.37 32.03
CA ASN E 1051 -69.16 -27.54 32.78
C ASN E 1051 -68.52 -27.10 34.09
N GLN E 1052 -68.77 -27.88 35.15
CA GLN E 1052 -68.31 -27.49 36.47
C GLN E 1052 -66.80 -27.61 36.63
N TYR E 1053 -66.14 -28.42 35.82
CA TYR E 1053 -64.69 -28.59 35.92
C TYR E 1053 -63.94 -27.64 34.99
N VAL E 1054 -64.51 -27.37 33.82
CA VAL E 1054 -63.83 -26.56 32.81
C VAL E 1054 -63.72 -25.11 33.25
N ARG E 1055 -64.80 -24.58 33.83
CA ARG E 1055 -64.85 -23.16 34.18
C ARG E 1055 -63.78 -22.72 35.17
N PRO E 1056 -63.52 -23.41 36.29
CA PRO E 1056 -62.40 -22.98 37.15
C PRO E 1056 -61.06 -23.06 36.44
N TRP E 1057 -60.88 -24.06 35.57
CA TRP E 1057 -59.65 -24.17 34.80
C TRP E 1057 -59.47 -22.96 33.89
N PHE E 1058 -60.54 -22.57 33.20
CA PHE E 1058 -60.46 -21.43 32.29
C PHE E 1058 -60.24 -20.13 33.06
N GLU E 1059 -60.89 -19.99 34.20
CA GLU E 1059 -60.74 -18.77 34.99
C GLU E 1059 -59.36 -18.67 35.62
N ARG E 1060 -58.77 -19.81 35.99
CA ARG E 1060 -57.42 -19.79 36.55
C ARG E 1060 -56.38 -19.55 35.46
N LYS E 1061 -56.56 -20.18 34.30
CA LYS E 1061 -55.62 -20.02 33.21
C LYS E 1061 -55.78 -18.67 32.50
N GLY E 1062 -56.84 -17.93 32.81
CA GLY E 1062 -57.05 -16.65 32.17
C GLY E 1062 -57.67 -16.72 30.80
N PHE E 1063 -58.12 -17.89 30.37
CA PHE E 1063 -58.76 -18.02 29.07
C PHE E 1063 -60.08 -17.26 29.07
N ALA E 1064 -60.50 -16.83 27.89
CA ALA E 1064 -61.74 -16.07 27.78
C ALA E 1064 -62.93 -17.01 27.87
N CYS E 1065 -63.87 -16.68 28.75
CA CYS E 1065 -65.10 -17.44 28.85
C CYS E 1065 -66.12 -17.05 27.81
N SER E 1066 -65.94 -15.90 27.15
CA SER E 1066 -66.85 -15.44 26.12
C SER E 1066 -66.09 -14.51 25.18
N TRP E 1067 -66.65 -14.32 24.00
CA TRP E 1067 -66.03 -13.45 23.01
C TRP E 1067 -66.47 -12.01 23.19
N GLN E 1068 -65.52 -11.10 23.33
CA GLN E 1068 -65.83 -9.69 23.37
C GLN E 1068 -66.36 -9.24 22.02
N LYS E 1069 -67.29 -8.29 22.04
CA LYS E 1069 -67.78 -7.71 20.79
C LYS E 1069 -66.79 -6.66 20.31
N GLU E 1070 -65.79 -7.09 19.53
CA GLU E 1070 -64.74 -6.21 19.07
C GLU E 1070 -64.57 -6.34 17.56
N ALA E 1071 -63.82 -5.40 16.98
CA ALA E 1071 -63.64 -5.38 15.54
C ALA E 1071 -62.68 -6.46 15.07
N ASN E 1072 -61.63 -6.74 15.83
CA ASN E 1072 -60.64 -7.72 15.43
C ASN E 1072 -61.04 -9.11 15.92
N VAL E 1073 -61.30 -10.01 14.99
CA VAL E 1073 -61.66 -11.39 15.30
C VAL E 1073 -60.65 -12.27 14.59
N MET E 1074 -60.44 -13.47 15.13
CA MET E 1074 -59.45 -14.38 14.57
C MET E 1074 -59.84 -14.79 13.15
N THR E 1075 -58.83 -15.08 12.34
CA THR E 1075 -59.05 -15.43 10.96
C THR E 1075 -59.69 -16.81 10.85
N PRO E 1076 -60.33 -17.14 9.73
CA PRO E 1076 -60.99 -18.44 9.61
C PRO E 1076 -60.06 -19.63 9.81
N ILE E 1077 -58.79 -19.51 9.44
CA ILE E 1077 -57.88 -20.64 9.61
C ILE E 1077 -57.60 -20.88 11.09
N MET E 1078 -57.41 -19.80 11.87
CA MET E 1078 -57.18 -19.95 13.29
C MET E 1078 -58.39 -20.56 13.98
N PHE E 1079 -59.58 -20.07 13.63
CA PHE E 1079 -60.81 -20.53 14.27
C PHE E 1079 -61.03 -22.01 14.05
N THR E 1080 -60.90 -22.46 12.80
CA THR E 1080 -61.19 -23.85 12.48
C THR E 1080 -60.07 -24.78 12.95
N ASN E 1081 -58.81 -24.39 12.74
CA ASN E 1081 -57.73 -25.34 12.89
C ASN E 1081 -56.98 -25.24 14.22
N ILE E 1082 -57.11 -24.14 14.95
CA ILE E 1082 -56.31 -23.99 16.15
C ILE E 1082 -57.18 -23.76 17.38
N TYR E 1083 -58.14 -22.83 17.27
CA TYR E 1083 -58.93 -22.46 18.43
C TYR E 1083 -59.80 -23.62 18.90
N LYS E 1084 -60.44 -24.32 17.96
CA LYS E 1084 -61.32 -25.42 18.32
C LYS E 1084 -60.54 -26.57 18.94
N GLY E 1085 -59.39 -26.90 18.34
CA GLY E 1085 -58.56 -27.97 18.89
C GLY E 1085 -58.01 -27.63 20.27
N ALA E 1086 -57.59 -26.38 20.44
CA ALA E 1086 -57.09 -25.95 21.74
C ALA E 1086 -58.20 -25.97 22.79
N LEU E 1087 -59.42 -25.58 22.40
CA LEU E 1087 -60.55 -25.67 23.31
C LEU E 1087 -60.80 -27.11 23.74
N GLY E 1088 -60.78 -28.03 22.77
CA GLY E 1088 -61.01 -29.43 23.11
C GLY E 1088 -59.93 -29.98 24.03
N GLU E 1089 -58.67 -29.69 23.72
CA GLU E 1089 -57.57 -30.19 24.55
C GLU E 1089 -57.63 -29.61 25.95
N GLN E 1090 -57.95 -28.33 26.07
CA GLN E 1090 -58.02 -27.71 27.39
C GLN E 1090 -59.20 -28.25 28.18
N ALA E 1091 -60.33 -28.52 27.52
CA ALA E 1091 -61.46 -29.12 28.24
C ALA E 1091 -61.13 -30.51 28.74
N VAL E 1092 -60.47 -31.32 27.91
CA VAL E 1092 -60.10 -32.67 28.31
C VAL E 1092 -59.15 -32.62 29.50
N GLU E 1093 -58.12 -31.77 29.40
CA GLU E 1093 -57.17 -31.66 30.50
C GLU E 1093 -57.80 -31.05 31.74
N ALA E 1094 -58.85 -30.24 31.56
CA ALA E 1094 -59.53 -29.66 32.70
C ALA E 1094 -60.32 -30.73 33.46
N VAL E 1095 -61.07 -31.56 32.73
CA VAL E 1095 -61.87 -32.58 33.39
C VAL E 1095 -60.99 -33.64 34.03
N LEU E 1096 -60.01 -34.14 33.26
CA LEU E 1096 -59.24 -35.29 33.75
C LEU E 1096 -58.32 -34.92 34.92
N THR E 1097 -57.85 -33.66 34.97
CA THR E 1097 -57.01 -33.25 36.09
C THR E 1097 -57.77 -33.31 37.40
N ALA E 1098 -59.06 -32.94 37.39
CA ALA E 1098 -59.88 -33.05 38.58
C ALA E 1098 -60.11 -34.50 39.02
N PHE E 1099 -59.81 -35.47 38.15
CA PHE E 1099 -60.02 -36.88 38.42
C PHE E 1099 -58.69 -37.63 38.50
N ASP E 1100 -57.73 -37.04 39.21
CA ASP E 1100 -56.47 -37.67 39.61
C ASP E 1100 -55.58 -38.04 38.43
N PHE E 1101 -55.77 -37.41 37.28
CA PHE E 1101 -54.88 -37.64 36.16
C PHE E 1101 -53.76 -36.60 36.15
N THR E 1102 -52.55 -37.05 35.80
CA THR E 1102 -51.41 -36.18 35.68
C THR E 1102 -50.96 -36.14 34.23
N PHE E 1103 -50.71 -34.94 33.72
CA PHE E 1103 -50.38 -34.73 32.31
C PHE E 1103 -48.92 -34.34 32.17
N GLU E 1104 -48.25 -34.97 31.22
CA GLU E 1104 -46.84 -34.71 30.95
C GLU E 1104 -46.69 -34.27 29.51
N GLU E 1105 -45.61 -33.55 29.24
CA GLU E 1105 -45.39 -33.01 27.91
C GLU E 1105 -44.92 -34.09 26.94
N VAL E 1106 -45.57 -34.12 25.78
CA VAL E 1106 -45.15 -34.99 24.67
C VAL E 1106 -43.74 -34.61 24.24
N PRO E 1107 -42.81 -35.55 24.11
CA PRO E 1107 -41.44 -35.18 23.74
C PRO E 1107 -41.25 -34.95 22.25
N ASN E 1108 -40.12 -34.34 21.90
CA ASN E 1108 -39.95 -33.76 20.59
C ASN E 1108 -39.83 -34.80 19.49
N SER E 1109 -39.62 -36.07 19.85
CA SER E 1109 -39.51 -37.11 18.83
C SER E 1109 -40.80 -37.31 18.06
N ILE E 1110 -41.95 -37.31 18.74
CA ILE E 1110 -43.24 -37.52 18.09
C ILE E 1110 -44.26 -36.44 18.45
N TYR E 1111 -43.78 -35.21 18.64
CA TYR E 1111 -44.66 -34.10 19.00
C TYR E 1111 -45.68 -33.85 17.89
N GLU E 1112 -46.88 -33.44 18.31
CA GLU E 1112 -48.03 -33.13 17.46
C GLU E 1112 -48.62 -34.36 16.79
N ARG E 1113 -48.10 -35.54 17.10
CA ARG E 1113 -48.81 -36.75 16.72
C ARG E 1113 -49.89 -37.08 17.74
N PHE E 1114 -49.61 -36.83 19.02
CA PHE E 1114 -50.58 -37.00 20.09
C PHE E 1114 -50.47 -35.82 21.05
N ASP E 1115 -51.58 -35.51 21.70
CA ASP E 1115 -51.70 -34.27 22.45
C ASP E 1115 -50.93 -34.28 23.75
N ASN E 1116 -51.00 -35.36 24.53
CA ASN E 1116 -50.45 -35.31 25.88
C ASN E 1116 -50.02 -36.69 26.33
N ARG E 1117 -48.96 -36.70 27.15
CA ARG E 1117 -48.59 -37.85 27.96
C ARG E 1117 -49.47 -37.87 29.20
N VAL E 1118 -50.04 -39.03 29.50
CA VAL E 1118 -50.95 -39.18 30.62
C VAL E 1118 -50.38 -40.21 31.57
N ILE E 1119 -50.29 -39.84 32.84
CA ILE E 1119 -49.87 -40.75 33.90
C ILE E 1119 -50.93 -40.77 34.98
N PHE E 1120 -51.48 -41.96 35.24
CA PHE E 1120 -52.54 -42.13 36.21
C PHE E 1120 -52.01 -42.90 37.42
N ALA E 1121 -52.53 -42.53 38.59
CA ALA E 1121 -52.06 -43.13 39.84
C ALA E 1121 -52.38 -44.61 39.88
N GLY E 1122 -51.37 -45.43 40.19
CA GLY E 1122 -51.53 -46.86 40.27
C GLY E 1122 -51.27 -47.62 39.00
N ILE E 1123 -51.16 -46.95 37.85
CA ILE E 1123 -50.85 -47.58 36.59
C ILE E 1123 -49.53 -47.02 36.09
N GLU E 1124 -48.58 -47.90 35.79
CA GLU E 1124 -47.27 -47.48 35.31
C GLU E 1124 -47.08 -47.71 33.82
N GLN E 1125 -48.07 -48.25 33.14
CA GLN E 1125 -48.01 -48.35 31.68
C GLN E 1125 -48.22 -46.97 31.09
N PRO E 1126 -47.37 -46.53 30.16
CA PRO E 1126 -47.47 -45.15 29.64
C PRO E 1126 -48.74 -44.97 28.81
N ILE E 1127 -49.40 -43.83 29.02
CA ILE E 1127 -50.69 -43.54 28.39
C ILE E 1127 -50.52 -42.34 27.46
N TRP E 1128 -51.09 -42.44 26.27
CA TRP E 1128 -51.03 -41.41 25.24
C TRP E 1128 -52.43 -40.91 24.93
N LEU E 1129 -52.54 -39.60 24.72
CA LEU E 1129 -53.83 -38.92 24.62
C LEU E 1129 -53.95 -38.16 23.31
N ASP E 1130 -55.12 -38.26 22.69
CA ASP E 1130 -55.48 -37.43 21.54
C ASP E 1130 -56.86 -36.85 21.81
N SER E 1131 -56.99 -35.53 21.63
CA SER E 1131 -58.22 -34.81 21.91
C SER E 1131 -58.65 -34.05 20.66
N LYS E 1132 -59.79 -34.43 20.10
CA LYS E 1132 -60.34 -33.73 18.95
C LYS E 1132 -61.49 -32.81 19.35
N SER E 1142 -57.95 -44.74 8.79
CA SER E 1142 -57.38 -45.32 9.99
C SER E 1142 -55.94 -45.78 9.76
N GLU E 1143 -55.52 -45.78 8.49
CA GLU E 1143 -54.16 -46.22 8.17
C GLU E 1143 -53.13 -45.19 8.60
N GLY E 1144 -53.47 -43.90 8.52
CA GLY E 1144 -52.59 -42.87 9.04
C GLY E 1144 -52.40 -43.02 10.52
N TYR E 1145 -53.50 -43.33 11.22
CA TYR E 1145 -53.44 -43.60 12.65
C TYR E 1145 -52.63 -44.87 12.93
N SER E 1146 -52.70 -45.85 12.02
CA SER E 1146 -51.87 -47.04 12.15
C SER E 1146 -50.39 -46.71 12.01
N SER E 1147 -50.05 -45.86 11.05
CA SER E 1147 -48.67 -45.37 10.96
C SER E 1147 -48.27 -44.67 12.24
N LYS E 1148 -49.18 -43.89 12.81
CA LYS E 1148 -48.90 -43.20 14.06
C LYS E 1148 -48.64 -44.17 15.20
N ILE E 1149 -49.49 -45.19 15.36
CA ILE E 1149 -49.40 -45.97 16.59
C ILE E 1149 -48.17 -46.86 16.51
N ALA E 1150 -47.84 -47.29 15.29
CA ALA E 1150 -46.59 -48.02 15.08
C ALA E 1150 -45.39 -47.15 15.35
N LEU E 1151 -45.40 -45.90 14.88
CA LEU E 1151 -44.28 -44.99 15.12
C LEU E 1151 -44.09 -44.74 16.61
N VAL E 1152 -45.18 -44.60 17.35
CA VAL E 1152 -45.09 -44.36 18.79
C VAL E 1152 -44.53 -45.59 19.50
N GLU E 1153 -45.09 -46.76 19.19
CA GLU E 1153 -44.69 -47.96 19.92
C GLU E 1153 -43.31 -48.45 19.49
N GLU E 1154 -42.80 -47.97 18.35
CA GLU E 1154 -41.43 -48.26 17.99
C GLU E 1154 -40.44 -47.64 18.95
N GLU E 1155 -40.75 -46.46 19.47
CA GLU E 1155 -39.88 -45.76 20.41
C GLU E 1155 -40.19 -46.07 21.86
N PHE E 1156 -41.47 -46.13 22.24
CA PHE E 1156 -41.84 -46.25 23.64
C PHE E 1156 -42.48 -47.59 23.97
N GLY E 1157 -42.46 -48.56 23.07
CA GLY E 1157 -43.00 -49.86 23.35
C GLY E 1157 -44.52 -49.84 23.39
N PRO E 1158 -45.12 -50.94 23.84
CA PRO E 1158 -46.58 -50.98 23.97
C PRO E 1158 -47.08 -49.92 24.95
N SER E 1159 -48.16 -49.26 24.58
CA SER E 1159 -48.74 -48.21 25.41
C SER E 1159 -50.24 -48.15 25.15
N LYS E 1160 -50.95 -47.57 26.12
CA LYS E 1160 -52.41 -47.48 26.07
C LYS E 1160 -52.79 -46.10 25.56
N PHE E 1161 -53.58 -46.07 24.49
CA PHE E 1161 -53.86 -44.84 23.75
C PHE E 1161 -55.31 -44.43 23.96
N ILE E 1162 -55.54 -43.11 24.00
CA ILE E 1162 -56.86 -42.55 24.18
C ILE E 1162 -57.20 -41.68 22.98
N TYR E 1163 -58.35 -41.94 22.37
CA TYR E 1163 -58.95 -41.05 21.39
C TYR E 1163 -60.28 -40.55 21.94
N VAL E 1164 -60.37 -39.24 22.18
CA VAL E 1164 -61.51 -38.68 22.88
C VAL E 1164 -61.91 -37.36 22.24
N ASN E 1165 -63.22 -37.17 22.08
CA ASN E 1165 -63.78 -35.88 21.72
C ASN E 1165 -64.39 -35.27 22.98
N ALA E 1166 -64.05 -34.01 23.25
CA ALA E 1166 -64.50 -33.38 24.48
C ALA E 1166 -66.01 -33.22 24.50
N LEU E 1167 -66.61 -32.90 23.36
CA LEU E 1167 -68.04 -32.67 23.25
C LEU E 1167 -68.69 -33.70 22.35
N GLY E 1168 -69.94 -34.01 22.64
CA GLY E 1168 -70.67 -35.00 21.85
C GLY E 1168 -71.82 -35.56 22.65
N ASP E 1169 -72.36 -36.67 22.16
CA ASP E 1169 -73.46 -37.35 22.82
C ASP E 1169 -72.90 -38.41 23.77
N THR E 1170 -73.16 -38.25 25.06
CA THR E 1170 -72.71 -39.21 26.06
C THR E 1170 -73.37 -40.56 25.92
N SER E 1171 -74.54 -40.64 25.30
CA SER E 1171 -75.24 -41.91 25.13
C SER E 1171 -74.56 -42.81 24.11
N LYS E 1172 -73.65 -42.29 23.31
CA LYS E 1172 -72.97 -43.10 22.32
C LYS E 1172 -72.04 -44.10 23.00
N PRO E 1173 -71.94 -45.32 22.46
CA PRO E 1173 -71.12 -46.34 23.13
C PRO E 1173 -69.64 -46.06 22.98
N ILE E 1174 -68.88 -46.46 24.00
CA ILE E 1174 -67.43 -46.31 23.98
C ILE E 1174 -66.79 -47.50 23.27
N ARG E 1175 -65.82 -47.21 22.42
CA ARG E 1175 -65.21 -48.20 21.54
C ARG E 1175 -63.87 -48.67 22.07
N TYR E 1176 -63.59 -49.96 21.91
CA TYR E 1176 -62.29 -50.53 22.20
C TYR E 1176 -61.69 -51.07 20.92
N LEU E 1177 -60.49 -50.62 20.59
CA LEU E 1177 -59.85 -50.96 19.33
C LEU E 1177 -58.45 -51.50 19.57
N ASN E 1178 -58.00 -52.34 18.65
CA ASN E 1178 -56.64 -52.85 18.67
C ASN E 1178 -55.69 -51.84 18.06
N SER E 1179 -54.47 -52.29 17.76
CA SER E 1179 -53.53 -51.45 17.02
C SER E 1179 -54.02 -51.14 15.61
N CYS E 1180 -54.86 -51.99 15.04
CA CYS E 1180 -55.37 -51.77 13.69
C CYS E 1180 -56.71 -51.06 13.67
N PHE E 1181 -57.13 -50.46 14.78
CA PHE E 1181 -58.44 -49.80 14.91
C PHE E 1181 -59.58 -50.74 14.59
N VAL E 1182 -59.46 -52.00 15.01
CA VAL E 1182 -60.50 -53.00 14.86
C VAL E 1182 -61.07 -53.31 16.23
N GLU E 1183 -62.39 -53.36 16.31
CA GLU E 1183 -63.06 -53.58 17.59
C GLU E 1183 -62.74 -54.96 18.15
N THR E 1184 -62.50 -55.02 19.46
CA THR E 1184 -62.09 -56.25 20.11
C THR E 1184 -62.47 -56.16 21.58
N SER E 1185 -62.03 -57.16 22.36
CA SER E 1185 -62.30 -57.19 23.78
C SER E 1185 -61.55 -56.05 24.47
N PRO E 1186 -62.11 -55.53 25.57
CA PRO E 1186 -61.42 -54.45 26.30
C PRO E 1186 -60.04 -54.82 26.81
N GLN E 1187 -59.84 -56.05 27.25
CA GLN E 1187 -58.54 -56.44 27.78
C GLN E 1187 -57.50 -56.60 26.68
N LEU E 1188 -57.92 -56.92 25.46
CA LEU E 1188 -56.99 -57.04 24.35
C LEU E 1188 -56.86 -55.76 23.54
N ALA E 1189 -57.72 -54.77 23.78
CA ALA E 1189 -57.68 -53.52 23.04
C ALA E 1189 -56.48 -52.69 23.46
N LYS E 1190 -55.90 -51.95 22.51
CA LYS E 1190 -54.83 -51.02 22.83
C LYS E 1190 -55.29 -49.57 22.83
N VAL E 1191 -56.31 -49.25 22.03
CA VAL E 1191 -56.82 -47.88 21.89
C VAL E 1191 -58.27 -47.88 22.33
N ILE E 1192 -58.63 -46.92 23.18
CA ILE E 1192 -60.00 -46.71 23.62
C ILE E 1192 -60.50 -45.42 23.01
N GLU E 1193 -61.68 -45.46 22.40
CA GLU E 1193 -62.27 -44.32 21.74
C GLU E 1193 -63.51 -43.86 22.50
N ILE E 1194 -63.41 -42.72 23.16
CA ILE E 1194 -64.52 -42.13 23.90
C ILE E 1194 -65.20 -41.13 22.99
N PRO E 1195 -66.43 -41.40 22.54
CA PRO E 1195 -67.08 -40.47 21.59
C PRO E 1195 -67.48 -39.14 22.19
N ALA E 1196 -67.57 -39.03 23.51
CA ALA E 1196 -68.01 -37.80 24.14
C ALA E 1196 -67.54 -37.79 25.58
N LEU E 1197 -66.86 -36.71 25.97
CA LEU E 1197 -66.39 -36.58 27.34
C LEU E 1197 -67.30 -35.65 28.15
N ILE E 1198 -67.90 -34.65 27.51
CA ILE E 1198 -68.86 -33.75 28.17
C ILE E 1198 -70.13 -33.73 27.33
N ASP E 1199 -71.27 -33.77 28.01
CA ASP E 1199 -72.56 -33.76 27.34
C ASP E 1199 -72.77 -32.40 26.68
N ASP E 1200 -73.13 -32.40 25.40
CA ASP E 1200 -73.38 -31.14 24.70
C ASP E 1200 -74.68 -30.49 25.14
N SER E 1201 -75.65 -31.27 25.60
CA SER E 1201 -76.94 -30.72 25.98
C SER E 1201 -76.87 -29.86 27.23
N ASN E 1202 -76.11 -30.28 28.22
CA ASN E 1202 -76.13 -29.58 29.51
C ASN E 1202 -74.77 -29.44 30.17
N ALA E 1203 -73.66 -29.67 29.46
CA ALA E 1203 -72.30 -29.56 29.97
C ALA E 1203 -72.02 -30.47 31.15
N ASP E 1204 -72.82 -31.51 31.35
CA ASP E 1204 -72.58 -32.44 32.44
C ASP E 1204 -71.48 -33.43 32.07
N THR E 1205 -70.63 -33.74 33.04
CA THR E 1205 -69.51 -34.63 32.80
C THR E 1205 -70.00 -36.04 32.52
N ASN E 1206 -69.41 -36.69 31.51
CA ASN E 1206 -69.71 -38.08 31.20
C ASN E 1206 -68.96 -38.96 32.20
N ARG E 1207 -69.57 -39.11 33.38
CA ARG E 1207 -68.93 -39.85 34.46
C ARG E 1207 -68.75 -41.33 34.11
N THR E 1208 -69.72 -41.91 33.41
CA THR E 1208 -69.63 -43.31 33.02
C THR E 1208 -68.41 -43.56 32.14
N ALA E 1209 -68.15 -42.64 31.21
CA ALA E 1209 -66.99 -42.78 30.33
C ALA E 1209 -65.70 -42.76 31.11
N VAL E 1210 -65.58 -41.84 32.08
CA VAL E 1210 -64.35 -41.73 32.84
C VAL E 1210 -64.15 -42.95 33.72
N GLN E 1211 -65.21 -43.41 34.37
CA GLN E 1211 -65.08 -44.57 35.25
C GLN E 1211 -64.72 -45.82 34.46
N GLU E 1212 -65.34 -46.01 33.29
CA GLU E 1212 -65.03 -47.16 32.46
C GLU E 1212 -63.62 -47.06 31.87
N LEU E 1213 -63.16 -45.84 31.55
CA LEU E 1213 -61.78 -45.65 31.15
C LEU E 1213 -60.81 -46.02 32.27
N ILE E 1214 -61.15 -45.64 33.49
CA ILE E 1214 -60.33 -46.01 34.65
C ILE E 1214 -60.29 -47.52 34.81
N LYS E 1215 -61.44 -48.18 34.63
CA LYS E 1215 -61.48 -49.64 34.71
C LYS E 1215 -60.62 -50.27 33.64
N TRP E 1216 -60.66 -49.73 32.42
CA TRP E 1216 -59.80 -50.23 31.36
C TRP E 1216 -58.33 -50.03 31.68
N LEU E 1217 -57.99 -48.89 32.31
CA LEU E 1217 -56.62 -48.69 32.74
C LEU E 1217 -56.21 -49.70 33.79
N HIS E 1218 -57.13 -50.07 34.68
CA HIS E 1218 -56.83 -51.06 35.70
C HIS E 1218 -56.72 -52.46 35.11
N HIS E 1219 -57.23 -52.67 33.90
CA HIS E 1219 -57.11 -53.97 33.24
C HIS E 1219 -55.77 -54.18 32.56
N SER E 1220 -54.82 -53.26 32.75
CA SER E 1220 -53.51 -53.37 32.13
C SER E 1220 -52.73 -54.56 32.67
#